data_3G0C
#
_entry.id   3G0C
#
_cell.length_a   122.844
_cell.length_b   122.774
_cell.length_c   145.106
_cell.angle_alpha   90.000
_cell.angle_beta   114.680
_cell.angle_gamma   90.000
#
_symmetry.space_group_name_H-M   'P 1 21 1'
#
loop_
_entity.id
_entity.type
_entity.pdbx_description
1 polymer 'Dipeptidyl peptidase 4'
2 branched 2-acetamido-2-deoxy-beta-D-glucopyranose-(1-4)-2-acetamido-2-deoxy-beta-D-glucopyranose
3 non-polymer 7-(2-chlorobenzyl)-1,3-dimethyl-8-piperazin-1-yl-3,7-dihydro-1H-purine-2,6-dione
4 non-polymer 2-acetamido-2-deoxy-beta-D-glucopyranose
5 water water
#
_entity_poly.entity_id   1
_entity_poly.type   'polypeptide(L)'
_entity_poly.pdbx_seq_one_letter_code
;ADPGGSHHHHHHSRKTYTLTDYLKNTYRLKLYSLRWISDHEYLYKQENNILVFNAEYGNSSVFLENSTFDEFGHSINDYS
ISPDGQFILLEYNYVKQWRHSYTASYDIYDLNKRQLITEERIPNNTQWVTWSPVGHKLAYVWNNDIYVKIEPNLPSYRIT
WTGKEDIIYNGITDWVYEEEVFSAYSALWWSPNGTFLAYAQFNDTEVPLIEYSFYSDESLQYPKTVRVPYPKAGAVNPTV
KFFVVNTDSLSSVTNATSIQITAPASMLIGDHYLCDVTWATQERISLQWLRRIQNYSVMDICDYDESSGRWNCLVARQHI
EMSTTGWVGRFRPSEPHFTLDGNSFYKIISNEEGYRHICYFQIDKKDCTFITKGTWEVIGIEALTSDYLYYISNEYKGMP
GGRNLYKIQLSDYTKVTCLSCELNPERCQYYSVSFSKEAKYYQLRCSGPGLPLYTLHSSVNDKGLRVLEDNSALDKMLQN
VQMPSKKLDFIILNETKFWYQMILPPHFDKSKKYPLLLDVYAGPCSQKADTVFRLNWATYLASTENIIVASFDGRGSGYQ
GDKIMHAINRRLGTFEVEDQIEAARQFSKMGFVDNKRIAIWGWSYGGYVTSMVLGSGSGVFKCGIAVAPVSRWEYYDSVY
TERYMGLPTPEDNLDHYRNSTVMSRAENFKQVEYLLIHGTADDNVHFQQSAQISKALVDVGVDFQAMWYTDEDHGIASST
AHQHIYTHMSHFIKQCFSLP
;
_entity_poly.pdbx_strand_id   A,B,C,D
#
loop_
_chem_comp.id
_chem_comp.type
_chem_comp.name
_chem_comp.formula
NAG D-saccharide, beta linking 2-acetamido-2-deoxy-beta-D-glucopyranose 'C8 H15 N O6'
RUF non-polymer 7-(2-chlorobenzyl)-1,3-dimethyl-8-piperazin-1-yl-3,7-dihydro-1H-purine-2,6-dione 'C18 H21 Cl N6 O2'
#
# COMPACT_ATOMS: atom_id res chain seq x y z
N LYS A 15 -29.38 -42.25 24.59
CA LYS A 15 -28.19 -41.65 23.95
C LYS A 15 -27.85 -42.38 22.64
N THR A 16 -27.01 -41.80 21.80
CA THR A 16 -26.77 -42.32 20.45
C THR A 16 -25.30 -42.65 20.20
N TYR A 17 -25.02 -43.37 19.12
CA TYR A 17 -23.65 -43.65 18.71
C TYR A 17 -23.12 -42.41 17.98
N THR A 18 -22.16 -41.74 18.61
CA THR A 18 -21.70 -40.41 18.15
C THR A 18 -20.41 -40.48 17.36
N LEU A 19 -20.06 -39.38 16.69
CA LEU A 19 -18.86 -39.32 15.87
C LEU A 19 -17.64 -39.61 16.72
N THR A 20 -17.59 -38.99 17.90
CA THR A 20 -16.55 -39.27 18.89
C THR A 20 -16.47 -40.77 19.19
N ASP A 21 -17.60 -41.40 19.53
CA ASP A 21 -17.68 -42.84 19.78
C ASP A 21 -16.94 -43.64 18.72
N TYR A 22 -17.28 -43.38 17.45
CA TYR A 22 -16.63 -44.02 16.33
C TYR A 22 -15.16 -43.64 16.24
N LEU A 23 -14.85 -42.36 16.43
CA LEU A 23 -13.48 -41.86 16.26
C LEU A 23 -12.53 -42.29 17.36
N LYS A 24 -12.96 -42.13 18.61
CA LYS A 24 -12.17 -42.56 19.76
C LYS A 24 -12.40 -44.03 20.14
N ASN A 25 -12.98 -44.80 19.21
CA ASN A 25 -13.30 -46.22 19.39
C ASN A 25 -13.87 -46.59 20.77
N THR A 26 -14.94 -45.92 21.18
CA THR A 26 -15.57 -46.13 22.49
C THR A 26 -16.15 -47.52 22.67
N TYR A 27 -16.88 -48.00 21.65
CA TYR A 27 -17.51 -49.33 21.68
C TYR A 27 -16.69 -50.30 20.87
N ARG A 28 -15.98 -51.17 21.58
CA ARG A 28 -14.97 -52.03 20.97
C ARG A 28 -15.49 -53.41 20.57
N LEU A 29 -15.06 -53.89 19.40
CA LEU A 29 -15.30 -55.28 19.01
C LEU A 29 -14.14 -56.17 19.47
N LYS A 30 -14.42 -57.05 20.43
CA LYS A 30 -13.42 -58.02 20.87
C LYS A 30 -13.22 -59.09 19.80
N LEU A 31 -11.97 -59.48 19.60
CA LEU A 31 -11.59 -60.53 18.65
C LEU A 31 -11.11 -61.74 19.44
N TYR A 32 -10.80 -62.82 18.71
CA TYR A 32 -10.10 -63.97 19.27
C TYR A 32 -9.20 -64.48 18.17
N SER A 33 -8.02 -63.90 18.06
CA SER A 33 -7.07 -64.26 17.03
C SER A 33 -6.14 -65.35 17.54
N LEU A 34 -6.01 -66.42 16.77
CA LEU A 34 -5.16 -67.53 17.16
C LEU A 34 -4.26 -68.00 16.03
N ARG A 35 -3.05 -68.42 16.38
CA ARG A 35 -2.16 -69.08 15.43
C ARG A 35 -2.07 -70.53 15.85
N TRP A 36 -2.59 -71.41 15.00
CA TRP A 36 -2.43 -72.83 15.23
C TRP A 36 -0.95 -73.11 15.20
N ILE A 37 -0.49 -73.92 16.15
CA ILE A 37 0.91 -74.29 16.29
C ILE A 37 1.13 -75.73 15.89
N SER A 38 0.10 -76.53 16.13
CA SER A 38 0.12 -77.97 15.88
C SER A 38 -1.28 -78.42 15.45
N ASP A 39 -1.60 -79.69 15.68
CA ASP A 39 -2.92 -80.17 15.33
C ASP A 39 -3.88 -80.11 16.53
N HIS A 40 -3.41 -79.61 17.66
CA HIS A 40 -4.24 -79.49 18.84
C HIS A 40 -3.91 -78.30 19.74
N GLU A 41 -3.00 -77.44 19.28
CA GLU A 41 -2.60 -76.29 20.07
C GLU A 41 -2.53 -75.00 19.28
N TYR A 42 -2.83 -73.90 19.96
CA TYR A 42 -2.75 -72.59 19.34
C TYR A 42 -2.31 -71.55 20.35
N LEU A 43 -1.80 -70.42 19.85
CA LEU A 43 -1.34 -69.33 20.71
C LEU A 43 -2.36 -68.21 20.84
N TYR A 44 -2.33 -67.48 21.96
CA TYR A 44 -3.23 -66.34 22.15
C TYR A 44 -2.63 -65.17 22.93
N LYS A 45 -2.35 -64.09 22.21
CA LYS A 45 -1.69 -62.91 22.79
C LYS A 45 -2.46 -62.32 23.98
N ASN A 49 1.21 -60.88 27.88
CA ASN A 49 1.60 -62.28 27.90
C ASN A 49 1.01 -63.07 26.73
N ILE A 50 1.69 -64.16 26.36
CA ILE A 50 1.19 -65.09 25.33
C ILE A 50 0.87 -66.41 25.99
N LEU A 51 -0.33 -66.93 25.71
CA LEU A 51 -0.71 -68.25 26.20
C LEU A 51 -0.65 -69.31 25.11
N VAL A 52 -0.46 -70.56 25.51
CA VAL A 52 -0.70 -71.70 24.64
C VAL A 52 -1.95 -72.40 25.15
N PHE A 53 -2.87 -72.69 24.24
CA PHE A 53 -4.10 -73.39 24.58
C PHE A 53 -4.13 -74.79 23.99
N ASN A 54 -4.66 -75.74 24.75
CA ASN A 54 -4.98 -77.06 24.23
C ASN A 54 -6.42 -77.01 23.71
N ALA A 55 -6.58 -77.28 22.42
CA ALA A 55 -7.90 -77.27 21.79
C ALA A 55 -8.85 -78.32 22.39
N GLU A 56 -8.31 -79.44 22.84
CA GLU A 56 -9.14 -80.46 23.49
C GLU A 56 -9.90 -79.92 24.70
N TYR A 57 -9.15 -79.45 25.70
CA TYR A 57 -9.69 -79.16 27.02
C TYR A 57 -9.89 -77.67 27.32
N GLY A 58 -9.20 -76.80 26.59
CA GLY A 58 -9.30 -75.35 26.83
C GLY A 58 -8.39 -74.85 27.93
N ASN A 59 -7.59 -75.75 28.51
CA ASN A 59 -6.56 -75.38 29.49
C ASN A 59 -5.40 -74.62 28.83
N SER A 60 -4.74 -73.77 29.60
CA SER A 60 -3.63 -72.96 29.08
C SER A 60 -2.50 -72.73 30.09
N SER A 61 -1.27 -72.75 29.58
CA SER A 61 -0.08 -72.36 30.34
C SER A 61 0.54 -71.15 29.62
N VAL A 62 1.30 -70.35 30.37
CA VAL A 62 1.93 -69.16 29.78
C VAL A 62 3.16 -69.56 28.95
N PHE A 63 3.21 -69.08 27.70
CA PHE A 63 4.31 -69.41 26.80
C PHE A 63 5.53 -68.54 27.10
N LEU A 64 5.31 -67.23 27.16
CA LEU A 64 6.28 -66.28 27.71
C LEU A 64 5.55 -65.04 28.22
N GLU A 65 6.02 -64.51 29.36
CA GLU A 65 5.58 -63.20 29.82
C GLU A 65 6.34 -62.18 29.00
N ASN A 66 5.70 -61.06 28.65
CA ASN A 66 6.42 -60.01 27.92
C ASN A 66 7.34 -59.20 28.86
N SER A 67 7.38 -59.62 30.12
CA SER A 67 8.37 -59.16 31.10
C SER A 67 9.63 -60.02 31.00
N THR A 68 9.64 -60.96 30.05
CA THR A 68 10.83 -61.75 29.69
C THR A 68 11.79 -60.83 28.92
N PHE A 69 11.22 -59.88 28.19
CA PHE A 69 11.98 -58.91 27.41
C PHE A 69 11.91 -57.53 28.06
N ASP A 70 11.83 -57.56 29.38
CA ASP A 70 11.81 -56.40 30.26
C ASP A 70 13.02 -55.51 29.96
N GLU A 71 14.21 -56.14 29.89
CA GLU A 71 15.48 -55.44 29.68
C GLU A 71 15.90 -55.37 28.20
N PHE A 72 15.07 -55.96 27.33
CA PHE A 72 15.32 -56.00 25.89
C PHE A 72 15.75 -54.64 25.31
N GLY A 73 15.16 -53.56 25.82
CA GLY A 73 15.54 -52.20 25.43
C GLY A 73 14.88 -51.70 24.15
N HIS A 74 14.29 -52.61 23.39
CA HIS A 74 13.60 -52.27 22.15
C HIS A 74 12.10 -52.56 22.24
N SER A 75 11.30 -51.77 21.54
CA SER A 75 9.85 -51.92 21.52
C SER A 75 9.43 -53.03 20.54
N ILE A 76 8.98 -54.16 21.07
CA ILE A 76 8.66 -55.35 20.27
C ILE A 76 7.37 -55.20 19.47
N ASN A 77 7.46 -55.47 18.17
CA ASN A 77 6.34 -55.30 17.27
C ASN A 77 5.57 -56.60 17.03
N ASP A 78 6.29 -57.67 16.72
CA ASP A 78 5.66 -58.97 16.45
C ASP A 78 6.60 -60.10 16.84
N TYR A 79 6.01 -61.26 17.12
CA TYR A 79 6.77 -62.45 17.46
C TYR A 79 6.49 -63.49 16.38
N SER A 80 7.33 -64.51 16.30
CA SER A 80 7.14 -65.61 15.34
C SER A 80 7.88 -66.87 15.80
N ILE A 81 7.12 -67.93 16.11
CA ILE A 81 7.69 -69.19 16.59
C ILE A 81 8.05 -70.13 15.45
N SER A 82 9.24 -70.70 15.49
CA SER A 82 9.62 -71.75 14.56
C SER A 82 8.67 -72.95 14.71
N PRO A 83 8.35 -73.63 13.60
CA PRO A 83 7.53 -74.85 13.56
C PRO A 83 7.82 -75.87 14.68
N ASP A 84 9.09 -76.20 14.88
CA ASP A 84 9.49 -77.17 15.91
C ASP A 84 9.45 -76.59 17.33
N GLY A 85 9.29 -75.27 17.44
CA GLY A 85 9.11 -74.60 18.73
C GLY A 85 10.38 -74.40 19.54
N GLN A 86 11.52 -74.49 18.89
CA GLN A 86 12.82 -74.37 19.58
C GLN A 86 13.34 -72.91 19.64
N PHE A 87 12.81 -72.05 18.78
CA PHE A 87 13.22 -70.65 18.71
C PHE A 87 12.05 -69.73 18.42
N ILE A 88 12.15 -68.50 18.89
CA ILE A 88 11.17 -67.46 18.62
C ILE A 88 11.87 -66.30 17.94
N LEU A 89 11.22 -65.78 16.90
CA LEU A 89 11.73 -64.63 16.18
C LEU A 89 11.05 -63.37 16.71
N LEU A 90 11.86 -62.38 17.07
CA LEU A 90 11.35 -61.10 17.56
C LEU A 90 11.58 -59.98 16.55
N GLU A 91 10.55 -59.18 16.33
CA GLU A 91 10.58 -58.11 15.33
C GLU A 91 10.43 -56.73 15.96
N TYR A 92 11.36 -55.83 15.64
CA TYR A 92 11.33 -54.47 16.16
C TYR A 92 11.87 -53.49 15.14
N ASN A 93 11.73 -52.18 15.43
CA ASN A 93 12.12 -51.11 14.49
C ASN A 93 11.36 -51.19 13.16
N TYR A 94 10.06 -51.46 13.29
CA TYR A 94 9.16 -51.58 12.16
C TYR A 94 8.97 -50.23 11.46
N VAL A 95 9.25 -50.20 10.16
CA VAL A 95 9.04 -49.02 9.33
C VAL A 95 8.18 -49.42 8.14
N LYS A 96 6.95 -48.95 8.13
CA LYS A 96 5.96 -49.30 7.11
C LYS A 96 6.34 -48.72 5.76
N GLN A 97 6.24 -49.53 4.71
CA GLN A 97 6.37 -49.05 3.32
C GLN A 97 4.97 -49.00 2.66
N TRP A 98 4.67 -49.94 1.77
CA TRP A 98 3.37 -49.94 1.10
C TRP A 98 2.25 -50.65 1.91
N ARG A 99 1.30 -51.32 1.24
CA ARG A 99 0.21 -51.94 1.97
C ARG A 99 0.67 -53.13 2.82
N HIS A 100 1.67 -53.86 2.32
CA HIS A 100 2.18 -55.06 2.99
C HIS A 100 3.66 -54.95 3.34
N SER A 101 4.43 -54.33 2.45
CA SER A 101 5.87 -54.17 2.59
C SER A 101 6.29 -53.31 3.78
N TYR A 102 7.44 -53.68 4.37
CA TYR A 102 8.08 -52.92 5.45
C TYR A 102 9.50 -53.40 5.71
N THR A 103 10.15 -52.69 6.62
CA THR A 103 11.51 -52.93 7.07
C THR A 103 11.45 -53.14 8.57
N ALA A 104 12.38 -53.92 9.11
CA ALA A 104 12.48 -54.14 10.54
C ALA A 104 13.82 -54.75 10.96
N SER A 105 14.10 -54.64 12.26
CA SER A 105 15.22 -55.31 12.87
C SER A 105 14.72 -56.60 13.48
N TYR A 106 15.64 -57.56 13.69
CA TYR A 106 15.26 -58.87 14.20
C TYR A 106 16.23 -59.44 15.23
N ASP A 107 15.70 -60.29 16.10
CA ASP A 107 16.47 -61.04 17.07
C ASP A 107 15.89 -62.43 17.24
N ILE A 108 16.75 -63.41 17.50
CA ILE A 108 16.31 -64.78 17.73
C ILE A 108 16.56 -65.21 19.19
N TYR A 109 15.46 -65.51 19.88
CA TYR A 109 15.50 -65.93 21.27
C TYR A 109 15.39 -67.45 21.35
N ASP A 110 16.33 -68.08 22.06
CA ASP A 110 16.33 -69.53 22.25
C ASP A 110 15.41 -69.91 23.41
N LEU A 111 14.45 -70.81 23.14
CA LEU A 111 13.53 -71.30 24.16
C LEU A 111 14.15 -72.45 24.98
N ASN A 112 14.96 -73.26 24.31
CA ASN A 112 15.68 -74.37 24.96
C ASN A 112 16.58 -73.89 26.11
N LYS A 113 17.25 -72.77 25.89
CA LYS A 113 18.14 -72.14 26.87
C LYS A 113 17.81 -70.66 26.86
N ARG A 114 16.91 -70.24 27.74
CA ARG A 114 16.31 -68.89 27.66
C ARG A 114 17.29 -67.71 27.59
N GLN A 115 17.64 -67.31 26.36
CA GLN A 115 18.51 -66.16 26.07
C GLN A 115 18.61 -65.92 24.57
N LEU A 116 18.96 -64.68 24.21
CA LEU A 116 19.07 -64.26 22.81
C LEU A 116 20.33 -64.78 22.13
N ILE A 117 20.34 -64.74 20.81
CA ILE A 117 21.53 -65.04 20.03
C ILE A 117 22.30 -63.74 19.78
N THR A 118 23.63 -63.81 19.84
CA THR A 118 24.46 -62.61 19.61
C THR A 118 25.36 -62.69 18.38
N GLU A 119 25.72 -63.90 17.97
CA GLU A 119 26.61 -64.09 16.81
C GLU A 119 25.86 -64.35 15.50
N GLU A 120 26.29 -63.64 14.45
CA GLU A 120 25.72 -63.73 13.10
C GLU A 120 24.24 -63.37 13.01
N ARG A 121 23.86 -62.26 13.66
CA ARG A 121 22.47 -61.78 13.71
C ARG A 121 21.90 -61.38 12.34
N ILE A 122 20.58 -61.30 12.28
CA ILE A 122 19.85 -60.85 11.11
C ILE A 122 20.02 -59.33 11.01
N PRO A 123 20.54 -58.84 9.86
CA PRO A 123 20.90 -57.43 9.73
C PRO A 123 19.74 -56.47 9.97
N ASN A 124 20.06 -55.22 10.27
CA ASN A 124 19.06 -54.18 10.37
C ASN A 124 18.50 -53.92 8.98
N ASN A 125 17.25 -53.49 8.92
CA ASN A 125 16.60 -53.13 7.64
C ASN A 125 16.30 -54.31 6.74
N THR A 126 15.79 -55.37 7.36
CA THR A 126 15.41 -56.58 6.66
C THR A 126 13.99 -56.42 6.11
N GLN A 127 13.82 -56.89 4.88
CA GLN A 127 12.62 -56.66 4.13
C GLN A 127 11.61 -57.78 4.33
N TRP A 128 12.11 -58.98 4.60
CA TRP A 128 11.27 -60.14 4.83
C TRP A 128 12.01 -61.27 5.54
N VAL A 129 11.32 -61.95 6.46
CA VAL A 129 11.84 -63.16 7.15
C VAL A 129 10.77 -64.24 7.22
N THR A 130 11.19 -65.51 7.25
CA THR A 130 10.27 -66.63 7.31
C THR A 130 10.96 -67.93 7.73
N TRP A 131 10.36 -68.64 8.68
CA TRP A 131 10.83 -69.98 9.03
C TRP A 131 10.45 -70.93 7.91
N SER A 132 11.24 -71.99 7.70
CA SER A 132 10.78 -73.06 6.83
C SER A 132 9.56 -73.67 7.50
N PRO A 133 8.75 -74.47 6.78
CA PRO A 133 7.56 -75.09 7.39
C PRO A 133 7.85 -76.20 8.40
N VAL A 134 9.07 -76.73 8.40
CA VAL A 134 9.46 -77.75 9.38
C VAL A 134 10.79 -77.34 10.01
N GLY A 135 10.91 -77.60 11.31
CA GLY A 135 12.15 -77.30 12.03
C GLY A 135 12.37 -75.82 12.28
N HIS A 136 13.61 -75.39 12.10
CA HIS A 136 14.00 -74.01 12.41
C HIS A 136 14.89 -73.34 11.36
N LYS A 137 14.81 -73.76 10.09
CA LYS A 137 15.50 -73.08 9.00
C LYS A 137 14.95 -71.67 8.78
N LEU A 138 15.80 -70.76 8.34
CA LEU A 138 15.39 -69.37 8.21
C LEU A 138 15.84 -68.75 6.90
N ALA A 139 14.91 -68.12 6.20
CA ALA A 139 15.22 -67.36 4.97
C ALA A 139 14.80 -65.91 5.13
N TYR A 140 15.70 -65.00 4.77
CA TYR A 140 15.39 -63.59 4.91
C TYR A 140 15.84 -62.78 3.71
N VAL A 141 15.32 -61.56 3.59
CA VAL A 141 15.67 -60.69 2.48
C VAL A 141 16.25 -59.37 2.96
N TRP A 142 17.47 -59.08 2.50
CA TRP A 142 18.15 -57.86 2.86
C TRP A 142 18.67 -57.24 1.57
N ASN A 143 18.44 -55.93 1.42
CA ASN A 143 18.87 -55.20 0.22
C ASN A 143 18.51 -55.91 -1.10
N ASN A 144 17.31 -56.44 -1.17
CA ASN A 144 16.82 -57.10 -2.38
C ASN A 144 17.51 -58.43 -2.69
N ASP A 145 18.29 -58.94 -1.73
CA ASP A 145 18.92 -60.24 -1.87
C ASP A 145 18.45 -61.24 -0.80
N ILE A 146 18.53 -62.53 -1.15
CA ILE A 146 18.08 -63.63 -0.33
C ILE A 146 19.21 -64.33 0.42
N TYR A 147 19.01 -64.58 1.70
CA TYR A 147 19.97 -65.31 2.55
C TYR A 147 19.27 -66.45 3.26
N VAL A 148 20.03 -67.47 3.63
CA VAL A 148 19.49 -68.64 4.34
C VAL A 148 20.36 -69.01 5.55
N LYS A 149 19.68 -69.18 6.68
CA LYS A 149 20.31 -69.72 7.90
C LYS A 149 19.77 -71.11 8.19
N ILE A 150 20.66 -72.11 8.19
CA ILE A 150 20.26 -73.47 8.55
C ILE A 150 20.02 -73.51 10.06
N GLU A 151 20.96 -72.93 10.80
CA GLU A 151 20.84 -72.80 12.24
C GLU A 151 20.85 -71.32 12.58
N PRO A 152 20.04 -70.90 13.56
CA PRO A 152 19.90 -69.49 13.93
C PRO A 152 21.19 -68.79 14.38
N ASN A 153 22.16 -69.54 14.90
CA ASN A 153 23.43 -68.93 15.36
C ASN A 153 24.60 -68.95 14.37
N LEU A 154 24.45 -69.68 13.27
CA LEU A 154 25.51 -69.81 12.25
C LEU A 154 25.40 -68.74 11.17
N PRO A 155 26.53 -68.44 10.47
CA PRO A 155 26.49 -67.50 9.33
C PRO A 155 25.50 -67.94 8.26
N SER A 156 24.96 -66.97 7.52
CA SER A 156 24.03 -67.26 6.43
C SER A 156 24.70 -67.37 5.07
N TYR A 157 24.08 -68.12 4.18
CA TYR A 157 24.57 -68.27 2.81
C TYR A 157 23.81 -67.33 1.88
N ARG A 158 24.55 -66.52 1.14
CA ARG A 158 23.96 -65.60 0.19
C ARG A 158 23.50 -66.32 -1.08
N ILE A 159 22.20 -66.33 -1.30
CA ILE A 159 21.58 -67.03 -2.42
C ILE A 159 21.69 -66.21 -3.70
N THR A 160 21.29 -64.95 -3.62
CA THR A 160 21.27 -64.07 -4.78
C THR A 160 22.27 -62.93 -4.63
N TRP A 161 22.81 -62.47 -5.74
CA TRP A 161 23.87 -61.47 -5.74
C TRP A 161 23.52 -60.30 -6.62
N THR A 162 22.31 -60.34 -7.19
CA THR A 162 21.90 -59.42 -8.24
C THR A 162 20.94 -58.32 -7.78
N GLY A 163 20.48 -58.38 -6.53
CA GLY A 163 19.54 -57.40 -5.99
C GLY A 163 20.04 -55.98 -6.06
N LYS A 164 19.15 -55.06 -6.46
CA LYS A 164 19.46 -53.64 -6.52
C LYS A 164 18.21 -52.83 -6.29
N GLU A 165 18.34 -51.84 -5.41
CA GLU A 165 17.22 -51.00 -5.00
C GLU A 165 16.48 -50.40 -6.18
N ASP A 166 15.16 -50.53 -6.14
CA ASP A 166 14.24 -50.03 -7.18
C ASP A 166 14.42 -50.69 -8.55
N ILE A 167 15.24 -51.74 -8.64
CA ILE A 167 15.57 -52.30 -9.96
C ILE A 167 15.41 -53.83 -10.02
N ILE A 168 16.21 -54.58 -9.26
CA ILE A 168 16.12 -56.04 -9.21
C ILE A 168 15.64 -56.49 -7.82
N TYR A 169 14.61 -57.35 -7.80
CA TYR A 169 13.96 -57.83 -6.57
C TYR A 169 14.02 -59.33 -6.40
N ASN A 170 14.86 -59.82 -5.49
CA ASN A 170 14.94 -61.26 -5.20
C ASN A 170 14.19 -61.63 -3.94
N GLY A 171 13.13 -62.42 -4.08
CA GLY A 171 12.40 -62.91 -2.94
C GLY A 171 11.36 -61.96 -2.37
N ILE A 172 11.35 -60.72 -2.86
CA ILE A 172 10.33 -59.76 -2.49
C ILE A 172 9.75 -59.14 -3.76
N THR A 173 8.51 -58.65 -3.68
CA THR A 173 7.81 -58.09 -4.83
C THR A 173 8.06 -56.58 -4.98
N ASP A 174 7.91 -56.09 -6.22
CA ASP A 174 7.96 -54.65 -6.49
C ASP A 174 6.57 -54.07 -6.22
N TRP A 175 6.38 -52.78 -6.48
CA TRP A 175 5.13 -52.13 -6.13
C TRP A 175 3.87 -52.83 -6.67
N VAL A 176 3.86 -53.13 -7.97
CA VAL A 176 2.63 -53.62 -8.61
C VAL A 176 2.33 -55.09 -8.28
N TYR A 177 3.36 -55.85 -7.95
CA TYR A 177 3.14 -57.24 -7.63
C TYR A 177 2.64 -57.34 -6.22
N GLU A 178 3.16 -56.47 -5.35
CA GLU A 178 2.76 -56.46 -3.96
C GLU A 178 1.28 -56.11 -3.85
N GLU A 179 0.87 -55.08 -4.59
CA GLU A 179 -0.50 -54.57 -4.50
C GLU A 179 -1.55 -55.35 -5.30
N GLU A 180 -1.21 -55.73 -6.53
CA GLU A 180 -2.22 -56.28 -7.43
C GLU A 180 -2.15 -57.78 -7.65
N VAL A 181 -0.95 -58.36 -7.60
CA VAL A 181 -0.83 -59.80 -7.84
C VAL A 181 -0.88 -60.66 -6.55
N PHE A 182 0.06 -60.44 -5.64
CA PHE A 182 0.21 -61.31 -4.47
C PHE A 182 -0.39 -60.84 -3.14
N SER A 183 -0.71 -59.55 -3.02
CA SER A 183 -1.18 -58.98 -1.74
C SER A 183 -0.22 -59.31 -0.59
N ALA A 184 1.07 -59.27 -0.92
CA ALA A 184 2.14 -59.66 -0.02
C ALA A 184 3.45 -59.06 -0.53
N TYR A 185 4.40 -58.86 0.38
CA TYR A 185 5.72 -58.36 0.02
C TYR A 185 6.68 -59.49 -0.34
N SER A 186 6.44 -60.67 0.22
CA SER A 186 7.32 -61.83 0.04
C SER A 186 7.07 -62.57 -1.25
N ALA A 187 8.15 -63.10 -1.81
CA ALA A 187 8.09 -63.91 -3.01
C ALA A 187 8.99 -65.11 -2.76
N LEU A 188 8.78 -65.76 -1.61
CA LEU A 188 9.55 -66.94 -1.20
C LEU A 188 8.62 -68.08 -0.87
N TRP A 189 8.90 -69.25 -1.43
CA TRP A 189 8.06 -70.42 -1.17
C TRP A 189 8.89 -71.66 -0.84
N TRP A 190 8.90 -71.97 0.46
CA TRP A 190 9.50 -73.20 0.96
C TRP A 190 8.66 -74.38 0.51
N SER A 191 9.30 -75.50 0.18
CA SER A 191 8.57 -76.75 -0.02
C SER A 191 8.04 -77.28 1.34
N PRO A 192 7.07 -78.20 1.32
CA PRO A 192 6.41 -78.65 2.56
C PRO A 192 7.33 -79.07 3.70
N ASN A 193 8.44 -79.76 3.41
CA ASN A 193 9.39 -80.09 4.49
C ASN A 193 10.62 -79.17 4.56
N GLY A 194 10.65 -78.17 3.70
CA GLY A 194 11.67 -77.12 3.76
C GLY A 194 13.00 -77.43 3.09
N THR A 195 13.08 -78.53 2.35
CA THR A 195 14.27 -78.83 1.56
C THR A 195 14.53 -77.71 0.54
N PHE A 196 13.52 -77.41 -0.27
CA PHE A 196 13.65 -76.45 -1.36
C PHE A 196 13.13 -75.06 -1.03
N LEU A 197 13.87 -74.04 -1.46
CA LEU A 197 13.35 -72.66 -1.40
C LEU A 197 13.11 -72.17 -2.83
N ALA A 198 11.83 -71.92 -3.10
CA ALA A 198 11.40 -71.41 -4.39
C ALA A 198 11.26 -69.90 -4.27
N TYR A 199 11.74 -69.18 -5.26
CA TYR A 199 11.56 -67.72 -5.26
C TYR A 199 11.39 -67.12 -6.65
N ALA A 200 10.88 -65.90 -6.67
CA ALA A 200 10.76 -65.15 -7.89
C ALA A 200 11.71 -63.95 -7.86
N GLN A 201 12.16 -63.55 -9.05
CA GLN A 201 12.97 -62.37 -9.22
C GLN A 201 12.26 -61.38 -10.15
N PHE A 202 12.01 -60.17 -9.65
CA PHE A 202 11.40 -59.13 -10.47
C PHE A 202 12.42 -58.12 -10.99
N ASN A 203 12.24 -57.69 -12.25
CA ASN A 203 13.14 -56.76 -12.93
C ASN A 203 12.34 -55.52 -13.33
N ASP A 204 12.68 -54.39 -12.72
CA ASP A 204 12.01 -53.11 -13.00
C ASP A 204 12.84 -52.09 -13.81
N THR A 205 13.85 -52.54 -14.57
CA THR A 205 14.75 -51.59 -15.23
C THR A 205 14.04 -50.48 -16.02
N GLU A 206 13.06 -50.86 -16.83
CA GLU A 206 12.44 -49.91 -17.74
C GLU A 206 11.05 -49.42 -17.30
N VAL A 207 10.65 -49.76 -16.08
CA VAL A 207 9.37 -49.32 -15.57
C VAL A 207 9.51 -47.85 -15.15
N PRO A 208 8.65 -46.97 -15.71
CA PRO A 208 8.67 -45.54 -15.37
C PRO A 208 8.40 -45.30 -13.89
N LEU A 209 8.87 -44.17 -13.39
CA LEU A 209 8.78 -43.85 -11.98
C LEU A 209 7.74 -42.78 -11.75
N ILE A 210 6.87 -43.02 -10.78
CA ILE A 210 5.98 -41.97 -10.29
C ILE A 210 6.77 -41.17 -9.28
N GLU A 211 6.72 -39.86 -9.41
CA GLU A 211 7.43 -38.96 -8.50
C GLU A 211 6.41 -38.09 -7.80
N TYR A 212 6.58 -37.88 -6.51
CA TYR A 212 5.73 -36.96 -5.77
C TYR A 212 6.48 -36.39 -4.60
N SER A 213 6.03 -35.23 -4.12
CA SER A 213 6.70 -34.56 -3.00
C SER A 213 6.35 -35.22 -1.69
N PHE A 214 7.35 -35.32 -0.80
CA PHE A 214 7.11 -35.70 0.57
C PHE A 214 7.66 -34.61 1.50
N TYR A 215 6.76 -33.97 2.24
CA TYR A 215 7.10 -32.75 2.99
C TYR A 215 7.74 -33.04 4.31
N SER A 216 7.35 -34.17 4.92
CA SER A 216 7.98 -34.68 6.13
C SER A 216 7.79 -33.70 7.28
N ASP A 217 8.58 -33.87 8.35
CA ASP A 217 8.55 -32.96 9.47
C ASP A 217 8.87 -31.52 9.09
N GLU A 218 8.20 -30.62 9.79
CA GLU A 218 8.41 -29.19 9.71
C GLU A 218 9.89 -28.79 9.62
N SER A 219 10.77 -29.55 10.28
CA SER A 219 12.20 -29.20 10.33
C SER A 219 12.94 -29.47 9.01
N LEU A 220 12.30 -30.19 8.09
CA LEU A 220 12.88 -30.47 6.78
C LEU A 220 12.76 -29.23 5.91
N GLN A 221 13.88 -28.54 5.69
CA GLN A 221 13.87 -27.32 4.90
C GLN A 221 13.43 -27.52 3.44
N TYR A 222 14.05 -28.47 2.73
CA TYR A 222 13.65 -28.78 1.36
C TYR A 222 12.86 -30.08 1.28
N PRO A 223 11.64 -30.03 0.71
CA PRO A 223 10.83 -31.23 0.49
C PRO A 223 11.62 -32.37 -0.13
N LYS A 224 11.23 -33.60 0.18
CA LYS A 224 11.85 -34.78 -0.45
C LYS A 224 11.02 -35.17 -1.69
N THR A 225 11.69 -35.68 -2.72
CA THR A 225 10.99 -36.24 -3.87
C THR A 225 11.00 -37.75 -3.73
N VAL A 226 9.82 -38.35 -3.63
CA VAL A 226 9.71 -39.80 -3.60
C VAL A 226 9.58 -40.26 -5.03
N ARG A 227 10.34 -41.31 -5.39
CA ARG A 227 10.29 -41.95 -6.72
C ARG A 227 10.01 -43.44 -6.60
N VAL A 228 9.01 -43.95 -7.34
CA VAL A 228 8.66 -45.36 -7.27
C VAL A 228 8.40 -45.97 -8.66
N PRO A 229 9.08 -47.08 -9.00
CA PRO A 229 8.76 -47.73 -10.26
C PRO A 229 7.30 -48.12 -10.23
N TYR A 230 6.55 -47.64 -11.21
CA TYR A 230 5.09 -47.78 -11.19
C TYR A 230 4.57 -47.82 -12.61
N PRO A 231 4.13 -49.01 -13.08
CA PRO A 231 3.57 -49.08 -14.43
C PRO A 231 2.11 -48.63 -14.48
N LYS A 232 1.86 -47.53 -15.18
CA LYS A 232 0.51 -47.08 -15.42
C LYS A 232 -0.03 -47.84 -16.62
N ALA A 233 -1.35 -47.84 -16.77
CA ALA A 233 -2.02 -48.55 -17.86
C ALA A 233 -1.27 -48.33 -19.16
N GLY A 234 -0.88 -49.43 -19.82
CA GLY A 234 -0.17 -49.36 -21.10
C GLY A 234 1.35 -49.14 -21.06
N ALA A 235 1.93 -48.96 -19.87
CA ALA A 235 3.37 -48.73 -19.76
C ALA A 235 4.16 -50.03 -19.72
N VAL A 236 5.49 -49.93 -19.77
CA VAL A 236 6.38 -51.09 -19.70
C VAL A 236 6.27 -51.69 -18.31
N ASN A 237 5.86 -52.96 -18.24
CA ASN A 237 5.71 -53.69 -16.98
C ASN A 237 7.01 -54.33 -16.51
N PRO A 238 7.10 -54.67 -15.21
CA PRO A 238 8.23 -55.47 -14.75
C PRO A 238 8.23 -56.86 -15.39
N THR A 239 9.41 -57.46 -15.44
CA THR A 239 9.55 -58.81 -15.98
C THR A 239 9.81 -59.77 -14.80
N VAL A 240 9.49 -61.05 -14.97
CA VAL A 240 9.60 -61.97 -13.85
C VAL A 240 10.35 -63.24 -14.23
N LYS A 241 11.18 -63.73 -13.32
CA LYS A 241 11.86 -65.02 -13.48
C LYS A 241 11.57 -65.82 -12.22
N PHE A 242 11.59 -67.15 -12.35
CA PHE A 242 11.32 -68.04 -11.22
C PHE A 242 12.47 -69.02 -11.01
N PHE A 243 12.80 -69.23 -9.74
CA PHE A 243 13.97 -70.01 -9.38
C PHE A 243 13.70 -70.96 -8.23
N VAL A 244 14.41 -72.09 -8.24
CA VAL A 244 14.34 -73.03 -7.13
C VAL A 244 15.75 -73.38 -6.70
N VAL A 245 15.97 -73.34 -5.38
CA VAL A 245 17.27 -73.68 -4.81
C VAL A 245 17.11 -74.74 -3.71
N ASN A 246 18.01 -75.71 -3.75
CA ASN A 246 18.09 -76.80 -2.80
C ASN A 246 18.85 -76.38 -1.55
N THR A 247 18.13 -76.18 -0.43
CA THR A 247 18.74 -75.68 0.80
C THR A 247 19.40 -76.75 1.68
N ASP A 248 19.42 -78.00 1.22
CA ASP A 248 20.12 -79.06 1.95
C ASP A 248 21.52 -79.33 1.39
N SER A 249 21.95 -78.51 0.44
CA SER A 249 23.27 -78.67 -0.18
C SER A 249 24.04 -77.36 -0.35
N LEU A 250 23.72 -76.38 0.52
CA LEU A 250 24.40 -75.09 0.51
C LEU A 250 25.84 -75.19 1.04
N SER A 251 26.78 -74.74 0.22
CA SER A 251 28.20 -74.79 0.55
C SER A 251 28.69 -73.43 1.04
N SER A 252 29.40 -73.43 2.16
CA SER A 252 30.01 -72.19 2.68
C SER A 252 31.26 -71.83 1.89
N VAL A 253 31.62 -72.71 0.96
CA VAL A 253 32.80 -72.54 0.10
C VAL A 253 32.39 -72.00 -1.27
N THR A 254 31.37 -72.60 -1.88
CA THR A 254 30.96 -72.23 -3.24
C THR A 254 29.56 -71.60 -3.28
N ASN A 255 29.29 -70.81 -4.31
CA ASN A 255 28.00 -70.12 -4.45
C ASN A 255 26.83 -71.06 -4.71
N ALA A 256 25.73 -70.84 -3.99
CA ALA A 256 24.51 -71.62 -4.17
C ALA A 256 24.06 -71.60 -5.63
N THR A 257 23.67 -72.76 -6.15
CA THR A 257 23.18 -72.85 -7.53
C THR A 257 21.65 -72.76 -7.60
N SER A 258 21.16 -71.82 -8.39
CA SER A 258 19.72 -71.60 -8.51
C SER A 258 19.19 -72.04 -9.86
N ILE A 259 18.43 -73.13 -9.84
CA ILE A 259 17.80 -73.66 -11.04
C ILE A 259 16.64 -72.77 -11.46
N GLN A 260 16.60 -72.41 -12.74
CA GLN A 260 15.52 -71.59 -13.27
C GLN A 260 14.40 -72.43 -13.86
N ILE A 261 13.16 -72.00 -13.61
CA ILE A 261 11.99 -72.54 -14.29
C ILE A 261 11.43 -71.46 -15.22
N THR A 262 11.51 -71.66 -16.53
CA THR A 262 11.00 -70.67 -17.47
C THR A 262 9.49 -70.77 -17.58
N ALA A 263 8.83 -69.65 -17.90
CA ALA A 263 7.41 -69.64 -18.20
C ALA A 263 7.17 -70.53 -19.43
N PRO A 264 5.97 -71.11 -19.55
CA PRO A 264 5.67 -71.93 -20.74
C PRO A 264 5.78 -71.12 -22.05
N ALA A 265 5.99 -71.82 -23.16
CA ALA A 265 6.11 -71.17 -24.45
C ALA A 265 4.93 -70.25 -24.74
N SER A 266 3.73 -70.63 -24.31
CA SER A 266 2.54 -69.83 -24.58
C SER A 266 2.49 -68.49 -23.86
N MET A 267 3.45 -68.26 -22.96
CA MET A 267 3.50 -67.02 -22.21
C MET A 267 4.70 -66.16 -22.61
N LEU A 268 5.79 -66.81 -23.02
CA LEU A 268 7.03 -66.14 -23.42
C LEU A 268 6.83 -65.43 -24.75
N ILE A 269 5.69 -65.66 -25.37
CA ILE A 269 5.36 -65.00 -26.63
C ILE A 269 5.11 -63.49 -26.48
N GLY A 270 4.93 -63.02 -25.24
CA GLY A 270 4.70 -61.61 -24.94
C GLY A 270 4.73 -61.31 -23.46
N ASP A 271 4.29 -60.11 -23.09
CA ASP A 271 4.19 -59.73 -21.68
C ASP A 271 3.28 -60.69 -20.89
N HIS A 272 3.63 -60.95 -19.64
CA HIS A 272 2.94 -61.94 -18.81
C HIS A 272 3.23 -61.75 -17.33
N TYR A 273 2.41 -62.38 -16.50
CA TYR A 273 2.62 -62.35 -15.06
C TYR A 273 2.75 -63.73 -14.48
N LEU A 274 3.54 -63.84 -13.42
CA LEU A 274 3.49 -65.00 -12.55
C LEU A 274 2.40 -64.68 -11.54
N CYS A 275 1.36 -65.50 -11.44
CA CYS A 275 0.29 -65.12 -10.51
C CYS A 275 0.02 -66.05 -9.35
N ASP A 276 0.64 -67.24 -9.35
CA ASP A 276 0.41 -68.18 -8.24
C ASP A 276 1.57 -69.16 -8.07
N VAL A 277 1.93 -69.45 -6.83
CA VAL A 277 2.92 -70.47 -6.52
C VAL A 277 2.34 -71.37 -5.44
N THR A 278 2.34 -72.67 -5.71
CA THR A 278 1.76 -73.66 -4.82
C THR A 278 2.53 -74.96 -4.94
N TRP A 279 3.15 -75.39 -3.85
CA TRP A 279 3.82 -76.67 -3.79
C TRP A 279 2.78 -77.78 -3.72
N ALA A 280 3.06 -78.88 -4.44
CA ALA A 280 2.18 -80.02 -4.47
C ALA A 280 2.71 -81.14 -3.57
N THR A 281 3.99 -81.47 -3.74
CA THR A 281 4.65 -82.46 -2.90
C THR A 281 6.03 -81.95 -2.52
N GLN A 282 6.87 -82.85 -2.01
CA GLN A 282 8.24 -82.50 -1.63
C GLN A 282 9.08 -82.18 -2.86
N GLU A 283 8.69 -82.72 -4.02
CA GLU A 283 9.46 -82.57 -5.25
C GLU A 283 8.64 -82.12 -6.44
N ARG A 284 7.45 -81.61 -6.18
CA ARG A 284 6.54 -81.17 -7.25
C ARG A 284 5.91 -79.83 -6.91
N ILE A 285 6.07 -78.87 -7.82
CA ILE A 285 5.58 -77.50 -7.63
C ILE A 285 4.68 -77.11 -8.81
N SER A 286 3.69 -76.26 -8.56
CA SER A 286 2.86 -75.74 -9.63
C SER A 286 2.91 -74.23 -9.67
N LEU A 287 3.17 -73.66 -10.85
CA LEU A 287 3.13 -72.22 -11.04
C LEU A 287 1.98 -71.84 -11.98
N GLN A 288 1.35 -70.70 -11.71
CA GLN A 288 0.39 -70.16 -12.65
C GLN A 288 0.86 -68.87 -13.31
N TRP A 289 0.73 -68.84 -14.64
CA TRP A 289 1.11 -67.70 -15.42
C TRP A 289 -0.09 -67.11 -16.14
N LEU A 290 -0.08 -65.79 -16.33
CA LEU A 290 -1.20 -65.04 -16.93
C LEU A 290 -0.66 -64.14 -18.05
N ARG A 291 -1.35 -64.06 -19.18
CA ARG A 291 -0.94 -63.14 -20.24
C ARG A 291 -1.26 -61.72 -19.79
N ARG A 292 -0.58 -60.73 -20.38
CA ARG A 292 -0.87 -59.33 -20.05
C ARG A 292 -2.34 -58.99 -20.36
N ILE A 293 -2.86 -59.56 -21.45
CA ILE A 293 -4.30 -59.55 -21.72
C ILE A 293 -4.83 -60.72 -20.90
N GLN A 294 -5.41 -60.38 -19.75
CA GLN A 294 -5.59 -61.33 -18.67
C GLN A 294 -6.76 -62.26 -18.80
N ASN A 295 -6.94 -62.81 -20.00
CA ASN A 295 -8.02 -63.73 -20.24
C ASN A 295 -7.56 -65.13 -20.66
N TYR A 296 -6.26 -65.37 -20.47
CA TYR A 296 -5.62 -66.64 -20.80
C TYR A 296 -4.53 -66.94 -19.75
N SER A 297 -4.68 -68.03 -19.01
CA SER A 297 -3.66 -68.41 -18.05
C SER A 297 -3.33 -69.89 -18.17
N VAL A 298 -2.15 -70.27 -17.68
CA VAL A 298 -1.62 -71.62 -17.83
C VAL A 298 -1.03 -72.08 -16.50
N MET A 299 -1.40 -73.28 -16.08
CA MET A 299 -0.78 -73.85 -14.89
C MET A 299 0.30 -74.85 -15.26
N ASP A 300 1.52 -74.61 -14.79
CA ASP A 300 2.62 -75.56 -14.93
C ASP A 300 2.77 -76.41 -13.69
N ILE A 301 2.92 -77.72 -13.87
CA ILE A 301 3.35 -78.60 -12.80
C ILE A 301 4.78 -79.01 -13.11
N CYS A 302 5.70 -78.67 -12.21
CA CYS A 302 7.11 -78.99 -12.45
C CYS A 302 7.64 -79.99 -11.43
N ASP A 303 8.24 -81.05 -11.95
CA ASP A 303 8.79 -82.11 -11.12
C ASP A 303 10.30 -82.00 -11.07
N TYR A 304 10.87 -82.32 -9.92
CA TYR A 304 12.32 -82.30 -9.76
C TYR A 304 12.97 -83.59 -10.26
N ASP A 305 13.96 -83.46 -11.14
CA ASP A 305 14.66 -84.60 -11.71
C ASP A 305 15.86 -84.99 -10.83
N GLU A 306 16.02 -86.29 -10.59
CA GLU A 306 17.12 -86.84 -9.76
C GLU A 306 18.54 -86.40 -10.12
N SER A 307 19.43 -87.35 -10.43
CA SER A 307 20.76 -86.96 -10.88
C SER A 307 20.62 -86.31 -12.25
N SER A 308 20.86 -85.00 -12.24
CA SER A 308 20.60 -84.05 -13.32
C SER A 308 20.19 -82.74 -12.64
N GLY A 309 19.45 -82.89 -11.55
CA GLY A 309 19.14 -81.79 -10.63
C GLY A 309 18.43 -80.57 -11.20
N ARG A 310 17.52 -80.81 -12.14
CA ARG A 310 16.74 -79.74 -12.75
C ARG A 310 15.24 -79.92 -12.49
N TRP A 311 14.43 -78.98 -12.98
CA TRP A 311 12.98 -79.05 -12.87
C TRP A 311 12.32 -79.11 -14.24
N ASN A 312 11.50 -80.12 -14.46
CA ASN A 312 10.82 -80.30 -15.73
C ASN A 312 9.33 -80.05 -15.60
N CYS A 313 8.79 -79.31 -16.57
CA CYS A 313 7.36 -79.01 -16.60
C CYS A 313 6.78 -79.51 -17.92
N LEU A 314 6.43 -80.79 -17.97
CA LEU A 314 5.87 -81.46 -19.16
C LEU A 314 4.70 -80.69 -19.78
N VAL A 315 4.69 -80.60 -21.11
CA VAL A 315 3.63 -79.90 -21.85
C VAL A 315 2.25 -80.53 -21.66
N ALA A 316 2.22 -81.86 -21.54
CA ALA A 316 0.97 -82.59 -21.34
C ALA A 316 0.40 -82.38 -19.94
N ARG A 317 1.13 -81.65 -19.10
CA ARG A 317 0.67 -81.35 -17.75
C ARG A 317 0.26 -79.89 -17.56
N GLN A 318 0.20 -79.14 -18.65
CA GLN A 318 -0.26 -77.76 -18.60
C GLN A 318 -1.77 -77.71 -18.57
N HIS A 319 -2.30 -76.89 -17.68
CA HIS A 319 -3.74 -76.73 -17.56
C HIS A 319 -4.12 -75.30 -17.88
N ILE A 320 -4.84 -75.15 -19.00
CA ILE A 320 -5.27 -73.83 -19.46
C ILE A 320 -6.58 -73.38 -18.83
N GLU A 321 -6.60 -72.15 -18.33
CA GLU A 321 -7.84 -71.53 -17.85
C GLU A 321 -8.08 -70.25 -18.64
N MET A 322 -9.25 -70.13 -19.27
CA MET A 322 -9.54 -68.95 -20.08
C MET A 322 -10.97 -68.42 -19.95
N SER A 323 -11.22 -67.28 -20.61
CA SER A 323 -12.54 -66.64 -20.60
C SER A 323 -12.84 -65.94 -21.91
N THR A 324 -14.02 -66.21 -22.46
CA THR A 324 -14.46 -65.53 -23.68
C THR A 324 -15.18 -64.24 -23.33
N THR A 325 -15.80 -64.20 -22.15
CA THR A 325 -16.61 -63.07 -21.74
C THR A 325 -15.88 -62.08 -20.84
N GLY A 326 -14.72 -62.47 -20.33
CA GLY A 326 -14.02 -61.60 -19.38
C GLY A 326 -12.57 -61.92 -19.13
N TRP A 327 -12.13 -61.59 -17.93
CA TRP A 327 -10.79 -61.90 -17.44
C TRP A 327 -10.88 -63.21 -16.67
N VAL A 328 -9.73 -63.83 -16.40
CA VAL A 328 -9.75 -65.10 -15.66
C VAL A 328 -9.63 -64.89 -14.13
N GLY A 329 -10.45 -65.64 -13.39
CA GLY A 329 -10.49 -65.57 -11.91
C GLY A 329 -11.28 -64.36 -11.44
N ARG A 330 -11.42 -64.22 -10.13
CA ARG A 330 -12.06 -63.02 -9.57
C ARG A 330 -11.12 -61.81 -9.75
N PHE A 331 -9.94 -61.91 -9.14
CA PHE A 331 -8.88 -60.92 -9.36
C PHE A 331 -7.65 -61.60 -9.96
N ARG A 332 -7.57 -62.91 -9.80
CA ARG A 332 -6.44 -63.71 -10.28
C ARG A 332 -6.99 -65.12 -10.40
N PRO A 333 -6.39 -65.98 -11.24
CA PRO A 333 -6.84 -67.36 -11.24
C PRO A 333 -6.76 -67.97 -9.84
N SER A 334 -7.75 -68.78 -9.48
CA SER A 334 -7.82 -69.39 -8.16
C SER A 334 -6.67 -70.36 -7.91
N GLU A 335 -6.42 -70.65 -6.63
CA GLU A 335 -5.31 -71.54 -6.25
C GLU A 335 -5.72 -73.01 -6.16
N PRO A 336 -4.83 -73.93 -6.60
CA PRO A 336 -5.07 -75.36 -6.50
C PRO A 336 -4.80 -75.95 -5.12
N HIS A 337 -5.59 -76.94 -4.75
CA HIS A 337 -5.42 -77.66 -3.50
C HIS A 337 -5.18 -79.10 -3.87
N PHE A 338 -3.94 -79.54 -3.72
CA PHE A 338 -3.53 -80.86 -4.18
C PHE A 338 -3.85 -81.94 -3.19
N THR A 339 -4.03 -83.16 -3.70
CA THR A 339 -4.11 -84.33 -2.83
C THR A 339 -2.72 -84.65 -2.30
N LEU A 340 -2.64 -85.53 -1.30
CA LEU A 340 -1.37 -85.85 -0.67
C LEU A 340 -0.30 -86.34 -1.65
N ASP A 341 -0.65 -87.33 -2.48
CA ASP A 341 0.27 -87.84 -3.51
C ASP A 341 0.55 -86.83 -4.62
N GLY A 342 -0.24 -85.75 -4.63
CA GLY A 342 -0.10 -84.67 -5.60
C GLY A 342 -0.50 -85.00 -7.02
N ASN A 343 -1.18 -86.12 -7.22
CA ASN A 343 -1.58 -86.55 -8.55
C ASN A 343 -2.92 -85.97 -9.00
N SER A 344 -3.58 -85.30 -8.06
CA SER A 344 -4.84 -84.62 -8.30
C SER A 344 -4.90 -83.33 -7.50
N PHE A 345 -5.78 -82.43 -7.93
CA PHE A 345 -6.05 -81.19 -7.21
C PHE A 345 -7.46 -80.67 -7.42
N TYR A 346 -7.86 -79.73 -6.58
CA TYR A 346 -9.13 -79.05 -6.75
C TYR A 346 -8.85 -77.56 -6.85
N LYS A 347 -9.59 -76.88 -7.72
CA LYS A 347 -9.58 -75.42 -7.75
C LYS A 347 -10.92 -74.87 -8.23
N ILE A 348 -11.23 -73.66 -7.79
CA ILE A 348 -12.43 -72.96 -8.22
C ILE A 348 -12.28 -72.32 -9.61
N ILE A 349 -13.23 -72.63 -10.49
CA ILE A 349 -13.32 -72.02 -11.82
C ILE A 349 -14.81 -71.78 -12.13
N SER A 350 -15.11 -70.86 -13.04
CA SER A 350 -16.51 -70.66 -13.44
C SER A 350 -16.97 -71.77 -14.39
N ASN A 351 -18.16 -72.30 -14.12
CA ASN A 351 -18.69 -73.38 -14.94
C ASN A 351 -19.24 -72.88 -16.29
N GLU A 352 -20.00 -73.73 -16.97
CA GLU A 352 -20.53 -73.36 -18.29
C GLU A 352 -21.60 -72.27 -18.23
N GLU A 353 -22.35 -72.22 -17.14
CA GLU A 353 -23.35 -71.15 -16.97
C GLU A 353 -22.79 -69.91 -16.24
N GLY A 354 -21.48 -69.90 -15.99
CA GLY A 354 -20.81 -68.71 -15.45
C GLY A 354 -20.62 -68.65 -13.95
N TYR A 355 -21.14 -69.64 -13.23
CA TYR A 355 -21.01 -69.67 -11.76
C TYR A 355 -19.73 -70.39 -11.30
N ARG A 356 -19.10 -69.84 -10.27
CA ARG A 356 -17.83 -70.39 -9.75
C ARG A 356 -18.01 -71.57 -8.80
N HIS A 357 -17.46 -72.71 -9.19
CA HIS A 357 -17.60 -73.96 -8.46
C HIS A 357 -16.32 -74.79 -8.42
N ILE A 358 -16.29 -75.82 -7.58
CA ILE A 358 -15.07 -76.60 -7.38
C ILE A 358 -14.89 -77.64 -8.48
N CYS A 359 -13.77 -77.55 -9.20
CA CYS A 359 -13.47 -78.53 -10.22
C CYS A 359 -12.34 -79.43 -9.75
N TYR A 360 -12.40 -80.70 -10.17
CA TYR A 360 -11.43 -81.73 -9.79
C TYR A 360 -10.62 -82.18 -10.99
N PHE A 361 -9.31 -81.99 -10.93
CA PHE A 361 -8.42 -82.29 -12.05
C PHE A 361 -7.50 -83.46 -11.75
N GLN A 362 -7.17 -84.21 -12.79
CA GLN A 362 -6.09 -85.19 -12.74
C GLN A 362 -4.91 -84.52 -13.40
N ILE A 363 -3.74 -84.61 -12.77
CA ILE A 363 -2.50 -84.05 -13.27
C ILE A 363 -2.26 -84.34 -14.75
N ASP A 364 -2.67 -85.53 -15.18
CA ASP A 364 -2.47 -86.00 -16.55
C ASP A 364 -3.65 -85.81 -17.54
N LYS A 365 -4.79 -85.29 -17.07
CA LYS A 365 -5.99 -85.20 -17.92
C LYS A 365 -6.55 -83.78 -18.11
N LYS A 366 -7.06 -83.54 -19.31
CA LYS A 366 -7.58 -82.22 -19.72
C LYS A 366 -8.85 -81.83 -18.99
N ASP A 367 -9.83 -82.74 -18.96
CA ASP A 367 -11.15 -82.44 -18.41
C ASP A 367 -11.18 -82.62 -16.91
N CYS A 368 -11.86 -81.71 -16.23
CA CYS A 368 -12.15 -81.89 -14.83
C CYS A 368 -13.63 -82.14 -14.64
N THR A 369 -13.99 -82.81 -13.55
CA THR A 369 -15.39 -82.95 -13.19
C THR A 369 -15.72 -81.94 -12.09
N PHE A 370 -16.81 -81.20 -12.27
CA PHE A 370 -17.28 -80.27 -11.25
C PHE A 370 -17.93 -81.04 -10.12
N ILE A 371 -17.59 -80.70 -8.90
CA ILE A 371 -18.12 -81.43 -7.74
C ILE A 371 -19.17 -80.62 -6.97
N THR A 372 -19.28 -79.34 -7.29
CA THR A 372 -20.41 -78.51 -6.84
C THR A 372 -21.09 -77.89 -8.08
N LYS A 373 -22.38 -77.58 -7.93
CA LYS A 373 -23.20 -77.02 -9.01
C LYS A 373 -24.28 -76.13 -8.40
N GLY A 374 -24.78 -75.18 -9.18
CA GLY A 374 -25.93 -74.35 -8.77
C GLY A 374 -25.73 -72.86 -8.98
N THR A 375 -26.82 -72.10 -8.76
CA THR A 375 -26.80 -70.65 -8.95
C THR A 375 -26.39 -69.96 -7.65
N TRP A 376 -25.10 -70.09 -7.35
CA TRP A 376 -24.44 -69.53 -6.17
C TRP A 376 -22.96 -69.86 -6.37
N GLU A 377 -22.09 -69.39 -5.48
CA GLU A 377 -20.67 -69.54 -5.72
C GLU A 377 -19.88 -70.05 -4.55
N VAL A 378 -18.85 -70.83 -4.86
CA VAL A 378 -17.85 -71.17 -3.87
C VAL A 378 -16.95 -69.95 -3.70
N ILE A 379 -16.68 -69.59 -2.44
CA ILE A 379 -15.86 -68.42 -2.15
C ILE A 379 -14.41 -68.84 -2.07
N GLY A 380 -14.16 -70.02 -1.51
CA GLY A 380 -12.81 -70.56 -1.34
C GLY A 380 -12.81 -71.96 -0.76
N ILE A 381 -11.73 -72.71 -1.02
CA ILE A 381 -11.49 -74.02 -0.42
C ILE A 381 -10.66 -73.81 0.83
N GLU A 382 -11.15 -74.29 1.97
CA GLU A 382 -10.51 -74.02 3.25
C GLU A 382 -9.57 -75.10 3.78
N ALA A 383 -9.99 -76.35 3.67
CA ALA A 383 -9.18 -77.47 4.08
C ALA A 383 -9.53 -78.68 3.24
N LEU A 384 -8.53 -79.53 3.02
CA LEU A 384 -8.71 -80.74 2.26
C LEU A 384 -8.18 -81.93 3.04
N THR A 385 -9.04 -82.91 3.26
CA THR A 385 -8.60 -84.11 3.96
C THR A 385 -8.65 -85.31 3.01
N SER A 386 -8.30 -86.47 3.53
CA SER A 386 -8.38 -87.70 2.78
C SER A 386 -9.84 -88.14 2.56
N ASP A 387 -10.75 -87.60 3.37
CA ASP A 387 -12.15 -88.03 3.34
C ASP A 387 -13.10 -86.92 2.89
N TYR A 388 -12.79 -85.68 3.27
CA TYR A 388 -13.67 -84.56 3.01
C TYR A 388 -12.92 -83.35 2.47
N LEU A 389 -13.65 -82.50 1.75
CA LEU A 389 -13.17 -81.20 1.34
C LEU A 389 -14.07 -80.15 2.00
N TYR A 390 -13.44 -79.16 2.62
CA TYR A 390 -14.12 -78.09 3.33
C TYR A 390 -14.11 -76.81 2.51
N TYR A 391 -15.28 -76.22 2.32
CA TYR A 391 -15.36 -74.98 1.55
C TYR A 391 -16.34 -73.95 2.12
N ILE A 392 -16.22 -72.72 1.64
CA ILE A 392 -17.12 -71.65 2.02
C ILE A 392 -17.89 -71.19 0.79
N SER A 393 -19.19 -70.95 0.95
CA SER A 393 -20.03 -70.51 -0.17
C SER A 393 -21.19 -69.65 0.32
N ASN A 394 -21.90 -69.04 -0.65
CA ASN A 394 -23.07 -68.23 -0.33
C ASN A 394 -24.37 -68.87 -0.80
N GLU A 395 -24.42 -70.20 -0.70
CA GLU A 395 -25.61 -70.95 -1.11
C GLU A 395 -26.78 -70.79 -0.17
N TYR A 396 -26.49 -70.67 1.13
CA TYR A 396 -27.55 -70.67 2.12
C TYR A 396 -28.58 -69.59 1.88
N LYS A 397 -29.79 -70.05 1.61
CA LYS A 397 -30.97 -69.20 1.39
C LYS A 397 -30.85 -68.31 0.16
N GLY A 398 -30.04 -68.73 -0.81
CA GLY A 398 -29.79 -67.99 -2.04
C GLY A 398 -29.28 -66.58 -1.79
N MET A 399 -28.57 -66.37 -0.68
CA MET A 399 -28.08 -65.03 -0.30
C MET A 399 -26.62 -64.75 -0.67
N PRO A 400 -26.41 -63.97 -1.74
CA PRO A 400 -25.06 -63.73 -2.24
C PRO A 400 -24.10 -63.15 -1.21
N GLY A 401 -24.66 -62.52 -0.17
CA GLY A 401 -23.88 -61.88 0.89
C GLY A 401 -23.84 -62.62 2.23
N GLY A 402 -24.22 -63.89 2.21
CA GLY A 402 -24.02 -64.79 3.34
C GLY A 402 -22.79 -65.63 3.09
N ARG A 403 -22.26 -66.26 4.14
CA ARG A 403 -21.04 -67.07 4.03
C ARG A 403 -21.11 -68.21 5.04
N ASN A 404 -21.02 -69.45 4.54
CA ASN A 404 -21.13 -70.64 5.37
C ASN A 404 -20.11 -71.71 5.05
N LEU A 405 -19.74 -72.49 6.08
CA LEU A 405 -18.81 -73.59 5.93
C LEU A 405 -19.53 -74.90 5.59
N TYR A 406 -19.05 -75.56 4.56
CA TYR A 406 -19.64 -76.82 4.13
C TYR A 406 -18.59 -77.93 4.12
N LYS A 407 -19.07 -79.15 4.16
CA LYS A 407 -18.26 -80.34 4.12
C LYS A 407 -18.75 -81.10 2.89
N ILE A 408 -17.85 -81.52 1.99
CA ILE A 408 -18.31 -82.33 0.85
C ILE A 408 -17.63 -83.72 0.84
N GLN A 409 -18.45 -84.77 0.79
CA GLN A 409 -17.93 -86.15 0.87
C GLN A 409 -17.25 -86.57 -0.43
N LEU A 410 -15.95 -86.86 -0.34
CA LEU A 410 -15.11 -87.11 -1.51
C LEU A 410 -15.43 -88.32 -2.38
N SER A 411 -16.05 -89.35 -1.80
CA SER A 411 -16.44 -90.52 -2.59
C SER A 411 -17.91 -90.47 -3.02
N ASP A 412 -18.61 -89.40 -2.63
CA ASP A 412 -20.02 -89.20 -2.98
C ASP A 412 -20.37 -87.71 -2.86
N TYR A 413 -20.36 -87.03 -4.00
CA TYR A 413 -20.47 -85.57 -4.06
C TYR A 413 -21.83 -85.00 -3.64
N THR A 414 -22.84 -85.86 -3.57
CA THR A 414 -24.18 -85.41 -3.21
C THR A 414 -24.32 -85.30 -1.70
N LYS A 415 -23.34 -85.86 -0.97
CA LYS A 415 -23.34 -85.81 0.48
C LYS A 415 -22.58 -84.57 0.95
N VAL A 416 -23.33 -83.48 1.05
CA VAL A 416 -22.87 -82.15 1.44
C VAL A 416 -23.54 -81.74 2.74
N THR A 417 -22.77 -81.46 3.78
CA THR A 417 -23.32 -81.01 5.06
C THR A 417 -22.99 -79.55 5.29
N CYS A 418 -23.95 -78.79 5.82
CA CYS A 418 -23.65 -77.42 6.21
C CYS A 418 -23.23 -77.45 7.66
N LEU A 419 -22.00 -76.99 7.92
CA LEU A 419 -21.45 -77.06 9.28
C LEU A 419 -21.72 -75.83 10.12
N SER A 420 -22.13 -74.74 9.49
CA SER A 420 -22.33 -73.47 10.22
C SER A 420 -23.72 -72.86 10.08
N CYS A 421 -24.48 -73.35 9.11
CA CYS A 421 -25.82 -72.85 8.78
C CYS A 421 -26.72 -72.62 9.99
N GLU A 422 -26.98 -73.69 10.74
CA GLU A 422 -27.97 -73.67 11.81
C GLU A 422 -27.42 -73.48 13.22
N LEU A 423 -26.17 -73.04 13.35
CA LEU A 423 -25.54 -72.86 14.66
C LEU A 423 -26.15 -71.73 15.46
N ASN A 424 -26.57 -70.70 14.75
CA ASN A 424 -27.31 -69.58 15.33
C ASN A 424 -27.78 -68.76 14.13
N PRO A 425 -28.87 -69.21 13.48
CA PRO A 425 -29.30 -68.64 12.21
C PRO A 425 -29.73 -67.18 12.28
N GLU A 426 -30.19 -66.73 13.46
CA GLU A 426 -30.58 -65.32 13.64
C GLU A 426 -29.37 -64.40 13.70
N ARG A 427 -28.37 -64.73 14.51
CA ARG A 427 -27.25 -63.81 14.69
C ARG A 427 -26.05 -64.08 13.77
N CYS A 428 -26.03 -65.25 13.13
CA CYS A 428 -24.87 -65.68 12.34
C CYS A 428 -25.19 -66.16 10.92
N GLN A 429 -24.70 -65.41 9.93
CA GLN A 429 -24.92 -65.71 8.53
C GLN A 429 -23.65 -65.43 7.72
N TYR A 430 -22.62 -64.95 8.40
CA TYR A 430 -21.38 -64.62 7.73
C TYR A 430 -20.19 -65.26 8.46
N TYR A 431 -19.73 -66.40 7.96
CA TYR A 431 -18.69 -67.17 8.64
C TYR A 431 -17.40 -67.23 7.86
N SER A 432 -16.28 -67.17 8.58
CA SER A 432 -15.00 -67.62 8.05
C SER A 432 -14.44 -68.62 9.05
N VAL A 433 -13.43 -69.37 8.62
CA VAL A 433 -12.96 -70.51 9.36
C VAL A 433 -11.44 -70.51 9.43
N SER A 434 -10.91 -71.28 10.39
CA SER A 434 -9.47 -71.50 10.55
C SER A 434 -9.22 -72.89 11.15
N PHE A 435 -8.73 -73.81 10.31
CA PHE A 435 -8.44 -75.19 10.74
C PHE A 435 -7.04 -75.31 11.31
N SER A 436 -6.87 -76.27 12.21
CA SER A 436 -5.57 -76.64 12.77
C SER A 436 -4.78 -77.41 11.71
N LYS A 437 -3.46 -77.45 11.90
CA LYS A 437 -2.48 -78.12 11.02
C LYS A 437 -3.01 -79.27 10.12
N GLU A 438 -3.78 -80.20 10.68
CA GLU A 438 -4.33 -81.32 9.91
C GLU A 438 -5.86 -81.30 9.89
N ALA A 439 -6.45 -80.13 10.05
CA ALA A 439 -7.89 -79.99 10.04
C ALA A 439 -8.58 -80.85 11.13
N LYS A 440 -7.94 -80.99 12.29
CA LYS A 440 -8.47 -81.79 13.40
C LYS A 440 -9.53 -80.99 14.15
N TYR A 441 -9.24 -79.71 14.34
CA TYR A 441 -10.15 -78.78 14.96
C TYR A 441 -10.26 -77.59 14.04
N TYR A 442 -11.36 -76.86 14.15
CA TYR A 442 -11.46 -75.59 13.46
C TYR A 442 -12.12 -74.52 14.32
N GLN A 443 -11.77 -73.27 14.06
CA GLN A 443 -12.40 -72.15 14.70
C GLN A 443 -13.31 -71.46 13.71
N LEU A 444 -14.59 -71.37 14.06
CA LEU A 444 -15.51 -70.60 13.25
C LEU A 444 -15.54 -69.16 13.72
N ARG A 445 -15.52 -68.24 12.76
CA ARG A 445 -15.66 -66.83 13.06
C ARG A 445 -16.91 -66.30 12.36
N CYS A 446 -17.87 -65.85 13.16
CA CYS A 446 -19.10 -65.30 12.66
C CYS A 446 -19.00 -63.77 12.74
N SER A 447 -19.27 -63.09 11.64
CA SER A 447 -19.17 -61.63 11.58
C SER A 447 -20.48 -60.88 11.44
N GLY A 448 -21.61 -61.58 11.52
CA GLY A 448 -22.90 -60.90 11.50
C GLY A 448 -24.07 -61.78 11.10
N PRO A 449 -25.29 -61.22 11.16
CA PRO A 449 -25.68 -59.83 11.44
C PRO A 449 -25.57 -59.37 12.90
N GLY A 450 -25.59 -60.30 13.84
CA GLY A 450 -25.45 -59.97 15.25
C GLY A 450 -23.99 -59.73 15.58
N LEU A 451 -23.70 -59.52 16.85
CA LEU A 451 -22.31 -59.32 17.30
C LEU A 451 -21.44 -60.51 16.89
N PRO A 452 -20.17 -60.25 16.52
CA PRO A 452 -19.28 -61.35 16.11
C PRO A 452 -19.18 -62.47 17.16
N LEU A 453 -19.18 -63.72 16.69
CA LEU A 453 -19.16 -64.89 17.55
C LEU A 453 -17.99 -65.78 17.16
N TYR A 454 -17.22 -66.21 18.14
CA TYR A 454 -16.04 -67.02 17.89
C TYR A 454 -16.18 -68.34 18.60
N THR A 455 -16.16 -69.44 17.84
CA THR A 455 -16.38 -70.80 18.39
C THR A 455 -15.33 -71.82 17.96
N LEU A 456 -15.06 -72.79 18.85
CA LEU A 456 -14.08 -73.85 18.62
C LEU A 456 -14.76 -75.20 18.40
N HIS A 457 -14.39 -75.88 17.31
CA HIS A 457 -15.06 -77.11 16.90
C HIS A 457 -14.15 -78.30 16.71
N SER A 458 -14.75 -79.48 16.74
CA SER A 458 -14.03 -80.73 16.54
C SER A 458 -14.51 -81.40 15.27
N SER A 459 -13.65 -81.48 14.26
CA SER A 459 -14.03 -81.96 12.92
C SER A 459 -14.33 -83.46 12.82
N VAL A 460 -13.95 -84.24 13.82
CA VAL A 460 -14.20 -85.69 13.82
C VAL A 460 -15.72 -86.01 13.85
N ASN A 461 -16.52 -85.01 14.25
CA ASN A 461 -17.97 -85.15 14.40
C ASN A 461 -18.71 -83.81 14.28
N ASP A 462 -17.95 -82.72 14.29
CA ASP A 462 -18.46 -81.35 14.09
C ASP A 462 -19.18 -80.73 15.30
N LYS A 463 -19.19 -81.46 16.42
CA LYS A 463 -19.73 -80.90 17.67
C LYS A 463 -18.89 -79.71 18.13
N GLY A 464 -19.54 -78.78 18.83
CA GLY A 464 -18.91 -77.56 19.29
C GLY A 464 -18.32 -77.73 20.68
N LEU A 465 -17.01 -77.57 20.78
CA LEU A 465 -16.29 -77.65 22.06
C LEU A 465 -16.64 -76.52 23.02
N ARG A 466 -16.65 -75.27 22.53
CA ARG A 466 -16.96 -74.09 23.35
C ARG A 466 -16.97 -72.76 22.59
N VAL A 467 -17.55 -71.76 23.23
CA VAL A 467 -17.51 -70.37 22.78
C VAL A 467 -16.15 -69.81 23.22
N LEU A 468 -15.47 -69.12 22.33
CA LEU A 468 -14.21 -68.47 22.66
C LEU A 468 -14.38 -66.98 22.98
N GLU A 469 -15.27 -66.32 22.25
CA GLU A 469 -15.57 -64.89 22.43
C GLU A 469 -16.98 -64.60 21.94
N ASP A 470 -17.84 -64.12 22.84
CA ASP A 470 -19.23 -63.85 22.48
C ASP A 470 -19.60 -62.36 22.40
N ASN A 471 -18.68 -61.50 22.85
CA ASN A 471 -18.88 -60.05 22.83
C ASN A 471 -20.00 -59.61 23.75
N SER A 472 -20.12 -60.25 24.89
CA SER A 472 -21.16 -59.86 25.84
C SER A 472 -20.81 -58.54 26.53
N ALA A 473 -19.51 -58.25 26.66
CA ALA A 473 -19.06 -56.97 27.18
C ALA A 473 -19.64 -55.84 26.33
N LEU A 474 -19.38 -55.90 25.03
CA LEU A 474 -19.91 -54.93 24.08
C LEU A 474 -21.44 -54.89 24.07
N ASP A 475 -22.07 -56.07 24.16
CA ASP A 475 -23.53 -56.17 24.09
C ASP A 475 -24.23 -55.45 25.24
N LYS A 476 -23.60 -55.43 26.40
CA LYS A 476 -24.17 -54.75 27.56
C LYS A 476 -24.04 -53.23 27.44
N MET A 477 -22.96 -52.78 26.80
CA MET A 477 -22.77 -51.36 26.57
C MET A 477 -23.76 -50.84 25.53
N LEU A 478 -23.93 -51.58 24.44
CA LEU A 478 -24.84 -51.20 23.35
C LEU A 478 -26.31 -51.22 23.75
N GLN A 479 -26.61 -51.89 24.86
CA GLN A 479 -27.95 -51.94 25.41
C GLN A 479 -28.40 -50.53 25.78
N ASN A 480 -27.42 -49.70 26.12
CA ASN A 480 -27.64 -48.35 26.59
C ASN A 480 -27.84 -47.33 25.46
N VAL A 481 -27.31 -47.62 24.28
CA VAL A 481 -27.39 -46.68 23.17
C VAL A 481 -28.43 -47.04 22.10
N GLN A 482 -29.10 -46.03 21.55
CA GLN A 482 -30.00 -46.20 20.40
C GLN A 482 -29.19 -46.58 19.16
N MET A 483 -29.30 -47.84 18.76
CA MET A 483 -28.53 -48.35 17.63
C MET A 483 -29.38 -48.48 16.36
N PRO A 484 -28.76 -48.23 15.20
CA PRO A 484 -29.41 -48.43 13.92
C PRO A 484 -29.60 -49.92 13.63
N SER A 485 -30.40 -50.24 12.62
CA SER A 485 -30.55 -51.61 12.16
C SER A 485 -30.09 -51.72 10.71
N LYS A 486 -29.95 -52.95 10.21
CA LYS A 486 -29.56 -53.17 8.83
C LYS A 486 -30.63 -53.95 8.08
N LYS A 487 -31.10 -53.40 6.98
CA LYS A 487 -31.96 -54.15 6.09
C LYS A 487 -31.11 -54.65 4.93
N LEU A 488 -31.18 -55.95 4.67
CA LEU A 488 -30.57 -56.57 3.51
C LEU A 488 -31.68 -57.13 2.65
N ASP A 489 -31.86 -56.60 1.45
CA ASP A 489 -32.86 -57.17 0.53
C ASP A 489 -32.44 -56.93 -0.93
N PHE A 490 -33.32 -57.21 -1.87
CA PHE A 490 -32.99 -57.07 -3.28
C PHE A 490 -34.11 -56.37 -4.04
N ILE A 491 -33.73 -55.81 -5.19
CA ILE A 491 -34.69 -55.30 -6.15
C ILE A 491 -34.53 -56.10 -7.46
N ILE A 492 -35.59 -56.13 -8.25
CA ILE A 492 -35.55 -56.75 -9.56
C ILE A 492 -35.31 -55.70 -10.62
N LEU A 493 -34.36 -55.97 -11.51
CA LEU A 493 -34.03 -55.08 -12.61
C LEU A 493 -33.77 -55.96 -13.84
N ASN A 494 -34.54 -55.72 -14.90
CA ASN A 494 -34.48 -56.53 -16.12
C ASN A 494 -34.52 -58.04 -15.78
N GLU A 495 -35.45 -58.40 -14.89
CA GLU A 495 -35.65 -59.79 -14.44
C GLU A 495 -34.47 -60.41 -13.69
N THR A 496 -33.63 -59.57 -13.11
CA THR A 496 -32.52 -60.04 -12.30
C THR A 496 -32.50 -59.35 -10.95
N LYS A 497 -32.16 -60.13 -9.92
CA LYS A 497 -32.01 -59.65 -8.55
C LYS A 497 -30.72 -58.86 -8.38
N PHE A 498 -30.82 -57.68 -7.78
CA PHE A 498 -29.63 -56.94 -7.35
C PHE A 498 -29.81 -56.55 -5.90
N TRP A 499 -28.79 -56.83 -5.10
CA TRP A 499 -28.89 -56.72 -3.66
C TRP A 499 -28.48 -55.36 -3.13
N TYR A 500 -29.18 -54.90 -2.11
CA TYR A 500 -28.85 -53.66 -1.44
C TYR A 500 -28.91 -53.88 0.07
N GLN A 501 -28.30 -52.97 0.81
CA GLN A 501 -28.45 -52.97 2.26
C GLN A 501 -28.68 -51.55 2.73
N MET A 502 -29.28 -51.42 3.90
CA MET A 502 -29.56 -50.12 4.45
C MET A 502 -29.29 -50.10 5.92
N ILE A 503 -28.53 -49.10 6.36
CA ILE A 503 -28.34 -48.84 7.76
C ILE A 503 -29.46 -47.85 8.08
N LEU A 504 -30.40 -48.28 8.93
CA LEU A 504 -31.59 -47.50 9.25
C LEU A 504 -31.49 -46.88 10.64
N PRO A 505 -31.82 -45.59 10.76
CA PRO A 505 -31.86 -44.90 12.05
C PRO A 505 -32.76 -45.57 13.09
N PRO A 506 -32.43 -45.44 14.40
CA PRO A 506 -33.23 -46.04 15.47
C PRO A 506 -34.67 -45.53 15.45
N HIS A 507 -35.61 -46.40 15.81
CA HIS A 507 -37.04 -46.08 15.82
C HIS A 507 -37.48 -45.59 14.45
N PHE A 508 -37.01 -46.30 13.42
CA PHE A 508 -37.30 -45.98 12.03
C PHE A 508 -38.80 -45.96 11.70
N ASP A 509 -39.25 -44.81 11.20
CA ASP A 509 -40.65 -44.58 10.86
C ASP A 509 -40.86 -44.59 9.34
N LYS A 510 -41.53 -45.63 8.85
CA LYS A 510 -41.79 -45.77 7.40
C LYS A 510 -42.54 -44.59 6.76
N SER A 511 -43.34 -43.91 7.57
CA SER A 511 -44.15 -42.78 7.10
C SER A 511 -43.42 -41.44 7.24
N LYS A 512 -42.10 -41.50 7.38
CA LYS A 512 -41.31 -40.29 7.47
C LYS A 512 -40.31 -40.21 6.34
N LYS A 513 -39.77 -39.03 6.12
CA LYS A 513 -38.89 -38.78 4.99
C LYS A 513 -37.46 -38.53 5.42
N TYR A 514 -36.61 -39.52 5.25
CA TYR A 514 -35.23 -39.40 5.66
C TYR A 514 -34.31 -38.99 4.52
N PRO A 515 -33.27 -38.20 4.83
CA PRO A 515 -32.17 -37.95 3.90
C PRO A 515 -31.42 -39.25 3.70
N LEU A 516 -30.95 -39.50 2.48
CA LEU A 516 -30.25 -40.75 2.21
C LEU A 516 -28.86 -40.55 1.66
N LEU A 517 -27.91 -41.31 2.18
CA LEU A 517 -26.55 -41.30 1.67
C LEU A 517 -26.15 -42.67 1.09
N LEU A 518 -25.81 -42.65 -0.19
CA LEU A 518 -25.35 -43.84 -0.88
C LEU A 518 -23.83 -44.05 -0.69
N ASP A 519 -23.50 -45.13 0.03
CA ASP A 519 -22.12 -45.57 0.28
C ASP A 519 -21.75 -46.47 -0.89
N VAL A 520 -20.77 -46.05 -1.68
CA VAL A 520 -20.43 -46.78 -2.92
C VAL A 520 -18.99 -47.33 -3.00
N TYR A 521 -18.88 -48.49 -3.64
CA TYR A 521 -17.60 -49.06 -4.06
C TYR A 521 -17.79 -49.43 -5.54
N ALA A 522 -18.66 -50.40 -5.81
CA ALA A 522 -19.11 -50.72 -7.17
C ALA A 522 -18.04 -51.11 -8.16
N GLY A 523 -16.83 -51.39 -7.67
CA GLY A 523 -15.76 -51.90 -8.53
C GLY A 523 -16.02 -53.33 -8.98
N PRO A 524 -15.36 -53.76 -10.06
CA PRO A 524 -15.58 -55.13 -10.51
C PRO A 524 -15.33 -56.15 -9.39
N CYS A 525 -16.27 -57.07 -9.23
CA CYS A 525 -16.24 -58.10 -8.18
C CYS A 525 -16.38 -57.55 -6.76
N SER A 526 -16.94 -56.36 -6.62
CA SER A 526 -17.22 -55.81 -5.29
C SER A 526 -18.47 -56.45 -4.68
N GLN A 527 -18.59 -56.33 -3.37
CA GLN A 527 -19.82 -56.68 -2.69
C GLN A 527 -19.98 -55.76 -1.48
N LYS A 528 -20.91 -54.82 -1.60
CA LYS A 528 -21.18 -53.89 -0.51
C LYS A 528 -22.45 -54.20 0.26
N ALA A 529 -23.22 -55.18 -0.18
CA ALA A 529 -24.40 -55.64 0.57
C ALA A 529 -24.16 -57.05 1.15
N ASP A 530 -24.02 -57.13 2.47
CA ASP A 530 -23.67 -58.38 3.13
C ASP A 530 -24.25 -58.49 4.55
N THR A 531 -24.10 -59.65 5.17
CA THR A 531 -24.67 -59.86 6.48
C THR A 531 -23.75 -59.41 7.62
N VAL A 532 -22.63 -58.74 7.28
CA VAL A 532 -21.63 -58.35 8.28
C VAL A 532 -22.08 -57.21 9.20
N PHE A 533 -21.73 -57.33 10.48
CA PHE A 533 -22.01 -56.32 11.49
C PHE A 533 -20.83 -55.33 11.63
N ARG A 534 -21.09 -54.03 11.46
CA ARG A 534 -20.03 -53.04 11.44
C ARG A 534 -20.29 -51.83 12.35
N LEU A 535 -19.25 -51.35 13.03
CA LEU A 535 -19.37 -50.08 13.73
C LEU A 535 -18.50 -49.09 12.98
N ASN A 536 -19.12 -48.31 12.09
CA ASN A 536 -18.37 -47.33 11.33
C ASN A 536 -19.04 -45.95 11.25
N TRP A 537 -18.62 -45.17 10.26
CA TRP A 537 -19.12 -43.82 10.06
C TRP A 537 -20.62 -43.85 9.79
N ALA A 538 -21.04 -44.83 8.99
CA ALA A 538 -22.46 -45.05 8.70
C ALA A 538 -23.26 -45.24 9.99
N THR A 539 -22.71 -46.02 10.92
CA THR A 539 -23.37 -46.25 12.20
C THR A 539 -23.73 -44.91 12.86
N TYR A 540 -22.76 -44.02 12.99
CA TYR A 540 -22.98 -42.66 13.53
C TYR A 540 -23.99 -41.81 12.71
N LEU A 541 -23.87 -41.84 11.39
CA LEU A 541 -24.76 -41.07 10.54
C LEU A 541 -26.20 -41.52 10.70
N ALA A 542 -26.40 -42.82 10.87
CA ALA A 542 -27.76 -43.35 11.11
C ALA A 542 -28.23 -43.15 12.54
N SER A 543 -27.32 -43.35 13.50
CA SER A 543 -27.68 -43.27 14.91
C SER A 543 -27.88 -41.83 15.40
N THR A 544 -26.96 -40.95 15.04
CA THR A 544 -26.98 -39.59 15.58
C THR A 544 -27.63 -38.60 14.64
N GLU A 545 -27.37 -38.72 13.33
CA GLU A 545 -27.87 -37.74 12.36
C GLU A 545 -29.17 -38.13 11.69
N ASN A 546 -29.67 -39.32 12.01
CA ASN A 546 -30.87 -39.88 11.38
C ASN A 546 -30.84 -39.94 9.85
N ILE A 547 -29.70 -40.33 9.30
CA ILE A 547 -29.54 -40.49 7.85
C ILE A 547 -29.53 -41.98 7.49
N ILE A 548 -30.28 -42.35 6.45
CA ILE A 548 -30.24 -43.73 5.94
C ILE A 548 -29.01 -43.87 5.07
N VAL A 549 -28.14 -44.80 5.41
CA VAL A 549 -26.95 -45.02 4.61
C VAL A 549 -27.14 -46.33 3.83
N ALA A 550 -27.27 -46.23 2.52
CA ALA A 550 -27.53 -47.42 1.69
C ALA A 550 -26.36 -47.76 0.77
N SER A 551 -26.23 -49.04 0.43
CA SER A 551 -25.25 -49.54 -0.57
C SER A 551 -25.94 -50.49 -1.52
N PHE A 552 -25.40 -50.59 -2.73
CA PHE A 552 -26.04 -51.35 -3.79
C PHE A 552 -25.00 -52.07 -4.66
N ASP A 553 -25.20 -53.38 -4.89
CA ASP A 553 -24.34 -54.15 -5.81
C ASP A 553 -25.04 -54.33 -7.17
N GLY A 554 -24.64 -53.53 -8.15
CA GLY A 554 -25.19 -53.61 -9.50
C GLY A 554 -24.32 -54.45 -10.40
N ARG A 555 -24.35 -54.18 -11.70
CA ARG A 555 -23.57 -54.94 -12.66
C ARG A 555 -22.08 -54.74 -12.38
N GLY A 556 -21.29 -55.79 -12.61
CA GLY A 556 -19.88 -55.78 -12.27
C GLY A 556 -19.59 -56.32 -10.88
N SER A 557 -20.62 -56.34 -10.02
CA SER A 557 -20.44 -56.86 -8.67
C SER A 557 -20.19 -58.39 -8.65
N GLY A 558 -19.58 -58.87 -7.57
CA GLY A 558 -19.11 -60.23 -7.49
C GLY A 558 -20.02 -61.24 -6.81
N TYR A 559 -19.48 -62.46 -6.69
CA TYR A 559 -20.11 -63.59 -6.00
C TYR A 559 -21.54 -63.90 -6.44
N GLN A 560 -21.90 -63.56 -7.69
CA GLN A 560 -23.24 -63.82 -8.26
C GLN A 560 -23.17 -64.31 -9.71
N GLY A 561 -22.04 -64.87 -10.12
CA GLY A 561 -21.91 -65.35 -11.51
C GLY A 561 -21.19 -64.38 -12.42
N ASP A 562 -20.76 -64.87 -13.59
CA ASP A 562 -20.06 -64.03 -14.55
C ASP A 562 -20.99 -63.09 -15.30
N LYS A 563 -22.22 -63.54 -15.57
CA LYS A 563 -23.13 -62.73 -16.34
C LYS A 563 -23.19 -61.32 -15.77
N ILE A 564 -23.31 -61.24 -14.44
CA ILE A 564 -23.35 -59.99 -13.73
C ILE A 564 -21.95 -59.36 -13.64
N MET A 565 -20.95 -60.18 -13.33
CA MET A 565 -19.61 -59.64 -13.07
C MET A 565 -18.93 -59.13 -14.33
N HIS A 566 -19.00 -59.90 -15.41
CA HIS A 566 -18.37 -59.51 -16.68
C HIS A 566 -19.17 -58.47 -17.45
N ALA A 567 -20.31 -58.06 -16.91
CA ALA A 567 -21.18 -57.08 -17.58
C ALA A 567 -20.44 -55.80 -17.92
N ILE A 568 -19.40 -55.48 -17.16
CA ILE A 568 -18.61 -54.28 -17.41
C ILE A 568 -17.24 -54.53 -18.07
N ASN A 569 -17.03 -55.74 -18.59
CA ASN A 569 -15.79 -56.05 -19.31
C ASN A 569 -15.53 -55.01 -20.39
N ARG A 570 -14.32 -54.46 -20.38
CA ARG A 570 -13.88 -53.45 -21.35
C ARG A 570 -14.64 -52.12 -21.29
N ARG A 571 -15.45 -51.93 -20.23
CA ARG A 571 -16.38 -50.80 -20.13
C ARG A 571 -16.47 -50.19 -18.74
N LEU A 572 -15.33 -50.01 -18.07
CA LEU A 572 -15.36 -49.37 -16.76
C LEU A 572 -16.01 -47.98 -16.84
N GLY A 573 -16.76 -47.62 -15.81
CA GLY A 573 -17.44 -46.33 -15.75
C GLY A 573 -18.70 -46.25 -16.59
N THR A 574 -19.35 -47.38 -16.86
CA THR A 574 -20.60 -47.36 -17.60
C THR A 574 -21.71 -47.97 -16.74
N PHE A 575 -22.00 -49.26 -16.92
CA PHE A 575 -23.12 -49.90 -16.24
C PHE A 575 -23.09 -49.79 -14.73
N GLU A 576 -21.91 -49.92 -14.11
CA GLU A 576 -21.86 -49.88 -12.63
C GLU A 576 -22.19 -48.48 -12.09
N VAL A 577 -21.92 -47.46 -12.90
CA VAL A 577 -22.28 -46.07 -12.61
C VAL A 577 -23.80 -45.89 -12.75
N GLU A 578 -24.31 -46.25 -13.93
CA GLU A 578 -25.75 -46.21 -14.21
C GLU A 578 -26.57 -46.94 -13.17
N ASP A 579 -26.02 -48.03 -12.63
CA ASP A 579 -26.74 -48.83 -11.65
C ASP A 579 -26.81 -48.14 -10.26
N GLN A 580 -25.84 -47.30 -9.93
CA GLN A 580 -25.90 -46.56 -8.69
C GLN A 580 -26.99 -45.51 -8.80
N ILE A 581 -27.10 -44.90 -9.97
CA ILE A 581 -28.16 -43.93 -10.23
C ILE A 581 -29.53 -44.60 -10.16
N GLU A 582 -29.69 -45.72 -10.86
CA GLU A 582 -30.95 -46.46 -10.82
C GLU A 582 -31.32 -46.93 -9.39
N ALA A 583 -30.31 -47.30 -8.61
CA ALA A 583 -30.52 -47.69 -7.21
C ALA A 583 -31.17 -46.58 -6.41
N ALA A 584 -30.57 -45.39 -6.48
CA ALA A 584 -31.10 -44.22 -5.80
C ALA A 584 -32.51 -43.87 -6.29
N ARG A 585 -32.81 -44.16 -7.55
CA ARG A 585 -34.16 -43.98 -8.04
C ARG A 585 -35.13 -44.96 -7.42
N GLN A 586 -34.71 -46.21 -7.29
CA GLN A 586 -35.57 -47.22 -6.68
C GLN A 586 -35.85 -46.92 -5.21
N PHE A 587 -34.89 -46.28 -4.55
CA PHE A 587 -35.06 -45.94 -3.15
C PHE A 587 -36.04 -44.76 -2.99
N SER A 588 -35.98 -43.80 -3.91
CA SER A 588 -36.96 -42.69 -3.93
C SER A 588 -38.38 -43.21 -3.95
N LYS A 589 -38.62 -44.26 -4.73
CA LYS A 589 -39.93 -44.85 -4.85
C LYS A 589 -40.28 -45.78 -3.66
N MET A 590 -39.39 -45.86 -2.67
CA MET A 590 -39.65 -46.65 -1.45
C MET A 590 -40.44 -45.88 -0.38
N GLY A 591 -40.65 -44.59 -0.61
CA GLY A 591 -41.62 -43.83 0.19
C GLY A 591 -41.07 -43.05 1.36
N PHE A 592 -40.06 -43.63 2.02
CA PHE A 592 -39.47 -43.04 3.21
C PHE A 592 -38.17 -42.27 2.94
N VAL A 593 -37.91 -41.95 1.68
CA VAL A 593 -36.71 -41.22 1.28
C VAL A 593 -37.04 -39.79 0.86
N ASP A 594 -36.37 -38.80 1.44
CA ASP A 594 -36.56 -37.40 1.05
C ASP A 594 -35.70 -37.13 -0.15
N ASN A 595 -36.32 -37.07 -1.33
CA ASN A 595 -35.52 -36.99 -2.55
C ASN A 595 -35.00 -35.60 -2.93
N LYS A 596 -35.12 -34.67 -1.99
CA LYS A 596 -34.41 -33.41 -2.08
C LYS A 596 -33.07 -33.51 -1.35
N ARG A 597 -32.90 -34.59 -0.59
CA ARG A 597 -31.67 -34.79 0.20
C ARG A 597 -31.06 -36.16 -0.02
N ILE A 598 -30.54 -36.37 -1.21
CA ILE A 598 -29.84 -37.60 -1.57
C ILE A 598 -28.36 -37.29 -1.89
N ALA A 599 -27.46 -38.04 -1.26
CA ALA A 599 -26.03 -37.82 -1.41
C ALA A 599 -25.34 -39.13 -1.75
N ILE A 600 -24.11 -39.04 -2.23
CA ILE A 600 -23.36 -40.24 -2.59
C ILE A 600 -21.91 -40.02 -2.22
N TRP A 601 -21.22 -41.06 -1.76
CA TRP A 601 -19.82 -40.93 -1.45
C TRP A 601 -19.10 -42.25 -1.60
N GLY A 602 -17.78 -42.18 -1.76
CA GLY A 602 -16.91 -43.34 -1.91
C GLY A 602 -15.42 -43.03 -1.91
N TRP A 603 -14.62 -44.08 -1.68
CA TRP A 603 -13.17 -44.01 -1.59
C TRP A 603 -12.59 -44.89 -2.72
N SER A 604 -11.44 -44.53 -3.29
CA SER A 604 -10.79 -45.33 -4.34
C SER A 604 -11.73 -45.42 -5.53
N TYR A 605 -12.13 -46.65 -5.87
CA TYR A 605 -13.07 -46.89 -6.97
C TYR A 605 -14.42 -46.24 -6.68
N GLY A 606 -14.84 -46.30 -5.42
CA GLY A 606 -16.05 -45.64 -4.96
C GLY A 606 -16.00 -44.16 -5.26
N GLY A 607 -14.81 -43.55 -5.06
CA GLY A 607 -14.55 -42.16 -5.41
C GLY A 607 -14.72 -41.87 -6.90
N TYR A 608 -14.17 -42.73 -7.74
CA TYR A 608 -14.39 -42.64 -9.18
C TYR A 608 -15.88 -42.72 -9.56
N VAL A 609 -16.59 -43.71 -9.00
CA VAL A 609 -18.00 -43.89 -9.32
C VAL A 609 -18.82 -42.72 -8.81
N THR A 610 -18.53 -42.29 -7.59
CA THR A 610 -19.17 -41.10 -7.02
C THR A 610 -19.00 -39.93 -7.95
N SER A 611 -17.77 -39.70 -8.42
CA SER A 611 -17.50 -38.59 -9.32
C SER A 611 -18.25 -38.72 -10.64
N MET A 612 -18.20 -39.91 -11.25
CA MET A 612 -18.91 -40.16 -12.51
C MET A 612 -20.41 -39.95 -12.37
N VAL A 613 -20.96 -40.37 -11.23
CA VAL A 613 -22.38 -40.20 -10.92
C VAL A 613 -22.74 -38.74 -10.78
N LEU A 614 -21.89 -37.97 -10.06
CA LEU A 614 -22.13 -36.55 -9.88
C LEU A 614 -21.95 -35.78 -11.18
N GLY A 615 -21.13 -36.31 -12.06
CA GLY A 615 -20.92 -35.70 -13.37
C GLY A 615 -21.91 -36.17 -14.43
N SER A 616 -22.84 -37.04 -14.04
CA SER A 616 -23.78 -37.65 -15.00
C SER A 616 -24.90 -36.74 -15.46
N GLY A 617 -25.17 -35.68 -14.68
CA GLY A 617 -26.27 -34.76 -14.96
C GLY A 617 -27.61 -35.43 -14.83
N SER A 618 -27.72 -36.40 -13.92
CA SER A 618 -28.96 -37.15 -13.70
C SER A 618 -30.01 -36.38 -12.92
N GLY A 619 -29.56 -35.47 -12.07
CA GLY A 619 -30.45 -34.67 -11.22
C GLY A 619 -30.85 -35.30 -9.91
N VAL A 620 -30.44 -36.55 -9.69
CA VAL A 620 -30.87 -37.31 -8.51
C VAL A 620 -30.18 -36.91 -7.17
N PHE A 621 -28.90 -36.55 -7.23
CA PHE A 621 -28.09 -36.30 -6.04
C PHE A 621 -27.78 -34.81 -5.87
N LYS A 622 -27.92 -34.32 -4.64
CA LYS A 622 -27.66 -32.92 -4.36
C LYS A 622 -26.17 -32.69 -4.16
N CYS A 623 -25.53 -33.63 -3.46
CA CYS A 623 -24.11 -33.49 -3.18
C CYS A 623 -23.41 -34.84 -3.08
N GLY A 624 -22.08 -34.81 -3.07
CA GLY A 624 -21.30 -36.05 -3.00
C GLY A 624 -19.86 -35.84 -2.59
N ILE A 625 -19.19 -36.93 -2.20
CA ILE A 625 -17.81 -36.88 -1.73
C ILE A 625 -17.00 -37.97 -2.39
N ALA A 626 -15.88 -37.59 -3.01
CA ALA A 626 -14.97 -38.53 -3.59
C ALA A 626 -13.69 -38.47 -2.76
N VAL A 627 -13.23 -39.63 -2.27
CA VAL A 627 -11.97 -39.67 -1.53
C VAL A 627 -10.95 -40.45 -2.34
N ALA A 628 -9.82 -39.81 -2.65
CA ALA A 628 -8.73 -40.43 -3.38
C ALA A 628 -9.28 -41.18 -4.62
N PRO A 629 -9.99 -40.44 -5.50
CA PRO A 629 -10.65 -41.09 -6.62
C PRO A 629 -9.72 -41.30 -7.80
N VAL A 630 -9.89 -42.43 -8.48
CA VAL A 630 -9.33 -42.56 -9.83
C VAL A 630 -10.13 -41.55 -10.67
N SER A 631 -9.44 -40.85 -11.58
CA SER A 631 -10.09 -39.87 -12.45
C SER A 631 -10.03 -40.26 -13.93
N ARG A 632 -8.96 -40.92 -14.32
CA ARG A 632 -8.89 -41.57 -15.62
C ARG A 632 -7.96 -42.76 -15.62
N TRP A 633 -8.30 -43.77 -16.38
CA TRP A 633 -7.64 -45.05 -16.24
C TRP A 633 -6.17 -45.13 -16.68
N GLU A 634 -5.75 -44.29 -17.63
CA GLU A 634 -4.34 -44.25 -17.94
C GLU A 634 -3.51 -43.80 -16.73
N TYR A 635 -4.16 -43.26 -15.70
CA TYR A 635 -3.40 -42.85 -14.52
C TYR A 635 -3.13 -43.98 -13.52
N TYR A 636 -3.92 -45.05 -13.58
CA TYR A 636 -3.83 -46.13 -12.60
C TYR A 636 -2.96 -47.27 -13.11
N ASP A 637 -2.60 -48.20 -12.22
CA ASP A 637 -1.59 -49.21 -12.56
C ASP A 637 -2.06 -50.18 -13.64
N SER A 638 -1.11 -50.85 -14.29
CA SER A 638 -1.39 -51.69 -15.44
C SER A 638 -2.18 -52.97 -15.10
N VAL A 639 -1.74 -53.68 -14.06
CA VAL A 639 -2.32 -54.97 -13.72
C VAL A 639 -3.81 -54.92 -13.43
N TYR A 640 -4.22 -53.99 -12.57
CA TYR A 640 -5.63 -53.87 -12.22
C TYR A 640 -6.44 -53.34 -13.40
N THR A 641 -5.96 -52.24 -13.98
CA THR A 641 -6.65 -51.54 -15.05
C THR A 641 -6.82 -52.35 -16.32
N GLU A 642 -5.73 -52.92 -16.82
CA GLU A 642 -5.78 -53.67 -18.06
C GLU A 642 -6.59 -54.96 -17.89
N ARG A 643 -6.74 -55.40 -16.64
CA ARG A 643 -7.55 -56.59 -16.38
C ARG A 643 -8.97 -56.42 -16.91
N TYR A 644 -9.50 -55.21 -16.80
CA TYR A 644 -10.88 -54.89 -17.18
C TYR A 644 -11.01 -54.02 -18.44
N MET A 645 -9.95 -53.28 -18.74
CA MET A 645 -10.00 -52.29 -19.79
C MET A 645 -9.20 -52.69 -21.01
N GLY A 646 -8.35 -53.71 -20.88
CA GLY A 646 -7.39 -54.02 -21.92
C GLY A 646 -6.42 -52.85 -22.10
N LEU A 647 -5.75 -52.80 -23.24
CA LEU A 647 -4.73 -51.77 -23.46
C LEU A 647 -5.27 -50.45 -24.04
N PRO A 648 -4.75 -49.31 -23.56
CA PRO A 648 -5.05 -47.97 -24.09
C PRO A 648 -4.41 -47.67 -25.46
N THR A 649 -4.67 -48.48 -26.47
CA THR A 649 -4.10 -48.23 -27.79
C THR A 649 -5.16 -48.27 -28.87
N PRO A 650 -4.96 -47.50 -29.95
CA PRO A 650 -5.87 -47.43 -31.08
C PRO A 650 -6.42 -48.78 -31.50
N GLU A 651 -5.61 -49.84 -31.44
CA GLU A 651 -6.08 -51.17 -31.87
C GLU A 651 -6.75 -52.01 -30.77
N ASP A 652 -6.83 -51.46 -29.56
CA ASP A 652 -7.52 -52.14 -28.47
C ASP A 652 -8.68 -51.32 -27.94
N ASN A 653 -8.43 -50.45 -26.97
CA ASN A 653 -9.51 -49.83 -26.19
C ASN A 653 -9.26 -48.39 -25.82
N LEU A 654 -8.44 -47.67 -26.58
CA LEU A 654 -8.15 -46.25 -26.29
C LEU A 654 -9.42 -45.40 -26.26
N ASP A 655 -10.31 -45.60 -27.23
CA ASP A 655 -11.56 -44.86 -27.29
C ASP A 655 -12.30 -44.79 -25.96
N HIS A 656 -12.49 -45.95 -25.32
CA HIS A 656 -13.20 -45.97 -24.07
C HIS A 656 -12.40 -45.45 -22.88
N TYR A 657 -11.07 -45.56 -22.91
CA TYR A 657 -10.24 -44.89 -21.89
C TYR A 657 -10.50 -43.39 -21.94
N ARG A 658 -10.67 -42.85 -23.14
CA ARG A 658 -10.89 -41.43 -23.34
C ARG A 658 -12.33 -41.04 -22.99
N ASN A 659 -13.27 -41.98 -23.12
CA ASN A 659 -14.67 -41.65 -22.90
C ASN A 659 -15.12 -41.83 -21.46
N SER A 660 -14.22 -42.27 -20.59
CA SER A 660 -14.62 -42.64 -19.24
C SER A 660 -13.88 -41.89 -18.16
N THR A 661 -13.43 -40.68 -18.48
CA THR A 661 -12.72 -39.83 -17.51
C THR A 661 -13.73 -39.02 -16.70
N VAL A 662 -13.43 -38.72 -15.45
CA VAL A 662 -14.29 -37.75 -14.75
C VAL A 662 -14.11 -36.32 -15.31
N MET A 663 -12.92 -36.00 -15.82
CA MET A 663 -12.67 -34.70 -16.45
C MET A 663 -13.71 -34.32 -17.51
N SER A 664 -14.08 -35.28 -18.36
CA SER A 664 -15.00 -35.02 -19.46
C SER A 664 -16.40 -34.64 -19.00
N ARG A 665 -16.69 -34.90 -17.72
CA ARG A 665 -18.02 -34.62 -17.15
C ARG A 665 -18.06 -33.38 -16.27
N ALA A 666 -17.02 -32.56 -16.36
CA ALA A 666 -16.86 -31.42 -15.45
C ALA A 666 -18.03 -30.42 -15.50
N GLU A 667 -18.60 -30.20 -16.67
CA GLU A 667 -19.65 -29.20 -16.83
C GLU A 667 -20.87 -29.56 -15.98
N ASN A 668 -21.19 -30.85 -15.94
CA ASN A 668 -22.32 -31.35 -15.17
C ASN A 668 -22.21 -31.13 -13.67
N PHE A 669 -21.01 -30.78 -13.20
CA PHE A 669 -20.78 -30.55 -11.79
C PHE A 669 -21.40 -29.25 -11.29
N LYS A 670 -21.78 -28.38 -12.23
CA LYS A 670 -22.54 -27.17 -11.93
C LYS A 670 -23.83 -27.50 -11.19
N GLN A 671 -24.29 -28.73 -11.31
CA GLN A 671 -25.57 -29.12 -10.73
C GLN A 671 -25.52 -29.59 -9.27
N VAL A 672 -24.33 -29.93 -8.77
CA VAL A 672 -24.18 -30.52 -7.43
C VAL A 672 -23.15 -29.79 -6.57
N GLU A 673 -23.12 -30.16 -5.29
CA GLU A 673 -22.08 -29.72 -4.35
C GLU A 673 -21.09 -30.86 -4.19
N TYR A 674 -19.81 -30.59 -4.40
CA TYR A 674 -18.79 -31.63 -4.45
C TYR A 674 -17.67 -31.38 -3.47
N LEU A 675 -17.27 -32.43 -2.76
CA LEU A 675 -16.10 -32.36 -1.90
C LEU A 675 -15.10 -33.42 -2.35
N LEU A 676 -13.90 -32.95 -2.70
CA LEU A 676 -12.84 -33.82 -3.22
C LEU A 676 -11.69 -33.84 -2.24
N ILE A 677 -11.25 -35.04 -1.87
CA ILE A 677 -10.23 -35.19 -0.83
C ILE A 677 -9.15 -36.15 -1.31
N HIS A 678 -7.88 -35.82 -1.06
CA HIS A 678 -6.80 -36.68 -1.53
C HIS A 678 -5.53 -36.49 -0.71
N GLY A 679 -4.85 -37.61 -0.40
CA GLY A 679 -3.61 -37.58 0.35
C GLY A 679 -2.48 -37.32 -0.60
N THR A 680 -1.56 -36.44 -0.21
CA THR A 680 -0.50 -35.97 -1.13
C THR A 680 0.64 -36.97 -1.34
N ALA A 681 0.71 -37.98 -0.48
CA ALA A 681 1.75 -39.01 -0.55
C ALA A 681 1.14 -40.37 -0.89
N ASP A 682 0.06 -40.34 -1.65
CA ASP A 682 -0.65 -41.53 -2.04
C ASP A 682 0.11 -42.21 -3.19
N ASP A 683 0.68 -43.38 -2.89
CA ASP A 683 1.46 -44.13 -3.86
C ASP A 683 0.57 -44.93 -4.77
N ASN A 684 -0.69 -45.10 -4.35
CA ASN A 684 -1.64 -46.00 -5.02
C ASN A 684 -2.50 -45.28 -6.07
N VAL A 685 -3.38 -44.39 -5.63
CA VAL A 685 -4.06 -43.46 -6.52
C VAL A 685 -3.34 -42.12 -6.34
N HIS A 686 -2.52 -41.79 -7.32
CA HIS A 686 -1.65 -40.62 -7.22
C HIS A 686 -2.44 -39.33 -7.05
N PHE A 687 -1.93 -38.43 -6.21
CA PHE A 687 -2.55 -37.13 -6.06
C PHE A 687 -2.91 -36.54 -7.44
N GLN A 688 -2.08 -36.82 -8.44
CA GLN A 688 -2.31 -36.42 -9.82
C GLN A 688 -3.76 -36.56 -10.22
N GLN A 689 -4.36 -37.70 -9.89
CA GLN A 689 -5.72 -38.01 -10.29
C GLN A 689 -6.74 -36.96 -9.84
N SER A 690 -6.66 -36.51 -8.58
CA SER A 690 -7.48 -35.39 -8.12
C SER A 690 -7.00 -34.02 -8.62
N ALA A 691 -5.70 -33.89 -8.86
CA ALA A 691 -5.13 -32.65 -9.38
C ALA A 691 -5.76 -32.32 -10.72
N GLN A 692 -6.01 -33.36 -11.51
CA GLN A 692 -6.54 -33.18 -12.84
C GLN A 692 -8.05 -32.93 -12.81
N ILE A 693 -8.74 -33.51 -11.83
CA ILE A 693 -10.16 -33.24 -11.64
C ILE A 693 -10.39 -31.79 -11.28
N SER A 694 -9.61 -31.27 -10.33
CA SER A 694 -9.84 -29.89 -9.86
C SER A 694 -9.54 -28.92 -10.98
N LYS A 695 -8.42 -29.13 -11.69
CA LYS A 695 -8.10 -28.27 -12.81
C LYS A 695 -9.30 -28.26 -13.78
N ALA A 696 -9.86 -29.43 -14.05
CA ALA A 696 -10.99 -29.51 -14.98
C ALA A 696 -12.20 -28.71 -14.50
N LEU A 697 -12.51 -28.79 -13.20
CA LEU A 697 -13.64 -28.04 -12.63
C LEU A 697 -13.35 -26.55 -12.60
N VAL A 698 -12.08 -26.23 -12.40
CA VAL A 698 -11.65 -24.83 -12.41
C VAL A 698 -11.86 -24.26 -13.81
N ASP A 699 -11.49 -25.05 -14.83
CA ASP A 699 -11.54 -24.59 -16.21
C ASP A 699 -12.95 -24.40 -16.75
N VAL A 700 -13.96 -25.03 -16.14
CA VAL A 700 -15.35 -24.77 -16.55
C VAL A 700 -16.12 -23.91 -15.54
N GLY A 701 -15.40 -23.34 -14.57
CA GLY A 701 -16.01 -22.43 -13.60
C GLY A 701 -16.92 -23.06 -12.56
N VAL A 702 -16.67 -24.31 -12.20
CA VAL A 702 -17.47 -24.97 -11.15
C VAL A 702 -16.83 -24.77 -9.78
N ASP A 703 -17.60 -24.22 -8.85
CA ASP A 703 -17.12 -24.10 -7.48
C ASP A 703 -17.38 -25.42 -6.73
N PHE A 704 -16.41 -25.79 -5.89
CA PHE A 704 -16.47 -27.05 -5.17
C PHE A 704 -15.58 -26.99 -3.95
N GLN A 705 -15.69 -28.00 -3.11
CA GLN A 705 -14.91 -28.13 -1.91
C GLN A 705 -13.74 -29.06 -2.16
N ALA A 706 -12.62 -28.77 -1.53
CA ALA A 706 -11.47 -29.66 -1.59
C ALA A 706 -10.78 -29.78 -0.23
N MET A 707 -9.85 -30.72 -0.15
CA MET A 707 -9.00 -30.90 1.01
C MET A 707 -7.91 -31.87 0.62
N TRP A 708 -6.66 -31.46 0.80
CA TRP A 708 -5.53 -32.37 0.67
C TRP A 708 -5.07 -32.82 2.06
N TYR A 709 -4.41 -33.97 2.14
CA TYR A 709 -3.81 -34.34 3.41
C TYR A 709 -2.33 -34.57 3.20
N THR A 710 -1.55 -33.61 3.65
CA THR A 710 -0.09 -33.61 3.57
C THR A 710 0.52 -34.92 4.10
N ASP A 711 1.22 -35.64 3.23
CA ASP A 711 1.96 -36.85 3.61
C ASP A 711 1.09 -38.04 4.01
N GLU A 712 -0.21 -37.94 3.79
CA GLU A 712 -1.06 -39.12 3.92
C GLU A 712 -1.07 -39.88 2.59
N ASP A 713 -1.13 -41.20 2.70
CA ASP A 713 -1.23 -42.10 1.56
C ASP A 713 -2.68 -42.51 1.35
N HIS A 714 -2.90 -43.56 0.56
CA HIS A 714 -4.25 -43.93 0.15
C HIS A 714 -5.19 -44.22 1.32
N GLY A 715 -4.60 -44.56 2.46
CA GLY A 715 -5.40 -44.91 3.62
C GLY A 715 -5.88 -43.70 4.38
N ILE A 716 -5.12 -42.59 4.34
CA ILE A 716 -5.37 -41.44 5.22
C ILE A 716 -5.62 -42.05 6.61
N ALA A 717 -4.62 -42.82 7.04
CA ALA A 717 -4.77 -43.73 8.16
C ALA A 717 -4.17 -43.25 9.49
N SER A 718 -3.40 -42.16 9.49
CA SER A 718 -2.88 -41.60 10.74
C SER A 718 -4.00 -41.40 11.72
N SER A 719 -3.70 -41.59 12.99
CA SER A 719 -4.66 -41.31 14.03
C SER A 719 -5.36 -39.94 13.82
N THR A 720 -4.57 -38.89 13.71
CA THR A 720 -5.13 -37.55 13.61
C THR A 720 -5.78 -37.27 12.25
N ALA A 721 -5.15 -37.74 11.18
CA ALA A 721 -5.68 -37.52 9.84
C ALA A 721 -7.00 -38.26 9.65
N HIS A 722 -7.11 -39.43 10.26
CA HIS A 722 -8.33 -40.20 10.24
C HIS A 722 -9.47 -39.41 10.87
N GLN A 723 -9.20 -38.77 12.00
CA GLN A 723 -10.24 -38.02 12.67
C GLN A 723 -10.60 -36.77 11.91
N HIS A 724 -9.58 -36.11 11.34
CA HIS A 724 -9.80 -34.88 10.63
C HIS A 724 -10.73 -35.11 9.47
N ILE A 725 -10.44 -36.15 8.68
CA ILE A 725 -11.22 -36.37 7.47
C ILE A 725 -12.68 -36.67 7.75
N TYR A 726 -12.94 -37.59 8.67
CA TYR A 726 -14.31 -37.93 9.01
C TYR A 726 -15.07 -36.77 9.59
N THR A 727 -14.40 -35.99 10.42
CA THR A 727 -14.97 -34.79 10.98
C THR A 727 -15.37 -33.83 9.85
N HIS A 728 -14.43 -33.61 8.93
CA HIS A 728 -14.66 -32.72 7.78
C HIS A 728 -15.85 -33.21 6.94
N MET A 729 -15.86 -34.49 6.63
CA MET A 729 -16.95 -35.08 5.86
C MET A 729 -18.33 -34.96 6.56
N SER A 730 -18.37 -35.12 7.87
CA SER A 730 -19.63 -35.02 8.61
C SER A 730 -20.17 -33.60 8.52
N HIS A 731 -19.29 -32.61 8.61
CA HIS A 731 -19.71 -31.22 8.49
C HIS A 731 -20.29 -30.93 7.11
N PHE A 732 -19.60 -31.37 6.06
CA PHE A 732 -20.08 -31.27 4.70
C PHE A 732 -21.49 -31.86 4.55
N ILE A 733 -21.67 -33.11 5.00
CA ILE A 733 -22.95 -33.80 4.92
C ILE A 733 -24.06 -33.12 5.74
N LYS A 734 -23.74 -32.69 6.95
CA LYS A 734 -24.74 -32.00 7.75
C LYS A 734 -25.15 -30.70 7.07
N GLN A 735 -24.18 -29.95 6.56
CA GLN A 735 -24.49 -28.71 5.84
C GLN A 735 -25.33 -28.99 4.59
N CYS A 736 -24.92 -29.95 3.77
CA CYS A 736 -25.65 -30.31 2.57
C CYS A 736 -27.11 -30.72 2.88
N PHE A 737 -27.31 -31.43 3.99
CA PHE A 737 -28.65 -31.91 4.41
C PHE A 737 -29.46 -30.98 5.34
N SER A 738 -28.97 -29.75 5.56
CA SER A 738 -29.59 -28.77 6.46
C SER A 738 -29.73 -29.27 7.91
N LEU A 739 -28.70 -29.95 8.40
CA LEU A 739 -28.67 -30.52 9.75
C LEU A 739 -27.75 -29.69 10.64
N PRO A 740 -28.20 -29.36 11.85
CA PRO A 740 -27.53 -28.29 12.62
C PRO A 740 -26.25 -28.72 13.34
N HIS B 10 -37.63 8.07 -10.49
CA HIS B 10 -36.36 7.90 -9.71
C HIS B 10 -35.10 8.39 -10.45
N HIS B 11 -34.55 7.53 -11.31
CA HIS B 11 -33.19 7.69 -11.87
C HIS B 11 -32.14 7.62 -10.77
N HIS B 12 -32.55 7.20 -9.58
CA HIS B 12 -31.66 6.94 -8.47
C HIS B 12 -30.70 5.79 -8.85
N SER B 13 -29.49 5.80 -8.29
CA SER B 13 -28.52 4.73 -8.53
C SER B 13 -29.01 3.40 -7.94
N ARG B 14 -29.10 2.37 -8.79
CA ARG B 14 -29.62 1.05 -8.36
C ARG B 14 -28.65 -0.11 -8.63
N LYS B 15 -27.80 0.04 -9.65
CA LYS B 15 -26.68 -0.87 -9.92
C LYS B 15 -25.67 -0.84 -8.78
N THR B 16 -24.96 -1.94 -8.63
CA THR B 16 -23.88 -2.09 -7.67
C THR B 16 -22.73 -2.70 -8.45
N TYR B 17 -21.51 -2.60 -7.92
CA TYR B 17 -20.36 -3.24 -8.57
C TYR B 17 -20.32 -4.70 -8.15
N THR B 18 -20.66 -5.60 -9.06
CA THR B 18 -20.85 -7.01 -8.71
C THR B 18 -19.59 -7.83 -8.88
N LEU B 19 -19.64 -9.08 -8.40
CA LEU B 19 -18.56 -10.05 -8.61
C LEU B 19 -18.29 -10.30 -10.11
N THR B 20 -19.35 -10.51 -10.90
CA THR B 20 -19.21 -10.70 -12.35
C THR B 20 -18.56 -9.49 -13.00
N ASP B 21 -18.96 -8.29 -12.56
CA ASP B 21 -18.38 -7.04 -13.04
C ASP B 21 -16.87 -7.03 -12.86
N TYR B 22 -16.43 -7.48 -11.69
CA TYR B 22 -15.01 -7.57 -11.41
C TYR B 22 -14.35 -8.68 -12.22
N LEU B 23 -15.01 -9.82 -12.36
CA LEU B 23 -14.40 -10.99 -13.02
C LEU B 23 -14.45 -10.93 -14.54
N LYS B 24 -15.42 -10.21 -15.07
CA LYS B 24 -15.60 -10.09 -16.52
C LYS B 24 -15.14 -8.75 -17.07
N ASN B 25 -14.60 -7.89 -16.19
CA ASN B 25 -14.12 -6.57 -16.58
C ASN B 25 -15.16 -5.72 -17.26
N THR B 26 -16.29 -5.57 -16.61
CA THR B 26 -17.38 -4.79 -17.17
C THR B 26 -17.00 -3.32 -17.18
N TYR B 27 -16.34 -2.86 -16.13
CA TYR B 27 -15.88 -1.48 -16.04
C TYR B 27 -14.37 -1.44 -16.10
N ARG B 28 -13.86 -1.00 -17.25
CA ARG B 28 -12.44 -1.09 -17.55
C ARG B 28 -11.76 0.27 -17.51
N LEU B 29 -10.61 0.33 -16.83
CA LEU B 29 -9.76 1.54 -16.81
C LEU B 29 -8.96 1.64 -18.09
N LYS B 30 -9.17 2.70 -18.85
CA LYS B 30 -8.31 2.97 -20.01
C LYS B 30 -7.00 3.55 -19.52
N LEU B 31 -5.91 3.19 -20.21
CA LEU B 31 -4.59 3.67 -19.81
C LEU B 31 -3.79 4.04 -21.05
N TYR B 32 -3.06 5.15 -20.98
CA TYR B 32 -2.33 5.63 -22.13
C TYR B 32 -0.88 5.23 -21.96
N SER B 33 -0.49 4.11 -22.57
CA SER B 33 0.89 3.68 -22.44
C SER B 33 1.67 3.98 -23.72
N LEU B 34 2.77 4.70 -23.52
CA LEU B 34 3.64 5.14 -24.58
C LEU B 34 5.05 4.69 -24.28
N ARG B 35 5.92 4.86 -25.26
CA ARG B 35 7.34 4.61 -25.12
C ARG B 35 8.07 5.65 -25.95
N TRP B 36 8.78 6.54 -25.26
CA TRP B 36 9.53 7.60 -25.92
C TRP B 36 10.59 7.01 -26.84
N ILE B 37 10.70 7.54 -28.06
CA ILE B 37 11.69 7.02 -28.98
C ILE B 37 12.76 8.07 -29.25
N SER B 38 12.45 9.31 -28.89
CA SER B 38 13.39 10.42 -29.04
C SER B 38 13.07 11.50 -28.03
N ASP B 39 13.58 12.69 -28.26
CA ASP B 39 13.41 13.79 -27.33
C ASP B 39 12.05 14.48 -27.42
N HIS B 40 11.36 14.30 -28.54
CA HIS B 40 10.10 14.98 -28.80
C HIS B 40 9.06 14.12 -29.52
N GLU B 41 9.32 12.81 -29.58
CA GLU B 41 8.43 11.85 -30.26
C GLU B 41 8.20 10.61 -29.42
N TYR B 42 7.03 9.99 -29.57
CA TYR B 42 6.72 8.75 -28.86
C TYR B 42 5.82 7.76 -29.63
N LEU B 43 5.87 6.49 -29.27
CA LEU B 43 5.06 5.45 -29.92
C LEU B 43 3.81 5.06 -29.12
N TYR B 44 2.71 4.79 -29.84
CA TYR B 44 1.43 4.43 -29.23
C TYR B 44 0.59 3.44 -30.06
N LYS B 45 -0.01 2.46 -29.39
CA LYS B 45 -0.72 1.34 -30.07
C LYS B 45 -2.24 1.53 -30.27
N GLN B 46 -2.73 1.08 -31.43
CA GLN B 46 -4.15 1.20 -31.83
C GLN B 46 -4.71 -0.13 -32.39
N ASN B 49 -2.44 -1.45 -34.46
CA ASN B 49 -1.73 -0.35 -35.11
C ASN B 49 -0.71 0.34 -34.22
N ILE B 50 0.29 0.95 -34.85
CA ILE B 50 1.33 1.64 -34.11
C ILE B 50 1.56 3.02 -34.72
N LEU B 51 1.44 4.04 -33.87
CA LEU B 51 1.57 5.43 -34.28
C LEU B 51 2.82 6.07 -33.73
N VAL B 52 3.33 7.07 -34.44
CA VAL B 52 4.32 7.97 -33.90
C VAL B 52 3.53 9.21 -33.54
N PHE B 53 3.77 9.77 -32.38
CA PHE B 53 3.14 11.02 -32.00
C PHE B 53 4.20 12.08 -31.79
N ASN B 54 4.00 13.23 -32.42
CA ASN B 54 4.81 14.38 -32.12
C ASN B 54 4.27 14.98 -30.83
N ALA B 55 5.10 14.96 -29.79
CA ALA B 55 4.69 15.44 -28.47
C ALA B 55 4.30 16.92 -28.51
N GLU B 56 5.00 17.69 -29.34
CA GLU B 56 4.76 19.12 -29.40
C GLU B 56 3.38 19.47 -29.95
N TYR B 57 3.07 18.96 -31.15
CA TYR B 57 1.85 19.36 -31.86
C TYR B 57 0.64 18.45 -31.67
N GLY B 58 0.89 17.15 -31.54
CA GLY B 58 -0.18 16.16 -31.47
C GLY B 58 -0.33 15.40 -32.78
N ASN B 59 0.23 15.97 -33.87
CA ASN B 59 0.17 15.31 -35.17
C ASN B 59 0.79 13.91 -35.10
N SER B 60 0.07 12.93 -35.64
CA SER B 60 0.52 11.55 -35.66
C SER B 60 0.35 10.92 -37.04
N SER B 61 1.38 10.20 -37.48
CA SER B 61 1.30 9.38 -38.68
C SER B 61 1.44 7.91 -38.27
N VAL B 62 1.01 7.00 -39.14
CA VAL B 62 1.08 5.57 -38.84
C VAL B 62 2.53 5.10 -39.03
N PHE B 63 3.13 4.58 -37.96
CA PHE B 63 4.50 4.10 -37.99
C PHE B 63 4.55 2.68 -38.51
N LEU B 64 3.57 1.88 -38.10
CA LEU B 64 3.52 0.49 -38.48
C LEU B 64 2.07 0.04 -38.53
N GLU B 65 1.63 -0.28 -39.74
CA GLU B 65 0.27 -0.77 -39.98
C GLU B 65 0.16 -2.18 -39.43
N ASN B 66 -1.00 -2.50 -38.86
CA ASN B 66 -1.28 -3.82 -38.28
C ASN B 66 -1.18 -5.01 -39.26
N SER B 67 -1.26 -4.70 -40.55
CA SER B 67 -1.32 -5.72 -41.61
C SER B 67 0.04 -6.30 -42.03
N THR B 68 1.11 -5.60 -41.67
CA THR B 68 2.45 -5.92 -42.17
C THR B 68 2.98 -7.31 -41.75
N PHE B 69 2.57 -7.79 -40.57
CA PHE B 69 3.05 -9.07 -40.04
C PHE B 69 1.96 -10.11 -39.89
N ASP B 70 1.17 -10.23 -40.94
CA ASP B 70 0.13 -11.25 -41.01
C ASP B 70 0.57 -12.28 -42.04
N GLU B 71 1.37 -11.82 -43.00
CA GLU B 71 2.11 -12.71 -43.91
C GLU B 71 3.13 -13.45 -43.05
N PHE B 72 3.55 -12.82 -41.97
CA PHE B 72 4.53 -13.35 -41.02
C PHE B 72 4.33 -14.82 -40.67
N GLY B 73 3.07 -15.22 -40.47
CA GLY B 73 2.76 -16.61 -40.18
C GLY B 73 2.62 -16.90 -38.69
N HIS B 74 3.25 -16.07 -37.86
CA HIS B 74 3.23 -16.26 -36.42
C HIS B 74 2.51 -15.12 -35.72
N SER B 75 1.95 -15.44 -34.57
CA SER B 75 1.27 -14.49 -33.71
C SER B 75 2.30 -13.67 -32.93
N ILE B 76 2.33 -12.35 -33.15
CA ILE B 76 3.33 -11.44 -32.55
C ILE B 76 2.99 -10.99 -31.13
N ASN B 77 3.78 -11.44 -30.16
CA ASN B 77 3.55 -11.11 -28.76
C ASN B 77 4.03 -9.69 -28.38
N ASP B 78 5.19 -9.28 -28.90
CA ASP B 78 5.69 -7.94 -28.63
C ASP B 78 6.66 -7.46 -29.70
N TYR B 79 6.99 -6.17 -29.66
CA TYR B 79 7.93 -5.58 -30.60
C TYR B 79 8.93 -4.68 -29.86
N SER B 80 10.03 -4.35 -30.54
CA SER B 80 11.04 -3.45 -30.01
C SER B 80 11.75 -2.75 -31.17
N ILE B 81 11.58 -1.43 -31.27
CA ILE B 81 12.20 -0.64 -32.32
C ILE B 81 13.62 -0.27 -31.92
N SER B 82 14.56 -0.41 -32.85
CA SER B 82 15.93 -0.04 -32.58
C SER B 82 16.04 1.48 -32.32
N PRO B 83 17.03 1.91 -31.50
CA PRO B 83 17.24 3.32 -31.19
C PRO B 83 17.35 4.24 -32.39
N ASP B 84 17.83 3.73 -33.52
CA ASP B 84 17.93 4.53 -34.74
C ASP B 84 16.77 4.33 -35.70
N GLY B 85 15.68 3.74 -35.21
CA GLY B 85 14.46 3.53 -36.00
C GLY B 85 14.60 2.80 -37.32
N GLN B 86 15.72 2.11 -37.51
CA GLN B 86 16.01 1.41 -38.76
C GLN B 86 15.55 -0.05 -38.78
N PHE B 87 15.35 -0.63 -37.60
CA PHE B 87 15.00 -2.03 -37.46
C PHE B 87 13.96 -2.26 -36.37
N ILE B 88 13.17 -3.29 -36.53
CA ILE B 88 12.24 -3.69 -35.48
C ILE B 88 12.42 -5.16 -35.13
N LEU B 89 12.46 -5.42 -33.83
CA LEU B 89 12.57 -6.75 -33.30
C LEU B 89 11.14 -7.25 -33.03
N LEU B 90 10.79 -8.40 -33.61
CA LEU B 90 9.46 -8.99 -33.44
C LEU B 90 9.51 -10.25 -32.59
N GLU B 91 8.82 -10.22 -31.46
CA GLU B 91 8.84 -11.30 -30.47
C GLU B 91 7.61 -12.19 -30.62
N TYR B 92 7.83 -13.50 -30.71
CA TYR B 92 6.75 -14.46 -30.81
C TYR B 92 7.16 -15.76 -30.11
N ASN B 93 6.23 -16.71 -30.03
CA ASN B 93 6.42 -17.98 -29.30
C ASN B 93 6.79 -17.76 -27.84
N TYR B 94 6.27 -16.70 -27.24
CA TYR B 94 6.55 -16.39 -25.86
C TYR B 94 6.14 -17.55 -24.96
N VAL B 95 7.07 -18.07 -24.17
CA VAL B 95 6.72 -19.02 -23.12
C VAL B 95 7.27 -18.50 -21.80
N LYS B 96 6.36 -18.13 -20.90
CA LYS B 96 6.68 -17.62 -19.57
C LYS B 96 7.48 -18.58 -18.71
N GLN B 97 8.31 -18.04 -17.83
CA GLN B 97 8.97 -18.83 -16.79
C GLN B 97 8.56 -18.22 -15.45
N TRP B 98 9.44 -17.47 -14.79
CA TRP B 98 9.10 -16.86 -13.48
C TRP B 98 8.37 -15.50 -13.63
N ARG B 99 8.49 -14.62 -12.63
CA ARG B 99 7.82 -13.32 -12.68
C ARG B 99 8.28 -12.42 -13.85
N HIS B 100 9.56 -12.53 -14.25
CA HIS B 100 10.09 -11.69 -15.35
C HIS B 100 10.68 -12.48 -16.53
N SER B 101 11.20 -13.66 -16.24
CA SER B 101 11.91 -14.44 -17.24
C SER B 101 10.97 -15.21 -18.17
N TYR B 102 11.39 -15.31 -19.43
CA TYR B 102 10.70 -16.09 -20.44
C TYR B 102 11.59 -16.44 -21.62
N THR B 103 11.05 -17.28 -22.49
CA THR B 103 11.71 -17.76 -23.67
C THR B 103 10.83 -17.30 -24.82
N ALA B 104 11.44 -17.04 -25.97
CA ALA B 104 10.72 -16.57 -27.14
C ALA B 104 11.56 -16.69 -28.42
N SER B 105 10.89 -16.63 -29.57
CA SER B 105 11.56 -16.55 -30.85
C SER B 105 11.55 -15.08 -31.29
N TYR B 106 12.52 -14.72 -32.13
CA TYR B 106 12.64 -13.35 -32.60
C TYR B 106 12.99 -13.31 -34.08
N ASP B 107 12.37 -12.37 -34.78
CA ASP B 107 12.71 -12.06 -36.15
C ASP B 107 12.94 -10.56 -36.26
N ILE B 108 13.78 -10.16 -37.19
CA ILE B 108 14.09 -8.74 -37.38
C ILE B 108 13.52 -8.24 -38.69
N TYR B 109 12.78 -7.14 -38.64
CA TYR B 109 12.23 -6.53 -39.83
C TYR B 109 12.98 -5.24 -40.13
N ASP B 110 13.58 -5.18 -41.32
CA ASP B 110 14.30 -4.01 -41.79
C ASP B 110 13.27 -3.01 -42.31
N LEU B 111 13.27 -1.79 -41.77
CA LEU B 111 12.32 -0.78 -42.24
C LEU B 111 12.75 -0.11 -43.55
N ASN B 112 14.02 0.28 -43.64
CA ASN B 112 14.51 0.99 -44.82
C ASN B 112 14.56 0.14 -46.10
N LYS B 113 14.71 -1.18 -45.94
CA LYS B 113 14.59 -2.11 -47.06
C LYS B 113 13.20 -2.75 -47.03
N ARG B 114 12.48 -2.48 -45.94
CA ARG B 114 11.07 -2.86 -45.76
C ARG B 114 10.79 -4.39 -45.88
N GLN B 115 11.59 -5.21 -45.19
CA GLN B 115 11.34 -6.67 -45.14
C GLN B 115 12.16 -7.48 -44.11
N LEU B 116 11.65 -8.66 -43.76
CA LEU B 116 12.28 -9.59 -42.80
C LEU B 116 13.69 -10.02 -43.17
N ILE B 117 14.61 -9.91 -42.23
CA ILE B 117 15.96 -10.41 -42.40
C ILE B 117 15.89 -11.95 -42.34
N THR B 118 16.38 -12.61 -43.38
CA THR B 118 16.31 -14.08 -43.46
C THR B 118 17.60 -14.77 -43.03
N GLU B 119 18.74 -14.19 -43.42
CA GLU B 119 20.04 -14.74 -43.03
C GLU B 119 20.37 -14.42 -41.58
N GLU B 120 21.13 -15.30 -40.94
CA GLU B 120 21.62 -15.10 -39.56
C GLU B 120 20.53 -14.69 -38.55
N ARG B 121 19.53 -15.55 -38.38
CA ARG B 121 18.41 -15.27 -37.50
C ARG B 121 18.80 -15.48 -36.04
N ILE B 122 18.00 -14.90 -35.14
CA ILE B 122 18.18 -15.12 -33.70
C ILE B 122 17.53 -16.48 -33.40
N PRO B 123 18.26 -17.37 -32.69
CA PRO B 123 17.78 -18.74 -32.48
C PRO B 123 16.50 -18.81 -31.67
N ASN B 124 15.75 -19.89 -31.84
CA ASN B 124 14.57 -20.14 -31.01
C ASN B 124 15.02 -20.32 -29.58
N ASN B 125 14.11 -20.10 -28.64
CA ASN B 125 14.41 -20.29 -27.23
C ASN B 125 15.39 -19.29 -26.66
N THR B 126 15.43 -18.11 -27.26
CA THR B 126 16.23 -17.01 -26.74
C THR B 126 15.66 -16.50 -25.40
N GLN B 127 16.56 -16.23 -24.47
CA GLN B 127 16.20 -15.89 -23.10
C GLN B 127 16.13 -14.39 -22.84
N TRP B 128 16.88 -13.61 -23.60
CA TRP B 128 16.87 -12.18 -23.49
C TRP B 128 17.50 -11.55 -24.72
N VAL B 129 16.91 -10.44 -25.18
CA VAL B 129 17.42 -9.68 -26.34
C VAL B 129 17.41 -8.21 -25.98
N THR B 130 18.46 -7.48 -26.38
CA THR B 130 18.50 -6.05 -26.08
C THR B 130 19.34 -5.26 -27.07
N TRP B 131 18.74 -4.20 -27.62
CA TRP B 131 19.43 -3.27 -28.48
C TRP B 131 20.43 -2.46 -27.64
N SER B 132 21.51 -2.00 -28.28
CA SER B 132 22.38 -0.98 -27.67
C SER B 132 21.55 0.32 -27.51
N PRO B 133 21.99 1.25 -26.65
CA PRO B 133 21.14 2.46 -26.48
C PRO B 133 21.15 3.39 -27.69
N VAL B 134 22.23 3.40 -28.47
CA VAL B 134 22.27 4.14 -29.73
C VAL B 134 22.60 3.15 -30.85
N GLY B 135 22.19 3.48 -32.08
CA GLY B 135 22.44 2.62 -33.24
C GLY B 135 21.61 1.35 -33.24
N HIS B 136 22.12 0.28 -33.86
CA HIS B 136 21.39 -0.98 -33.97
C HIS B 136 22.20 -2.27 -33.66
N LYS B 137 23.11 -2.18 -32.70
CA LYS B 137 23.78 -3.37 -32.16
C LYS B 137 22.79 -4.20 -31.34
N LEU B 138 23.09 -5.49 -31.20
CA LEU B 138 22.18 -6.43 -30.60
C LEU B 138 22.91 -7.35 -29.62
N ALA B 139 22.29 -7.56 -28.46
CA ALA B 139 22.82 -8.49 -27.49
C ALA B 139 21.72 -9.48 -27.09
N TYR B 140 22.01 -10.77 -27.19
CA TYR B 140 21.03 -11.77 -26.78
C TYR B 140 21.67 -12.94 -26.04
N VAL B 141 20.87 -13.55 -25.16
CA VAL B 141 21.28 -14.72 -24.38
C VAL B 141 20.52 -15.97 -24.86
N TRP B 142 21.28 -17.02 -25.18
CA TRP B 142 20.70 -18.28 -25.64
C TRP B 142 21.52 -19.40 -25.03
N ASN B 143 20.83 -20.34 -24.38
CA ASN B 143 21.45 -21.42 -23.62
C ASN B 143 22.44 -20.97 -22.57
N ASN B 144 22.13 -19.84 -21.95
CA ASN B 144 22.90 -19.31 -20.84
C ASN B 144 24.20 -18.65 -21.26
N ASP B 145 24.34 -18.37 -22.55
CA ASP B 145 25.50 -17.64 -23.08
C ASP B 145 25.13 -16.33 -23.78
N ILE B 146 26.11 -15.44 -23.92
CA ILE B 146 25.88 -14.13 -24.49
C ILE B 146 26.44 -14.04 -25.89
N TYR B 147 25.63 -13.53 -26.80
CA TYR B 147 25.99 -13.37 -28.19
C TYR B 147 25.75 -11.92 -28.57
N VAL B 148 26.60 -11.38 -29.43
CA VAL B 148 26.45 -10.00 -29.88
C VAL B 148 26.42 -9.97 -31.40
N LYS B 149 25.43 -9.26 -31.95
CA LYS B 149 25.33 -8.97 -33.39
C LYS B 149 25.58 -7.49 -33.63
N ILE B 150 26.65 -7.17 -34.35
CA ILE B 150 26.90 -5.78 -34.72
C ILE B 150 25.89 -5.29 -35.75
N GLU B 151 25.54 -6.14 -36.72
CA GLU B 151 24.49 -5.84 -37.69
C GLU B 151 23.49 -6.98 -37.68
N PRO B 152 22.19 -6.69 -37.88
CA PRO B 152 21.15 -7.70 -37.68
C PRO B 152 21.25 -8.90 -38.61
N ASN B 153 21.65 -8.65 -39.85
CA ASN B 153 21.75 -9.70 -40.87
C ASN B 153 23.11 -10.38 -40.91
N LEU B 154 24.00 -9.97 -40.01
CA LEU B 154 25.34 -10.53 -39.97
C LEU B 154 25.46 -11.58 -38.89
N PRO B 155 26.50 -12.44 -38.97
CA PRO B 155 26.68 -13.47 -37.94
C PRO B 155 26.94 -12.85 -36.57
N SER B 156 26.52 -13.54 -35.52
CA SER B 156 26.73 -13.05 -34.17
C SER B 156 27.98 -13.65 -33.56
N TYR B 157 28.72 -12.83 -32.82
CA TYR B 157 29.92 -13.29 -32.13
C TYR B 157 29.49 -13.79 -30.78
N ARG B 158 30.00 -14.95 -30.40
CA ARG B 158 29.69 -15.56 -29.13
C ARG B 158 30.63 -14.99 -28.07
N ILE B 159 30.05 -14.48 -26.99
CA ILE B 159 30.83 -13.81 -25.95
C ILE B 159 31.25 -14.75 -24.82
N THR B 160 30.37 -15.63 -24.41
CA THR B 160 30.72 -16.57 -23.35
C THR B 160 30.62 -18.01 -23.83
N TRP B 161 31.33 -18.90 -23.14
CA TRP B 161 31.37 -20.31 -23.53
C TRP B 161 31.12 -21.24 -22.34
N THR B 162 30.69 -20.66 -21.23
CA THR B 162 30.62 -21.40 -19.96
C THR B 162 29.19 -21.65 -19.48
N GLY B 163 28.22 -21.11 -20.21
CA GLY B 163 26.81 -21.23 -19.86
C GLY B 163 26.34 -22.66 -19.73
N LYS B 164 25.68 -22.97 -18.63
CA LYS B 164 25.19 -24.32 -18.37
C LYS B 164 23.89 -24.23 -17.58
N GLU B 165 22.86 -24.85 -18.13
CA GLU B 165 21.51 -24.78 -17.56
C GLU B 165 21.47 -25.16 -16.08
N ASP B 166 20.89 -24.26 -15.27
CA ASP B 166 20.80 -24.37 -13.81
C ASP B 166 22.15 -24.23 -13.07
N ILE B 167 23.26 -24.15 -13.80
CA ILE B 167 24.55 -24.00 -13.13
C ILE B 167 25.21 -22.64 -13.42
N ILE B 168 25.48 -22.35 -14.69
CA ILE B 168 26.12 -21.08 -15.07
C ILE B 168 25.18 -20.21 -15.89
N TYR B 169 24.99 -18.97 -15.43
CA TYR B 169 24.10 -18.00 -16.06
C TYR B 169 24.91 -16.78 -16.49
N ASN B 170 25.11 -16.62 -17.80
CA ASN B 170 25.79 -15.45 -18.35
C ASN B 170 24.80 -14.48 -18.92
N GLY B 171 24.75 -13.27 -18.36
CA GLY B 171 23.89 -12.21 -18.88
C GLY B 171 22.43 -12.29 -18.53
N ILE B 172 22.06 -13.34 -17.81
CA ILE B 172 20.72 -13.51 -17.26
C ILE B 172 20.82 -13.89 -15.78
N THR B 173 19.82 -13.53 -14.99
CA THR B 173 19.80 -13.81 -13.56
C THR B 173 19.30 -15.23 -13.27
N ASP B 174 19.60 -15.76 -12.08
CA ASP B 174 18.98 -17.00 -11.63
C ASP B 174 17.71 -16.68 -10.85
N TRP B 175 17.07 -17.70 -10.26
CA TRP B 175 15.79 -17.46 -9.59
C TRP B 175 15.83 -16.34 -8.56
N VAL B 176 16.81 -16.37 -7.67
CA VAL B 176 16.81 -15.45 -6.54
C VAL B 176 17.16 -14.02 -6.96
N TYR B 177 18.14 -13.89 -7.86
CA TYR B 177 18.53 -12.58 -8.32
C TYR B 177 17.41 -11.95 -9.13
N GLU B 178 16.70 -12.77 -9.91
CA GLU B 178 15.54 -12.30 -10.67
C GLU B 178 14.46 -11.74 -9.73
N GLU B 179 14.06 -12.54 -8.74
CA GLU B 179 12.92 -12.17 -7.91
C GLU B 179 13.22 -11.16 -6.80
N GLU B 180 14.43 -11.18 -6.25
CA GLU B 180 14.72 -10.35 -5.07
C GLU B 180 15.78 -9.28 -5.19
N VAL B 181 16.62 -9.36 -6.22
CA VAL B 181 17.70 -8.40 -6.37
C VAL B 181 17.45 -7.44 -7.52
N PHE B 182 17.34 -7.96 -8.75
CA PHE B 182 17.18 -7.10 -9.94
C PHE B 182 15.75 -6.88 -10.44
N SER B 183 14.79 -7.67 -9.98
CA SER B 183 13.41 -7.58 -10.48
C SER B 183 13.40 -7.66 -12.01
N ALA B 184 14.23 -8.54 -12.55
CA ALA B 184 14.44 -8.62 -13.98
C ALA B 184 15.21 -9.89 -14.31
N TYR B 185 14.96 -10.43 -15.49
CA TYR B 185 15.69 -11.58 -15.97
C TYR B 185 17.07 -11.21 -16.48
N SER B 186 17.19 -10.02 -17.07
CA SER B 186 18.46 -9.68 -17.71
C SER B 186 19.54 -9.24 -16.74
N ALA B 187 20.78 -9.45 -17.18
CA ALA B 187 21.97 -9.02 -16.44
C ALA B 187 23.02 -8.56 -17.46
N LEU B 188 22.56 -7.76 -18.43
CA LEU B 188 23.41 -7.12 -19.45
C LEU B 188 23.28 -5.62 -19.29
N TRP B 189 24.36 -4.88 -19.51
CA TRP B 189 24.26 -3.41 -19.44
C TRP B 189 25.13 -2.75 -20.52
N TRP B 190 24.48 -2.17 -21.53
CA TRP B 190 25.20 -1.47 -22.58
C TRP B 190 25.73 -0.16 -22.02
N SER B 191 26.96 0.19 -22.39
CA SER B 191 27.48 1.49 -22.01
C SER B 191 26.68 2.52 -22.79
N PRO B 192 26.64 3.78 -22.30
CA PRO B 192 25.76 4.77 -22.91
C PRO B 192 25.78 4.84 -24.45
N ASN B 193 26.94 4.66 -25.08
CA ASN B 193 26.97 4.71 -26.56
C ASN B 193 27.13 3.36 -27.27
N GLY B 194 27.00 2.26 -26.53
CA GLY B 194 27.12 0.93 -27.08
C GLY B 194 28.54 0.38 -27.30
N THR B 195 29.55 1.11 -26.84
CA THR B 195 30.91 0.59 -26.96
C THR B 195 31.13 -0.67 -26.10
N PHE B 196 30.78 -0.58 -24.81
CA PHE B 196 31.03 -1.67 -23.87
C PHE B 196 29.73 -2.36 -23.50
N LEU B 197 29.84 -3.65 -23.20
CA LEU B 197 28.71 -4.44 -22.73
C LEU B 197 29.08 -5.10 -21.40
N ALA B 198 28.47 -4.63 -20.32
CA ALA B 198 28.77 -5.13 -19.01
C ALA B 198 27.80 -6.27 -18.70
N TYR B 199 28.29 -7.31 -18.02
CA TYR B 199 27.43 -8.41 -17.67
C TYR B 199 27.80 -9.13 -16.36
N ALA B 200 26.83 -9.87 -15.84
CA ALA B 200 27.02 -10.65 -14.62
C ALA B 200 27.00 -12.13 -14.95
N GLN B 201 27.78 -12.90 -14.20
CA GLN B 201 27.74 -14.34 -14.30
C GLN B 201 27.30 -14.87 -12.95
N PHE B 202 26.33 -15.80 -12.95
CA PHE B 202 25.91 -16.43 -11.71
C PHE B 202 26.28 -17.91 -11.71
N ASN B 203 26.79 -18.37 -10.58
CA ASN B 203 27.18 -19.75 -10.40
C ASN B 203 26.26 -20.35 -9.35
N ASP B 204 25.47 -21.34 -9.74
CA ASP B 204 24.50 -21.99 -8.84
C ASP B 204 24.90 -23.40 -8.46
N THR B 205 26.17 -23.74 -8.66
CA THR B 205 26.64 -25.11 -8.47
C THR B 205 26.10 -25.75 -7.18
N GLU B 206 26.37 -25.11 -6.04
CA GLU B 206 26.06 -25.68 -4.74
C GLU B 206 24.75 -25.22 -4.13
N VAL B 207 23.90 -24.61 -4.95
CA VAL B 207 22.59 -24.13 -4.50
C VAL B 207 21.60 -25.31 -4.53
N PRO B 208 20.89 -25.57 -3.41
CA PRO B 208 19.98 -26.72 -3.45
C PRO B 208 18.76 -26.45 -4.34
N LEU B 209 18.07 -27.53 -4.70
CA LEU B 209 16.93 -27.46 -5.60
C LEU B 209 15.61 -27.67 -4.88
N ILE B 210 14.60 -26.89 -5.25
CA ILE B 210 13.25 -27.14 -4.80
C ILE B 210 12.62 -28.00 -5.88
N GLU B 211 11.97 -29.07 -5.45
CA GLU B 211 11.38 -30.01 -6.36
C GLU B 211 9.90 -30.05 -6.07
N TYR B 212 9.09 -29.87 -7.11
CA TYR B 212 7.65 -29.96 -7.02
C TYR B 212 7.05 -30.54 -8.30
N SER B 213 5.84 -31.09 -8.17
CA SER B 213 5.18 -31.71 -9.28
C SER B 213 4.47 -30.69 -10.19
N PHE B 214 4.66 -30.85 -11.49
CA PHE B 214 3.82 -30.17 -12.47
C PHE B 214 3.00 -31.24 -13.12
N TYR B 215 1.68 -31.07 -13.10
CA TYR B 215 0.81 -32.11 -13.61
C TYR B 215 0.55 -31.98 -15.11
N SER B 216 0.57 -30.75 -15.61
CA SER B 216 0.41 -30.45 -17.04
C SER B 216 -0.98 -30.81 -17.60
N ASP B 217 -1.08 -30.96 -18.92
CA ASP B 217 -2.34 -31.32 -19.57
C ASP B 217 -2.76 -32.71 -19.09
N GLU B 218 -4.05 -33.04 -19.16
CA GLU B 218 -4.50 -34.35 -18.71
C GLU B 218 -3.95 -35.54 -19.53
N SER B 219 -3.35 -35.25 -20.67
CA SER B 219 -2.79 -36.29 -21.54
C SER B 219 -1.38 -36.72 -21.09
N LEU B 220 -0.78 -35.96 -20.18
CA LEU B 220 0.50 -36.31 -19.58
C LEU B 220 0.25 -37.44 -18.55
N GLN B 221 0.78 -38.63 -18.85
CA GLN B 221 0.53 -39.79 -18.01
C GLN B 221 1.26 -39.75 -16.66
N TYR B 222 2.52 -39.32 -16.69
CA TYR B 222 3.32 -39.26 -15.49
C TYR B 222 3.62 -37.81 -15.21
N PRO B 223 3.30 -37.32 -14.01
CA PRO B 223 3.62 -35.94 -13.73
C PRO B 223 5.11 -35.67 -13.88
N LYS B 224 5.42 -34.44 -14.28
CA LYS B 224 6.78 -33.96 -14.41
C LYS B 224 7.22 -33.50 -13.02
N THR B 225 8.52 -33.51 -12.77
CA THR B 225 9.07 -32.89 -11.56
C THR B 225 9.90 -31.69 -11.98
N VAL B 226 9.56 -30.52 -11.46
CA VAL B 226 10.26 -29.29 -11.77
C VAL B 226 11.36 -29.09 -10.73
N ARG B 227 12.56 -28.73 -11.18
CA ARG B 227 13.71 -28.59 -10.30
C ARG B 227 14.34 -27.21 -10.49
N VAL B 228 14.25 -26.36 -9.48
CA VAL B 228 14.79 -25.01 -9.55
C VAL B 228 15.84 -24.80 -8.45
N PRO B 229 17.03 -24.28 -8.82
CA PRO B 229 18.01 -23.79 -7.85
C PRO B 229 17.39 -22.66 -7.03
N TYR B 230 17.18 -22.92 -5.74
CA TYR B 230 16.44 -22.01 -4.88
C TYR B 230 17.05 -22.05 -3.50
N PRO B 231 17.73 -20.95 -3.09
CA PRO B 231 18.37 -20.94 -1.78
C PRO B 231 17.37 -20.51 -0.72
N LYS B 232 17.03 -21.44 0.17
CA LYS B 232 16.18 -21.10 1.31
C LYS B 232 17.06 -20.45 2.37
N ALA B 233 16.46 -19.69 3.28
CA ALA B 233 17.23 -19.00 4.33
C ALA B 233 18.31 -19.90 4.85
N GLY B 234 19.55 -19.42 4.86
CA GLY B 234 20.67 -20.14 5.46
C GLY B 234 21.40 -21.13 4.57
N ALA B 235 20.89 -21.30 3.35
CA ALA B 235 21.45 -22.26 2.39
C ALA B 235 22.57 -21.63 1.58
N VAL B 236 23.19 -22.41 0.72
CA VAL B 236 24.27 -21.89 -0.09
C VAL B 236 23.68 -20.98 -1.15
N ASN B 237 24.06 -19.70 -1.09
CA ASN B 237 23.70 -18.71 -2.08
C ASN B 237 24.52 -18.84 -3.35
N PRO B 238 23.93 -18.42 -4.50
CA PRO B 238 24.69 -18.30 -5.75
C PRO B 238 25.84 -17.31 -5.63
N THR B 239 26.96 -17.61 -6.27
CA THR B 239 28.06 -16.66 -6.31
C THR B 239 27.93 -15.82 -7.58
N VAL B 240 28.60 -14.67 -7.60
CA VAL B 240 28.51 -13.74 -8.71
C VAL B 240 29.86 -13.17 -9.15
N LYS B 241 30.07 -13.12 -10.46
CA LYS B 241 31.21 -12.42 -11.04
C LYS B 241 30.73 -11.34 -11.99
N PHE B 242 31.54 -10.30 -12.19
CA PHE B 242 31.18 -9.22 -13.08
C PHE B 242 32.20 -8.99 -14.20
N PHE B 243 31.69 -8.74 -15.40
CA PHE B 243 32.54 -8.55 -16.59
C PHE B 243 32.14 -7.36 -17.44
N VAL B 244 33.08 -6.89 -18.27
CA VAL B 244 32.84 -5.84 -19.25
C VAL B 244 33.58 -6.25 -20.52
N VAL B 245 32.88 -6.21 -21.65
CA VAL B 245 33.49 -6.51 -22.93
C VAL B 245 33.33 -5.35 -23.91
N ASN B 246 34.43 -4.96 -24.54
CA ASN B 246 34.42 -3.94 -25.60
C ASN B 246 33.90 -4.55 -26.89
N THR B 247 32.73 -4.11 -27.34
CA THR B 247 32.09 -4.70 -28.53
C THR B 247 32.62 -4.16 -29.86
N ASP B 248 33.54 -3.19 -29.82
CA ASP B 248 34.10 -2.63 -31.05
C ASP B 248 35.33 -3.39 -31.51
N SER B 249 35.97 -4.11 -30.58
CA SER B 249 37.19 -4.86 -30.90
C SER B 249 36.94 -6.38 -31.05
N LEU B 250 35.67 -6.77 -31.09
CA LEU B 250 35.28 -8.15 -31.41
C LEU B 250 35.78 -8.50 -32.80
N SER B 251 36.25 -9.73 -32.96
CA SER B 251 36.66 -10.26 -34.28
C SER B 251 36.13 -11.68 -34.49
N SER B 252 35.80 -12.02 -35.73
CA SER B 252 35.34 -13.37 -36.03
C SER B 252 36.51 -14.37 -36.11
N VAL B 253 37.71 -13.88 -35.81
CA VAL B 253 38.91 -14.72 -35.81
C VAL B 253 39.31 -15.20 -34.41
N THR B 254 39.22 -14.32 -33.41
CA THR B 254 39.57 -14.71 -32.04
C THR B 254 38.34 -14.64 -31.11
N ASN B 255 38.34 -15.44 -30.05
CA ASN B 255 37.30 -15.35 -29.02
C ASN B 255 37.41 -13.99 -28.34
N ALA B 256 36.26 -13.40 -28.00
CA ALA B 256 36.19 -12.09 -27.37
C ALA B 256 36.75 -12.08 -25.95
N THR B 257 37.38 -10.98 -25.57
CA THR B 257 37.98 -10.85 -24.23
C THR B 257 37.10 -10.07 -23.26
N SER B 258 36.81 -10.66 -22.12
CA SER B 258 35.97 -10.04 -21.10
C SER B 258 36.80 -9.66 -19.90
N ILE B 259 36.82 -8.38 -19.56
CA ILE B 259 37.59 -7.90 -18.44
C ILE B 259 36.79 -8.08 -17.16
N GLN B 260 37.34 -8.83 -16.21
CA GLN B 260 36.68 -8.99 -14.94
C GLN B 260 36.88 -7.77 -14.06
N ILE B 261 35.81 -7.38 -13.37
CA ILE B 261 35.91 -6.38 -12.33
C ILE B 261 35.52 -7.10 -11.06
N THR B 262 36.49 -7.22 -10.15
CA THR B 262 36.27 -7.93 -8.90
C THR B 262 35.68 -7.00 -7.85
N ALA B 263 34.91 -7.57 -6.93
CA ALA B 263 34.31 -6.85 -5.82
C ALA B 263 35.40 -6.31 -4.88
N PRO B 264 35.11 -5.23 -4.13
CA PRO B 264 36.07 -4.71 -3.14
C PRO B 264 36.47 -5.75 -2.10
N ALA B 265 37.59 -5.53 -1.42
CA ALA B 265 38.11 -6.48 -0.44
C ALA B 265 37.07 -6.83 0.62
N SER B 266 36.38 -5.81 1.14
CA SER B 266 35.40 -5.97 2.20
C SER B 266 34.17 -6.83 1.84
N MET B 267 34.06 -7.23 0.57
CA MET B 267 32.96 -8.09 0.10
C MET B 267 33.43 -9.52 -0.14
N LEU B 268 34.65 -9.66 -0.65
CA LEU B 268 35.26 -10.97 -0.91
C LEU B 268 35.56 -11.75 0.38
N ILE B 269 35.32 -11.09 1.50
CA ILE B 269 35.62 -11.61 2.82
C ILE B 269 34.58 -12.65 3.27
N GLY B 270 33.40 -12.60 2.67
CA GLY B 270 32.31 -13.54 2.97
C GLY B 270 31.30 -13.57 1.85
N ASP B 271 30.12 -14.12 2.11
CA ASP B 271 29.03 -14.09 1.13
C ASP B 271 28.55 -12.67 0.83
N HIS B 272 28.43 -12.33 -0.45
CA HIS B 272 27.94 -11.00 -0.85
C HIS B 272 27.01 -11.08 -2.04
N TYR B 273 26.46 -9.93 -2.43
CA TYR B 273 25.64 -9.83 -3.62
C TYR B 273 26.09 -8.65 -4.46
N LEU B 274 25.81 -8.73 -5.76
CA LEU B 274 25.89 -7.59 -6.67
C LEU B 274 24.48 -7.01 -6.71
N CYS B 275 24.32 -5.79 -6.20
CA CYS B 275 22.95 -5.27 -6.06
C CYS B 275 22.58 -4.12 -7.02
N ASP B 276 23.55 -3.53 -7.70
CA ASP B 276 23.28 -2.40 -8.61
C ASP B 276 24.40 -2.15 -9.60
N VAL B 277 24.00 -1.88 -10.85
CA VAL B 277 24.91 -1.54 -11.93
C VAL B 277 24.36 -0.30 -12.63
N THR B 278 25.17 0.74 -12.71
CA THR B 278 24.76 1.99 -13.35
C THR B 278 25.97 2.62 -14.05
N TRP B 279 25.97 2.60 -15.39
CA TRP B 279 26.97 3.36 -16.17
C TRP B 279 26.94 4.87 -15.87
N ALA B 280 28.11 5.48 -15.74
CA ALA B 280 28.22 6.92 -15.44
C ALA B 280 28.59 7.78 -16.67
N THR B 281 29.38 7.22 -17.58
CA THR B 281 29.74 7.87 -18.83
C THR B 281 30.11 6.77 -19.81
N GLN B 282 30.63 7.16 -20.98
CA GLN B 282 31.14 6.19 -21.95
C GLN B 282 32.19 5.26 -21.35
N GLU B 283 32.94 5.74 -20.37
CA GLU B 283 34.06 4.98 -19.83
C GLU B 283 34.10 4.86 -18.31
N ARG B 284 32.93 4.96 -17.67
CA ARG B 284 32.86 4.90 -16.22
C ARG B 284 31.60 4.19 -15.82
N ILE B 285 31.75 3.13 -15.04
CA ILE B 285 30.61 2.34 -14.59
C ILE B 285 30.63 2.31 -13.07
N SER B 286 29.46 2.32 -12.45
CA SER B 286 29.38 2.19 -11.00
C SER B 286 28.69 0.92 -10.57
N LEU B 287 29.32 0.27 -9.60
CA LEU B 287 28.85 -0.98 -9.04
C LEU B 287 28.41 -0.79 -7.59
N GLN B 288 27.39 -1.52 -7.17
CA GLN B 288 27.04 -1.55 -5.76
C GLN B 288 26.98 -2.99 -5.30
N TRP B 289 27.69 -3.25 -4.21
CA TRP B 289 27.74 -4.59 -3.67
C TRP B 289 27.19 -4.58 -2.25
N LEU B 290 26.65 -5.74 -1.84
CA LEU B 290 26.00 -5.88 -0.55
C LEU B 290 26.50 -7.15 0.14
N ARG B 291 26.80 -7.07 1.42
CA ARG B 291 27.13 -8.26 2.21
C ARG B 291 25.88 -9.10 2.48
N ARG B 292 26.05 -10.41 2.64
CA ARG B 292 24.92 -11.29 2.91
C ARG B 292 24.12 -10.85 4.13
N ILE B 293 24.83 -10.38 5.16
CA ILE B 293 24.18 -9.63 6.23
C ILE B 293 24.01 -8.24 5.63
N GLN B 294 22.78 -7.95 5.19
CA GLN B 294 22.51 -6.81 4.31
C GLN B 294 22.48 -5.40 4.95
N ASN B 295 23.36 -5.17 5.93
CA ASN B 295 23.45 -3.85 6.55
C ASN B 295 24.67 -3.04 6.09
N TYR B 296 25.44 -3.59 5.16
CA TYR B 296 26.68 -2.94 4.73
C TYR B 296 26.83 -3.07 3.23
N SER B 297 26.86 -1.94 2.54
CA SER B 297 27.06 -1.91 1.10
C SER B 297 28.17 -0.96 0.71
N VAL B 298 28.78 -1.27 -0.43
CA VAL B 298 29.92 -0.53 -0.95
C VAL B 298 29.67 -0.21 -2.41
N MET B 299 29.71 1.07 -2.75
CA MET B 299 29.68 1.50 -4.14
C MET B 299 31.10 1.67 -4.69
N ASP B 300 31.38 0.96 -5.78
CA ASP B 300 32.64 1.10 -6.52
C ASP B 300 32.43 1.87 -7.81
N ILE B 301 33.32 2.82 -8.07
CA ILE B 301 33.25 3.61 -9.30
C ILE B 301 34.49 3.27 -10.10
N CYS B 302 34.30 2.66 -11.26
CA CYS B 302 35.39 2.11 -12.04
C CYS B 302 35.57 2.81 -13.38
N ASP B 303 36.83 3.03 -13.76
CA ASP B 303 37.19 3.72 -14.99
C ASP B 303 37.97 2.82 -15.92
N TYR B 304 37.67 2.95 -17.21
CA TYR B 304 38.41 2.26 -18.26
C TYR B 304 39.77 2.90 -18.41
N ASP B 305 40.80 2.07 -18.58
CA ASP B 305 42.14 2.58 -18.84
C ASP B 305 42.53 2.33 -20.30
N GLU B 306 42.80 3.41 -21.03
CA GLU B 306 43.02 3.37 -22.49
C GLU B 306 44.11 2.42 -22.94
N SER B 307 45.31 2.56 -22.37
CA SER B 307 46.47 1.77 -22.78
C SER B 307 46.39 0.30 -22.35
N SER B 308 45.67 0.04 -21.27
CA SER B 308 45.52 -1.31 -20.72
C SER B 308 44.41 -2.08 -21.40
N GLY B 309 43.24 -1.45 -21.46
CA GLY B 309 42.04 -2.12 -21.92
C GLY B 309 41.33 -2.74 -20.74
N ARG B 310 41.80 -2.40 -19.54
CA ARG B 310 41.27 -2.98 -18.30
C ARG B 310 40.59 -1.89 -17.46
N TRP B 311 39.75 -2.33 -16.53
CA TRP B 311 39.01 -1.39 -15.68
C TRP B 311 39.61 -1.28 -14.28
N ASN B 312 39.61 -0.07 -13.72
CA ASN B 312 40.14 0.16 -12.37
C ASN B 312 39.21 0.95 -11.44
N CYS B 313 38.92 0.38 -10.27
CA CYS B 313 38.05 1.03 -9.30
C CYS B 313 38.87 1.56 -8.14
N LEU B 314 39.30 2.81 -8.25
CA LEU B 314 40.08 3.48 -7.22
C LEU B 314 39.38 3.40 -5.86
N VAL B 315 40.13 3.04 -4.83
CA VAL B 315 39.58 2.93 -3.47
C VAL B 315 39.18 4.31 -2.89
N ALA B 316 39.78 5.37 -3.41
CA ALA B 316 39.42 6.73 -3.04
C ALA B 316 38.04 7.15 -3.57
N ARG B 317 37.52 6.43 -4.57
CA ARG B 317 36.21 6.72 -5.14
C ARG B 317 35.12 5.81 -4.56
N GLN B 318 35.51 4.98 -3.60
CA GLN B 318 34.62 3.99 -3.02
C GLN B 318 33.65 4.64 -2.04
N HIS B 319 32.38 4.25 -2.10
CA HIS B 319 31.38 4.82 -1.19
C HIS B 319 30.69 3.78 -0.31
N ILE B 320 30.75 4.01 0.99
CA ILE B 320 30.16 3.10 1.96
C ILE B 320 28.79 3.61 2.33
N GLU B 321 27.84 2.67 2.43
CA GLU B 321 26.50 2.95 2.89
C GLU B 321 26.15 1.79 3.81
N MET B 322 25.68 2.11 5.01
CA MET B 322 25.39 1.11 6.02
C MET B 322 24.23 1.54 6.87
N SER B 323 23.80 0.66 7.77
CA SER B 323 22.70 0.98 8.68
C SER B 323 22.95 0.33 10.01
N THR B 324 22.73 1.06 11.09
CA THR B 324 22.86 0.49 12.42
C THR B 324 21.54 -0.06 12.96
N THR B 325 20.41 0.36 12.37
CA THR B 325 19.10 -0.05 12.89
C THR B 325 18.36 -1.06 12.02
N GLY B 326 18.94 -1.43 10.89
CA GLY B 326 18.30 -2.37 9.99
C GLY B 326 19.13 -2.65 8.77
N TRP B 327 18.44 -2.89 7.65
CA TRP B 327 19.08 -3.19 6.38
C TRP B 327 19.37 -1.88 5.61
N VAL B 328 20.05 -1.97 4.47
CA VAL B 328 20.36 -0.79 3.65
C VAL B 328 19.39 -0.60 2.47
N GLY B 329 18.80 0.58 2.36
CA GLY B 329 17.81 0.87 1.31
C GLY B 329 16.46 0.28 1.66
N ARG B 330 15.44 0.62 0.87
CA ARG B 330 14.10 0.07 1.06
C ARG B 330 14.02 -1.46 0.83
N PHE B 331 14.55 -1.92 -0.30
CA PHE B 331 14.66 -3.35 -0.61
C PHE B 331 16.06 -3.70 -1.09
N ARG B 332 16.85 -2.66 -1.35
CA ARG B 332 18.24 -2.77 -1.77
C ARG B 332 18.74 -1.33 -1.81
N PRO B 333 20.08 -1.13 -1.80
CA PRO B 333 20.57 0.23 -1.95
C PRO B 333 19.99 0.92 -3.18
N SER B 334 19.86 2.23 -3.09
CA SER B 334 19.30 3.03 -4.17
C SER B 334 20.32 3.18 -5.29
N GLU B 335 19.83 3.47 -6.49
CA GLU B 335 20.75 3.66 -7.63
C GLU B 335 21.16 5.14 -7.73
N PRO B 336 22.41 5.39 -8.18
CA PRO B 336 22.90 6.75 -8.37
C PRO B 336 22.50 7.35 -9.72
N HIS B 337 22.35 8.66 -9.75
CA HIS B 337 22.08 9.36 -10.98
C HIS B 337 23.26 10.32 -11.19
N PHE B 338 24.03 10.07 -12.23
CA PHE B 338 25.24 10.82 -12.47
C PHE B 338 25.00 12.08 -13.27
N THR B 339 25.78 13.12 -12.99
CA THR B 339 25.81 14.28 -13.86
C THR B 339 26.51 13.88 -15.17
N LEU B 340 26.20 14.60 -16.24
CA LEU B 340 26.76 14.32 -17.56
C LEU B 340 28.25 13.97 -17.51
N ASP B 341 29.05 14.77 -16.81
CA ASP B 341 30.50 14.50 -16.75
C ASP B 341 30.90 13.37 -15.78
N GLY B 342 29.92 12.66 -15.23
CA GLY B 342 30.15 11.54 -14.33
C GLY B 342 31.07 11.83 -13.16
N ASN B 343 31.14 13.10 -12.76
CA ASN B 343 32.01 13.50 -11.64
C ASN B 343 31.26 13.62 -10.33
N SER B 344 29.94 13.63 -10.42
CA SER B 344 29.07 13.75 -9.27
C SER B 344 27.85 12.88 -9.46
N PHE B 345 27.10 12.69 -8.39
CA PHE B 345 25.88 11.94 -8.48
C PHE B 345 24.91 12.24 -7.37
N TYR B 346 23.63 11.99 -7.66
CA TYR B 346 22.56 12.15 -6.70
C TYR B 346 22.03 10.77 -6.41
N LYS B 347 21.75 10.49 -5.14
CA LYS B 347 21.34 9.16 -4.70
C LYS B 347 20.50 9.29 -3.44
N ILE B 348 19.43 8.50 -3.36
CA ILE B 348 18.56 8.49 -2.19
C ILE B 348 19.17 7.67 -1.05
N ILE B 349 19.34 8.31 0.10
CA ILE B 349 19.75 7.63 1.33
C ILE B 349 19.01 8.26 2.52
N SER B 350 19.00 7.56 3.65
CA SER B 350 18.31 8.10 4.83
C SER B 350 19.18 9.10 5.58
N ASN B 351 18.58 10.25 5.89
CA ASN B 351 19.27 11.27 6.66
C ASN B 351 19.47 10.86 8.12
N GLU B 352 20.15 11.71 8.86
CA GLU B 352 20.54 11.43 10.24
C GLU B 352 19.35 11.05 11.13
N GLU B 353 18.14 11.31 10.67
CA GLU B 353 16.99 10.99 11.48
C GLU B 353 15.96 10.07 10.81
N GLY B 354 16.47 9.14 10.01
CA GLY B 354 15.69 8.05 9.45
C GLY B 354 14.83 8.40 8.25
N TYR B 355 15.01 9.60 7.69
CA TYR B 355 14.25 9.97 6.50
C TYR B 355 15.05 9.92 5.20
N ARG B 356 14.49 9.19 4.23
CA ARG B 356 15.14 9.04 2.92
C ARG B 356 15.01 10.30 2.06
N HIS B 357 16.17 10.87 1.74
CA HIS B 357 16.26 12.11 1.01
C HIS B 357 17.40 12.08 -0.02
N ILE B 358 17.41 13.04 -0.94
CA ILE B 358 18.39 13.07 -2.02
C ILE B 358 19.72 13.61 -1.52
N CYS B 359 20.77 12.80 -1.63
CA CYS B 359 22.09 13.25 -1.27
C CYS B 359 22.94 13.54 -2.50
N TYR B 360 23.67 14.66 -2.45
CA TYR B 360 24.56 15.03 -3.53
C TYR B 360 25.98 14.60 -3.22
N PHE B 361 26.55 13.76 -4.10
CA PHE B 361 27.89 13.24 -3.87
C PHE B 361 28.86 13.72 -4.92
N GLN B 362 30.07 14.04 -4.47
CA GLN B 362 31.21 14.18 -5.36
C GLN B 362 31.87 12.82 -5.41
N ILE B 363 32.39 12.46 -6.57
CA ILE B 363 32.97 11.14 -6.78
C ILE B 363 34.17 10.87 -5.86
N ASP B 364 34.82 11.96 -5.45
CA ASP B 364 36.06 11.94 -4.67
C ASP B 364 35.84 12.03 -3.16
N LYS B 365 34.75 12.64 -2.73
CA LYS B 365 34.54 12.88 -1.31
C LYS B 365 33.63 11.84 -0.63
N LYS B 366 33.89 11.59 0.65
CA LYS B 366 33.06 10.69 1.46
C LYS B 366 31.71 11.30 1.82
N ASP B 367 31.75 12.52 2.33
CA ASP B 367 30.54 13.23 2.77
C ASP B 367 29.75 13.79 1.60
N CYS B 368 28.44 13.66 1.68
CA CYS B 368 27.55 14.31 0.74
C CYS B 368 26.73 15.35 1.51
N THR B 369 26.01 16.18 0.78
CA THR B 369 25.09 17.12 1.40
C THR B 369 23.66 16.76 0.95
N PHE B 370 22.75 16.76 1.91
CA PHE B 370 21.35 16.51 1.59
C PHE B 370 20.75 17.74 0.94
N ILE B 371 20.10 17.54 -0.18
CA ILE B 371 19.49 18.65 -0.93
C ILE B 371 17.99 18.74 -0.64
N THR B 372 17.43 17.69 -0.05
CA THR B 372 16.06 17.70 0.47
C THR B 372 16.07 17.34 1.95
N LYS B 373 15.09 17.87 2.69
CA LYS B 373 14.95 17.63 4.12
C LYS B 373 13.48 17.54 4.41
N GLY B 374 13.12 16.90 5.51
CA GLY B 374 11.76 16.91 5.96
C GLY B 374 11.33 15.64 6.62
N THR B 375 10.14 15.68 7.22
CA THR B 375 9.54 14.53 7.85
C THR B 375 8.65 13.87 6.82
N TRP B 376 9.23 13.64 5.65
CA TRP B 376 8.59 12.95 4.56
C TRP B 376 9.75 12.27 3.83
N GLU B 377 9.50 11.63 2.70
CA GLU B 377 10.54 10.90 2.01
C GLU B 377 10.44 11.07 0.52
N VAL B 378 11.59 11.01 -0.15
CA VAL B 378 11.64 11.02 -1.60
C VAL B 378 11.46 9.59 -2.07
N ILE B 379 10.55 9.39 -3.01
CA ILE B 379 10.27 8.05 -3.50
C ILE B 379 11.29 7.64 -4.56
N GLY B 380 11.39 8.43 -5.63
CA GLY B 380 12.41 8.18 -6.66
C GLY B 380 12.90 9.42 -7.38
N ILE B 381 14.17 9.41 -7.79
CA ILE B 381 14.68 10.42 -8.70
C ILE B 381 14.26 10.05 -10.14
N GLU B 382 13.50 10.92 -10.78
CA GLU B 382 12.93 10.61 -12.10
C GLU B 382 13.73 11.14 -13.31
N ALA B 383 14.52 12.19 -13.13
CA ALA B 383 15.35 12.75 -14.19
C ALA B 383 16.20 13.87 -13.65
N LEU B 384 17.40 14.02 -14.19
CA LEU B 384 18.20 15.19 -13.93
C LEU B 384 18.80 15.77 -15.20
N THR B 385 18.81 17.10 -15.26
CA THR B 385 19.34 17.85 -16.40
C THR B 385 20.44 18.76 -15.84
N SER B 386 20.84 19.77 -16.62
CA SER B 386 21.84 20.72 -16.20
C SER B 386 21.38 21.50 -14.97
N ASP B 387 20.18 22.06 -15.04
CA ASP B 387 19.70 23.00 -14.01
C ASP B 387 18.75 22.37 -12.99
N TYR B 388 18.14 21.24 -13.34
CA TYR B 388 17.07 20.69 -12.51
C TYR B 388 17.16 19.21 -12.22
N LEU B 389 16.67 18.84 -11.04
CA LEU B 389 16.49 17.45 -10.62
C LEU B 389 15.00 17.24 -10.42
N TYR B 390 14.49 16.15 -10.98
CA TYR B 390 13.07 15.84 -10.92
C TYR B 390 12.92 14.61 -10.04
N TYR B 391 12.01 14.69 -9.08
CA TYR B 391 11.79 13.57 -8.15
C TYR B 391 10.33 13.46 -7.71
N ILE B 392 9.93 12.24 -7.35
CA ILE B 392 8.59 11.93 -6.85
C ILE B 392 8.71 11.81 -5.33
N SER B 393 7.81 12.44 -4.58
CA SER B 393 7.84 12.36 -3.12
C SER B 393 6.45 12.39 -2.53
N ASN B 394 6.33 12.16 -1.22
CA ASN B 394 5.05 12.19 -0.51
C ASN B 394 4.96 13.37 0.47
N GLU B 395 5.57 14.49 0.09
CA GLU B 395 5.59 15.66 0.95
C GLU B 395 4.23 16.34 1.05
N TYR B 396 3.54 16.45 -0.09
CA TYR B 396 2.30 17.19 -0.17
C TYR B 396 1.30 16.86 0.92
N LYS B 397 1.06 17.84 1.80
CA LYS B 397 0.05 17.76 2.86
C LYS B 397 0.36 16.71 3.92
N GLY B 398 1.63 16.29 3.97
CA GLY B 398 2.09 15.31 4.93
C GLY B 398 1.32 14.01 4.85
N MET B 399 1.01 13.59 3.62
CA MET B 399 0.31 12.35 3.33
C MET B 399 1.29 11.35 2.75
N PRO B 400 1.74 10.39 3.56
CA PRO B 400 2.71 9.39 3.12
C PRO B 400 2.24 8.54 1.94
N GLY B 401 0.93 8.43 1.77
CA GLY B 401 0.35 7.61 0.71
C GLY B 401 0.01 8.38 -0.54
N GLY B 402 0.37 9.67 -0.56
CA GLY B 402 0.28 10.52 -1.76
C GLY B 402 1.59 10.52 -2.54
N ARG B 403 1.54 10.95 -3.80
CA ARG B 403 2.72 11.00 -4.67
C ARG B 403 2.60 12.19 -5.61
N ASN B 404 3.61 13.04 -5.61
CA ASN B 404 3.66 14.17 -6.52
C ASN B 404 5.03 14.39 -7.13
N LEU B 405 5.04 14.94 -8.35
CA LEU B 405 6.27 15.26 -9.07
C LEU B 405 6.82 16.62 -8.63
N TYR B 406 8.09 16.66 -8.28
CA TYR B 406 8.72 17.89 -7.83
C TYR B 406 9.93 18.23 -8.67
N LYS B 407 10.36 19.49 -8.56
CA LYS B 407 11.44 20.02 -9.35
C LYS B 407 12.32 20.85 -8.43
N ILE B 408 13.57 20.42 -8.22
CA ILE B 408 14.53 21.20 -7.41
C ILE B 408 15.64 21.79 -8.27
N GLN B 409 15.90 23.08 -8.07
CA GLN B 409 16.94 23.78 -8.80
C GLN B 409 18.33 23.44 -8.26
N LEU B 410 19.18 22.90 -9.13
CA LEU B 410 20.50 22.38 -8.75
C LEU B 410 21.45 23.41 -8.16
N SER B 411 21.17 24.68 -8.38
CA SER B 411 22.06 25.72 -7.91
C SER B 411 21.43 26.50 -6.76
N ASP B 412 20.21 26.14 -6.39
CA ASP B 412 19.56 26.73 -5.23
C ASP B 412 18.54 25.75 -4.70
N TYR B 413 18.93 25.05 -3.63
CA TYR B 413 18.12 24.00 -3.02
C TYR B 413 16.80 24.48 -2.44
N THR B 414 16.74 25.75 -2.05
CA THR B 414 15.50 26.34 -1.56
C THR B 414 14.52 26.68 -2.69
N LYS B 415 14.94 26.47 -3.94
CA LYS B 415 14.03 26.63 -5.09
C LYS B 415 13.44 25.29 -5.52
N VAL B 416 12.36 24.90 -4.84
CA VAL B 416 11.64 23.66 -5.11
C VAL B 416 10.25 24.00 -5.63
N THR B 417 9.91 23.47 -6.80
CA THR B 417 8.57 23.64 -7.35
C THR B 417 7.85 22.30 -7.38
N CYS B 418 6.59 22.27 -6.92
CA CYS B 418 5.76 21.11 -7.18
C CYS B 418 5.14 21.25 -8.56
N LEU B 419 5.27 20.22 -9.38
CA LEU B 419 4.78 20.26 -10.76
C LEU B 419 3.41 19.62 -10.95
N SER B 420 2.97 18.84 -9.95
CA SER B 420 1.74 18.09 -10.09
C SER B 420 0.73 18.36 -9.00
N CYS B 421 1.17 19.00 -7.92
CA CYS B 421 0.34 19.22 -6.74
C CYS B 421 -0.98 19.88 -7.04
N GLU B 422 -0.92 20.97 -7.80
CA GLU B 422 -2.06 21.85 -7.99
C GLU B 422 -2.83 21.63 -9.29
N LEU B 423 -2.35 20.71 -10.13
CA LEU B 423 -2.95 20.45 -11.44
C LEU B 423 -4.43 20.13 -11.40
N ASN B 424 -4.81 19.24 -10.49
CA ASN B 424 -6.19 18.81 -10.30
C ASN B 424 -6.28 18.21 -8.90
N PRO B 425 -6.26 19.08 -7.87
CA PRO B 425 -6.05 18.62 -6.49
C PRO B 425 -7.13 17.68 -5.97
N GLU B 426 -8.32 17.80 -6.53
CA GLU B 426 -9.46 17.05 -6.06
C GLU B 426 -9.50 15.61 -6.52
N ARG B 427 -9.12 15.33 -7.76
CA ARG B 427 -9.15 13.95 -8.24
C ARG B 427 -7.77 13.32 -8.32
N CYS B 428 -6.73 14.14 -8.24
CA CYS B 428 -5.36 13.65 -8.44
C CYS B 428 -4.38 13.88 -7.29
N GLN B 429 -3.98 12.80 -6.63
CA GLN B 429 -3.05 12.83 -5.49
C GLN B 429 -1.99 11.72 -5.54
N TYR B 430 -1.98 10.92 -6.61
CA TYR B 430 -1.00 9.86 -6.76
C TYR B 430 -0.43 9.88 -8.16
N TYR B 431 0.80 10.37 -8.29
CA TYR B 431 1.39 10.57 -9.61
C TYR B 431 2.62 9.73 -9.86
N SER B 432 2.85 9.40 -11.12
CA SER B 432 4.11 8.86 -11.60
C SER B 432 4.37 9.54 -12.94
N VAL B 433 5.61 9.52 -13.39
CA VAL B 433 5.97 10.32 -14.55
C VAL B 433 6.78 9.51 -15.57
N SER B 434 6.71 9.92 -16.83
CA SER B 434 7.54 9.34 -17.87
C SER B 434 8.14 10.47 -18.70
N PHE B 435 9.45 10.66 -18.59
CA PHE B 435 10.15 11.76 -19.28
C PHE B 435 10.63 11.39 -20.67
N SER B 436 10.73 12.38 -21.54
CA SER B 436 11.28 12.15 -22.86
C SER B 436 12.80 11.90 -22.76
N LYS B 437 13.43 11.58 -23.89
CA LYS B 437 14.83 11.15 -23.93
C LYS B 437 15.83 12.13 -23.28
N GLU B 438 15.46 13.40 -23.17
CA GLU B 438 16.34 14.38 -22.55
C GLU B 438 15.53 15.29 -21.64
N ALA B 439 14.40 14.75 -21.15
CA ALA B 439 13.50 15.40 -20.21
C ALA B 439 12.80 16.68 -20.71
N LYS B 440 12.74 16.87 -22.03
CA LYS B 440 12.05 18.03 -22.59
C LYS B 440 10.53 17.97 -22.39
N TYR B 441 9.98 16.75 -22.44
CA TYR B 441 8.57 16.51 -22.21
C TYR B 441 8.40 15.44 -21.18
N TYR B 442 7.21 15.37 -20.59
CA TYR B 442 6.87 14.25 -19.71
C TYR B 442 5.39 13.94 -19.69
N GLN B 443 5.08 12.65 -19.58
CA GLN B 443 3.72 12.21 -19.41
C GLN B 443 3.48 12.07 -17.93
N LEU B 444 2.37 12.64 -17.46
CA LEU B 444 1.95 12.47 -16.08
C LEU B 444 0.83 11.46 -16.00
N ARG B 445 0.95 10.56 -15.03
CA ARG B 445 -0.06 9.54 -14.78
C ARG B 445 -0.57 9.73 -13.37
N CYS B 446 -1.88 9.91 -13.25
CA CYS B 446 -2.53 10.10 -11.97
C CYS B 446 -3.40 8.86 -11.71
N SER B 447 -3.17 8.19 -10.58
CA SER B 447 -3.86 6.94 -10.28
C SER B 447 -5.08 7.10 -9.38
N GLY B 448 -5.33 8.30 -8.89
CA GLY B 448 -6.43 8.52 -7.95
C GLY B 448 -6.23 9.75 -7.07
N PRO B 449 -7.14 10.00 -6.12
CA PRO B 449 -8.30 9.23 -5.69
C PRO B 449 -9.41 9.14 -6.73
N GLY B 450 -9.42 10.07 -7.68
CA GLY B 450 -10.39 10.05 -8.78
C GLY B 450 -9.99 9.06 -9.86
N LEU B 451 -10.72 9.07 -10.97
CA LEU B 451 -10.41 8.18 -12.08
C LEU B 451 -9.04 8.50 -12.67
N PRO B 452 -8.23 7.48 -12.97
CA PRO B 452 -6.93 7.74 -13.57
C PRO B 452 -6.97 8.75 -14.71
N LEU B 453 -5.99 9.63 -14.71
CA LEU B 453 -5.89 10.69 -15.70
C LEU B 453 -4.48 10.72 -16.30
N TYR B 454 -4.39 10.92 -17.62
CA TYR B 454 -3.11 10.90 -18.32
C TYR B 454 -2.87 12.22 -19.08
N THR B 455 -1.77 12.91 -18.76
CA THR B 455 -1.49 14.23 -19.35
C THR B 455 -0.06 14.37 -19.88
N LEU B 456 0.12 15.25 -20.87
CA LEU B 456 1.42 15.48 -21.49
C LEU B 456 1.89 16.91 -21.21
N HIS B 457 3.18 17.07 -20.91
CA HIS B 457 3.72 18.41 -20.57
C HIS B 457 5.10 18.70 -21.15
N SER B 458 5.37 19.97 -21.42
CA SER B 458 6.72 20.41 -21.72
C SER B 458 7.33 20.96 -20.44
N SER B 459 8.54 20.54 -20.15
CA SER B 459 9.18 20.87 -18.87
C SER B 459 9.91 22.21 -18.88
N VAL B 460 10.01 22.85 -20.05
CA VAL B 460 10.65 24.18 -20.12
C VAL B 460 9.83 25.21 -19.33
N ASN B 461 8.53 25.28 -19.60
CA ASN B 461 7.61 26.22 -18.97
C ASN B 461 6.70 25.53 -17.98
N ASP B 462 6.65 24.20 -18.08
CA ASP B 462 5.79 23.32 -17.27
C ASP B 462 4.30 23.37 -17.65
N LYS B 463 3.99 23.89 -18.82
CA LYS B 463 2.58 23.99 -19.22
C LYS B 463 2.05 22.63 -19.70
N GLY B 464 0.76 22.40 -19.46
CA GLY B 464 0.04 21.23 -19.95
C GLY B 464 -0.15 21.38 -21.45
N LEU B 465 0.15 20.33 -22.19
CA LEU B 465 0.02 20.36 -23.65
C LEU B 465 -1.30 19.76 -24.08
N ARG B 466 -1.72 18.68 -23.40
CA ARG B 466 -3.01 18.05 -23.67
C ARG B 466 -3.32 16.84 -22.77
N VAL B 467 -4.62 16.57 -22.64
CA VAL B 467 -5.11 15.37 -21.99
C VAL B 467 -4.93 14.20 -22.95
N LEU B 468 -4.26 13.16 -22.49
CA LEU B 468 -4.09 11.94 -23.29
C LEU B 468 -5.28 10.99 -23.13
N GLU B 469 -5.64 10.69 -21.88
CA GLU B 469 -6.77 9.82 -21.54
C GLU B 469 -7.37 10.29 -20.23
N ASP B 470 -8.70 10.50 -20.24
CA ASP B 470 -9.41 11.04 -19.08
C ASP B 470 -10.43 10.08 -18.44
N ASN B 471 -10.49 8.85 -18.96
CA ASN B 471 -11.45 7.83 -18.55
C ASN B 471 -12.89 8.32 -18.42
N SER B 472 -13.34 9.10 -19.40
CA SER B 472 -14.69 9.64 -19.34
C SER B 472 -15.73 8.65 -19.81
N ALA B 473 -15.34 7.68 -20.62
CA ALA B 473 -16.25 6.58 -20.96
C ALA B 473 -16.60 5.79 -19.67
N LEU B 474 -15.57 5.49 -18.86
CA LEU B 474 -15.76 4.85 -17.56
C LEU B 474 -16.62 5.70 -16.61
N ASP B 475 -16.37 7.00 -16.60
CA ASP B 475 -17.12 7.93 -15.78
C ASP B 475 -18.59 7.91 -16.16
N LYS B 476 -18.86 7.81 -17.46
CA LYS B 476 -20.23 7.76 -17.97
C LYS B 476 -20.95 6.52 -17.48
N MET B 477 -20.22 5.41 -17.36
CA MET B 477 -20.82 4.15 -16.92
C MET B 477 -21.04 4.06 -15.41
N LEU B 478 -20.11 4.62 -14.65
CA LEU B 478 -20.17 4.59 -13.18
C LEU B 478 -21.23 5.51 -12.58
N GLN B 479 -21.73 6.40 -13.42
CA GLN B 479 -22.66 7.47 -13.03
C GLN B 479 -23.93 6.94 -12.36
N ASN B 480 -24.23 5.68 -12.63
CA ASN B 480 -25.48 5.04 -12.27
C ASN B 480 -25.25 3.95 -11.21
N VAL B 481 -23.98 3.63 -10.99
CA VAL B 481 -23.58 2.54 -10.09
C VAL B 481 -23.33 3.05 -8.68
N GLN B 482 -23.85 2.33 -7.69
CA GLN B 482 -23.63 2.66 -6.29
C GLN B 482 -22.21 2.27 -5.89
N MET B 483 -21.29 3.21 -6.07
CA MET B 483 -19.88 2.94 -5.82
C MET B 483 -19.45 3.20 -4.38
N PRO B 484 -18.46 2.43 -3.88
CA PRO B 484 -17.91 2.72 -2.57
C PRO B 484 -17.05 3.98 -2.58
N SER B 485 -16.79 4.53 -1.40
CA SER B 485 -15.90 5.67 -1.23
C SER B 485 -14.72 5.24 -0.38
N LYS B 486 -13.60 5.97 -0.48
CA LYS B 486 -12.44 5.64 0.32
C LYS B 486 -12.18 6.72 1.35
N LYS B 487 -12.05 6.32 2.61
CA LYS B 487 -11.61 7.26 3.63
C LYS B 487 -10.16 6.96 4.01
N LEU B 488 -9.29 7.96 3.87
CA LEU B 488 -7.86 7.87 4.21
C LEU B 488 -7.57 8.71 5.44
N ASP B 489 -7.05 8.09 6.49
CA ASP B 489 -6.76 8.83 7.71
C ASP B 489 -5.73 8.14 8.59
N PHE B 490 -5.51 8.70 9.78
CA PHE B 490 -4.53 8.13 10.72
C PHE B 490 -5.06 8.03 12.15
N ILE B 491 -4.36 7.24 12.97
CA ILE B 491 -4.60 7.19 14.41
C ILE B 491 -3.27 7.32 15.13
N ILE B 492 -3.28 8.02 16.27
CA ILE B 492 -2.10 8.19 17.12
C ILE B 492 -1.94 6.99 18.04
N LEU B 493 -0.75 6.39 18.00
CA LEU B 493 -0.37 5.32 18.92
C LEU B 493 1.06 5.59 19.36
N ASN B 494 1.31 5.53 20.68
CA ASN B 494 2.63 5.88 21.24
C ASN B 494 3.11 7.22 20.69
N GLU B 495 2.19 8.17 20.54
CA GLU B 495 2.46 9.49 19.95
C GLU B 495 2.92 9.46 18.47
N THR B 496 2.65 8.37 17.77
CA THR B 496 3.03 8.23 16.37
C THR B 496 1.77 8.07 15.51
N LYS B 497 1.75 8.80 14.39
CA LYS B 497 0.68 8.70 13.40
C LYS B 497 0.80 7.37 12.62
N PHE B 498 -0.32 6.65 12.51
CA PHE B 498 -0.36 5.40 11.75
C PHE B 498 -1.56 5.43 10.84
N TRP B 499 -1.31 5.37 9.54
CA TRP B 499 -2.33 5.55 8.54
C TRP B 499 -3.12 4.29 8.19
N TYR B 500 -4.39 4.48 7.84
CA TYR B 500 -5.30 3.40 7.44
C TYR B 500 -6.16 3.91 6.31
N GLN B 501 -6.74 2.98 5.53
CA GLN B 501 -7.72 3.33 4.51
C GLN B 501 -8.96 2.44 4.59
N MET B 502 -10.13 3.03 4.37
CA MET B 502 -11.37 2.26 4.36
C MET B 502 -12.11 2.39 3.03
N ILE B 503 -12.42 1.24 2.43
CA ILE B 503 -13.36 1.20 1.35
C ILE B 503 -14.71 1.05 2.04
N LEU B 504 -15.51 2.10 1.96
CA LEU B 504 -16.79 2.19 2.65
C LEU B 504 -17.95 1.95 1.68
N PRO B 505 -18.95 1.13 2.08
CA PRO B 505 -20.16 0.85 1.30
C PRO B 505 -20.94 2.12 0.90
N PRO B 506 -21.68 2.08 -0.24
CA PRO B 506 -22.46 3.23 -0.68
C PRO B 506 -23.46 3.67 0.40
N HIS B 507 -23.76 4.98 0.45
CA HIS B 507 -24.68 5.53 1.46
C HIS B 507 -24.26 5.11 2.86
N PHE B 508 -22.96 5.17 3.10
CA PHE B 508 -22.37 4.79 4.38
C PHE B 508 -22.95 5.55 5.57
N ASP B 509 -23.33 4.79 6.60
CA ASP B 509 -23.99 5.34 7.79
C ASP B 509 -23.19 5.08 9.06
N LYS B 510 -22.61 6.14 9.62
CA LYS B 510 -21.81 6.07 10.85
C LYS B 510 -22.54 5.44 12.05
N SER B 511 -23.87 5.46 12.02
CA SER B 511 -24.66 5.02 13.16
C SER B 511 -25.03 3.53 13.18
N LYS B 512 -24.82 2.84 12.05
CA LYS B 512 -25.01 1.39 12.04
C LYS B 512 -23.70 0.59 12.02
N LYS B 513 -23.80 -0.71 12.30
CA LYS B 513 -22.64 -1.58 12.41
C LYS B 513 -22.49 -2.41 11.14
N TYR B 514 -21.32 -2.30 10.49
CA TYR B 514 -21.03 -3.08 9.30
C TYR B 514 -20.07 -4.19 9.66
N PRO B 515 -20.13 -5.31 8.92
CA PRO B 515 -19.04 -6.28 9.04
C PRO B 515 -17.77 -5.69 8.42
N LEU B 516 -16.60 -6.13 8.88
CA LEU B 516 -15.35 -5.55 8.40
C LEU B 516 -14.32 -6.59 7.98
N LEU B 517 -13.69 -6.38 6.83
CA LEU B 517 -12.60 -7.24 6.41
C LEU B 517 -11.28 -6.45 6.43
N LEU B 518 -10.29 -7.00 7.13
CA LEU B 518 -8.96 -6.40 7.17
C LEU B 518 -8.23 -6.94 5.97
N ASP B 519 -7.83 -6.05 5.09
CA ASP B 519 -7.05 -6.43 3.94
C ASP B 519 -5.62 -6.13 4.32
N VAL B 520 -4.79 -7.18 4.25
CA VAL B 520 -3.47 -7.16 4.84
C VAL B 520 -2.36 -7.50 3.87
N TYR B 521 -1.30 -6.70 3.96
CA TYR B 521 0.03 -7.01 3.43
C TYR B 521 0.99 -6.95 4.64
N ALA B 522 1.25 -5.74 5.14
CA ALA B 522 2.01 -5.51 6.39
C ALA B 522 3.46 -5.99 6.39
N GLY B 523 4.05 -6.14 5.22
CA GLY B 523 5.45 -6.55 5.12
C GLY B 523 6.40 -5.38 5.32
N PRO B 524 7.71 -5.67 5.43
CA PRO B 524 8.66 -4.59 5.61
C PRO B 524 8.59 -3.62 4.42
N CYS B 525 8.26 -2.37 4.73
CA CYS B 525 8.17 -1.28 3.75
C CYS B 525 6.91 -1.39 2.92
N SER B 526 5.87 -2.00 3.46
CA SER B 526 4.61 -2.09 2.74
C SER B 526 3.83 -0.79 2.91
N GLN B 527 2.83 -0.62 2.06
CA GLN B 527 1.89 0.50 2.14
C GLN B 527 0.58 0.07 1.48
N LYS B 528 -0.44 -0.11 2.32
CA LYS B 528 -1.78 -0.43 1.85
C LYS B 528 -2.73 0.74 2.05
N ALA B 529 -2.26 1.81 2.68
CA ALA B 529 -3.08 3.03 2.83
C ALA B 529 -2.56 4.10 1.88
N ASP B 530 -3.31 4.36 0.81
CA ASP B 530 -2.89 5.31 -0.22
C ASP B 530 -4.07 5.97 -0.95
N THR B 531 -3.75 6.84 -1.89
CA THR B 531 -4.76 7.63 -2.60
C THR B 531 -5.12 7.06 -3.99
N VAL B 532 -4.59 5.88 -4.31
CA VAL B 532 -4.82 5.20 -5.59
C VAL B 532 -6.28 4.75 -5.75
N PHE B 533 -6.84 4.90 -6.96
CA PHE B 533 -8.18 4.38 -7.28
C PHE B 533 -8.14 2.94 -7.81
N ARG B 534 -8.94 2.06 -7.21
CA ARG B 534 -8.94 0.62 -7.58
C ARG B 534 -10.31 0.04 -7.88
N LEU B 535 -10.36 -0.79 -8.93
CA LEU B 535 -11.53 -1.60 -9.20
C LEU B 535 -11.11 -3.03 -8.96
N ASN B 536 -11.36 -3.53 -7.74
CA ASN B 536 -10.92 -4.88 -7.37
C ASN B 536 -11.98 -5.65 -6.56
N TRP B 537 -11.54 -6.74 -5.93
CA TRP B 537 -12.42 -7.57 -5.10
C TRP B 537 -13.07 -6.75 -3.98
N ALA B 538 -12.30 -5.84 -3.38
CA ALA B 538 -12.80 -4.99 -2.29
C ALA B 538 -13.93 -4.06 -2.74
N THR B 539 -13.88 -3.62 -4.00
CA THR B 539 -14.92 -2.75 -4.53
C THR B 539 -16.24 -3.49 -4.59
N TYR B 540 -16.20 -4.75 -5.01
CA TYR B 540 -17.40 -5.60 -4.97
C TYR B 540 -17.94 -5.77 -3.55
N LEU B 541 -17.08 -6.18 -2.62
CA LEU B 541 -17.47 -6.43 -1.24
C LEU B 541 -18.14 -5.22 -0.57
N ALA B 542 -17.62 -4.03 -0.85
CA ALA B 542 -18.25 -2.83 -0.31
C ALA B 542 -19.57 -2.53 -1.03
N SER B 543 -19.48 -2.37 -2.35
CA SER B 543 -20.60 -2.00 -3.22
C SER B 543 -21.76 -2.99 -3.16
N THR B 544 -21.51 -4.23 -3.51
CA THR B 544 -22.58 -5.22 -3.51
C THR B 544 -22.88 -5.74 -2.11
N GLU B 545 -21.85 -6.17 -1.37
CA GLU B 545 -22.10 -6.92 -0.15
C GLU B 545 -22.11 -6.12 1.17
N ASN B 546 -21.89 -4.81 1.09
CA ASN B 546 -21.91 -3.91 2.26
C ASN B 546 -20.91 -4.18 3.37
N ILE B 547 -19.77 -4.74 3.00
CA ILE B 547 -18.68 -5.01 3.94
C ILE B 547 -17.67 -3.87 3.87
N ILE B 548 -17.24 -3.36 5.02
CA ILE B 548 -16.12 -2.39 5.02
C ILE B 548 -14.84 -3.17 4.89
N VAL B 549 -14.06 -2.86 3.87
CA VAL B 549 -12.74 -3.46 3.79
C VAL B 549 -11.63 -2.43 4.03
N ALA B 550 -10.89 -2.68 5.10
CA ALA B 550 -9.91 -1.77 5.64
C ALA B 550 -8.48 -2.30 5.54
N SER B 551 -7.52 -1.38 5.58
CA SER B 551 -6.11 -1.71 5.56
C SER B 551 -5.39 -0.77 6.50
N PHE B 552 -4.29 -1.25 7.07
CA PHE B 552 -3.56 -0.50 8.09
C PHE B 552 -2.05 -0.67 7.94
N ASP B 553 -1.34 0.45 7.92
CA ASP B 553 0.11 0.48 7.89
C ASP B 553 0.61 0.69 9.31
N GLY B 554 1.10 -0.38 9.92
CA GLY B 554 1.61 -0.36 11.29
C GLY B 554 3.13 -0.30 11.30
N ARG B 555 3.72 -0.87 12.33
CA ARG B 555 5.16 -0.84 12.44
C ARG B 555 5.76 -1.76 11.40
N GLY B 556 6.75 -1.25 10.69
CA GLY B 556 7.40 -2.00 9.64
C GLY B 556 7.04 -1.49 8.27
N SER B 557 6.02 -0.65 8.18
CA SER B 557 5.60 -0.13 6.89
C SER B 557 6.53 1.02 6.40
N GLY B 558 6.42 1.34 5.12
CA GLY B 558 7.38 2.20 4.45
C GLY B 558 6.94 3.61 4.13
N TYR B 559 7.92 4.40 3.66
CA TYR B 559 7.73 5.75 3.18
C TYR B 559 7.37 6.74 4.30
N GLN B 560 7.68 6.39 5.55
CA GLN B 560 7.40 7.28 6.70
C GLN B 560 8.63 7.40 7.60
N GLY B 561 9.76 6.87 7.13
CA GLY B 561 10.99 6.87 7.93
C GLY B 561 11.36 5.55 8.59
N ASP B 562 12.63 5.45 8.98
CA ASP B 562 13.20 4.23 9.55
C ASP B 562 12.73 3.89 10.95
N LYS B 563 12.37 4.90 11.73
CA LYS B 563 11.84 4.68 13.09
C LYS B 563 10.68 3.69 13.01
N ILE B 564 9.78 3.91 12.05
CA ILE B 564 8.69 2.99 11.75
C ILE B 564 9.14 1.74 10.97
N MET B 565 9.85 1.94 9.86
CA MET B 565 10.19 0.83 8.96
C MET B 565 11.07 -0.25 9.56
N HIS B 566 12.02 0.15 10.40
CA HIS B 566 12.99 -0.76 11.01
C HIS B 566 12.51 -1.38 12.31
N ALA B 567 11.33 -0.97 12.78
CA ALA B 567 10.82 -1.43 14.07
C ALA B 567 10.68 -2.97 14.14
N ILE B 568 10.51 -3.62 12.98
CA ILE B 568 10.41 -5.07 12.95
C ILE B 568 11.72 -5.77 12.53
N ASN B 569 12.82 -5.02 12.57
CA ASN B 569 14.14 -5.58 12.23
C ASN B 569 14.48 -6.75 13.12
N ARG B 570 14.77 -7.89 12.48
CA ARG B 570 15.13 -9.16 13.15
C ARG B 570 13.99 -9.76 13.97
N ARG B 571 12.78 -9.25 13.76
CA ARG B 571 11.60 -9.65 14.53
C ARG B 571 10.34 -9.79 13.67
N LEU B 572 10.49 -10.38 12.49
CA LEU B 572 9.34 -10.65 11.64
C LEU B 572 8.28 -11.48 12.38
N GLY B 573 7.02 -11.08 12.27
CA GLY B 573 5.93 -11.80 12.91
C GLY B 573 5.61 -11.29 14.31
N THR B 574 6.02 -10.07 14.61
CA THR B 574 5.78 -9.51 15.94
C THR B 574 4.93 -8.25 15.90
N PHE B 575 5.58 -7.09 15.75
CA PHE B 575 4.86 -5.82 15.83
C PHE B 575 3.86 -5.67 14.69
N GLU B 576 4.25 -6.02 13.48
CA GLU B 576 3.36 -5.86 12.34
C GLU B 576 2.11 -6.71 12.56
N VAL B 577 2.30 -7.90 13.12
CA VAL B 577 1.17 -8.78 13.46
C VAL B 577 0.31 -8.11 14.55
N GLU B 578 0.96 -7.67 15.62
CA GLU B 578 0.30 -7.01 16.75
C GLU B 578 -0.44 -5.74 16.35
N ASP B 579 0.08 -5.00 15.38
CA ASP B 579 -0.51 -3.73 14.97
C ASP B 579 -1.76 -3.90 14.13
N GLN B 580 -1.87 -5.04 13.46
CA GLN B 580 -3.09 -5.38 12.74
C GLN B 580 -4.23 -5.73 13.70
N ILE B 581 -3.89 -6.43 14.79
CA ILE B 581 -4.88 -6.75 15.82
C ILE B 581 -5.36 -5.45 16.49
N GLU B 582 -4.41 -4.57 16.80
CA GLU B 582 -4.73 -3.30 17.42
C GLU B 582 -5.56 -2.41 16.47
N ALA B 583 -5.23 -2.47 15.17
CA ALA B 583 -6.00 -1.77 14.15
C ALA B 583 -7.48 -2.12 14.25
N ALA B 584 -7.78 -3.42 14.28
CA ALA B 584 -9.15 -3.92 14.42
C ALA B 584 -9.83 -3.45 15.71
N ARG B 585 -9.12 -3.48 16.83
CA ARG B 585 -9.70 -2.95 18.08
C ARG B 585 -10.02 -1.46 17.96
N GLN B 586 -9.21 -0.76 17.16
CA GLN B 586 -9.40 0.67 16.93
C GLN B 586 -10.59 0.93 16.05
N PHE B 587 -10.75 0.08 15.04
CA PHE B 587 -11.86 0.19 14.10
C PHE B 587 -13.20 -0.03 14.78
N SER B 588 -13.29 -1.08 15.59
CA SER B 588 -14.50 -1.28 16.39
C SER B 588 -14.77 -0.07 17.28
N LYS B 589 -13.72 0.45 17.92
CA LYS B 589 -13.85 1.61 18.83
C LYS B 589 -14.29 2.91 18.17
N MET B 590 -14.48 2.87 16.85
CA MET B 590 -15.04 4.01 16.11
C MET B 590 -16.56 3.92 16.03
N GLY B 591 -17.10 2.76 16.41
CA GLY B 591 -18.54 2.59 16.63
C GLY B 591 -19.41 2.07 15.50
N PHE B 592 -18.84 1.96 14.30
CA PHE B 592 -19.61 1.52 13.14
C PHE B 592 -19.18 0.15 12.61
N VAL B 593 -18.62 -0.66 13.51
CA VAL B 593 -18.19 -2.01 13.15
C VAL B 593 -18.89 -3.02 14.06
N ASP B 594 -19.50 -4.02 13.42
CA ASP B 594 -20.05 -5.17 14.13
C ASP B 594 -18.87 -6.05 14.49
N ASN B 595 -18.55 -6.12 15.78
CA ASN B 595 -17.35 -6.84 16.17
C ASN B 595 -17.52 -8.34 16.33
N LYS B 596 -18.75 -8.82 16.12
CA LYS B 596 -19.02 -10.25 15.99
C LYS B 596 -18.58 -10.70 14.61
N ARG B 597 -18.46 -9.75 13.69
CA ARG B 597 -18.15 -10.04 12.29
C ARG B 597 -16.97 -9.25 11.77
N ILE B 598 -15.77 -9.67 12.17
CA ILE B 598 -14.54 -9.06 11.73
C ILE B 598 -13.65 -10.16 11.17
N ALA B 599 -13.15 -9.96 9.95
CA ALA B 599 -12.31 -10.94 9.27
C ALA B 599 -11.02 -10.31 8.79
N ILE B 600 -10.12 -11.16 8.29
CA ILE B 600 -8.80 -10.73 7.86
C ILE B 600 -8.41 -11.62 6.70
N TRP B 601 -7.79 -11.05 5.68
CA TRP B 601 -7.25 -11.87 4.58
C TRP B 601 -6.01 -11.23 3.99
N GLY B 602 -5.15 -12.06 3.40
CA GLY B 602 -3.95 -11.57 2.75
C GLY B 602 -3.33 -12.60 1.82
N TRP B 603 -2.43 -12.11 0.95
CA TRP B 603 -1.69 -12.93 -0.01
C TRP B 603 -0.20 -12.78 0.34
N SER B 604 0.60 -13.83 0.12
CA SER B 604 2.06 -13.78 0.34
C SER B 604 2.41 -13.45 1.78
N TYR B 605 3.01 -12.27 2.01
CA TYR B 605 3.33 -11.82 3.37
C TYR B 605 2.04 -11.62 4.12
N GLY B 606 1.05 -11.11 3.41
CA GLY B 606 -0.29 -10.88 3.95
C GLY B 606 -0.95 -12.15 4.46
N GLY B 607 -0.74 -13.26 3.76
CA GLY B 607 -1.22 -14.57 4.18
C GLY B 607 -0.52 -15.02 5.46
N TYR B 608 0.79 -14.77 5.55
CA TYR B 608 1.55 -15.08 6.75
C TYR B 608 0.99 -14.29 7.95
N VAL B 609 0.81 -12.97 7.78
CA VAL B 609 0.25 -12.14 8.83
C VAL B 609 -1.18 -12.60 9.17
N THR B 610 -1.98 -12.90 8.14
CA THR B 610 -3.34 -13.38 8.40
C THR B 610 -3.29 -14.58 9.34
N SER B 611 -2.46 -15.56 8.98
CA SER B 611 -2.30 -16.78 9.74
C SER B 611 -1.81 -16.48 11.14
N MET B 612 -0.76 -15.67 11.24
CA MET B 612 -0.22 -15.32 12.55
C MET B 612 -1.27 -14.65 13.42
N VAL B 613 -2.09 -13.80 12.83
CA VAL B 613 -3.18 -13.14 13.54
C VAL B 613 -4.25 -14.15 14.06
N LEU B 614 -4.70 -15.04 13.18
CA LEU B 614 -5.71 -16.04 13.52
C LEU B 614 -5.21 -17.05 14.55
N GLY B 615 -3.89 -17.22 14.62
CA GLY B 615 -3.28 -18.10 15.62
C GLY B 615 -2.84 -17.38 16.89
N SER B 616 -3.13 -16.08 16.97
CA SER B 616 -2.63 -15.27 18.08
C SER B 616 -3.46 -15.41 19.36
N GLY B 617 -4.68 -15.93 19.22
CA GLY B 617 -5.61 -16.11 20.34
C GLY B 617 -6.27 -14.83 20.81
N SER B 618 -6.38 -13.85 19.91
CA SER B 618 -6.83 -12.51 20.26
C SER B 618 -8.31 -12.44 20.59
N GLY B 619 -9.10 -13.30 19.96
CA GLY B 619 -10.55 -13.26 20.11
C GLY B 619 -11.25 -12.23 19.25
N VAL B 620 -10.50 -11.47 18.47
CA VAL B 620 -11.07 -10.37 17.68
C VAL B 620 -11.67 -10.79 16.33
N PHE B 621 -11.02 -11.73 15.64
CA PHE B 621 -11.40 -12.15 14.28
C PHE B 621 -12.16 -13.46 14.26
N LYS B 622 -13.27 -13.48 13.50
CA LYS B 622 -14.16 -14.64 13.39
C LYS B 622 -13.64 -15.63 12.36
N CYS B 623 -12.99 -15.10 11.33
CA CYS B 623 -12.49 -15.92 10.22
C CYS B 623 -11.41 -15.21 9.41
N GLY B 624 -10.76 -15.97 8.53
CA GLY B 624 -9.74 -15.38 7.70
C GLY B 624 -9.37 -16.26 6.56
N ILE B 625 -8.72 -15.65 5.57
CA ILE B 625 -8.26 -16.36 4.38
C ILE B 625 -6.79 -16.08 4.16
N ALA B 626 -6.00 -17.13 4.06
CA ALA B 626 -4.58 -16.98 3.77
C ALA B 626 -4.34 -17.58 2.39
N VAL B 627 -3.78 -16.77 1.48
CA VAL B 627 -3.51 -17.25 0.14
C VAL B 627 -2.02 -17.32 -0.04
N ALA B 628 -1.54 -18.48 -0.48
CA ALA B 628 -0.12 -18.70 -0.74
C ALA B 628 0.73 -18.05 0.36
N PRO B 629 0.49 -18.43 1.63
CA PRO B 629 1.22 -17.79 2.72
C PRO B 629 2.60 -18.40 3.00
N VAL B 630 3.49 -17.57 3.54
CA VAL B 630 4.72 -18.03 4.20
C VAL B 630 4.29 -18.58 5.55
N SER B 631 4.77 -19.77 5.90
CA SER B 631 4.40 -20.37 7.19
C SER B 631 5.58 -20.37 8.14
N ARG B 632 6.76 -20.66 7.59
CA ARG B 632 7.98 -20.48 8.35
C ARG B 632 9.14 -19.99 7.51
N TRP B 633 9.77 -18.94 8.01
CA TRP B 633 10.86 -18.22 7.32
C TRP B 633 12.03 -19.03 6.77
N GLU B 634 12.38 -20.14 7.42
CA GLU B 634 13.42 -21.03 6.87
C GLU B 634 12.99 -21.66 5.55
N TYR B 635 11.72 -21.52 5.18
CA TYR B 635 11.23 -22.06 3.91
C TYR B 635 11.35 -21.04 2.78
N TYR B 636 11.40 -19.76 3.12
CA TYR B 636 11.44 -18.71 2.10
C TYR B 636 12.88 -18.40 1.65
N ASP B 637 13.02 -17.64 0.56
CA ASP B 637 14.34 -17.40 -0.03
C ASP B 637 15.28 -16.55 0.82
N SER B 638 16.58 -16.78 0.64
CA SER B 638 17.63 -16.12 1.42
C SER B 638 17.69 -14.61 1.29
N VAL B 639 17.73 -14.08 0.07
CA VAL B 639 17.90 -12.65 -0.14
C VAL B 639 16.84 -11.85 0.60
N TYR B 640 15.58 -12.24 0.44
CA TYR B 640 14.48 -11.55 1.12
C TYR B 640 14.47 -11.78 2.65
N THR B 641 14.48 -13.04 3.07
CA THR B 641 14.34 -13.38 4.48
C THR B 641 15.49 -12.87 5.35
N GLU B 642 16.74 -13.06 4.90
CA GLU B 642 17.92 -12.63 5.65
C GLU B 642 18.02 -11.11 5.74
N ARG B 643 17.50 -10.41 4.73
CA ARG B 643 17.47 -8.95 4.79
C ARG B 643 16.88 -8.46 6.11
N TYR B 644 15.91 -9.20 6.64
CA TYR B 644 15.17 -8.80 7.85
C TYR B 644 15.44 -9.67 9.07
N MET B 645 15.74 -10.95 8.84
CA MET B 645 15.86 -11.91 9.93
C MET B 645 17.30 -12.28 10.31
N GLY B 646 18.26 -11.87 9.48
CA GLY B 646 19.63 -12.38 9.60
C GLY B 646 19.69 -13.86 9.24
N LEU B 647 20.63 -14.57 9.86
CA LEU B 647 20.84 -15.99 9.59
C LEU B 647 20.17 -16.90 10.62
N PRO B 648 19.54 -17.99 10.16
CA PRO B 648 18.93 -18.96 11.05
C PRO B 648 19.96 -19.88 11.74
N THR B 649 20.96 -19.29 12.39
CA THR B 649 21.98 -20.04 13.11
C THR B 649 21.97 -19.66 14.58
N PRO B 650 22.41 -20.59 15.47
CA PRO B 650 22.42 -20.34 16.91
C PRO B 650 23.15 -19.07 17.33
N GLU B 651 24.20 -18.71 16.59
CA GLU B 651 24.96 -17.50 16.87
C GLU B 651 24.49 -16.29 16.06
N ASP B 652 23.24 -16.32 15.61
CA ASP B 652 22.61 -15.15 14.99
C ASP B 652 21.16 -15.04 15.49
N ASN B 653 20.21 -15.63 14.75
CA ASN B 653 18.80 -15.41 15.05
C ASN B 653 17.89 -16.63 14.91
N LEU B 654 18.47 -17.83 15.05
CA LEU B 654 17.69 -19.06 14.93
C LEU B 654 16.49 -19.03 15.87
N ASP B 655 16.71 -18.54 17.09
CA ASP B 655 15.66 -18.47 18.10
C ASP B 655 14.35 -17.87 17.58
N HIS B 656 14.45 -16.68 16.96
CA HIS B 656 13.24 -16.01 16.48
C HIS B 656 12.66 -16.65 15.22
N TYR B 657 13.53 -17.26 14.40
CA TYR B 657 13.07 -18.04 13.26
C TYR B 657 12.12 -19.11 13.76
N ARG B 658 12.56 -19.83 14.80
CA ARG B 658 11.79 -20.92 15.41
C ARG B 658 10.54 -20.40 16.15
N ASN B 659 10.63 -19.17 16.65
CA ASN B 659 9.59 -18.58 17.47
C ASN B 659 8.45 -17.96 16.66
N SER B 660 8.61 -17.90 15.33
CA SER B 660 7.70 -17.11 14.50
C SER B 660 7.00 -17.85 13.35
N THR B 661 6.95 -19.18 13.45
CA THR B 661 6.25 -20.00 12.47
C THR B 661 4.73 -19.93 12.75
N VAL B 662 3.91 -20.15 11.73
CA VAL B 662 2.46 -20.26 11.99
C VAL B 662 2.09 -21.62 12.63
N MET B 663 2.90 -22.64 12.34
CA MET B 663 2.69 -24.00 12.84
C MET B 663 2.51 -24.06 14.34
N SER B 664 3.41 -23.41 15.08
CA SER B 664 3.40 -23.46 16.54
C SER B 664 2.15 -22.83 17.17
N ARG B 665 1.37 -22.11 16.36
CA ARG B 665 0.19 -21.42 16.84
C ARG B 665 -1.11 -22.17 16.49
N ALA B 666 -0.96 -23.35 15.88
CA ALA B 666 -2.09 -24.16 15.44
C ALA B 666 -3.22 -24.36 16.47
N GLU B 667 -2.86 -24.64 17.72
CA GLU B 667 -3.85 -24.84 18.78
C GLU B 667 -4.91 -23.73 18.82
N ASN B 668 -4.48 -22.48 18.67
CA ASN B 668 -5.38 -21.32 18.72
C ASN B 668 -6.36 -21.18 17.57
N PHE B 669 -6.15 -21.92 16.48
CA PHE B 669 -7.08 -21.88 15.35
C PHE B 669 -8.43 -22.51 15.68
N LYS B 670 -8.56 -23.12 16.87
CA LYS B 670 -9.82 -23.71 17.35
C LYS B 670 -10.91 -22.66 17.54
N GLN B 671 -10.49 -21.40 17.61
CA GLN B 671 -11.37 -20.30 17.92
C GLN B 671 -11.93 -19.61 16.68
N VAL B 672 -11.40 -19.93 15.50
CA VAL B 672 -11.72 -19.18 14.28
C VAL B 672 -11.97 -20.07 13.05
N GLU B 673 -12.54 -19.47 11.99
CA GLU B 673 -12.78 -20.17 10.74
C GLU B 673 -11.67 -19.82 9.75
N TYR B 674 -11.08 -20.83 9.13
CA TYR B 674 -9.87 -20.62 8.36
C TYR B 674 -9.94 -21.22 6.97
N LEU B 675 -9.67 -20.40 5.96
CA LEU B 675 -9.57 -20.83 4.57
C LEU B 675 -8.14 -20.68 4.05
N LEU B 676 -7.56 -21.80 3.60
CA LEU B 676 -6.14 -21.86 3.22
C LEU B 676 -6.01 -22.23 1.76
N ILE B 677 -5.32 -21.41 0.98
CA ILE B 677 -5.30 -21.54 -0.48
C ILE B 677 -3.87 -21.52 -1.02
N HIS B 678 -3.56 -22.42 -1.94
CA HIS B 678 -2.22 -22.48 -2.48
C HIS B 678 -2.17 -23.17 -3.83
N GLY B 679 -1.44 -22.56 -4.77
CA GLY B 679 -1.24 -23.16 -6.09
C GLY B 679 -0.10 -24.16 -5.99
N THR B 680 -0.27 -25.32 -6.63
CA THR B 680 0.70 -26.40 -6.47
C THR B 680 2.05 -26.13 -7.13
N ALA B 681 2.08 -25.24 -8.13
CA ALA B 681 3.29 -24.97 -8.91
C ALA B 681 3.88 -23.60 -8.55
N ASP B 682 3.78 -23.27 -7.26
CA ASP B 682 4.20 -21.96 -6.79
C ASP B 682 5.69 -22.07 -6.53
N ASP B 683 6.47 -21.44 -7.40
CA ASP B 683 7.93 -21.46 -7.33
C ASP B 683 8.48 -20.50 -6.31
N ASN B 684 7.63 -19.58 -5.87
CA ASN B 684 8.04 -18.48 -5.01
C ASN B 684 7.86 -18.81 -3.53
N VAL B 685 6.61 -18.94 -3.10
CA VAL B 685 6.27 -19.46 -1.78
C VAL B 685 5.81 -20.89 -2.09
N HIS B 686 6.65 -21.86 -1.76
CA HIS B 686 6.38 -23.23 -2.19
C HIS B 686 5.14 -23.84 -1.55
N PHE B 687 4.50 -24.77 -2.25
CA PHE B 687 3.33 -25.45 -1.69
C PHE B 687 3.62 -25.99 -0.29
N GLN B 688 4.86 -26.43 -0.09
CA GLN B 688 5.39 -26.88 1.18
C GLN B 688 4.91 -26.05 2.38
N GLN B 689 4.94 -24.73 2.24
CA GLN B 689 4.58 -23.88 3.35
C GLN B 689 3.12 -24.06 3.78
N SER B 690 2.22 -24.23 2.83
CA SER B 690 0.82 -24.50 3.17
C SER B 690 0.65 -25.94 3.62
N ALA B 691 1.31 -26.85 2.90
CA ALA B 691 1.32 -28.26 3.24
C ALA B 691 1.66 -28.44 4.73
N GLN B 692 2.66 -27.69 5.21
CA GLN B 692 3.09 -27.75 6.61
C GLN B 692 2.10 -27.10 7.59
N ILE B 693 1.41 -26.03 7.19
CA ILE B 693 0.34 -25.47 8.03
C ILE B 693 -0.80 -26.48 8.20
N SER B 694 -1.32 -27.00 7.08
CA SER B 694 -2.43 -27.95 7.11
C SER B 694 -2.12 -29.15 8.01
N LYS B 695 -0.91 -29.67 7.90
CA LYS B 695 -0.50 -30.82 8.70
C LYS B 695 -0.57 -30.54 10.22
N ALA B 696 -0.18 -29.32 10.60
CA ALA B 696 -0.16 -28.90 12.00
C ALA B 696 -1.56 -28.76 12.51
N LEU B 697 -2.44 -28.22 11.68
CA LEU B 697 -3.83 -28.06 12.07
C LEU B 697 -4.51 -29.43 12.22
N VAL B 698 -4.21 -30.36 11.30
CA VAL B 698 -4.72 -31.72 11.42
C VAL B 698 -4.21 -32.37 12.73
N ASP B 699 -2.96 -32.09 13.10
CA ASP B 699 -2.38 -32.71 14.29
C ASP B 699 -2.97 -32.26 15.61
N VAL B 700 -3.55 -31.05 15.65
CA VAL B 700 -4.22 -30.55 16.87
C VAL B 700 -5.74 -30.67 16.82
N GLY B 701 -6.24 -31.31 15.75
CA GLY B 701 -7.67 -31.52 15.55
C GLY B 701 -8.48 -30.27 15.21
N VAL B 702 -7.91 -29.33 14.46
CA VAL B 702 -8.64 -28.15 14.03
C VAL B 702 -9.23 -28.38 12.63
N ASP B 703 -10.54 -28.19 12.48
CA ASP B 703 -11.19 -28.19 11.16
C ASP B 703 -10.96 -26.84 10.48
N PHE B 704 -10.86 -26.87 9.15
CA PHE B 704 -10.64 -25.67 8.34
C PHE B 704 -10.94 -25.99 6.90
N GLN B 705 -11.00 -24.96 6.08
CA GLN B 705 -11.25 -25.07 4.64
C GLN B 705 -9.96 -24.92 3.89
N ALA B 706 -9.82 -25.71 2.83
CA ALA B 706 -8.62 -25.68 2.00
C ALA B 706 -8.96 -25.69 0.52
N MET B 707 -8.05 -25.16 -0.28
CA MET B 707 -8.17 -25.22 -1.72
C MET B 707 -6.79 -25.16 -2.35
N TRP B 708 -6.48 -26.18 -3.14
CA TRP B 708 -5.24 -26.14 -3.92
C TRP B 708 -5.61 -25.73 -5.35
N TYR B 709 -4.64 -25.20 -6.08
CA TYR B 709 -4.82 -24.90 -7.50
C TYR B 709 -3.75 -25.62 -8.30
N THR B 710 -4.17 -26.67 -9.00
CA THR B 710 -3.28 -27.47 -9.82
C THR B 710 -2.57 -26.59 -10.81
N ASP B 711 -1.23 -26.62 -10.76
CA ASP B 711 -0.37 -25.98 -11.74
C ASP B 711 -0.36 -24.45 -11.73
N GLU B 712 -1.12 -23.84 -10.84
CA GLU B 712 -1.04 -22.39 -10.67
C GLU B 712 0.19 -22.01 -9.84
N ASP B 713 0.74 -20.84 -10.11
CA ASP B 713 1.90 -20.35 -9.35
C ASP B 713 1.47 -19.30 -8.33
N HIS B 714 2.43 -18.50 -7.85
CA HIS B 714 2.13 -17.54 -6.78
C HIS B 714 1.03 -16.55 -7.14
N GLY B 715 0.96 -16.17 -8.41
CA GLY B 715 -0.06 -15.25 -8.88
C GLY B 715 -1.48 -15.80 -8.97
N ILE B 716 -1.62 -17.13 -8.97
CA ILE B 716 -2.90 -17.82 -9.27
C ILE B 716 -3.65 -16.94 -10.24
N ALA B 717 -3.03 -16.78 -11.41
CA ALA B 717 -3.41 -15.71 -12.34
C ALA B 717 -3.89 -16.15 -13.72
N SER B 718 -4.13 -17.45 -13.90
CA SER B 718 -4.85 -17.88 -15.10
C SER B 718 -6.20 -17.21 -15.09
N SER B 719 -6.75 -16.93 -16.27
CA SER B 719 -8.09 -16.39 -16.34
C SER B 719 -9.12 -17.22 -15.53
N THR B 720 -9.17 -18.54 -15.76
CA THR B 720 -10.15 -19.42 -15.13
C THR B 720 -9.84 -19.65 -13.66
N ALA B 721 -8.54 -19.69 -13.35
CA ALA B 721 -8.09 -19.87 -11.98
C ALA B 721 -8.34 -18.65 -11.13
N HIS B 722 -8.15 -17.46 -11.70
CA HIS B 722 -8.39 -16.19 -11.01
C HIS B 722 -9.85 -16.03 -10.67
N GLN B 723 -10.71 -16.38 -11.62
CA GLN B 723 -12.16 -16.31 -11.44
C GLN B 723 -12.63 -17.25 -10.34
N HIS B 724 -12.01 -18.42 -10.28
CA HIS B 724 -12.43 -19.48 -9.38
C HIS B 724 -12.11 -19.19 -7.91
N ILE B 725 -10.94 -18.60 -7.66
CA ILE B 725 -10.51 -18.34 -6.30
C ILE B 725 -11.28 -17.17 -5.70
N TYR B 726 -11.51 -16.13 -6.48
CA TYR B 726 -12.29 -15.00 -5.99
C TYR B 726 -13.75 -15.38 -5.68
N THR B 727 -14.32 -16.21 -6.55
CA THR B 727 -15.64 -16.80 -6.31
C THR B 727 -15.65 -17.63 -5.04
N HIS B 728 -14.65 -18.50 -4.87
CA HIS B 728 -14.53 -19.35 -3.69
C HIS B 728 -14.37 -18.52 -2.41
N MET B 729 -13.50 -17.52 -2.48
CA MET B 729 -13.28 -16.65 -1.33
C MET B 729 -14.57 -15.91 -0.97
N SER B 730 -15.28 -15.45 -1.99
CA SER B 730 -16.52 -14.70 -1.80
C SER B 730 -17.60 -15.52 -1.09
N HIS B 731 -17.78 -16.77 -1.49
CA HIS B 731 -18.69 -17.70 -0.80
C HIS B 731 -18.31 -17.89 0.67
N PHE B 732 -17.01 -18.02 0.93
CA PHE B 732 -16.50 -18.24 2.26
C PHE B 732 -16.77 -17.07 3.21
N ILE B 733 -16.54 -15.86 2.74
CA ILE B 733 -16.78 -14.65 3.53
C ILE B 733 -18.27 -14.43 3.73
N LYS B 734 -19.04 -14.54 2.65
CA LYS B 734 -20.48 -14.40 2.75
C LYS B 734 -21.08 -15.35 3.78
N GLN B 735 -20.55 -16.58 3.87
CA GLN B 735 -21.07 -17.49 4.87
C GLN B 735 -20.57 -17.15 6.30
N CYS B 736 -19.31 -16.75 6.42
CA CYS B 736 -18.76 -16.40 7.72
C CYS B 736 -19.49 -15.20 8.33
N PHE B 737 -20.00 -14.32 7.46
CA PHE B 737 -20.68 -13.10 7.87
C PHE B 737 -22.20 -13.22 7.88
N SER B 738 -22.72 -14.38 7.48
CA SER B 738 -24.18 -14.63 7.39
C SER B 738 -24.85 -13.75 6.34
N LEU B 739 -24.16 -13.53 5.23
CA LEU B 739 -24.74 -12.81 4.10
C LEU B 739 -25.35 -13.84 3.13
N PRO B 740 -26.63 -13.64 2.76
CA PRO B 740 -27.35 -14.66 1.97
C PRO B 740 -26.86 -14.83 0.52
N LYS C 15 -18.06 28.76 -65.23
CA LYS C 15 -18.86 29.90 -64.68
C LYS C 15 -18.95 29.85 -63.13
N THR C 16 -19.19 31.00 -62.51
CA THR C 16 -19.19 31.12 -61.04
C THR C 16 -20.56 31.45 -60.42
N TYR C 17 -20.68 31.27 -59.11
CA TYR C 17 -21.87 31.71 -58.38
C TYR C 17 -21.85 33.24 -58.25
N THR C 18 -22.76 33.89 -58.97
CA THR C 18 -22.76 35.35 -59.15
C THR C 18 -23.69 36.07 -58.19
N LEU C 19 -23.56 37.39 -58.13
CA LEU C 19 -24.49 38.17 -57.34
C LEU C 19 -25.90 37.88 -57.82
N THR C 20 -26.08 37.87 -59.14
CA THR C 20 -27.38 37.67 -59.75
C THR C 20 -27.88 36.26 -59.45
N ASP C 21 -26.96 35.32 -59.23
CA ASP C 21 -27.38 34.00 -58.80
C ASP C 21 -27.98 34.05 -57.40
N TYR C 22 -27.30 34.71 -56.49
CA TYR C 22 -27.80 34.86 -55.13
C TYR C 22 -29.12 35.62 -55.14
N LEU C 23 -29.13 36.79 -55.77
CA LEU C 23 -30.30 37.69 -55.73
C LEU C 23 -31.55 37.12 -56.37
N LYS C 24 -31.40 36.50 -57.54
CA LYS C 24 -32.51 35.90 -58.27
C LYS C 24 -32.84 34.49 -57.81
N ASN C 25 -32.08 34.00 -56.82
CA ASN C 25 -32.25 32.64 -56.29
C ASN C 25 -32.30 31.60 -57.42
N THR C 26 -31.28 31.62 -58.26
CA THR C 26 -31.20 30.73 -59.41
C THR C 26 -31.11 29.30 -58.93
N TYR C 27 -30.21 29.04 -57.98
CA TYR C 27 -29.95 27.70 -57.47
C TYR C 27 -30.72 27.47 -56.18
N ARG C 28 -31.88 26.80 -56.31
CA ARG C 28 -32.83 26.67 -55.23
C ARG C 28 -32.58 25.44 -54.36
N LEU C 29 -32.80 25.61 -53.06
CA LEU C 29 -32.77 24.50 -52.11
C LEU C 29 -34.17 23.94 -51.97
N LYS C 30 -34.34 22.66 -52.26
CA LYS C 30 -35.63 22.02 -52.04
C LYS C 30 -35.79 21.61 -50.58
N LEU C 31 -36.95 21.93 -50.01
CA LEU C 31 -37.30 21.59 -48.63
C LEU C 31 -38.27 20.41 -48.64
N TYR C 32 -38.71 20.01 -47.45
CA TYR C 32 -39.75 18.98 -47.30
C TYR C 32 -40.55 19.26 -46.04
N SER C 33 -41.38 20.28 -46.11
CA SER C 33 -42.19 20.74 -44.99
C SER C 33 -43.44 19.88 -44.78
N LEU C 34 -43.43 19.05 -43.74
CA LEU C 34 -44.59 18.22 -43.42
C LEU C 34 -45.23 18.63 -42.10
N ARG C 35 -46.49 18.23 -41.92
CA ARG C 35 -47.20 18.51 -40.68
C ARG C 35 -47.87 17.24 -40.21
N TRP C 36 -47.35 16.69 -39.09
CA TRP C 36 -47.91 15.49 -38.49
C TRP C 36 -49.34 15.77 -38.05
N ILE C 37 -50.22 14.84 -38.33
CA ILE C 37 -51.63 15.00 -38.01
C ILE C 37 -52.11 13.91 -37.03
N SER C 38 -51.35 12.82 -36.97
CA SER C 38 -51.62 11.73 -36.06
C SER C 38 -50.28 11.16 -35.60
N ASP C 39 -50.26 9.88 -35.28
CA ASP C 39 -49.04 9.19 -34.91
C ASP C 39 -48.48 8.45 -36.13
N HIS C 40 -49.30 8.32 -37.16
CA HIS C 40 -48.98 7.49 -38.33
C HIS C 40 -48.95 8.25 -39.65
N GLU C 41 -49.46 9.47 -39.65
CA GLU C 41 -49.68 10.21 -40.90
C GLU C 41 -49.32 11.70 -40.85
N TYR C 42 -48.76 12.20 -41.94
CA TYR C 42 -48.43 13.62 -42.10
C TYR C 42 -48.94 14.16 -43.44
N LEU C 43 -48.90 15.49 -43.59
CA LEU C 43 -49.38 16.13 -44.81
C LEU C 43 -48.25 16.79 -45.61
N TYR C 44 -48.39 16.82 -46.93
CA TYR C 44 -47.38 17.42 -47.80
C TYR C 44 -48.01 18.28 -48.90
N LYS C 45 -47.41 19.43 -49.18
CA LYS C 45 -48.01 20.44 -50.07
C LYS C 45 -47.56 20.37 -51.54
N GLN C 46 -48.37 20.96 -52.43
CA GLN C 46 -48.15 20.97 -53.89
C GLN C 46 -48.59 22.31 -54.52
N ASN C 49 -51.96 20.99 -54.05
CA ASN C 49 -52.62 19.76 -53.60
C ASN C 49 -52.06 19.29 -52.27
N ILE C 50 -52.94 19.06 -51.30
CA ILE C 50 -52.52 18.63 -49.97
C ILE C 50 -52.72 17.12 -49.83
N LEU C 51 -51.61 16.39 -49.91
CA LEU C 51 -51.60 14.93 -49.88
C LEU C 51 -51.33 14.40 -48.47
N VAL C 52 -51.81 13.19 -48.20
CA VAL C 52 -51.50 12.48 -46.95
C VAL C 52 -50.54 11.36 -47.26
N PHE C 53 -49.52 11.21 -46.42
CA PHE C 53 -48.59 10.10 -46.54
C PHE C 53 -48.71 9.20 -45.33
N ASN C 54 -48.78 7.90 -45.59
CA ASN C 54 -48.74 6.91 -44.53
C ASN C 54 -47.27 6.57 -44.26
N ALA C 55 -46.75 7.08 -43.15
CA ALA C 55 -45.36 6.87 -42.77
C ALA C 55 -45.04 5.39 -42.61
N GLU C 56 -46.03 4.65 -42.12
CA GLU C 56 -45.95 3.20 -41.96
C GLU C 56 -45.34 2.50 -43.19
N TYR C 57 -45.95 2.70 -44.36
CA TYR C 57 -45.56 2.01 -45.60
C TYR C 57 -45.09 2.95 -46.71
N GLY C 58 -45.86 4.01 -46.98
CA GLY C 58 -45.46 5.01 -47.97
C GLY C 58 -46.53 5.55 -48.90
N ASN C 59 -47.59 4.77 -49.11
CA ASN C 59 -48.66 5.13 -50.07
C ASN C 59 -49.19 6.56 -49.91
N SER C 60 -49.12 7.32 -51.00
CA SER C 60 -49.63 8.68 -51.01
C SER C 60 -51.05 8.75 -51.60
N SER C 61 -51.95 9.38 -50.84
CA SER C 61 -53.31 9.63 -51.31
C SER C 61 -53.74 11.07 -51.03
N VAL C 62 -54.71 11.56 -51.81
CA VAL C 62 -55.11 12.96 -51.80
C VAL C 62 -56.03 13.34 -50.62
N PHE C 63 -55.89 14.57 -50.13
CA PHE C 63 -56.75 15.11 -49.05
C PHE C 63 -57.45 16.41 -49.47
N LEU C 64 -56.71 17.31 -50.11
CA LEU C 64 -57.28 18.49 -50.76
C LEU C 64 -56.66 18.65 -52.15
N GLU C 65 -57.51 18.91 -53.14
CA GLU C 65 -57.04 19.07 -54.51
C GLU C 65 -56.69 20.54 -54.79
N ASN C 66 -55.77 20.76 -55.72
CA ASN C 66 -55.31 22.12 -56.08
C ASN C 66 -56.41 23.07 -56.56
N SER C 67 -57.55 22.51 -56.96
CA SER C 67 -58.67 23.29 -57.49
C SER C 67 -59.91 23.36 -56.57
N THR C 68 -59.78 22.83 -55.35
CA THR C 68 -60.89 22.82 -54.37
C THR C 68 -61.30 24.23 -53.93
N PHE C 69 -60.37 25.18 -53.98
CA PHE C 69 -60.65 26.55 -53.60
C PHE C 69 -60.33 27.53 -54.74
N ASP C 70 -60.79 27.18 -55.94
CA ASP C 70 -60.57 28.00 -57.12
C ASP C 70 -61.56 29.17 -57.17
N GLU C 71 -62.83 28.86 -56.87
CA GLU C 71 -63.89 29.85 -56.86
C GLU C 71 -64.18 30.35 -55.43
N PHE C 72 -63.09 30.52 -54.67
CA PHE C 72 -63.15 31.08 -53.32
C PHE C 72 -63.14 32.61 -53.39
N GLY C 73 -62.34 33.16 -54.30
CA GLY C 73 -62.28 34.61 -54.52
C GLY C 73 -61.20 35.39 -53.80
N HIS C 74 -60.28 34.69 -53.12
CA HIS C 74 -59.13 35.32 -52.41
C HIS C 74 -57.89 34.39 -52.44
N SER C 75 -56.73 34.96 -52.15
CA SER C 75 -55.48 34.18 -52.06
C SER C 75 -55.37 33.49 -50.72
N ILE C 76 -55.17 32.18 -50.73
CA ILE C 76 -54.99 31.43 -49.50
C ILE C 76 -53.53 31.53 -49.05
N ASN C 77 -53.26 32.40 -48.08
CA ASN C 77 -51.92 32.55 -47.51
C ASN C 77 -51.42 31.26 -46.88
N ASP C 78 -52.21 30.76 -45.91
CA ASP C 78 -51.88 29.55 -45.16
C ASP C 78 -53.19 28.81 -44.84
N TYR C 79 -53.05 27.55 -44.41
CA TYR C 79 -54.19 26.71 -44.02
C TYR C 79 -53.92 26.07 -42.66
N SER C 80 -54.95 25.51 -42.03
CA SER C 80 -54.80 24.82 -40.76
C SER C 80 -55.94 23.83 -40.50
N ILE C 81 -55.60 22.54 -40.41
CA ILE C 81 -56.58 21.49 -40.13
C ILE C 81 -56.86 21.39 -38.64
N SER C 82 -58.10 21.09 -38.28
CA SER C 82 -58.44 20.83 -36.88
C SER C 82 -57.93 19.44 -36.53
N PRO C 83 -57.50 19.24 -35.27
CA PRO C 83 -56.98 17.95 -34.80
C PRO C 83 -57.86 16.73 -35.08
N ASP C 84 -59.18 16.86 -34.98
CA ASP C 84 -60.08 15.74 -35.29
C ASP C 84 -60.29 15.54 -36.80
N GLY C 85 -59.66 16.41 -37.60
CA GLY C 85 -59.62 16.28 -39.06
C GLY C 85 -60.90 16.52 -39.84
N GLN C 86 -61.83 17.28 -39.26
CA GLN C 86 -63.09 17.58 -39.95
C GLN C 86 -63.26 19.03 -40.42
N PHE C 87 -62.46 19.93 -39.86
CA PHE C 87 -62.50 21.35 -40.23
C PHE C 87 -61.15 21.86 -40.70
N ILE C 88 -61.15 22.54 -41.84
CA ILE C 88 -59.95 23.23 -42.30
C ILE C 88 -60.17 24.73 -42.16
N LEU C 89 -59.18 25.38 -41.57
CA LEU C 89 -59.18 26.82 -41.35
C LEU C 89 -58.39 27.51 -42.45
N LEU C 90 -59.03 28.46 -43.13
CA LEU C 90 -58.42 29.15 -44.27
C LEU C 90 -58.03 30.57 -43.93
N GLU C 91 -56.75 30.89 -44.09
CA GLU C 91 -56.20 32.20 -43.75
C GLU C 91 -55.97 33.04 -44.99
N TYR C 92 -56.53 34.25 -44.98
CA TYR C 92 -56.38 35.19 -46.09
C TYR C 92 -56.36 36.65 -45.61
N ASN C 93 -55.97 37.55 -46.51
CA ASN C 93 -55.76 38.96 -46.18
C ASN C 93 -54.65 39.12 -45.16
N TYR C 94 -53.52 38.47 -45.44
CA TYR C 94 -52.36 38.56 -44.59
C TYR C 94 -51.84 39.99 -44.63
N VAL C 95 -51.70 40.58 -43.44
CA VAL C 95 -51.09 41.91 -43.28
C VAL C 95 -50.09 41.84 -42.11
N LYS C 96 -48.81 41.87 -42.47
CA LYS C 96 -47.71 41.69 -41.50
C LYS C 96 -47.63 42.85 -40.50
N GLN C 97 -47.32 42.54 -39.24
CA GLN C 97 -46.99 43.58 -38.28
C GLN C 97 -45.50 43.49 -37.94
N TRP C 98 -45.14 42.85 -36.83
CA TRP C 98 -43.73 42.71 -36.45
C TRP C 98 -43.14 41.40 -36.96
N ARG C 99 -42.24 40.78 -36.20
CA ARG C 99 -41.54 39.59 -36.69
C ARG C 99 -42.44 38.36 -36.78
N HIS C 100 -43.35 38.22 -35.82
CA HIS C 100 -44.27 37.09 -35.75
C HIS C 100 -45.71 37.56 -35.90
N SER C 101 -46.00 38.75 -35.35
CA SER C 101 -47.35 39.28 -35.33
C SER C 101 -47.84 39.61 -36.72
N TYR C 102 -49.12 39.34 -36.94
CA TYR C 102 -49.81 39.69 -38.18
C TYR C 102 -51.31 39.66 -37.97
N THR C 103 -52.03 40.29 -38.90
CA THR C 103 -53.49 40.36 -38.90
C THR C 103 -53.96 39.60 -40.14
N ALA C 104 -55.11 38.95 -40.04
CA ALA C 104 -55.67 38.18 -41.16
C ALA C 104 -57.18 37.97 -41.05
N SER C 105 -57.80 37.62 -42.18
CA SER C 105 -59.19 37.19 -42.25
C SER C 105 -59.24 35.66 -42.38
N TYR C 106 -60.29 35.06 -41.81
CA TYR C 106 -60.39 33.61 -41.71
C TYR C 106 -61.77 33.09 -42.06
N ASP C 107 -61.83 32.08 -42.92
CA ASP C 107 -63.04 31.33 -43.19
C ASP C 107 -62.80 29.87 -42.87
N ILE C 108 -63.79 29.22 -42.26
CA ILE C 108 -63.69 27.79 -41.93
C ILE C 108 -64.45 26.95 -42.95
N TYR C 109 -63.85 25.84 -43.35
CA TYR C 109 -64.43 24.93 -44.34
C TYR C 109 -64.65 23.57 -43.68
N ASP C 110 -65.85 23.00 -43.87
CA ASP C 110 -66.16 21.68 -43.32
C ASP C 110 -65.77 20.61 -44.33
N LEU C 111 -64.90 19.70 -43.90
CA LEU C 111 -64.37 18.65 -44.78
C LEU C 111 -65.38 17.56 -45.15
N ASN C 112 -66.14 17.09 -44.16
CA ASN C 112 -67.15 16.05 -44.38
C ASN C 112 -68.25 16.43 -45.38
N LYS C 113 -68.71 17.67 -45.28
CA LYS C 113 -69.83 18.17 -46.10
C LYS C 113 -69.37 19.07 -47.25
N ARG C 114 -68.06 19.07 -47.52
CA ARG C 114 -67.43 19.79 -48.63
C ARG C 114 -67.85 21.26 -48.82
N GLN C 115 -68.18 21.97 -47.75
CA GLN C 115 -68.62 23.38 -47.89
C GLN C 115 -68.09 24.37 -46.85
N LEU C 116 -68.18 25.66 -47.19
CA LEU C 116 -67.72 26.75 -46.31
C LEU C 116 -68.80 27.09 -45.29
N ILE C 117 -68.41 27.28 -44.03
CA ILE C 117 -69.36 27.74 -43.01
C ILE C 117 -69.60 29.24 -43.23
N THR C 118 -70.86 29.66 -43.15
CA THR C 118 -71.23 31.05 -43.49
C THR C 118 -71.78 31.93 -42.35
N GLU C 119 -72.27 31.31 -41.27
CA GLU C 119 -72.74 32.11 -40.13
C GLU C 119 -71.83 31.99 -38.90
N GLU C 120 -71.82 33.05 -38.09
CA GLU C 120 -70.93 33.21 -36.94
C GLU C 120 -69.46 33.08 -37.33
N ARG C 121 -69.08 33.83 -38.37
CA ARG C 121 -67.72 33.78 -38.92
C ARG C 121 -66.67 34.47 -38.05
N ILE C 122 -65.41 34.16 -38.30
CA ILE C 122 -64.29 34.81 -37.63
C ILE C 122 -64.11 36.20 -38.26
N PRO C 123 -64.14 37.26 -37.42
CA PRO C 123 -64.08 38.65 -37.89
C PRO C 123 -62.85 38.97 -38.76
N ASN C 124 -62.94 40.04 -39.53
CA ASN C 124 -61.78 40.59 -40.23
C ASN C 124 -60.76 41.11 -39.19
N ASN C 125 -59.50 41.19 -39.57
CA ASN C 125 -58.44 41.69 -38.67
C ASN C 125 -58.28 40.88 -37.38
N THR C 126 -58.37 39.56 -37.49
CA THR C 126 -58.18 38.70 -36.34
C THR C 126 -56.68 38.60 -36.07
N GLN C 127 -56.32 38.75 -34.80
CA GLN C 127 -54.93 38.86 -34.41
C GLN C 127 -54.24 37.51 -34.20
N TRP C 128 -55.01 36.50 -33.80
CA TRP C 128 -54.51 35.13 -33.62
C TRP C 128 -55.66 34.13 -33.60
N VAL C 129 -55.41 32.94 -34.15
CA VAL C 129 -56.33 31.81 -34.05
C VAL C 129 -55.58 30.52 -33.72
N THR C 130 -56.21 29.65 -32.96
CA THR C 130 -55.64 28.35 -32.62
C THR C 130 -56.73 27.31 -32.35
N TRP C 131 -56.61 26.14 -32.97
CA TRP C 131 -57.47 25.02 -32.65
C TRP C 131 -57.08 24.52 -31.26
N SER C 132 -58.02 23.86 -30.58
CA SER C 132 -57.70 23.13 -29.35
C SER C 132 -56.81 21.97 -29.79
N PRO C 133 -56.07 21.33 -28.86
CA PRO C 133 -55.17 20.25 -29.32
C PRO C 133 -55.94 18.98 -29.72
N VAL C 134 -57.19 18.87 -29.27
CA VAL C 134 -58.10 17.81 -29.71
C VAL C 134 -59.46 18.43 -30.07
N GLY C 135 -60.20 17.76 -30.95
CA GLY C 135 -61.50 18.25 -31.39
C GLY C 135 -61.45 19.41 -32.37
N HIS C 136 -62.37 20.36 -32.19
CA HIS C 136 -62.48 21.52 -33.07
C HIS C 136 -62.88 22.79 -32.32
N LYS C 137 -62.61 22.81 -31.02
CA LYS C 137 -62.75 24.03 -30.23
C LYS C 137 -61.79 25.08 -30.78
N LEU C 138 -62.25 26.32 -30.82
CA LEU C 138 -61.47 27.36 -31.42
C LEU C 138 -61.37 28.60 -30.53
N ALA C 139 -60.18 29.18 -30.51
CA ALA C 139 -59.93 30.41 -29.77
C ALA C 139 -59.22 31.42 -30.66
N TYR C 140 -59.65 32.67 -30.55
CA TYR C 140 -59.10 33.73 -31.38
C TYR C 140 -59.05 35.04 -30.64
N VAL C 141 -58.10 35.88 -31.04
CA VAL C 141 -57.98 37.24 -30.50
C VAL C 141 -58.41 38.25 -31.55
N TRP C 142 -59.26 39.18 -31.12
CA TRP C 142 -59.77 40.23 -31.99
C TRP C 142 -59.95 41.49 -31.16
N ASN C 143 -59.41 42.60 -31.66
CA ASN C 143 -59.38 43.88 -30.95
C ASN C 143 -58.83 43.75 -29.55
N ASN C 144 -57.80 42.92 -29.41
CA ASN C 144 -57.11 42.72 -28.13
C ASN C 144 -57.93 41.99 -27.08
N ASP C 145 -59.05 41.39 -27.49
CA ASP C 145 -59.88 40.60 -26.59
C ASP C 145 -60.02 39.14 -27.05
N ILE C 146 -60.18 38.24 -26.08
CA ILE C 146 -60.24 36.80 -26.38
C ILE C 146 -61.66 36.29 -26.56
N TYR C 147 -61.84 35.48 -27.59
CA TYR C 147 -63.12 34.85 -27.88
C TYR C 147 -62.90 33.34 -28.10
N VAL C 148 -63.84 32.54 -27.61
CA VAL C 148 -63.82 31.08 -27.81
C VAL C 148 -65.10 30.58 -28.48
N LYS C 149 -64.91 29.77 -29.52
CA LYS C 149 -66.01 29.06 -30.17
C LYS C 149 -65.92 27.58 -29.84
N ILE C 150 -67.03 27.02 -29.37
CA ILE C 150 -67.11 25.60 -29.04
C ILE C 150 -67.30 24.80 -30.33
N GLU C 151 -68.00 25.41 -31.28
CA GLU C 151 -68.25 24.82 -32.58
C GLU C 151 -68.12 25.96 -33.58
N PRO C 152 -67.55 25.69 -34.77
CA PRO C 152 -67.30 26.73 -35.79
C PRO C 152 -68.53 27.55 -36.20
N ASN C 153 -69.71 26.94 -36.09
CA ASN C 153 -70.97 27.60 -36.48
C ASN C 153 -71.72 28.24 -35.31
N LEU C 154 -71.21 28.07 -34.09
CA LEU C 154 -71.85 28.65 -32.90
C LEU C 154 -71.30 30.04 -32.58
N PRO C 155 -72.12 30.89 -31.92
CA PRO C 155 -71.66 32.24 -31.59
C PRO C 155 -70.49 32.17 -30.63
N SER C 156 -69.56 33.10 -30.75
CA SER C 156 -68.37 33.12 -29.92
C SER C 156 -68.72 33.51 -28.49
N TYR C 157 -68.02 32.91 -27.53
CA TYR C 157 -68.10 33.36 -26.16
C TYR C 157 -66.96 34.33 -25.96
N ARG C 158 -67.30 35.54 -25.51
CA ARG C 158 -66.32 36.58 -25.25
C ARG C 158 -65.74 36.44 -23.85
N ILE C 159 -64.46 36.06 -23.81
CA ILE C 159 -63.76 35.83 -22.55
C ILE C 159 -63.30 37.13 -21.89
N THR C 160 -62.86 38.09 -22.71
CA THR C 160 -62.34 39.36 -22.17
C THR C 160 -63.00 40.61 -22.76
N TRP C 161 -63.11 41.64 -21.93
CA TRP C 161 -63.74 42.90 -22.31
C TRP C 161 -62.83 44.08 -21.97
N THR C 162 -61.52 43.83 -21.84
CA THR C 162 -60.60 44.87 -21.38
C THR C 162 -59.60 45.32 -22.47
N GLY C 163 -59.59 44.61 -23.60
CA GLY C 163 -58.67 44.91 -24.69
C GLY C 163 -58.74 46.34 -25.20
N LYS C 164 -57.59 47.00 -25.23
CA LYS C 164 -57.46 48.40 -25.65
C LYS C 164 -56.21 48.50 -26.49
N GLU C 165 -56.36 48.89 -27.75
CA GLU C 165 -55.25 49.04 -28.69
C GLU C 165 -54.07 49.78 -28.04
N ASP C 166 -52.89 49.17 -28.12
CA ASP C 166 -51.65 49.73 -27.56
C ASP C 166 -51.55 49.85 -26.01
N ILE C 167 -52.51 49.28 -25.27
CA ILE C 167 -52.50 49.39 -23.80
C ILE C 167 -52.77 48.05 -23.07
N ILE C 168 -53.86 47.38 -23.42
CA ILE C 168 -54.23 46.11 -22.82
C ILE C 168 -54.28 45.02 -23.88
N TYR C 169 -53.46 44.01 -23.68
CA TYR C 169 -53.33 42.89 -24.60
C TYR C 169 -53.77 41.61 -23.91
N ASN C 170 -54.83 41.00 -24.41
CA ASN C 170 -55.30 39.71 -23.91
C ASN C 170 -55.01 38.61 -24.92
N GLY C 171 -54.23 37.61 -24.52
CA GLY C 171 -53.96 36.44 -25.35
C GLY C 171 -53.03 36.68 -26.52
N ILE C 172 -52.43 37.86 -26.56
CA ILE C 172 -51.43 38.23 -27.56
C ILE C 172 -50.37 39.07 -26.87
N THR C 173 -49.13 38.97 -27.33
CA THR C 173 -48.02 39.70 -26.71
C THR C 173 -47.93 41.13 -27.22
N ASP C 174 -47.25 41.99 -26.45
CA ASP C 174 -46.92 43.33 -26.93
C ASP C 174 -45.58 43.26 -27.67
N TRP C 175 -45.05 44.39 -28.12
CA TRP C 175 -43.84 44.39 -28.95
C TRP C 175 -42.70 43.56 -28.34
N VAL C 176 -42.36 43.86 -27.09
CA VAL C 176 -41.13 43.32 -26.51
C VAL C 176 -41.30 41.87 -26.09
N TYR C 177 -42.51 41.49 -25.68
CA TYR C 177 -42.80 40.09 -25.35
C TYR C 177 -42.80 39.23 -26.61
N GLU C 178 -43.27 39.80 -27.72
CA GLU C 178 -43.23 39.13 -29.01
C GLU C 178 -41.79 38.86 -29.44
N GLU C 179 -40.98 39.92 -29.45
CA GLU C 179 -39.64 39.84 -29.98
C GLU C 179 -38.62 39.18 -29.06
N GLU C 180 -38.75 39.38 -27.75
CA GLU C 180 -37.68 39.00 -26.83
C GLU C 180 -37.98 37.90 -25.81
N VAL C 181 -39.26 37.73 -25.46
CA VAL C 181 -39.63 36.73 -24.44
C VAL C 181 -40.25 35.47 -25.04
N PHE C 182 -41.36 35.59 -25.75
CA PHE C 182 -42.04 34.41 -26.32
C PHE C 182 -41.74 34.07 -27.79
N SER C 183 -41.06 34.95 -28.52
CA SER C 183 -40.78 34.72 -29.94
C SER C 183 -42.03 34.33 -30.72
N ALA C 184 -43.15 34.90 -30.32
CA ALA C 184 -44.45 34.64 -30.93
C ALA C 184 -45.44 35.72 -30.50
N TYR C 185 -46.57 35.79 -31.19
CA TYR C 185 -47.57 36.79 -30.93
C TYR C 185 -48.62 36.26 -29.95
N SER C 186 -48.93 34.97 -30.02
CA SER C 186 -49.96 34.39 -29.14
C SER C 186 -49.53 34.31 -27.69
N ALA C 187 -50.49 34.47 -26.81
CA ALA C 187 -50.33 34.23 -25.39
C ALA C 187 -51.52 33.38 -24.94
N LEU C 188 -51.71 32.27 -25.64
CA LEU C 188 -52.81 31.32 -25.40
C LEU C 188 -52.28 29.90 -25.39
N TRP C 189 -52.49 29.20 -24.29
CA TRP C 189 -52.05 27.83 -24.14
C TRP C 189 -53.20 26.95 -23.71
N TRP C 190 -53.69 26.11 -24.61
CA TRP C 190 -54.75 25.16 -24.28
C TRP C 190 -54.21 24.07 -23.37
N SER C 191 -55.04 23.56 -22.47
CA SER C 191 -54.70 22.36 -21.71
C SER C 191 -54.68 21.18 -22.70
N PRO C 192 -53.96 20.10 -22.35
CA PRO C 192 -53.78 18.97 -23.28
C PRO C 192 -55.06 18.47 -23.96
N ASN C 193 -56.15 18.29 -23.21
CA ASN C 193 -57.44 17.86 -23.80
C ASN C 193 -58.41 19.00 -24.19
N GLY C 194 -57.91 20.22 -24.22
CA GLY C 194 -58.67 21.39 -24.64
C GLY C 194 -59.84 21.80 -23.75
N THR C 195 -59.75 21.48 -22.46
CA THR C 195 -60.77 21.87 -21.48
C THR C 195 -60.54 23.28 -20.96
N PHE C 196 -59.35 23.55 -20.48
CA PHE C 196 -58.96 24.87 -20.01
C PHE C 196 -58.21 25.64 -21.09
N LEU C 197 -58.42 26.94 -21.12
CA LEU C 197 -57.61 27.83 -21.96
C LEU C 197 -56.91 28.82 -21.05
N ALA C 198 -55.59 28.77 -21.05
CA ALA C 198 -54.77 29.68 -20.27
C ALA C 198 -54.35 30.86 -21.12
N TYR C 199 -54.35 32.05 -20.53
CA TYR C 199 -53.91 33.24 -21.25
C TYR C 199 -53.21 34.27 -20.37
N ALA C 200 -52.29 35.01 -20.98
CA ALA C 200 -51.64 36.15 -20.35
C ALA C 200 -52.25 37.47 -20.81
N GLN C 201 -52.21 38.48 -19.93
CA GLN C 201 -52.61 39.85 -20.24
C GLN C 201 -51.47 40.81 -19.95
N PHE C 202 -51.14 41.65 -20.93
CA PHE C 202 -50.07 42.64 -20.79
C PHE C 202 -50.61 44.06 -20.69
N ASN C 203 -49.99 44.85 -19.82
CA ASN C 203 -50.42 46.22 -19.58
C ASN C 203 -49.29 47.18 -19.97
N ASP C 204 -49.55 48.00 -21.00
CA ASP C 204 -48.53 48.91 -21.52
C ASP C 204 -48.75 50.39 -21.17
N THR C 205 -49.64 50.67 -20.22
CA THR C 205 -50.00 52.05 -19.86
C THR C 205 -48.79 53.00 -19.80
N GLU C 206 -47.80 52.70 -18.97
CA GLU C 206 -46.70 53.64 -18.77
C GLU C 206 -45.47 53.40 -19.66
N VAL C 207 -45.59 52.43 -20.56
CA VAL C 207 -44.53 52.15 -21.52
C VAL C 207 -44.41 53.31 -22.51
N PRO C 208 -43.24 53.96 -22.58
CA PRO C 208 -43.10 55.06 -23.54
C PRO C 208 -43.18 54.58 -25.00
N LEU C 209 -43.51 55.48 -25.90
CA LEU C 209 -43.68 55.11 -27.29
C LEU C 209 -42.50 55.59 -28.10
N ILE C 210 -42.00 54.70 -28.94
CA ILE C 210 -41.06 55.09 -29.98
C ILE C 210 -41.93 55.60 -31.12
N GLU C 211 -41.55 56.75 -31.65
CA GLU C 211 -42.28 57.33 -32.77
C GLU C 211 -41.34 57.48 -33.93
N TYR C 212 -41.82 57.14 -35.12
CA TYR C 212 -41.03 57.26 -36.36
C TYR C 212 -41.94 57.43 -37.56
N SER C 213 -41.40 57.97 -38.64
CA SER C 213 -42.19 58.25 -39.81
C SER C 213 -42.32 57.06 -40.77
N PHE C 214 -43.53 56.91 -41.30
CA PHE C 214 -43.75 55.97 -42.38
C PHE C 214 -44.23 56.78 -43.58
N TYR C 215 -43.45 56.72 -44.67
CA TYR C 215 -43.67 57.58 -45.84
C TYR C 215 -44.75 57.06 -46.77
N SER C 216 -44.86 55.73 -46.82
CA SER C 216 -45.86 55.02 -47.60
C SER C 216 -45.81 55.35 -49.10
N ASP C 217 -46.88 55.00 -49.82
CA ASP C 217 -46.95 55.24 -51.26
C ASP C 217 -46.73 56.70 -51.62
N GLU C 218 -46.12 56.90 -52.78
CA GLU C 218 -45.95 58.20 -53.40
C GLU C 218 -47.23 59.08 -53.33
N SER C 219 -48.40 58.43 -53.30
CA SER C 219 -49.67 59.13 -53.18
C SER C 219 -50.01 59.63 -51.77
N LEU C 220 -49.30 59.19 -50.73
CA LEU C 220 -49.50 59.73 -49.39
C LEU C 220 -48.86 61.13 -49.32
N GLN C 221 -49.70 62.16 -49.24
CA GLN C 221 -49.23 63.55 -49.21
C GLN C 221 -48.53 63.89 -47.90
N TYR C 222 -49.10 63.45 -46.79
CA TYR C 222 -48.50 63.70 -45.48
C TYR C 222 -48.00 62.41 -44.83
N PRO C 223 -46.70 62.36 -44.49
CA PRO C 223 -46.11 61.20 -43.81
C PRO C 223 -46.90 60.80 -42.59
N LYS C 224 -47.02 59.50 -42.39
CA LYS C 224 -47.67 58.93 -41.23
C LYS C 224 -46.66 58.76 -40.07
N THR C 225 -47.10 59.00 -38.83
CA THR C 225 -46.22 58.77 -37.68
C THR C 225 -46.65 57.50 -36.96
N VAL C 226 -45.78 56.51 -36.99
CA VAL C 226 -46.04 55.23 -36.36
C VAL C 226 -45.58 55.33 -34.91
N ARG C 227 -46.46 54.94 -33.99
CA ARG C 227 -46.20 55.00 -32.55
C ARG C 227 -46.39 53.61 -31.89
N VAL C 228 -45.35 53.11 -31.22
CA VAL C 228 -45.33 51.76 -30.68
C VAL C 228 -44.75 51.77 -29.26
N PRO C 229 -45.49 51.22 -28.27
CA PRO C 229 -44.96 51.12 -26.91
C PRO C 229 -43.77 50.18 -26.89
N TYR C 230 -42.61 50.72 -26.53
CA TYR C 230 -41.33 50.03 -26.64
C TYR C 230 -40.51 50.47 -25.44
N PRO C 231 -40.20 49.53 -24.53
CA PRO C 231 -39.38 49.90 -23.41
C PRO C 231 -37.89 49.81 -23.76
N LYS C 232 -37.26 50.96 -23.95
CA LYS C 232 -35.80 51.01 -24.09
C LYS C 232 -35.16 50.70 -22.72
N ALA C 233 -33.87 50.38 -22.71
CA ALA C 233 -33.13 50.02 -21.48
C ALA C 233 -33.43 50.92 -20.28
N GLY C 234 -33.83 50.30 -19.18
CA GLY C 234 -34.08 50.98 -17.93
C GLY C 234 -35.37 51.77 -17.83
N ALA C 235 -36.23 51.68 -18.84
CA ALA C 235 -37.50 52.39 -18.82
C ALA C 235 -38.60 51.53 -18.20
N VAL C 236 -39.80 52.09 -18.06
CA VAL C 236 -40.94 51.35 -17.50
C VAL C 236 -41.33 50.19 -18.43
N ASN C 237 -41.32 48.98 -17.88
CA ASN C 237 -41.69 47.77 -18.59
C ASN C 237 -43.17 47.50 -18.49
N PRO C 238 -43.74 46.81 -19.51
CA PRO C 238 -45.11 46.32 -19.39
C PRO C 238 -45.28 45.42 -18.16
N THR C 239 -46.46 45.46 -17.53
CA THR C 239 -46.74 44.52 -16.44
C THR C 239 -47.50 43.31 -17.00
N VAL C 240 -47.53 42.22 -16.24
CA VAL C 240 -48.19 41.00 -16.71
C VAL C 240 -49.00 40.30 -15.64
N LYS C 241 -50.18 39.83 -16.03
CA LYS C 241 -51.05 38.99 -15.19
C LYS C 241 -51.36 37.69 -15.96
N PHE C 242 -51.81 36.67 -15.24
CA PHE C 242 -52.07 35.36 -15.86
C PHE C 242 -53.44 34.78 -15.49
N PHE C 243 -54.13 34.19 -16.46
CA PHE C 243 -55.49 33.67 -16.24
C PHE C 243 -55.73 32.33 -16.89
N VAL C 244 -56.64 31.57 -16.29
CA VAL C 244 -57.14 30.30 -16.84
C VAL C 244 -58.65 30.33 -16.75
N VAL C 245 -59.30 29.99 -17.87
CA VAL C 245 -60.75 29.91 -17.93
C VAL C 245 -61.19 28.51 -18.36
N ASN C 246 -62.37 28.09 -17.91
CA ASN C 246 -62.93 26.80 -18.21
C ASN C 246 -63.82 26.92 -19.44
N THR C 247 -63.44 26.28 -20.53
CA THR C 247 -64.19 26.36 -21.80
C THR C 247 -65.42 25.44 -21.87
N ASP C 248 -65.45 24.40 -21.04
CA ASP C 248 -66.57 23.44 -21.07
C ASP C 248 -67.82 23.94 -20.34
N SER C 249 -67.62 24.73 -19.29
CA SER C 249 -68.73 25.29 -18.48
C SER C 249 -69.03 26.73 -18.86
N LEU C 250 -68.98 27.01 -20.16
CA LEU C 250 -69.13 28.36 -20.71
C LEU C 250 -70.62 28.71 -20.93
N SER C 251 -71.02 29.89 -20.46
CA SER C 251 -72.44 30.27 -20.48
C SER C 251 -72.77 31.36 -21.49
N SER C 252 -74.01 31.32 -21.99
CA SER C 252 -74.51 32.36 -22.90
C SER C 252 -75.16 33.51 -22.15
N VAL C 253 -75.84 33.19 -21.05
CA VAL C 253 -76.62 34.17 -20.31
C VAL C 253 -75.76 34.97 -19.31
N THR C 254 -74.54 34.49 -19.03
CA THR C 254 -73.62 35.16 -18.12
C THR C 254 -72.20 35.17 -18.69
N ASN C 255 -71.43 36.21 -18.35
CA ASN C 255 -70.02 36.34 -18.76
C ASN C 255 -69.12 35.25 -18.18
N ALA C 256 -67.99 34.98 -18.84
CA ALA C 256 -67.04 33.98 -18.36
C ALA C 256 -66.21 34.51 -17.22
N THR C 257 -65.96 33.66 -16.22
CA THR C 257 -65.20 34.04 -15.05
C THR C 257 -63.79 33.44 -15.06
N SER C 258 -62.81 34.28 -15.40
CA SER C 258 -61.41 33.84 -15.50
C SER C 258 -60.71 33.81 -14.14
N ILE C 259 -59.98 32.74 -13.87
CA ILE C 259 -59.24 32.59 -12.61
C ILE C 259 -57.81 33.10 -12.77
N GLN C 260 -57.42 34.03 -11.90
CA GLN C 260 -56.07 34.58 -11.93
C GLN C 260 -55.13 33.77 -11.04
N ILE C 261 -53.93 33.55 -11.56
CA ILE C 261 -52.86 32.94 -10.80
C ILE C 261 -51.82 34.04 -10.62
N THR C 262 -51.56 34.39 -9.36
CA THR C 262 -50.58 35.44 -9.08
C THR C 262 -49.15 34.93 -9.20
N ALA C 263 -48.21 35.85 -9.37
CA ALA C 263 -46.79 35.52 -9.39
C ALA C 263 -46.34 35.32 -7.94
N PRO C 264 -45.27 34.52 -7.70
CA PRO C 264 -44.88 34.26 -6.32
C PRO C 264 -44.34 35.51 -5.64
N ALA C 265 -44.37 35.51 -4.30
CA ALA C 265 -43.94 36.66 -3.49
C ALA C 265 -42.63 37.26 -3.95
N SER C 266 -41.62 36.42 -4.15
CA SER C 266 -40.27 36.85 -4.52
C SER C 266 -40.16 37.35 -5.96
N MET C 267 -41.32 37.51 -6.61
CA MET C 267 -41.38 38.09 -7.95
C MET C 267 -42.21 39.37 -7.92
N LEU C 268 -43.21 39.40 -7.04
CA LEU C 268 -44.04 40.58 -6.86
C LEU C 268 -43.23 41.73 -6.23
N ILE C 269 -42.22 41.39 -5.44
CA ILE C 269 -41.34 42.37 -4.80
C ILE C 269 -40.83 43.48 -5.74
N GLY C 270 -40.60 43.17 -7.01
CA GLY C 270 -40.13 44.15 -7.99
C GLY C 270 -40.63 43.87 -9.40
N ASP C 271 -39.99 44.48 -10.39
CA ASP C 271 -40.32 44.19 -11.78
C ASP C 271 -39.95 42.75 -12.15
N HIS C 272 -40.84 42.09 -12.88
CA HIS C 272 -40.66 40.70 -13.26
C HIS C 272 -41.27 40.43 -14.63
N TYR C 273 -40.91 39.31 -15.24
CA TYR C 273 -41.59 38.88 -16.48
C TYR C 273 -42.15 37.47 -16.33
N LEU C 274 -43.26 37.22 -17.00
CA LEU C 274 -43.69 35.85 -17.20
C LEU C 274 -42.84 35.36 -18.38
N CYS C 275 -42.09 34.28 -18.22
CA CYS C 275 -41.21 33.87 -19.32
C CYS C 275 -41.50 32.51 -19.98
N ASP C 276 -42.28 31.67 -19.31
CA ASP C 276 -42.63 30.36 -19.86
C ASP C 276 -43.93 29.80 -19.27
N VAL C 277 -44.68 29.10 -20.12
CA VAL C 277 -45.93 28.43 -19.74
C VAL C 277 -45.93 27.05 -20.40
N THR C 278 -46.27 26.01 -19.63
CA THR C 278 -46.32 24.64 -20.10
C THR C 278 -47.34 23.88 -19.24
N TRP C 279 -48.27 23.20 -19.90
CA TRP C 279 -49.22 22.33 -19.20
C TRP C 279 -48.55 21.00 -18.89
N ALA C 280 -48.83 20.47 -17.71
CA ALA C 280 -48.25 19.20 -17.26
C ALA C 280 -49.25 18.05 -17.39
N THR C 281 -50.50 18.29 -17.02
CA THR C 281 -51.61 17.35 -17.18
C THR C 281 -52.87 18.15 -17.53
N GLN C 282 -54.03 17.49 -17.47
CA GLN C 282 -55.33 18.14 -17.74
C GLN C 282 -55.72 19.16 -16.67
N GLU C 283 -55.20 18.98 -15.46
CA GLU C 283 -55.55 19.83 -14.31
C GLU C 283 -54.32 20.46 -13.62
N ARG C 284 -53.17 20.43 -14.30
CA ARG C 284 -51.94 20.96 -13.74
C ARG C 284 -51.13 21.75 -14.76
N ILE C 285 -50.63 22.91 -14.34
CA ILE C 285 -49.87 23.81 -15.21
C ILE C 285 -48.64 24.38 -14.50
N SER C 286 -47.54 24.49 -15.23
CA SER C 286 -46.32 25.09 -14.70
C SER C 286 -46.09 26.46 -15.34
N LEU C 287 -45.71 27.43 -14.52
CA LEU C 287 -45.37 28.77 -14.99
C LEU C 287 -43.99 29.18 -14.51
N GLN C 288 -43.21 29.81 -15.39
CA GLN C 288 -41.91 30.33 -15.01
C GLN C 288 -41.89 31.84 -15.08
N TRP C 289 -41.45 32.46 -13.99
CA TRP C 289 -41.31 33.89 -13.90
C TRP C 289 -39.83 34.23 -13.85
N LEU C 290 -39.48 35.45 -14.26
CA LEU C 290 -38.10 35.91 -14.25
C LEU C 290 -38.07 37.31 -13.62
N ARG C 291 -37.17 37.55 -12.67
CA ARG C 291 -36.98 38.91 -12.15
C ARG C 291 -36.50 39.84 -13.26
N ARG C 292 -36.67 41.15 -13.09
CA ARG C 292 -36.18 42.11 -14.09
C ARG C 292 -34.66 42.07 -14.22
N ILE C 293 -33.98 41.84 -13.10
CA ILE C 293 -32.58 41.48 -13.17
C ILE C 293 -32.63 39.98 -13.44
N GLN C 294 -32.28 39.60 -14.66
CA GLN C 294 -32.53 38.23 -15.13
C GLN C 294 -31.54 37.16 -14.66
N ASN C 295 -31.21 37.16 -13.37
CA ASN C 295 -30.38 36.09 -12.80
C ASN C 295 -31.10 35.22 -11.75
N TYR C 296 -32.41 35.45 -11.57
CA TYR C 296 -33.21 34.69 -10.60
C TYR C 296 -34.57 34.37 -11.20
N SER C 297 -34.93 33.09 -11.29
CA SER C 297 -36.26 32.73 -11.80
C SER C 297 -36.91 31.60 -11.01
N VAL C 298 -38.22 31.74 -10.79
CA VAL C 298 -39.04 30.78 -10.04
C VAL C 298 -40.02 30.05 -10.95
N MET C 299 -40.15 28.74 -10.76
CA MET C 299 -41.19 27.97 -11.43
C MET C 299 -42.27 27.54 -10.45
N ASP C 300 -43.49 27.99 -10.72
CA ASP C 300 -44.66 27.60 -9.96
C ASP C 300 -45.38 26.43 -10.62
N ILE C 301 -45.84 25.48 -9.81
CA ILE C 301 -46.64 24.37 -10.30
C ILE C 301 -48.01 24.47 -9.65
N CYS C 302 -49.00 24.79 -10.48
CA CYS C 302 -50.34 25.08 -9.98
C CYS C 302 -51.37 24.01 -10.34
N ASP C 303 -52.15 23.61 -9.34
CA ASP C 303 -53.13 22.54 -9.47
C ASP C 303 -54.56 23.07 -9.42
N TYR C 304 -55.44 22.44 -10.18
CA TYR C 304 -56.85 22.75 -10.13
C TYR C 304 -57.49 22.13 -8.90
N ASP C 305 -58.30 22.91 -8.19
CA ASP C 305 -59.10 22.42 -7.07
C ASP C 305 -60.51 22.18 -7.59
N GLU C 306 -60.87 20.91 -7.81
CA GLU C 306 -62.13 20.55 -8.47
C GLU C 306 -63.40 21.08 -7.79
N SER C 307 -63.38 21.19 -6.46
CA SER C 307 -64.48 21.82 -5.72
C SER C 307 -64.06 23.18 -5.13
N SER C 308 -63.80 24.13 -6.02
CA SER C 308 -63.43 25.52 -5.69
C SER C 308 -63.52 26.34 -6.96
N GLY C 309 -62.87 25.83 -8.01
CA GLY C 309 -62.69 26.55 -9.26
C GLY C 309 -61.38 27.32 -9.21
N ARG C 310 -60.70 27.24 -8.07
CA ARG C 310 -59.48 27.99 -7.85
C ARG C 310 -58.22 27.16 -8.15
N TRP C 311 -57.12 27.86 -8.44
CA TRP C 311 -55.84 27.22 -8.76
C TRP C 311 -54.82 27.41 -7.63
N ASN C 312 -54.22 26.30 -7.21
CA ASN C 312 -53.28 26.30 -6.07
C ASN C 312 -51.85 25.88 -6.43
N CYS C 313 -50.91 26.80 -6.23
CA CYS C 313 -49.49 26.51 -6.40
C CYS C 313 -48.89 26.47 -5.01
N LEU C 314 -48.59 25.27 -4.52
CA LEU C 314 -47.96 25.14 -3.22
C LEU C 314 -46.52 25.65 -3.26
N VAL C 315 -46.09 26.27 -2.17
CA VAL C 315 -44.74 26.81 -2.04
C VAL C 315 -43.70 25.68 -2.07
N ALA C 316 -44.11 24.52 -1.57
CA ALA C 316 -43.25 23.32 -1.58
C ALA C 316 -43.08 22.74 -2.99
N ARG C 317 -43.66 23.40 -3.99
CA ARG C 317 -43.58 22.95 -5.38
C ARG C 317 -42.85 24.00 -6.23
N GLN C 318 -42.36 25.05 -5.58
CA GLN C 318 -41.60 26.08 -6.25
C GLN C 318 -40.19 25.60 -6.50
N HIS C 319 -39.73 25.80 -7.73
CA HIS C 319 -38.38 25.46 -8.12
C HIS C 319 -37.65 26.71 -8.52
N ILE C 320 -36.45 26.86 -8.00
CA ILE C 320 -35.61 28.01 -8.28
C ILE C 320 -34.51 27.65 -9.27
N GLU C 321 -34.22 28.57 -10.18
CA GLU C 321 -33.06 28.47 -11.02
C GLU C 321 -32.43 29.86 -11.01
N MET C 322 -31.21 29.93 -10.48
CA MET C 322 -30.48 31.19 -10.40
C MET C 322 -29.10 31.03 -11.04
N SER C 323 -28.36 32.13 -11.12
CA SER C 323 -27.04 32.15 -11.74
C SER C 323 -26.21 33.24 -11.09
N THR C 324 -24.98 32.92 -10.70
CA THR C 324 -24.08 33.95 -10.16
C THR C 324 -23.12 34.53 -11.20
N THR C 325 -22.81 33.76 -12.25
CA THR C 325 -21.88 34.22 -13.28
C THR C 325 -22.55 35.02 -14.40
N GLY C 326 -23.88 34.94 -14.52
CA GLY C 326 -24.57 35.65 -15.59
C GLY C 326 -26.08 35.72 -15.45
N TRP C 327 -26.77 35.41 -16.54
CA TRP C 327 -28.23 35.38 -16.60
C TRP C 327 -28.71 33.93 -16.65
N VAL C 328 -30.03 33.71 -16.56
CA VAL C 328 -30.57 32.37 -16.55
C VAL C 328 -30.98 31.92 -17.94
N GLY C 329 -30.50 30.75 -18.35
CA GLY C 329 -30.83 30.17 -19.66
C GLY C 329 -30.02 30.78 -20.79
N ARG C 330 -30.18 30.24 -22.00
CA ARG C 330 -29.45 30.79 -23.13
C ARG C 330 -29.99 32.18 -23.43
N PHE C 331 -31.29 32.26 -23.69
CA PHE C 331 -31.98 33.53 -23.86
C PHE C 331 -33.07 33.68 -22.82
N ARG C 332 -33.57 32.56 -22.34
CA ARG C 332 -34.58 32.53 -21.28
C ARG C 332 -34.47 31.18 -20.59
N PRO C 333 -34.94 31.06 -19.34
CA PRO C 333 -34.85 29.74 -18.70
C PRO C 333 -35.51 28.68 -19.57
N SER C 334 -34.93 27.50 -19.59
CA SER C 334 -35.40 26.38 -20.41
C SER C 334 -36.79 25.87 -20.04
N GLU C 335 -37.41 25.10 -20.94
CA GLU C 335 -38.77 24.57 -20.68
C GLU C 335 -38.80 23.13 -20.15
N PRO C 336 -39.78 22.83 -19.27
CA PRO C 336 -39.87 21.50 -18.67
C PRO C 336 -40.60 20.48 -19.54
N HIS C 337 -40.17 19.23 -19.44
CA HIS C 337 -40.80 18.15 -20.17
C HIS C 337 -41.30 17.14 -19.17
N PHE C 338 -42.60 17.23 -18.91
CA PHE C 338 -43.25 16.46 -17.89
C PHE C 338 -43.51 15.05 -18.34
N THR C 339 -43.46 14.13 -17.37
CA THR C 339 -43.85 12.74 -17.55
C THR C 339 -45.38 12.71 -17.55
N LEU C 340 -45.97 11.63 -18.09
CA LEU C 340 -47.43 11.46 -18.16
C LEU C 340 -48.18 11.92 -16.90
N ASP C 341 -47.76 11.46 -15.74
CA ASP C 341 -48.44 11.78 -14.49
C ASP C 341 -48.23 13.22 -14.03
N GLY C 342 -47.27 13.91 -14.66
CA GLY C 342 -46.96 15.29 -14.31
C GLY C 342 -46.34 15.42 -12.93
N ASN C 343 -45.83 14.31 -12.41
CA ASN C 343 -45.17 14.30 -11.10
C ASN C 343 -43.67 14.49 -11.17
N SER C 344 -43.15 14.53 -12.39
CA SER C 344 -41.73 14.78 -12.63
C SER C 344 -41.54 15.44 -13.99
N PHE C 345 -40.39 16.06 -14.18
CA PHE C 345 -40.05 16.67 -15.45
C PHE C 345 -38.56 16.68 -15.75
N TYR C 346 -38.25 16.78 -17.04
CA TYR C 346 -36.88 16.94 -17.53
C TYR C 346 -36.72 18.39 -18.01
N LYS C 347 -35.57 18.98 -17.74
CA LYS C 347 -35.31 20.39 -18.05
C LYS C 347 -33.81 20.61 -18.21
N ILE C 348 -33.42 21.38 -19.23
CA ILE C 348 -32.01 21.68 -19.47
C ILE C 348 -31.56 22.79 -18.53
N ILE C 349 -30.58 22.50 -17.70
CA ILE C 349 -30.04 23.51 -16.82
C ILE C 349 -28.52 23.45 -16.85
N SER C 350 -27.88 24.57 -16.57
CA SER C 350 -26.45 24.64 -16.50
C SER C 350 -25.99 23.83 -15.29
N ASN C 351 -25.03 22.93 -15.50
CA ASN C 351 -24.52 22.12 -14.39
C ASN C 351 -23.47 22.86 -13.57
N GLU C 352 -22.82 22.14 -12.67
CA GLU C 352 -21.81 22.73 -11.82
C GLU C 352 -20.64 23.30 -12.61
N GLU C 353 -20.19 22.57 -13.63
CA GLU C 353 -19.04 22.98 -14.45
C GLU C 353 -19.43 23.96 -15.59
N GLY C 354 -20.69 24.41 -15.58
CA GLY C 354 -21.17 25.42 -16.51
C GLY C 354 -21.69 24.91 -17.83
N TYR C 355 -21.90 23.59 -17.92
CA TYR C 355 -22.41 23.01 -19.15
C TYR C 355 -23.89 22.69 -19.06
N ARG C 356 -24.59 22.89 -20.17
CA ARG C 356 -26.04 22.66 -20.21
C ARG C 356 -26.41 21.19 -20.48
N HIS C 357 -27.13 20.62 -19.51
CA HIS C 357 -27.48 19.21 -19.54
C HIS C 357 -28.88 18.94 -18.98
N ILE C 358 -29.36 17.72 -19.21
CA ILE C 358 -30.71 17.35 -18.80
C ILE C 358 -30.75 16.98 -17.32
N CYS C 359 -31.62 17.67 -16.59
CA CYS C 359 -31.81 17.38 -15.18
C CYS C 359 -33.20 16.80 -14.93
N TYR C 360 -33.25 15.73 -14.14
CA TYR C 360 -34.51 15.10 -13.79
C TYR C 360 -34.98 15.63 -12.45
N PHE C 361 -36.12 16.31 -12.47
CA PHE C 361 -36.69 16.88 -11.27
C PHE C 361 -37.90 16.09 -10.83
N GLN C 362 -38.13 16.06 -9.53
CA GLN C 362 -39.41 15.59 -9.02
C GLN C 362 -40.14 16.80 -8.51
N ILE C 363 -41.42 16.91 -8.86
CA ILE C 363 -42.31 17.98 -8.44
C ILE C 363 -42.14 18.37 -6.97
N ASP C 364 -42.05 17.37 -6.10
CA ASP C 364 -41.98 17.54 -4.65
C ASP C 364 -40.64 18.03 -4.10
N LYS C 365 -39.53 17.53 -4.62
CA LYS C 365 -38.20 17.81 -4.04
C LYS C 365 -37.38 18.96 -4.66
N LYS C 366 -36.38 19.40 -3.90
CA LYS C 366 -35.47 20.49 -4.28
C LYS C 366 -34.48 20.07 -5.38
N ASP C 367 -33.69 19.04 -5.09
CA ASP C 367 -32.55 18.64 -5.94
C ASP C 367 -32.90 17.71 -7.11
N CYS C 368 -32.29 17.99 -8.26
CA CYS C 368 -32.43 17.12 -9.42
C CYS C 368 -31.20 16.26 -9.63
N THR C 369 -31.36 15.11 -10.30
CA THR C 369 -30.23 14.31 -10.74
C THR C 369 -29.99 14.53 -12.24
N PHE C 370 -28.77 14.91 -12.61
CA PHE C 370 -28.38 15.09 -14.02
C PHE C 370 -28.28 13.74 -14.74
N ILE C 371 -28.75 13.68 -15.98
CA ILE C 371 -28.70 12.41 -16.72
C ILE C 371 -27.80 12.45 -17.96
N THR C 372 -27.26 13.64 -18.26
CA THR C 372 -26.16 13.78 -19.21
C THR C 372 -25.11 14.71 -18.60
N LYS C 373 -23.85 14.51 -18.99
CA LYS C 373 -22.74 15.35 -18.54
C LYS C 373 -21.63 15.38 -19.57
N GLY C 374 -20.66 16.27 -19.39
CA GLY C 374 -19.49 16.34 -20.25
C GLY C 374 -19.24 17.72 -20.77
N THR C 375 -18.11 17.90 -21.44
CA THR C 375 -17.76 19.21 -22.02
C THR C 375 -18.34 19.36 -23.44
N TRP C 376 -19.67 19.42 -23.46
CA TRP C 376 -20.49 19.70 -24.63
C TRP C 376 -21.86 20.05 -24.06
N GLU C 377 -22.77 20.51 -24.90
CA GLU C 377 -24.05 20.99 -24.39
C GLU C 377 -25.25 20.29 -24.99
N VAL C 378 -26.38 20.33 -24.28
CA VAL C 378 -27.63 19.82 -24.82
C VAL C 378 -28.36 21.00 -25.46
N ILE C 379 -28.66 20.88 -26.75
CA ILE C 379 -29.31 21.97 -27.47
C ILE C 379 -30.82 22.03 -27.15
N GLY C 380 -31.49 20.89 -27.18
CA GLY C 380 -32.91 20.80 -26.85
C GLY C 380 -33.39 19.37 -26.62
N ILE C 381 -34.42 19.23 -25.78
CA ILE C 381 -35.10 17.96 -25.58
C ILE C 381 -36.22 17.89 -26.61
N GLU C 382 -36.19 16.87 -27.47
CA GLU C 382 -37.07 16.79 -28.63
C GLU C 382 -38.32 15.93 -28.46
N ALA C 383 -38.27 14.94 -27.58
CA ALA C 383 -39.45 14.10 -27.30
C ALA C 383 -39.22 13.21 -26.10
N LEU C 384 -40.27 13.03 -25.32
CA LEU C 384 -40.23 12.16 -24.16
C LEU C 384 -41.30 11.09 -24.27
N THR C 385 -40.88 9.83 -24.36
CA THR C 385 -41.82 8.72 -24.25
C THR C 385 -41.75 8.18 -22.82
N SER C 386 -42.32 7.01 -22.57
CA SER C 386 -42.25 6.40 -21.25
C SER C 386 -40.96 5.56 -21.11
N ASP C 387 -40.33 5.27 -22.23
CA ASP C 387 -39.11 4.48 -22.28
C ASP C 387 -37.88 5.28 -22.70
N TYR C 388 -38.08 6.37 -23.42
CA TYR C 388 -36.96 7.10 -24.01
C TYR C 388 -37.05 8.60 -23.94
N LEU C 389 -35.91 9.25 -23.71
CA LEU C 389 -35.78 10.70 -23.82
C LEU C 389 -34.97 10.96 -25.08
N TYR C 390 -35.53 11.77 -25.97
CA TYR C 390 -34.86 12.15 -27.21
C TYR C 390 -34.36 13.59 -27.10
N TYR C 391 -33.09 13.80 -27.43
CA TYR C 391 -32.51 15.14 -27.39
C TYR C 391 -31.50 15.37 -28.51
N ILE C 392 -31.16 16.64 -28.74
CA ILE C 392 -30.17 17.05 -29.74
C ILE C 392 -29.02 17.74 -29.03
N SER C 393 -27.79 17.33 -29.32
CA SER C 393 -26.60 17.93 -28.71
C SER C 393 -25.44 18.12 -29.69
N ASN C 394 -24.39 18.80 -29.22
CA ASN C 394 -23.17 18.99 -30.00
C ASN C 394 -22.00 18.15 -29.46
N GLU C 395 -22.30 16.91 -29.04
CA GLU C 395 -21.30 16.03 -28.43
C GLU C 395 -20.38 15.39 -29.44
N TYR C 396 -20.92 15.02 -30.61
CA TYR C 396 -20.18 14.26 -31.61
C TYR C 396 -18.85 14.90 -32.02
N LYS C 397 -17.79 14.10 -31.94
CA LYS C 397 -16.38 14.50 -32.15
C LYS C 397 -16.02 15.93 -31.73
N GLY C 398 -16.63 16.38 -30.63
CA GLY C 398 -16.27 17.63 -29.98
C GLY C 398 -16.50 18.90 -30.76
N MET C 399 -17.51 18.91 -31.62
CA MET C 399 -17.77 20.07 -32.46
C MET C 399 -18.96 20.88 -31.95
N PRO C 400 -18.70 22.06 -31.39
CA PRO C 400 -19.83 22.82 -30.87
C PRO C 400 -20.76 23.29 -31.98
N GLY C 401 -20.28 23.25 -33.23
CA GLY C 401 -21.05 23.63 -34.40
C GLY C 401 -21.72 22.46 -35.11
N GLY C 402 -21.60 21.26 -34.54
CA GLY C 402 -22.35 20.10 -35.01
C GLY C 402 -23.65 19.88 -34.23
N ARG C 403 -24.62 19.21 -34.85
CA ARG C 403 -25.88 18.85 -34.16
C ARG C 403 -26.28 17.42 -34.50
N ASN C 404 -26.62 16.65 -33.48
CA ASN C 404 -27.08 15.27 -33.67
C ASN C 404 -28.17 14.84 -32.71
N LEU C 405 -28.88 13.80 -33.12
CA LEU C 405 -29.99 13.24 -32.36
C LEU C 405 -29.54 12.09 -31.48
N TYR C 406 -29.94 12.14 -30.22
CA TYR C 406 -29.61 11.11 -29.27
C TYR C 406 -30.87 10.63 -28.57
N LYS C 407 -30.80 9.42 -28.02
CA LYS C 407 -31.91 8.75 -27.38
C LYS C 407 -31.41 8.09 -26.09
N ILE C 408 -31.88 8.60 -24.96
CA ILE C 408 -31.53 8.06 -23.64
C ILE C 408 -32.53 6.95 -23.29
N GLN C 409 -32.02 5.78 -22.95
CA GLN C 409 -32.85 4.69 -22.44
C GLN C 409 -33.21 5.00 -20.98
N LEU C 410 -34.50 5.17 -20.72
CA LEU C 410 -34.97 5.66 -19.40
C LEU C 410 -34.69 4.77 -18.20
N SER C 411 -34.62 3.46 -18.39
CA SER C 411 -34.36 2.54 -17.27
C SER C 411 -32.87 2.41 -16.90
N ASP C 412 -31.99 2.88 -17.78
CA ASP C 412 -30.54 2.89 -17.51
C ASP C 412 -29.97 4.04 -18.31
N TYR C 413 -30.14 5.25 -17.78
CA TYR C 413 -29.78 6.48 -18.48
C TYR C 413 -28.35 6.56 -19.03
N THR C 414 -27.45 5.72 -18.51
CA THR C 414 -26.09 5.65 -19.05
C THR C 414 -26.04 5.06 -20.46
N LYS C 415 -27.10 4.34 -20.83
CA LYS C 415 -27.20 3.77 -22.17
C LYS C 415 -27.81 4.79 -23.13
N VAL C 416 -26.97 5.33 -24.01
CA VAL C 416 -27.37 6.35 -24.97
C VAL C 416 -26.92 5.99 -26.38
N THR C 417 -27.86 6.05 -27.33
CA THR C 417 -27.58 5.73 -28.74
C THR C 417 -27.56 7.01 -29.55
N CYS C 418 -26.52 7.21 -30.36
CA CYS C 418 -26.55 8.29 -31.33
C CYS C 418 -27.34 7.84 -32.56
N LEU C 419 -28.42 8.55 -32.85
CA LEU C 419 -29.33 8.17 -33.94
C LEU C 419 -28.91 8.69 -35.30
N SER C 420 -28.25 9.84 -35.34
CA SER C 420 -27.94 10.52 -36.61
C SER C 420 -26.45 10.53 -36.99
N CYS C 421 -25.59 10.41 -35.98
CA CYS C 421 -24.15 10.49 -36.16
C CYS C 421 -23.63 9.80 -37.41
N GLU C 422 -23.88 8.50 -37.50
CA GLU C 422 -23.29 7.65 -38.53
C GLU C 422 -24.05 7.54 -39.85
N LEU C 423 -25.22 8.17 -39.93
CA LEU C 423 -26.06 8.05 -41.13
C LEU C 423 -25.37 8.44 -42.43
N ASN C 424 -24.67 9.57 -42.42
CA ASN C 424 -23.85 10.00 -43.54
C ASN C 424 -22.92 11.10 -43.05
N PRO C 425 -21.88 10.71 -42.29
CA PRO C 425 -20.98 11.67 -41.61
C PRO C 425 -20.25 12.59 -42.58
N GLU C 426 -20.11 12.14 -43.83
CA GLU C 426 -19.47 12.90 -44.89
C GLU C 426 -20.30 14.15 -45.20
N ARG C 427 -21.57 13.98 -45.56
CA ARG C 427 -22.40 15.11 -45.96
C ARG C 427 -23.29 15.69 -44.84
N CYS C 428 -23.43 14.95 -43.74
CA CYS C 428 -24.38 15.31 -42.69
C CYS C 428 -23.80 15.40 -41.27
N GLN C 429 -23.78 16.61 -40.72
CA GLN C 429 -23.31 16.85 -39.35
C GLN C 429 -24.22 17.80 -38.57
N TYR C 430 -25.28 18.28 -39.22
CA TYR C 430 -26.20 19.22 -38.59
C TYR C 430 -27.63 18.73 -38.77
N TYR C 431 -28.25 18.27 -37.68
CA TYR C 431 -29.60 17.72 -37.75
C TYR C 431 -30.61 18.48 -36.94
N SER C 432 -31.86 18.35 -37.36
CA SER C 432 -33.00 18.71 -36.55
C SER C 432 -33.99 17.56 -36.73
N VAL C 433 -35.02 17.53 -35.88
CA VAL C 433 -35.94 16.41 -35.88
C VAL C 433 -37.39 16.86 -35.80
N SER C 434 -38.31 15.94 -36.09
CA SER C 434 -39.73 16.21 -36.06
C SER C 434 -40.46 14.89 -35.80
N PHE C 435 -41.07 14.76 -34.62
CA PHE C 435 -41.70 13.51 -34.19
C PHE C 435 -43.20 13.44 -34.43
N SER C 436 -43.68 12.23 -34.73
CA SER C 436 -45.12 11.97 -34.80
C SER C 436 -45.72 12.14 -33.40
N LYS C 437 -47.06 12.19 -33.33
CA LYS C 437 -47.79 12.43 -32.09
C LYS C 437 -47.15 11.80 -30.85
N GLU C 438 -47.01 10.48 -30.87
CA GLU C 438 -46.36 9.75 -29.76
C GLU C 438 -44.97 9.23 -30.16
N ALA C 439 -44.24 10.05 -30.92
CA ALA C 439 -42.86 9.77 -31.28
C ALA C 439 -42.61 8.45 -32.02
N LYS C 440 -43.67 7.85 -32.57
CA LYS C 440 -43.57 6.57 -33.26
C LYS C 440 -42.68 6.64 -34.50
N TYR C 441 -42.74 7.75 -35.21
CA TYR C 441 -41.90 7.97 -36.38
C TYR C 441 -41.14 9.31 -36.24
N TYR C 442 -40.13 9.52 -37.09
CA TYR C 442 -39.44 10.82 -37.12
C TYR C 442 -38.75 11.16 -38.43
N GLN C 443 -38.80 12.45 -38.75
CA GLN C 443 -38.10 13.01 -39.88
C GLN C 443 -36.83 13.69 -39.39
N LEU C 444 -35.71 13.35 -40.04
CA LEU C 444 -34.45 14.03 -39.82
C LEU C 444 -34.21 15.02 -40.95
N ARG C 445 -33.95 16.27 -40.58
CA ARG C 445 -33.50 17.26 -41.55
C ARG C 445 -32.01 17.48 -41.33
N CYS C 446 -31.22 17.22 -42.35
CA CYS C 446 -29.79 17.42 -42.30
C CYS C 446 -29.41 18.69 -43.05
N SER C 447 -28.82 19.66 -42.34
CA SER C 447 -28.48 20.96 -42.92
C SER C 447 -27.07 21.16 -43.49
N GLY C 448 -26.20 20.16 -43.34
CA GLY C 448 -24.86 20.24 -43.88
C GLY C 448 -23.87 19.36 -43.17
N PRO C 449 -22.58 19.42 -43.53
CA PRO C 449 -21.96 20.40 -44.43
C PRO C 449 -22.31 20.24 -45.91
N GLY C 450 -22.69 19.03 -46.34
CA GLY C 450 -23.14 18.80 -47.71
C GLY C 450 -24.53 19.37 -47.98
N LEU C 451 -25.11 18.99 -49.12
CA LEU C 451 -26.44 19.47 -49.50
C LEU C 451 -27.50 18.88 -48.56
N PRO C 452 -28.52 19.67 -48.18
CA PRO C 452 -29.50 19.16 -47.22
C PRO C 452 -30.13 17.84 -47.61
N LEU C 453 -30.47 17.04 -46.61
CA LEU C 453 -31.01 15.71 -46.79
C LEU C 453 -32.16 15.46 -45.82
N TYR C 454 -33.32 15.12 -46.35
CA TYR C 454 -34.50 14.89 -45.52
C TYR C 454 -34.87 13.40 -45.56
N THR C 455 -34.77 12.72 -44.42
CA THR C 455 -35.09 11.29 -44.36
C THR C 455 -36.20 10.97 -43.34
N LEU C 456 -36.88 9.85 -43.55
CA LEU C 456 -37.95 9.38 -42.66
C LEU C 456 -37.55 8.09 -41.94
N HIS C 457 -37.92 7.98 -40.66
CA HIS C 457 -37.47 6.86 -39.81
C HIS C 457 -38.54 6.29 -38.89
N SER C 458 -38.42 5.00 -38.58
CA SER C 458 -39.25 4.35 -37.57
C SER C 458 -38.49 4.36 -36.25
N SER C 459 -39.14 4.77 -35.17
CA SER C 459 -38.45 4.85 -33.87
C SER C 459 -38.51 3.55 -33.06
N VAL C 460 -39.23 2.55 -33.59
CA VAL C 460 -39.36 1.27 -32.92
C VAL C 460 -38.03 0.52 -32.87
N ASN C 461 -37.16 0.79 -33.84
CA ASN C 461 -35.81 0.21 -33.88
C ASN C 461 -34.78 1.16 -34.50
N ASP C 462 -35.27 2.31 -34.98
CA ASP C 462 -34.47 3.37 -35.61
C ASP C 462 -33.93 2.98 -36.99
N LYS C 463 -34.75 2.25 -37.76
CA LYS C 463 -34.39 1.91 -39.13
C LYS C 463 -34.85 3.03 -40.08
N GLY C 464 -34.02 3.33 -41.07
CA GLY C 464 -34.33 4.37 -42.05
C GLY C 464 -35.35 3.88 -43.05
N LEU C 465 -36.45 4.63 -43.20
CA LEU C 465 -37.53 4.21 -44.09
C LEU C 465 -37.28 4.65 -45.52
N ARG C 466 -37.11 5.96 -45.71
CA ARG C 466 -36.87 6.49 -47.05
C ARG C 466 -36.19 7.84 -47.07
N VAL C 467 -35.66 8.18 -48.23
CA VAL C 467 -35.15 9.51 -48.54
C VAL C 467 -36.34 10.30 -49.09
N LEU C 468 -36.71 11.37 -48.39
CA LEU C 468 -37.83 12.22 -48.78
C LEU C 468 -37.38 13.28 -49.79
N GLU C 469 -36.22 13.86 -49.53
CA GLU C 469 -35.65 14.90 -50.38
C GLU C 469 -34.12 14.89 -50.20
N ASP C 470 -33.40 14.77 -51.31
CA ASP C 470 -31.93 14.73 -51.26
C ASP C 470 -31.26 15.79 -52.12
N ASN C 471 -32.05 16.74 -52.65
CA ASN C 471 -31.53 17.85 -53.43
C ASN C 471 -30.56 17.43 -54.55
N SER C 472 -30.91 16.37 -55.26
CA SER C 472 -30.07 15.88 -56.35
C SER C 472 -30.20 16.75 -57.61
N ALA C 473 -31.29 17.53 -57.67
CA ALA C 473 -31.50 18.47 -58.76
C ALA C 473 -30.51 19.64 -58.64
N LEU C 474 -30.42 20.21 -57.45
CA LEU C 474 -29.44 21.26 -57.15
C LEU C 474 -28.02 20.73 -57.29
N ASP C 475 -27.82 19.48 -56.91
CA ASP C 475 -26.52 18.84 -56.99
C ASP C 475 -26.04 18.82 -58.43
N LYS C 476 -26.95 18.49 -59.34
CA LYS C 476 -26.65 18.47 -60.76
C LYS C 476 -26.05 19.80 -61.18
N MET C 477 -26.84 20.85 -61.02
CA MET C 477 -26.49 22.20 -61.46
C MET C 477 -25.15 22.66 -60.91
N LEU C 478 -24.91 22.40 -59.63
CA LEU C 478 -23.67 22.81 -58.96
C LEU C 478 -22.38 22.17 -59.49
N GLN C 479 -22.52 21.08 -60.23
CA GLN C 479 -21.36 20.39 -60.80
C GLN C 479 -20.67 21.18 -61.91
N ASN C 480 -21.38 22.16 -62.49
CA ASN C 480 -20.80 23.01 -63.51
C ASN C 480 -20.52 24.46 -63.06
N VAL C 481 -20.69 24.71 -61.76
CA VAL C 481 -20.32 26.01 -61.19
C VAL C 481 -19.22 25.81 -60.16
N GLN C 482 -18.13 26.55 -60.31
CA GLN C 482 -17.02 26.45 -59.37
C GLN C 482 -17.39 27.10 -58.06
N MET C 483 -17.59 26.25 -57.07
CA MET C 483 -18.06 26.61 -55.74
C MET C 483 -16.91 26.83 -54.77
N PRO C 484 -17.15 27.65 -53.73
CA PRO C 484 -16.18 27.81 -52.66
C PRO C 484 -16.10 26.53 -51.84
N SER C 485 -15.12 26.43 -50.97
CA SER C 485 -15.09 25.35 -50.00
C SER C 485 -15.24 25.98 -48.64
N LYS C 486 -15.39 25.14 -47.61
CA LYS C 486 -15.60 25.61 -46.26
C LYS C 486 -14.69 24.90 -45.26
N LYS C 487 -13.88 25.69 -44.56
CA LYS C 487 -13.01 25.18 -43.53
C LYS C 487 -13.61 25.55 -42.18
N LEU C 488 -13.96 24.54 -41.40
CA LEU C 488 -14.37 24.72 -40.02
C LEU C 488 -13.25 24.24 -39.15
N ASP C 489 -12.77 25.09 -38.25
CA ASP C 489 -11.62 24.76 -37.41
C ASP C 489 -11.55 25.66 -36.16
N PHE C 490 -10.57 25.40 -35.31
CA PHE C 490 -10.40 26.17 -34.10
C PHE C 490 -8.99 26.75 -34.01
N ILE C 491 -8.83 27.78 -33.20
CA ILE C 491 -7.51 28.28 -32.82
C ILE C 491 -7.46 28.31 -31.29
N ILE C 492 -6.25 28.31 -30.74
CA ILE C 492 -6.10 28.28 -29.29
C ILE C 492 -5.71 29.64 -28.71
N LEU C 493 -6.59 30.18 -27.86
CA LEU C 493 -6.38 31.45 -27.16
C LEU C 493 -6.43 31.24 -25.66
N ASN C 494 -5.36 31.65 -24.98
CA ASN C 494 -5.23 31.46 -23.54
C ASN C 494 -5.71 30.06 -23.16
N GLU C 495 -5.15 29.08 -23.86
CA GLU C 495 -5.43 27.65 -23.72
C GLU C 495 -6.92 27.27 -23.72
N THR C 496 -7.71 28.03 -24.48
CA THR C 496 -9.09 27.69 -24.79
C THR C 496 -9.25 27.57 -26.31
N LYS C 497 -10.03 26.57 -26.73
CA LYS C 497 -10.35 26.41 -28.14
C LYS C 497 -11.41 27.42 -28.54
N PHE C 498 -11.25 27.98 -29.74
CA PHE C 498 -12.21 28.93 -30.28
C PHE C 498 -12.40 28.62 -31.73
N TRP C 499 -13.65 28.51 -32.14
CA TRP C 499 -13.95 28.06 -33.48
C TRP C 499 -14.21 29.18 -34.45
N TYR C 500 -13.81 28.93 -35.69
CA TYR C 500 -13.99 29.84 -36.79
C TYR C 500 -14.29 29.01 -38.02
N GLN C 501 -14.99 29.59 -38.99
CA GLN C 501 -15.12 28.95 -40.27
C GLN C 501 -14.67 29.93 -41.36
N MET C 502 -14.27 29.39 -42.51
CA MET C 502 -13.93 30.21 -43.68
C MET C 502 -14.64 29.74 -44.94
N ILE C 503 -15.17 30.68 -45.72
CA ILE C 503 -15.69 30.37 -47.04
C ILE C 503 -14.54 30.69 -48.00
N LEU C 504 -13.95 29.65 -48.57
CA LEU C 504 -12.73 29.75 -49.37
C LEU C 504 -13.04 29.67 -50.87
N PRO C 505 -12.44 30.56 -51.68
CA PRO C 505 -12.61 30.55 -53.13
C PRO C 505 -12.30 29.20 -53.80
N PRO C 506 -12.94 28.92 -54.95
CA PRO C 506 -12.53 27.79 -55.79
C PRO C 506 -11.00 27.80 -56.02
N HIS C 507 -10.42 26.61 -56.22
CA HIS C 507 -8.99 26.48 -56.50
C HIS C 507 -8.14 27.31 -55.53
N PHE C 508 -8.48 27.22 -54.25
CA PHE C 508 -7.80 27.95 -53.19
C PHE C 508 -6.30 27.64 -53.16
N ASP C 509 -5.48 28.65 -52.95
CA ASP C 509 -4.03 28.50 -52.96
C ASP C 509 -3.36 29.16 -51.76
N LYS C 510 -2.80 28.35 -50.85
CA LYS C 510 -2.13 28.85 -49.64
C LYS C 510 -0.90 29.77 -49.85
N SER C 511 -0.43 29.84 -51.09
CA SER C 511 0.73 30.68 -51.42
C SER C 511 0.32 32.04 -51.99
N LYS C 512 -0.98 32.31 -52.00
CA LYS C 512 -1.49 33.62 -52.43
C LYS C 512 -1.98 34.40 -51.22
N LYS C 513 -1.93 35.73 -51.32
CA LYS C 513 -2.50 36.60 -50.31
C LYS C 513 -3.89 37.02 -50.80
N TYR C 514 -4.93 36.51 -50.15
CA TYR C 514 -6.31 36.85 -50.49
C TYR C 514 -6.86 37.95 -49.60
N PRO C 515 -7.71 38.84 -50.17
CA PRO C 515 -8.45 39.79 -49.35
C PRO C 515 -9.44 39.05 -48.49
N LEU C 516 -9.76 39.61 -47.34
CA LEU C 516 -10.58 38.89 -46.40
C LEU C 516 -11.67 39.76 -45.80
N LEU C 517 -12.89 39.23 -45.79
CA LEU C 517 -14.01 39.89 -45.15
C LEU C 517 -14.48 39.06 -43.94
N LEU C 518 -14.62 39.76 -42.82
CA LEU C 518 -15.02 39.12 -41.59
C LEU C 518 -16.52 39.34 -41.35
N ASP C 519 -17.26 38.24 -41.44
CA ASP C 519 -18.69 38.21 -41.19
C ASP C 519 -18.98 38.03 -39.68
N VAL C 520 -19.54 39.05 -39.06
CA VAL C 520 -19.68 39.02 -37.60
C VAL C 520 -21.10 39.13 -37.03
N TYR C 521 -21.35 38.34 -36.00
CA TYR C 521 -22.53 38.46 -35.18
C TYR C 521 -22.03 38.74 -33.76
N ALA C 522 -21.49 37.70 -33.11
CA ALA C 522 -20.72 37.86 -31.87
C ALA C 522 -21.53 38.23 -30.62
N GLY C 523 -22.86 38.21 -30.73
CA GLY C 523 -23.71 38.48 -29.59
C GLY C 523 -23.63 37.42 -28.50
N PRO C 524 -24.18 37.69 -27.32
CA PRO C 524 -24.25 36.69 -26.26
C PRO C 524 -24.95 35.42 -26.74
N CYS C 525 -24.25 34.29 -26.67
CA CYS C 525 -24.80 33.00 -27.10
C CYS C 525 -24.91 32.84 -28.64
N SER C 526 -24.13 33.65 -29.36
CA SER C 526 -24.12 33.53 -30.81
C SER C 526 -23.29 32.34 -31.28
N GLN C 527 -23.59 31.85 -32.47
CA GLN C 527 -22.74 30.85 -33.10
C GLN C 527 -22.69 31.07 -34.59
N LYS C 528 -21.49 31.34 -35.12
CA LYS C 528 -21.34 31.61 -36.54
C LYS C 528 -20.39 30.65 -37.20
N ALA C 529 -19.82 29.75 -36.41
CA ALA C 529 -18.97 28.69 -36.94
C ALA C 529 -19.70 27.37 -36.73
N ASP C 530 -20.32 26.86 -37.78
CA ASP C 530 -21.10 25.63 -37.72
C ASP C 530 -20.89 24.82 -38.99
N THR C 531 -21.65 23.74 -39.12
CA THR C 531 -21.53 22.83 -40.26
C THR C 531 -22.71 22.97 -41.21
N VAL C 532 -23.42 24.08 -41.16
CA VAL C 532 -24.54 24.30 -42.07
C VAL C 532 -24.06 24.70 -43.46
N PHE C 533 -24.73 24.17 -44.48
CA PHE C 533 -24.47 24.54 -45.87
C PHE C 533 -25.31 25.78 -46.25
N ARG C 534 -24.66 26.78 -46.87
CA ARG C 534 -25.35 28.03 -47.17
C ARG C 534 -25.09 28.56 -48.57
N LEU C 535 -26.17 28.98 -49.24
CA LEU C 535 -26.06 29.72 -50.49
C LEU C 535 -26.43 31.14 -50.17
N ASN C 536 -25.41 31.99 -50.03
CA ASN C 536 -25.66 33.37 -49.64
C ASN C 536 -24.64 34.33 -50.25
N TRP C 537 -24.71 35.59 -49.83
CA TRP C 537 -23.82 36.63 -50.32
C TRP C 537 -22.35 36.22 -50.29
N ALA C 538 -21.89 35.69 -49.15
CA ALA C 538 -20.51 35.21 -49.00
C ALA C 538 -20.14 34.15 -50.04
N THR C 539 -21.10 33.29 -50.40
CA THR C 539 -20.88 32.30 -51.46
C THR C 539 -20.41 33.01 -52.74
N TYR C 540 -21.14 34.07 -53.14
CA TYR C 540 -20.76 34.88 -54.31
C TYR C 540 -19.41 35.57 -54.14
N LEU C 541 -19.18 36.16 -52.97
CA LEU C 541 -17.91 36.81 -52.70
C LEU C 541 -16.73 35.85 -52.85
N ALA C 542 -16.90 34.62 -52.40
CA ALA C 542 -15.84 33.64 -52.52
C ALA C 542 -15.75 33.09 -53.95
N SER C 543 -16.89 32.75 -54.54
CA SER C 543 -16.92 32.13 -55.87
C SER C 543 -16.51 33.06 -57.01
N THR C 544 -17.03 34.28 -56.98
CA THR C 544 -16.78 35.25 -58.04
C THR C 544 -15.61 36.18 -57.73
N GLU C 545 -15.65 36.83 -56.58
CA GLU C 545 -14.68 37.89 -56.27
C GLU C 545 -13.34 37.42 -55.69
N ASN C 546 -13.26 36.13 -55.34
CA ASN C 546 -12.07 35.58 -54.69
C ASN C 546 -11.71 36.26 -53.37
N ILE C 547 -12.72 36.47 -52.53
CA ILE C 547 -12.55 37.02 -51.19
C ILE C 547 -12.76 35.92 -50.17
N ILE C 548 -11.86 35.83 -49.19
CA ILE C 548 -12.07 34.90 -48.09
C ILE C 548 -13.07 35.48 -47.12
N VAL C 549 -14.13 34.73 -46.85
CA VAL C 549 -15.10 35.19 -45.87
C VAL C 549 -14.99 34.33 -44.63
N ALA C 550 -14.66 34.97 -43.52
CA ALA C 550 -14.47 34.29 -42.26
C ALA C 550 -15.53 34.71 -41.24
N SER C 551 -15.83 33.81 -40.32
CA SER C 551 -16.62 34.11 -39.13
C SER C 551 -15.90 33.52 -37.92
N PHE C 552 -16.21 34.00 -36.72
CA PHE C 552 -15.47 33.55 -35.56
C PHE C 552 -16.25 33.72 -34.28
N ASP C 553 -16.32 32.63 -33.51
CA ASP C 553 -17.00 32.59 -32.23
C ASP C 553 -15.98 32.69 -31.07
N GLY C 554 -15.80 33.90 -30.57
CA GLY C 554 -14.94 34.12 -29.42
C GLY C 554 -15.77 34.19 -28.15
N ARG C 555 -15.25 34.90 -27.14
CA ARG C 555 -15.91 35.01 -25.84
C ARG C 555 -17.27 35.66 -25.93
N GLY C 556 -18.21 35.09 -25.19
CA GLY C 556 -19.61 35.47 -25.29
C GLY C 556 -20.43 34.54 -26.15
N SER C 557 -19.77 33.74 -27.00
CA SER C 557 -20.47 32.83 -27.91
C SER C 557 -21.08 31.62 -27.19
N GLY C 558 -22.09 31.00 -27.80
CA GLY C 558 -22.88 30.00 -27.12
C GLY C 558 -22.51 28.55 -27.33
N TYR C 559 -23.26 27.68 -26.68
CA TYR C 559 -23.16 26.23 -26.81
C TYR C 559 -21.78 25.65 -26.53
N GLN C 560 -21.00 26.32 -25.68
CA GLN C 560 -19.67 25.84 -25.30
C GLN C 560 -19.42 25.99 -23.80
N GLY C 561 -20.49 26.09 -23.03
CA GLY C 561 -20.40 26.30 -21.59
C GLY C 561 -20.51 27.76 -21.17
N ASP C 562 -20.78 27.97 -19.90
CA ASP C 562 -20.93 29.30 -19.32
C ASP C 562 -19.62 30.04 -19.11
N LYS C 563 -18.51 29.33 -19.02
CA LYS C 563 -17.22 29.99 -18.86
C LYS C 563 -17.02 30.94 -20.05
N ILE C 564 -17.32 30.45 -21.24
CA ILE C 564 -17.24 31.25 -22.45
C ILE C 564 -18.44 32.19 -22.56
N MET C 565 -19.66 31.65 -22.46
CA MET C 565 -20.86 32.47 -22.71
C MET C 565 -20.98 33.68 -21.79
N HIS C 566 -20.77 33.49 -20.49
CA HIS C 566 -20.85 34.59 -19.52
C HIS C 566 -19.62 35.51 -19.45
N ALA C 567 -18.65 35.32 -20.35
CA ALA C 567 -17.43 36.13 -20.33
C ALA C 567 -17.70 37.62 -20.54
N ILE C 568 -18.74 37.94 -21.30
CA ILE C 568 -19.12 39.32 -21.59
C ILE C 568 -20.21 39.87 -20.68
N ASN C 569 -20.53 39.16 -19.59
CA ASN C 569 -21.58 39.59 -18.67
C ASN C 569 -21.32 41.00 -18.12
N ARG C 570 -22.32 41.87 -18.23
CA ARG C 570 -22.26 43.25 -17.73
C ARG C 570 -21.22 44.07 -18.48
N ARG C 571 -20.65 43.45 -19.52
CA ARG C 571 -19.53 44.02 -20.24
C ARG C 571 -19.64 43.90 -21.75
N LEU C 572 -20.81 44.21 -22.30
CA LEU C 572 -20.99 44.18 -23.76
C LEU C 572 -20.08 45.19 -24.43
N GLY C 573 -19.62 44.86 -25.64
CA GLY C 573 -18.78 45.76 -26.40
C GLY C 573 -17.34 45.80 -25.90
N THR C 574 -16.93 44.74 -25.22
CA THR C 574 -15.54 44.61 -24.80
C THR C 574 -14.87 43.36 -25.36
N PHE C 575 -15.02 42.22 -24.70
CA PHE C 575 -14.28 41.03 -25.07
C PHE C 575 -14.63 40.49 -26.44
N GLU C 576 -15.91 40.52 -26.79
CA GLU C 576 -16.35 39.98 -28.07
C GLU C 576 -15.82 40.83 -29.24
N VAL C 577 -15.58 42.11 -28.97
CA VAL C 577 -14.96 43.05 -29.89
C VAL C 577 -13.46 42.71 -30.01
N GLU C 578 -12.74 42.79 -28.90
CA GLU C 578 -11.33 42.43 -28.84
C GLU C 578 -11.04 41.10 -29.56
N ASP C 579 -11.95 40.14 -29.43
CA ASP C 579 -11.78 38.82 -30.02
C ASP C 579 -11.96 38.82 -31.54
N GLN C 580 -12.87 39.63 -32.05
CA GLN C 580 -12.98 39.75 -33.50
C GLN C 580 -11.67 40.31 -34.11
N ILE C 581 -11.08 41.31 -33.45
CA ILE C 581 -9.82 41.89 -33.86
C ILE C 581 -8.68 40.88 -33.79
N GLU C 582 -8.65 40.13 -32.70
CA GLU C 582 -7.62 39.11 -32.51
C GLU C 582 -7.75 37.98 -33.54
N ALA C 583 -8.99 37.60 -33.88
CA ALA C 583 -9.21 36.59 -34.91
C ALA C 583 -8.56 36.99 -36.23
N ALA C 584 -8.73 38.27 -36.58
CA ALA C 584 -8.16 38.83 -37.80
C ALA C 584 -6.65 38.83 -37.78
N ARG C 585 -6.06 39.06 -36.61
CA ARG C 585 -4.61 38.98 -36.47
C ARG C 585 -4.13 37.54 -36.71
N GLN C 586 -4.81 36.56 -36.11
CA GLN C 586 -4.49 35.14 -36.35
C GLN C 586 -4.64 34.76 -37.84
N PHE C 587 -5.75 35.16 -38.46
CA PHE C 587 -5.97 34.86 -39.89
C PHE C 587 -4.89 35.46 -40.79
N SER C 588 -4.46 36.68 -40.47
CA SER C 588 -3.38 37.33 -41.20
C SER C 588 -2.05 36.61 -40.96
N LYS C 589 -1.90 36.07 -39.76
CA LYS C 589 -0.70 35.36 -39.35
C LYS C 589 -0.60 33.99 -40.03
N MET C 590 -1.73 33.48 -40.49
CA MET C 590 -1.77 32.20 -41.20
C MET C 590 -1.05 32.25 -42.55
N GLY C 591 -0.86 33.46 -43.09
CA GLY C 591 -0.02 33.67 -44.28
C GLY C 591 -0.67 33.66 -45.66
N PHE C 592 -1.99 33.51 -45.73
CA PHE C 592 -2.66 33.54 -47.04
C PHE C 592 -3.67 34.69 -47.12
N VAL C 593 -3.41 35.74 -46.34
CA VAL C 593 -4.30 36.89 -46.27
C VAL C 593 -3.52 38.16 -46.65
N ASP C 594 -4.09 38.95 -47.55
CA ASP C 594 -3.51 40.23 -47.89
C ASP C 594 -3.96 41.17 -46.79
N ASN C 595 -3.06 41.44 -45.84
CA ASN C 595 -3.46 42.26 -44.71
C ASN C 595 -3.64 43.75 -45.02
N LYS C 596 -3.43 44.14 -46.29
CA LYS C 596 -3.77 45.48 -46.74
C LYS C 596 -5.23 45.54 -47.20
N ARG C 597 -5.90 44.39 -47.18
CA ARG C 597 -7.26 44.27 -47.67
C ARG C 597 -8.11 43.41 -46.74
N ILE C 598 -8.32 43.88 -45.51
CA ILE C 598 -9.15 43.16 -44.55
C ILE C 598 -10.38 44.01 -44.21
N ALA C 599 -11.55 43.40 -44.34
CA ALA C 599 -12.78 44.09 -44.00
C ALA C 599 -13.58 43.35 -42.94
N ILE C 600 -14.72 43.95 -42.59
CA ILE C 600 -15.59 43.44 -41.55
C ILE C 600 -16.97 43.98 -41.83
N TRP C 601 -17.99 43.15 -41.65
CA TRP C 601 -19.36 43.62 -41.71
C TRP C 601 -20.24 42.78 -40.84
N GLY C 602 -21.42 43.30 -40.54
CA GLY C 602 -22.39 42.62 -39.73
C GLY C 602 -23.71 43.37 -39.69
N TRP C 603 -24.72 42.67 -39.22
CA TRP C 603 -26.07 43.15 -39.09
C TRP C 603 -26.51 43.03 -37.62
N SER C 604 -27.36 43.96 -37.17
CA SER C 604 -27.88 43.97 -35.78
C SER C 604 -26.70 44.01 -34.78
N TYR C 605 -26.59 43.03 -33.88
CA TYR C 605 -25.43 42.99 -32.98
C TYR C 605 -24.13 43.05 -33.80
N GLY C 606 -24.15 42.41 -34.97
CA GLY C 606 -23.02 42.40 -35.88
C GLY C 606 -22.59 43.79 -36.33
N GLY C 607 -23.56 44.66 -36.57
CA GLY C 607 -23.29 46.04 -36.96
C GLY C 607 -22.66 46.82 -35.81
N TYR C 608 -23.13 46.53 -34.60
CA TYR C 608 -22.58 47.13 -33.40
C TYR C 608 -21.10 46.73 -33.23
N VAL C 609 -20.83 45.44 -33.27
CA VAL C 609 -19.44 45.00 -33.15
C VAL C 609 -18.59 45.57 -34.29
N THR C 610 -19.11 45.51 -35.52
CA THR C 610 -18.42 46.05 -36.69
C THR C 610 -17.99 47.49 -36.44
N SER C 611 -18.94 48.29 -35.98
CA SER C 611 -18.70 49.70 -35.73
C SER C 611 -17.69 49.92 -34.62
N MET C 612 -17.80 49.13 -33.56
CA MET C 612 -16.85 49.21 -32.45
C MET C 612 -15.45 48.82 -32.89
N VAL C 613 -15.34 47.83 -33.77
CA VAL C 613 -14.05 47.40 -34.30
C VAL C 613 -13.46 48.48 -35.21
N LEU C 614 -14.28 49.05 -36.07
CA LEU C 614 -13.77 50.09 -36.96
C LEU C 614 -13.28 51.33 -36.21
N GLY C 615 -13.87 51.60 -35.05
CA GLY C 615 -13.46 52.73 -34.23
C GLY C 615 -12.53 52.36 -33.10
N SER C 616 -11.92 51.18 -33.19
CA SER C 616 -11.02 50.69 -32.12
C SER C 616 -9.60 51.25 -32.20
N GLY C 617 -9.22 51.78 -33.37
CA GLY C 617 -7.84 52.15 -33.62
C GLY C 617 -6.91 50.95 -33.73
N SER C 618 -7.44 49.78 -34.09
CA SER C 618 -6.62 48.56 -34.18
C SER C 618 -5.63 48.55 -35.35
N GLY C 619 -6.00 49.20 -36.45
CA GLY C 619 -5.16 49.26 -37.64
C GLY C 619 -5.29 48.03 -38.51
N VAL C 620 -6.05 47.05 -38.04
CA VAL C 620 -6.18 45.79 -38.74
C VAL C 620 -7.12 45.88 -39.96
N PHE C 621 -8.15 46.71 -39.87
CA PHE C 621 -9.22 46.73 -40.88
C PHE C 621 -9.18 47.94 -41.80
N LYS C 622 -9.29 47.68 -43.10
CA LYS C 622 -9.31 48.75 -44.08
C LYS C 622 -10.65 49.47 -44.08
N CYS C 623 -11.72 48.69 -44.03
CA CYS C 623 -13.06 49.23 -44.16
C CYS C 623 -14.08 48.30 -43.54
N GLY C 624 -15.32 48.77 -43.44
CA GLY C 624 -16.40 47.96 -42.88
C GLY C 624 -17.79 48.42 -43.24
N ILE C 625 -18.74 47.48 -43.27
CA ILE C 625 -20.15 47.80 -43.45
C ILE C 625 -20.99 47.45 -42.22
N ALA C 626 -21.81 48.37 -41.73
CA ALA C 626 -22.70 48.07 -40.63
C ALA C 626 -24.15 48.26 -41.06
N VAL C 627 -24.94 47.18 -40.94
CA VAL C 627 -26.34 47.23 -41.30
C VAL C 627 -27.24 47.21 -40.07
N ALA C 628 -28.12 48.21 -39.96
CA ALA C 628 -28.99 48.40 -38.80
C ALA C 628 -28.29 48.15 -37.44
N PRO C 629 -27.18 48.87 -37.16
CA PRO C 629 -26.43 48.58 -35.94
C PRO C 629 -27.05 49.20 -34.67
N VAL C 630 -26.80 48.58 -33.54
CA VAL C 630 -27.01 49.23 -32.25
C VAL C 630 -25.81 50.15 -32.04
N SER C 631 -26.05 51.35 -31.51
CA SER C 631 -24.96 52.30 -31.28
C SER C 631 -24.76 52.61 -29.81
N ARG C 632 -25.81 52.42 -29.03
CA ARG C 632 -25.79 52.78 -27.62
C ARG C 632 -26.86 51.96 -26.95
N TRP C 633 -26.51 51.29 -25.87
CA TRP C 633 -27.45 50.35 -25.30
C TRP C 633 -28.73 50.94 -24.73
N GLU C 634 -28.71 52.20 -24.31
CA GLU C 634 -29.97 52.82 -23.78
C GLU C 634 -31.02 53.02 -24.85
N TYR C 635 -30.64 52.80 -26.12
CA TYR C 635 -31.56 52.90 -27.25
C TYR C 635 -32.23 51.57 -27.56
N TYR C 636 -31.68 50.47 -27.10
CA TYR C 636 -32.26 49.17 -27.43
C TYR C 636 -33.27 48.69 -26.37
N ASP C 637 -34.06 47.65 -26.68
CA ASP C 637 -35.11 47.20 -25.77
C ASP C 637 -34.59 46.68 -24.44
N SER C 638 -35.39 46.82 -23.40
CA SER C 638 -34.97 46.49 -22.05
C SER C 638 -34.71 45.01 -21.79
N VAL C 639 -35.55 44.14 -22.35
CA VAL C 639 -35.48 42.71 -22.04
C VAL C 639 -34.18 42.07 -22.48
N TYR C 640 -33.77 42.36 -23.71
CA TYR C 640 -32.53 41.84 -24.27
C TYR C 640 -31.35 42.53 -23.62
N THR C 641 -31.42 43.85 -23.55
CA THR C 641 -30.29 44.65 -23.10
C THR C 641 -29.95 44.41 -21.63
N GLU C 642 -30.94 44.57 -20.74
CA GLU C 642 -30.71 44.39 -19.32
C GLU C 642 -30.24 42.99 -18.96
N ARG C 643 -30.67 42.00 -19.74
CA ARG C 643 -30.22 40.64 -19.54
C ARG C 643 -28.69 40.57 -19.42
N TYR C 644 -27.99 41.31 -20.26
CA TYR C 644 -26.54 41.23 -20.31
C TYR C 644 -25.89 42.44 -19.70
N MET C 645 -26.61 43.56 -19.63
CA MET C 645 -26.04 44.82 -19.20
C MET C 645 -26.45 45.28 -17.80
N GLY C 646 -27.44 44.64 -17.20
CA GLY C 646 -28.02 45.16 -15.97
C GLY C 646 -28.74 46.48 -16.24
N LEU C 647 -28.92 47.30 -15.22
CA LEU C 647 -29.62 48.55 -15.39
C LEU C 647 -28.65 49.71 -15.65
N PRO C 648 -29.10 50.71 -16.44
CA PRO C 648 -28.37 51.95 -16.69
C PRO C 648 -28.59 52.99 -15.58
N THR C 649 -28.17 52.66 -14.37
CA THR C 649 -28.27 53.60 -13.25
C THR C 649 -26.93 53.73 -12.53
N PRO C 650 -26.70 54.89 -11.89
CA PRO C 650 -25.54 55.12 -11.04
C PRO C 650 -25.24 53.97 -10.09
N GLU C 651 -26.29 53.34 -9.55
CA GLU C 651 -26.10 52.26 -8.60
C GLU C 651 -26.25 50.87 -9.20
N ASP C 652 -26.02 50.77 -10.51
CA ASP C 652 -25.92 49.48 -11.18
C ASP C 652 -24.81 49.49 -12.24
N ASN C 653 -25.15 49.83 -13.49
CA ASN C 653 -24.19 49.70 -14.59
C ASN C 653 -24.09 50.89 -15.57
N LEU C 654 -24.44 52.09 -15.10
CA LEU C 654 -24.44 53.27 -15.98
C LEU C 654 -23.10 53.51 -16.66
N ASP C 655 -22.00 53.40 -15.91
CA ASP C 655 -20.67 53.70 -16.46
C ASP C 655 -20.35 52.93 -17.72
N HIS C 656 -20.57 51.61 -17.69
CA HIS C 656 -20.24 50.85 -18.87
C HIS C 656 -21.19 51.11 -20.03
N TYR C 657 -22.47 51.35 -19.74
CA TYR C 657 -23.42 51.78 -20.75
C TYR C 657 -22.88 53.05 -21.41
N ARG C 658 -22.35 53.96 -20.60
CA ARG C 658 -21.77 55.22 -21.10
C ARG C 658 -20.47 54.99 -21.86
N ASN C 659 -19.65 54.03 -21.43
CA ASN C 659 -18.36 53.73 -22.07
C ASN C 659 -18.43 52.80 -23.29
N SER C 660 -19.63 52.31 -23.63
CA SER C 660 -19.72 51.30 -24.70
C SER C 660 -20.53 51.71 -25.92
N THR C 661 -20.50 53.00 -26.26
CA THR C 661 -21.24 53.52 -27.40
C THR C 661 -20.31 53.62 -28.61
N VAL C 662 -20.85 53.47 -29.82
CA VAL C 662 -19.97 53.69 -30.98
C VAL C 662 -19.65 55.18 -31.14
N MET C 663 -20.59 56.04 -30.71
CA MET C 663 -20.39 57.50 -30.74
C MET C 663 -19.06 57.98 -30.12
N SER C 664 -18.72 57.47 -28.94
CA SER C 664 -17.50 57.88 -28.27
C SER C 664 -16.22 57.49 -29.01
N ARG C 665 -16.33 56.60 -29.99
CA ARG C 665 -15.17 56.16 -30.77
C ARG C 665 -15.09 56.87 -32.12
N ALA C 666 -15.97 57.86 -32.32
CA ALA C 666 -16.12 58.56 -33.60
C ALA C 666 -14.83 59.09 -34.24
N GLU C 667 -13.95 59.65 -33.43
CA GLU C 667 -12.71 60.21 -33.93
C GLU C 667 -11.85 59.17 -34.64
N ASN C 668 -11.86 57.94 -34.14
CA ASN C 668 -11.07 56.86 -34.76
C ASN C 668 -11.53 56.39 -36.12
N PHE C 669 -12.73 56.79 -36.54
CA PHE C 669 -13.24 56.37 -37.87
C PHE C 669 -12.49 57.02 -39.02
N LYS C 670 -11.65 58.02 -38.69
CA LYS C 670 -10.75 58.64 -39.66
C LYS C 670 -9.81 57.59 -40.25
N GLN C 671 -9.66 56.47 -39.54
CA GLN C 671 -8.68 55.44 -39.89
C GLN C 671 -9.23 54.30 -40.77
N VAL C 672 -10.48 54.41 -41.19
CA VAL C 672 -11.16 53.38 -41.97
C VAL C 672 -12.11 54.00 -43.00
N GLU C 673 -12.65 53.17 -43.90
CA GLU C 673 -13.74 53.56 -44.79
C GLU C 673 -14.99 52.81 -44.35
N TYR C 674 -16.06 53.54 -44.07
CA TYR C 674 -17.21 53.02 -43.36
C TYR C 674 -18.47 53.22 -44.18
N LEU C 675 -19.27 52.17 -44.28
CA LEU C 675 -20.59 52.24 -44.90
C LEU C 675 -21.63 51.88 -43.84
N LEU C 676 -22.61 52.76 -43.66
CA LEU C 676 -23.63 52.64 -42.63
C LEU C 676 -25.00 52.62 -43.29
N ILE C 677 -25.78 51.57 -43.03
CA ILE C 677 -27.06 51.33 -43.70
C ILE C 677 -28.17 51.06 -42.68
N HIS C 678 -29.29 51.75 -42.81
CA HIS C 678 -30.39 51.54 -41.88
C HIS C 678 -31.72 51.82 -42.57
N GLY C 679 -32.72 50.99 -42.31
CA GLY C 679 -34.04 51.21 -42.85
C GLY C 679 -34.77 52.17 -41.93
N THR C 680 -35.62 53.03 -42.51
CA THR C 680 -36.30 54.07 -41.74
C THR C 680 -37.51 53.60 -40.89
N ALA C 681 -38.13 52.50 -41.26
CA ALA C 681 -39.28 51.97 -40.51
C ALA C 681 -38.88 50.83 -39.57
N ASP C 682 -37.64 50.85 -39.12
CA ASP C 682 -37.13 49.82 -38.22
C ASP C 682 -37.68 50.05 -36.81
N ASP C 683 -38.50 49.11 -36.36
CA ASP C 683 -39.22 49.15 -35.10
C ASP C 683 -38.38 48.46 -34.05
N ASN C 684 -37.40 47.70 -34.53
CA ASN C 684 -36.58 46.86 -33.68
C ASN C 684 -35.35 47.62 -33.19
N VAL C 685 -34.42 47.88 -34.11
CA VAL C 685 -33.32 48.78 -33.85
C VAL C 685 -33.71 50.05 -34.57
N HIS C 686 -34.10 51.06 -33.81
CA HIS C 686 -34.67 52.26 -34.38
C HIS C 686 -33.65 53.04 -35.19
N PHE C 687 -34.13 53.71 -36.24
CA PHE C 687 -33.26 54.47 -37.13
C PHE C 687 -32.38 55.43 -36.35
N GLN C 688 -32.93 55.93 -35.25
CA GLN C 688 -32.24 56.71 -34.24
C GLN C 688 -30.78 56.27 -34.00
N GLN C 689 -30.57 54.96 -33.81
CA GLN C 689 -29.25 54.46 -33.46
C GLN C 689 -28.20 54.86 -34.50
N SER C 690 -28.54 54.73 -35.78
CA SER C 690 -27.65 55.18 -36.85
C SER C 690 -27.67 56.70 -37.01
N ALA C 691 -28.81 57.32 -36.71
CA ALA C 691 -28.91 58.77 -36.80
C ALA C 691 -27.85 59.34 -35.88
N GLN C 692 -27.71 58.73 -34.71
CA GLN C 692 -26.74 59.20 -33.75
C GLN C 692 -25.30 58.85 -34.14
N ILE C 693 -25.11 57.74 -34.86
CA ILE C 693 -23.77 57.46 -35.33
C ILE C 693 -23.30 58.55 -36.32
N SER C 694 -24.13 58.86 -37.31
CA SER C 694 -23.72 59.81 -38.35
C SER C 694 -23.47 61.22 -37.80
N LYS C 695 -24.34 61.68 -36.91
CA LYS C 695 -24.16 62.99 -36.29
C LYS C 695 -22.81 63.03 -35.56
N ALA C 696 -22.47 61.96 -34.83
CA ALA C 696 -21.17 61.93 -34.14
C ALA C 696 -20.01 61.95 -35.12
N LEU C 697 -20.18 61.29 -36.26
CA LEU C 697 -19.14 61.30 -37.28
C LEU C 697 -18.99 62.65 -37.93
N VAL C 698 -20.11 63.34 -38.15
CA VAL C 698 -20.07 64.66 -38.74
C VAL C 698 -19.46 65.69 -37.76
N ASP C 699 -19.82 65.59 -36.48
CA ASP C 699 -19.25 66.49 -35.46
C ASP C 699 -17.74 66.41 -35.30
N VAL C 700 -17.10 65.33 -35.76
CA VAL C 700 -15.63 65.25 -35.70
C VAL C 700 -14.98 65.26 -37.08
N GLY C 701 -15.79 65.54 -38.10
CA GLY C 701 -15.31 65.70 -39.46
C GLY C 701 -14.84 64.45 -40.19
N VAL C 702 -15.46 63.30 -39.89
CA VAL C 702 -15.13 62.03 -40.55
C VAL C 702 -16.00 61.79 -41.78
N ASP C 703 -15.37 61.60 -42.93
CA ASP C 703 -16.13 61.16 -44.11
C ASP C 703 -16.45 59.65 -44.10
N PHE C 704 -17.68 59.32 -44.50
CA PHE C 704 -18.18 57.94 -44.56
C PHE C 704 -19.31 57.85 -45.58
N GLN C 705 -19.76 56.64 -45.87
CA GLN C 705 -20.90 56.39 -46.75
C GLN C 705 -22.13 56.09 -45.92
N ALA C 706 -23.28 56.37 -46.47
CA ALA C 706 -24.53 56.13 -45.77
C ALA C 706 -25.57 55.70 -46.76
N MET C 707 -26.58 54.98 -46.29
CA MET C 707 -27.68 54.57 -47.12
C MET C 707 -28.87 54.26 -46.23
N TRP C 708 -29.94 55.05 -46.35
CA TRP C 708 -31.19 54.75 -45.66
C TRP C 708 -32.11 53.97 -46.58
N TYR C 709 -32.96 53.11 -46.04
CA TYR C 709 -33.99 52.47 -46.86
C TYR C 709 -35.39 52.90 -46.44
N THR C 710 -36.05 53.62 -47.34
CA THR C 710 -37.38 54.16 -47.07
C THR C 710 -38.38 53.06 -46.75
N ASP C 711 -38.97 53.17 -45.56
CA ASP C 711 -40.05 52.29 -45.07
C ASP C 711 -39.66 50.83 -44.83
N GLU C 712 -38.40 50.48 -45.01
CA GLU C 712 -37.93 49.14 -44.71
C GLU C 712 -37.76 49.00 -43.21
N ASP C 713 -37.89 47.78 -42.70
CA ASP C 713 -37.68 47.54 -41.28
C ASP C 713 -36.33 46.84 -41.04
N HIS C 714 -36.16 46.26 -39.87
CA HIS C 714 -34.88 45.63 -39.52
C HIS C 714 -34.42 44.51 -40.49
N GLY C 715 -35.35 43.89 -41.19
CA GLY C 715 -35.00 42.81 -42.09
C GLY C 715 -34.52 43.27 -43.45
N ILE C 716 -34.89 44.50 -43.85
CA ILE C 716 -34.67 45.05 -45.21
C ILE C 716 -34.96 43.94 -46.23
N ALA C 717 -36.15 43.36 -46.08
CA ALA C 717 -36.47 42.10 -46.72
C ALA C 717 -37.34 42.24 -47.98
N SER C 718 -38.02 43.38 -48.11
CA SER C 718 -38.75 43.66 -49.34
C SER C 718 -37.89 43.27 -50.52
N SER C 719 -38.49 42.54 -51.44
CA SER C 719 -37.79 42.03 -52.59
C SER C 719 -36.77 43.00 -53.22
N THR C 720 -37.23 44.19 -53.59
CA THR C 720 -36.38 45.14 -54.30
C THR C 720 -35.29 45.72 -53.41
N ALA C 721 -35.61 45.92 -52.13
CA ALA C 721 -34.65 46.45 -51.18
C ALA C 721 -33.54 45.45 -50.86
N HIS C 722 -33.91 44.19 -50.69
CA HIS C 722 -32.97 43.10 -50.48
C HIS C 722 -31.89 43.07 -51.57
N GLN C 723 -32.32 43.24 -52.81
CA GLN C 723 -31.39 43.23 -53.93
C GLN C 723 -30.58 44.50 -53.96
N HIS C 724 -31.23 45.63 -53.69
CA HIS C 724 -30.56 46.91 -53.72
C HIS C 724 -29.41 46.99 -52.71
N ILE C 725 -29.63 46.48 -51.50
CA ILE C 725 -28.61 46.55 -50.45
C ILE C 725 -27.37 45.68 -50.74
N TYR C 726 -27.58 44.47 -51.27
CA TYR C 726 -26.47 43.60 -51.60
C TYR C 726 -25.71 44.12 -52.79
N THR C 727 -26.42 44.72 -53.74
CA THR C 727 -25.76 45.38 -54.85
C THR C 727 -24.91 46.54 -54.32
N HIS C 728 -25.46 47.30 -53.36
CA HIS C 728 -24.73 48.43 -52.78
C HIS C 728 -23.50 47.95 -52.00
N MET C 729 -23.67 46.94 -51.15
CA MET C 729 -22.56 46.42 -50.35
C MET C 729 -21.43 45.81 -51.20
N SER C 730 -21.82 45.21 -52.33
CA SER C 730 -20.88 44.57 -53.24
C SER C 730 -19.98 45.61 -53.90
N HIS C 731 -20.58 46.68 -54.41
CA HIS C 731 -19.83 47.76 -55.04
C HIS C 731 -18.86 48.36 -54.04
N PHE C 732 -19.32 48.55 -52.81
CA PHE C 732 -18.48 49.10 -51.75
C PHE C 732 -17.28 48.20 -51.43
N ILE C 733 -17.51 46.91 -51.27
CA ILE C 733 -16.44 45.95 -51.00
C ILE C 733 -15.43 45.93 -52.14
N LYS C 734 -15.92 45.66 -53.35
CA LYS C 734 -15.06 45.66 -54.53
C LYS C 734 -14.22 46.93 -54.64
N GLN C 735 -14.78 48.07 -54.25
CA GLN C 735 -14.08 49.34 -54.25
C GLN C 735 -13.01 49.39 -53.14
N CYS C 736 -13.35 48.90 -51.95
CA CYS C 736 -12.42 48.85 -50.83
C CYS C 736 -11.23 47.92 -51.10
N PHE C 737 -11.46 46.87 -51.91
CA PHE C 737 -10.45 45.86 -52.24
C PHE C 737 -9.79 46.04 -53.62
N SER C 738 -10.12 47.12 -54.32
CA SER C 738 -9.56 47.44 -55.64
C SER C 738 -9.92 46.39 -56.69
N LEU C 739 -11.10 45.81 -56.55
CA LEU C 739 -11.57 44.79 -57.47
C LEU C 739 -12.30 45.38 -58.69
N PRO C 740 -12.12 44.79 -59.87
CA PRO C 740 -12.71 45.41 -61.08
C PRO C 740 -14.25 45.40 -61.09
N LYS D 15 1.69 30.65 25.33
CA LYS D 15 2.57 31.83 25.51
C LYS D 15 4.07 31.46 25.75
N THR D 16 4.94 32.48 25.77
CA THR D 16 6.40 32.29 25.77
C THR D 16 7.13 32.86 26.99
N TYR D 17 8.32 32.34 27.26
CA TYR D 17 9.20 32.85 28.30
C TYR D 17 9.78 34.18 27.80
N THR D 18 9.24 35.28 28.29
CA THR D 18 9.60 36.62 27.81
C THR D 18 10.78 37.22 28.58
N LEU D 19 11.33 38.30 28.03
CA LEU D 19 12.40 39.05 28.67
C LEU D 19 12.02 39.49 30.08
N THR D 20 10.79 39.94 30.26
CA THR D 20 10.29 40.29 31.60
C THR D 20 10.26 39.09 32.55
N ASP D 21 9.92 37.91 32.05
CA ASP D 21 10.01 36.69 32.85
C ASP D 21 11.44 36.50 33.34
N TYR D 22 12.40 36.63 32.45
CA TYR D 22 13.80 36.56 32.84
C TYR D 22 14.23 37.66 33.82
N LEU D 23 13.82 38.90 33.57
CA LEU D 23 14.24 40.02 34.42
C LEU D 23 13.59 40.02 35.80
N LYS D 24 12.31 39.71 35.85
CA LYS D 24 11.54 39.73 37.10
C LYS D 24 11.50 38.41 37.87
N ASN D 25 12.21 37.38 37.39
CA ASN D 25 12.18 36.07 38.04
C ASN D 25 10.78 35.51 38.28
N THR D 26 10.00 35.44 37.21
CA THR D 26 8.65 34.94 37.29
C THR D 26 8.64 33.44 37.57
N TYR D 27 9.55 32.72 36.93
CA TYR D 27 9.66 31.28 37.09
C TYR D 27 10.89 30.94 37.90
N ARG D 28 10.70 30.82 39.21
CA ARG D 28 11.78 30.58 40.16
C ARG D 28 12.22 29.11 40.20
N LEU D 29 13.52 28.90 40.42
CA LEU D 29 14.08 27.59 40.73
C LEU D 29 14.19 27.47 42.25
N LYS D 30 13.53 26.46 42.82
CA LYS D 30 13.66 26.16 44.25
C LYS D 30 14.89 25.29 44.51
N LEU D 31 15.69 25.68 45.51
CA LEU D 31 16.85 24.90 45.93
C LEU D 31 16.67 24.39 47.35
N TYR D 32 17.29 23.27 47.68
CA TYR D 32 17.25 22.78 49.05
C TYR D 32 18.63 22.99 49.68
N SER D 33 18.98 24.26 49.79
CA SER D 33 20.26 24.69 50.33
C SER D 33 20.26 24.43 51.84
N LEU D 34 20.98 23.40 52.25
CA LEU D 34 21.08 23.03 53.67
C LEU D 34 22.50 23.27 54.17
N ARG D 35 22.69 23.09 55.48
CA ARG D 35 24.00 23.26 56.11
C ARG D 35 24.16 22.32 57.32
N TRP D 36 25.15 21.43 57.23
CA TRP D 36 25.35 20.32 58.19
C TRP D 36 25.83 20.70 59.60
N ILE D 37 24.92 20.60 60.57
CA ILE D 37 25.24 20.86 61.97
C ILE D 37 26.12 19.75 62.53
N SER D 38 25.62 18.53 62.44
CA SER D 38 26.35 17.36 62.93
C SER D 38 26.35 16.24 61.90
N ASP D 39 26.84 15.09 62.33
CA ASP D 39 26.85 13.87 61.53
C ASP D 39 25.42 13.35 61.31
N HIS D 40 24.43 14.09 61.80
CA HIS D 40 23.05 13.61 61.83
C HIS D 40 22.01 14.64 61.45
N GLU D 41 22.39 15.92 61.44
CA GLU D 41 21.42 17.01 61.29
C GLU D 41 21.85 18.17 60.39
N TYR D 42 20.88 19.02 60.05
CA TYR D 42 21.15 20.21 59.25
C TYR D 42 20.11 21.32 59.49
N LEU D 43 20.17 22.39 58.69
CA LEU D 43 19.21 23.49 58.78
C LEU D 43 18.54 23.82 57.44
N TYR D 44 17.34 24.41 57.51
CA TYR D 44 16.61 24.86 56.30
C TYR D 44 15.64 26.02 56.59
N LYS D 45 15.69 27.05 55.73
CA LYS D 45 14.86 28.26 55.89
C LYS D 45 13.50 28.20 55.18
N GLN D 46 12.43 28.54 55.93
CA GLN D 46 11.06 28.51 55.41
C GLN D 46 10.54 29.90 55.01
N ASN D 49 12.68 31.68 58.32
CA ASN D 49 12.24 30.73 59.34
C ASN D 49 13.16 29.50 59.40
N ILE D 50 14.15 29.58 60.27
CA ILE D 50 15.21 28.56 60.38
C ILE D 50 14.74 27.30 61.11
N LEU D 51 15.00 26.14 60.49
CA LEU D 51 14.61 24.85 61.07
C LEU D 51 15.74 23.83 61.15
N VAL D 52 15.83 23.13 62.28
CA VAL D 52 16.71 21.97 62.41
C VAL D 52 16.05 20.77 61.74
N PHE D 53 16.86 19.81 61.27
CA PHE D 53 16.37 18.61 60.60
C PHE D 53 17.17 17.39 61.00
N ASN D 54 16.46 16.28 61.25
CA ASN D 54 17.09 15.00 61.56
C ASN D 54 17.26 14.17 60.28
N ALA D 55 18.20 13.23 60.30
CA ALA D 55 18.48 12.42 59.11
C ALA D 55 18.01 10.96 59.20
N GLU D 56 18.33 10.26 60.29
CA GLU D 56 17.92 8.86 60.49
C GLU D 56 16.39 8.71 60.62
N TYR D 57 15.68 9.79 60.31
CA TYR D 57 14.21 9.84 60.36
C TYR D 57 13.64 10.91 59.45
N GLY D 58 14.37 12.01 59.29
CA GLY D 58 13.95 13.11 58.41
C GLY D 58 13.00 14.11 59.03
N ASN D 59 12.64 13.89 60.29
CA ASN D 59 11.74 14.79 61.01
C ASN D 59 12.44 16.09 61.41
N SER D 60 11.67 17.15 61.53
CA SER D 60 12.20 18.46 61.89
C SER D 60 11.59 19.00 63.19
N SER D 61 12.20 20.05 63.72
CA SER D 61 11.71 20.76 64.89
C SER D 61 11.89 22.28 64.76
N VAL D 62 11.11 23.03 65.51
CA VAL D 62 11.14 24.51 65.50
C VAL D 62 12.50 25.00 66.02
N PHE D 63 12.99 26.12 65.49
CA PHE D 63 14.28 26.67 65.93
C PHE D 63 14.32 28.20 66.01
N LEU D 64 15.28 28.81 65.31
CA LEU D 64 15.48 30.26 65.39
C LEU D 64 14.83 31.03 64.24
N GLU D 65 15.27 32.28 64.04
CA GLU D 65 14.67 33.18 63.04
C GLU D 65 15.36 34.54 63.11
N ASN D 66 15.36 35.28 61.99
CA ASN D 66 15.79 36.69 61.99
C ASN D 66 14.67 37.58 62.56
N SER D 67 13.51 36.94 62.74
CA SER D 67 12.34 37.53 63.41
C SER D 67 12.05 36.90 64.80
N THR D 68 12.93 35.99 65.24
CA THR D 68 12.95 35.52 66.63
C THR D 68 13.74 36.56 67.43
N PHE D 69 14.74 37.14 66.77
CA PHE D 69 15.41 38.34 67.25
C PHE D 69 14.72 39.51 66.54
N ASP D 70 13.44 39.67 66.88
CA ASP D 70 12.56 40.64 66.26
C ASP D 70 12.96 42.06 66.65
N GLU D 71 12.86 42.37 67.94
CA GLU D 71 13.20 43.69 68.46
C GLU D 71 14.71 43.98 68.42
N PHE D 72 15.43 43.18 67.64
CA PHE D 72 16.86 43.41 67.39
C PHE D 72 17.05 44.71 66.61
N GLY D 73 16.18 44.92 65.61
CA GLY D 73 16.19 46.13 64.80
C GLY D 73 16.84 45.96 63.43
N HIS D 74 18.12 45.61 63.46
CA HIS D 74 18.93 45.48 62.25
C HIS D 74 18.46 44.33 61.35
N SER D 75 18.63 44.52 60.04
CA SER D 75 18.35 43.45 59.08
C SER D 75 19.50 42.44 59.16
N ILE D 76 19.17 41.16 59.24
CA ILE D 76 20.19 40.13 59.42
C ILE D 76 20.62 39.53 58.09
N ASN D 77 21.89 39.75 57.75
CA ASN D 77 22.42 39.28 56.47
C ASN D 77 22.72 37.78 56.49
N ASP D 78 23.32 37.31 57.58
CA ASP D 78 23.71 35.91 57.68
C ASP D 78 24.01 35.52 59.14
N TYR D 79 24.09 34.21 59.38
CA TYR D 79 24.38 33.66 60.71
C TYR D 79 25.42 32.55 60.63
N SER D 80 26.06 32.25 61.75
CA SER D 80 27.06 31.19 61.81
C SER D 80 27.03 30.53 63.18
N ILE D 81 26.64 29.26 63.23
CA ILE D 81 26.59 28.51 64.48
C ILE D 81 27.99 28.04 64.86
N SER D 82 28.36 28.22 66.12
CA SER D 82 29.60 27.65 66.64
C SER D 82 29.48 26.13 66.50
N PRO D 83 30.52 25.47 65.99
CA PRO D 83 30.49 24.01 65.75
C PRO D 83 30.03 23.16 66.92
N ASP D 84 30.06 23.71 68.14
CA ASP D 84 29.59 22.96 69.31
C ASP D 84 28.08 23.14 69.52
N GLY D 85 27.54 24.27 69.06
CA GLY D 85 26.11 24.55 69.13
C GLY D 85 25.67 25.36 70.33
N GLN D 86 26.60 26.14 70.89
CA GLN D 86 26.30 26.98 72.05
C GLN D 86 26.18 28.47 71.73
N PHE D 87 26.79 28.88 70.62
CA PHE D 87 26.79 30.28 70.24
C PHE D 87 26.48 30.53 68.76
N ILE D 88 25.58 31.47 68.51
CA ILE D 88 25.29 31.89 67.16
C ILE D 88 25.83 33.30 66.90
N LEU D 89 26.47 33.45 65.74
CA LEU D 89 27.07 34.70 65.31
C LEU D 89 26.18 35.37 64.26
N LEU D 90 25.89 36.66 64.46
CA LEU D 90 25.04 37.43 63.56
C LEU D 90 25.83 38.42 62.71
N GLU D 91 25.47 38.48 61.43
CA GLU D 91 26.11 39.35 60.45
C GLU D 91 25.12 40.40 59.96
N TYR D 92 25.49 41.66 60.11
CA TYR D 92 24.68 42.79 59.62
C TYR D 92 25.59 43.95 59.21
N ASN D 93 25.02 45.05 58.71
CA ASN D 93 25.80 46.20 58.24
C ASN D 93 26.76 45.80 57.10
N TYR D 94 26.33 44.79 56.36
CA TYR D 94 27.08 44.20 55.27
C TYR D 94 27.32 45.20 54.15
N VAL D 95 28.58 45.32 53.72
CA VAL D 95 28.96 46.21 52.66
C VAL D 95 29.91 45.48 51.71
N LYS D 96 29.46 45.26 50.48
CA LYS D 96 30.25 44.53 49.49
C LYS D 96 31.53 45.27 49.08
N GLN D 97 32.63 44.53 48.96
CA GLN D 97 33.86 45.07 48.39
C GLN D 97 34.13 44.46 47.01
N TRP D 98 34.96 43.42 46.94
CA TRP D 98 35.20 42.78 45.65
C TRP D 98 34.27 41.59 45.44
N ARG D 99 34.67 40.59 44.65
CA ARG D 99 33.84 39.42 44.40
C ARG D 99 33.50 38.64 45.67
N HIS D 100 34.48 38.48 46.55
CA HIS D 100 34.27 37.74 47.79
C HIS D 100 34.35 38.63 49.04
N SER D 101 35.28 39.58 49.04
CA SER D 101 35.50 40.47 50.19
C SER D 101 34.31 41.34 50.55
N TYR D 102 34.19 41.64 51.85
CA TYR D 102 33.17 42.56 52.34
C TYR D 102 33.43 43.01 53.79
N THR D 103 32.61 43.94 54.27
CA THR D 103 32.72 44.47 55.63
C THR D 103 31.37 44.40 56.33
N ALA D 104 31.38 44.06 57.61
CA ALA D 104 30.12 43.86 58.33
C ALA D 104 30.26 44.13 59.81
N SER D 105 29.12 44.32 60.47
CA SER D 105 29.08 44.30 61.94
C SER D 105 28.59 42.94 62.42
N TYR D 106 29.06 42.54 63.60
CA TYR D 106 28.69 41.24 64.15
C TYR D 106 28.21 41.28 65.61
N ASP D 107 27.47 40.24 65.99
CA ASP D 107 26.94 40.07 67.34
C ASP D 107 26.85 38.59 67.68
N ILE D 108 26.98 38.25 68.96
CA ILE D 108 26.94 36.86 69.40
C ILE D 108 25.83 36.60 70.42
N TYR D 109 25.13 35.48 70.26
CA TYR D 109 24.13 35.02 71.22
C TYR D 109 24.52 33.68 71.83
N ASP D 110 24.26 33.52 73.13
CA ASP D 110 24.36 32.21 73.78
C ASP D 110 23.08 31.50 73.36
N LEU D 111 23.19 30.69 72.30
CA LEU D 111 22.03 30.04 71.67
C LEU D 111 21.15 29.27 72.66
N ASN D 112 21.75 28.82 73.75
CA ASN D 112 21.00 28.19 74.83
C ASN D 112 19.93 29.14 75.39
N LYS D 113 20.36 30.34 75.80
CA LYS D 113 19.51 31.33 76.50
C LYS D 113 18.86 32.39 75.60
N ARG D 114 19.25 32.38 74.32
CA ARG D 114 18.77 33.34 73.31
C ARG D 114 18.97 34.84 73.66
N GLN D 115 19.90 35.13 74.58
CA GLN D 115 20.27 36.52 74.91
C GLN D 115 21.65 36.94 74.33
N LEU D 116 21.71 38.18 73.85
CA LEU D 116 22.91 38.76 73.22
C LEU D 116 24.04 39.03 74.22
N ILE D 117 25.26 38.66 73.83
CA ILE D 117 26.45 38.91 74.65
C ILE D 117 26.70 40.42 74.74
N THR D 118 26.15 41.03 75.78
CA THR D 118 26.10 42.48 75.96
C THR D 118 27.45 43.20 75.83
N GLU D 119 28.51 42.68 76.45
CA GLU D 119 29.81 43.36 76.44
C GLU D 119 30.94 42.64 75.69
N GLU D 120 32.07 43.33 75.51
CA GLU D 120 33.25 42.85 74.76
C GLU D 120 32.89 42.50 73.31
N ARG D 121 32.18 43.42 72.66
CA ARG D 121 31.61 43.21 71.32
C ARG D 121 32.65 43.10 70.19
N ILE D 122 32.21 42.55 69.07
CA ILE D 122 33.03 42.48 67.86
C ILE D 122 32.91 43.81 67.09
N PRO D 123 34.05 44.47 66.81
CA PRO D 123 34.04 45.83 66.27
C PRO D 123 33.31 45.95 64.93
N ASN D 124 32.69 47.10 64.71
CA ASN D 124 32.12 47.43 63.42
C ASN D 124 33.23 47.31 62.35
N ASN D 125 32.84 47.23 61.08
CA ASN D 125 33.79 47.19 59.96
C ASN D 125 34.76 45.99 59.97
N THR D 126 34.27 44.82 60.37
CA THR D 126 35.06 43.60 60.41
C THR D 126 35.14 42.96 59.03
N GLN D 127 36.34 42.48 58.69
CA GLN D 127 36.63 42.00 57.34
C GLN D 127 36.47 40.49 57.18
N TRP D 128 36.52 39.76 58.30
CA TRP D 128 36.31 38.32 58.31
C TRP D 128 36.21 37.75 59.72
N VAL D 129 35.23 36.89 59.92
CA VAL D 129 35.06 36.15 61.18
C VAL D 129 35.04 34.65 60.88
N THR D 130 35.52 33.85 61.82
CA THR D 130 35.51 32.40 61.64
C THR D 130 35.63 31.62 62.96
N TRP D 131 34.76 30.62 63.11
CA TRP D 131 34.78 29.76 64.27
C TRP D 131 35.89 28.72 64.15
N SER D 132 36.44 28.31 65.30
CA SER D 132 37.35 27.17 65.35
C SER D 132 36.54 25.93 64.94
N PRO D 133 37.18 24.96 64.25
CA PRO D 133 36.47 23.75 63.79
C PRO D 133 35.69 23.01 64.90
N VAL D 134 36.18 23.05 66.13
CA VAL D 134 35.44 22.55 67.29
C VAL D 134 35.48 23.57 68.43
N GLY D 135 34.53 23.46 69.35
CA GLY D 135 34.41 24.44 70.44
C GLY D 135 33.81 25.73 69.91
N HIS D 136 33.95 26.82 70.68
CA HIS D 136 33.41 28.12 70.30
C HIS D 136 34.46 29.24 70.32
N LYS D 137 35.66 28.91 69.84
CA LYS D 137 36.71 29.91 69.66
C LYS D 137 36.43 30.72 68.41
N LEU D 138 36.78 31.99 68.45
CA LEU D 138 36.46 32.89 67.36
C LEU D 138 37.66 33.73 66.97
N ALA D 139 37.88 33.83 65.67
CA ALA D 139 38.95 34.67 65.12
C ALA D 139 38.40 35.65 64.08
N TYR D 140 38.83 36.90 64.18
CA TYR D 140 38.41 37.93 63.23
C TYR D 140 39.55 38.83 62.80
N VAL D 141 39.37 39.42 61.63
CA VAL D 141 40.33 40.39 61.10
C VAL D 141 39.66 41.75 61.11
N TRP D 142 40.33 42.73 61.69
CA TRP D 142 39.84 44.10 61.74
C TRP D 142 41.01 45.05 61.54
N ASN D 143 40.85 46.00 60.61
CA ASN D 143 41.93 46.89 60.17
C ASN D 143 43.16 46.11 59.72
N ASN D 144 42.92 45.05 58.96
CA ASN D 144 43.99 44.23 58.39
C ASN D 144 44.82 43.43 59.41
N ASP D 145 44.38 43.41 60.67
CA ASP D 145 45.04 42.62 61.72
C ASP D 145 44.17 41.49 62.26
N ILE D 146 44.82 40.42 62.74
CA ILE D 146 44.12 39.24 63.27
C ILE D 146 43.86 39.37 64.77
N TYR D 147 42.72 38.84 65.19
CA TYR D 147 42.30 38.87 66.58
C TYR D 147 41.68 37.53 66.94
N VAL D 148 41.92 37.05 68.16
CA VAL D 148 41.34 35.79 68.62
C VAL D 148 40.56 35.97 69.94
N LYS D 149 39.31 35.47 69.95
CA LYS D 149 38.50 35.41 71.17
C LYS D 149 38.38 33.97 71.64
N ILE D 150 39.00 33.69 72.79
CA ILE D 150 38.94 32.37 73.41
C ILE D 150 37.49 32.06 73.80
N GLU D 151 36.82 33.04 74.40
CA GLU D 151 35.41 32.94 74.73
C GLU D 151 34.66 34.09 74.08
N PRO D 152 33.37 33.89 73.73
CA PRO D 152 32.61 34.95 73.06
C PRO D 152 32.26 36.14 73.96
N ASN D 153 32.71 36.12 75.21
CA ASN D 153 32.47 37.23 76.15
C ASN D 153 33.74 37.83 76.76
N LEU D 154 34.89 37.25 76.42
CA LEU D 154 36.17 37.69 76.95
C LEU D 154 36.87 38.71 76.05
N PRO D 155 37.93 39.40 76.57
CA PRO D 155 38.71 40.29 75.72
C PRO D 155 39.44 39.54 74.61
N SER D 156 39.50 40.15 73.43
CA SER D 156 40.21 39.61 72.28
C SER D 156 41.71 39.76 72.48
N TYR D 157 42.47 38.81 71.96
CA TYR D 157 43.92 38.91 71.97
C TYR D 157 44.35 39.32 70.58
N ARG D 158 45.18 40.35 70.50
CA ARG D 158 45.67 40.86 69.22
C ARG D 158 46.85 40.01 68.73
N ILE D 159 46.70 39.41 67.55
CA ILE D 159 47.75 38.54 67.00
C ILE D 159 48.78 39.36 66.23
N THR D 160 48.33 40.22 65.31
CA THR D 160 49.25 41.02 64.50
C THR D 160 49.11 42.52 64.75
N TRP D 161 50.20 43.24 64.46
CA TRP D 161 50.27 44.68 64.69
C TRP D 161 50.79 45.41 63.45
N THR D 162 50.93 44.69 62.35
CA THR D 162 51.50 45.26 61.14
C THR D 162 50.47 45.83 60.16
N GLY D 163 49.26 45.27 60.19
CA GLY D 163 48.18 45.64 59.26
C GLY D 163 48.09 47.12 58.93
N LYS D 164 48.14 47.42 57.64
CA LYS D 164 48.04 48.77 57.12
C LYS D 164 47.25 48.70 55.84
N GLU D 165 46.17 49.46 55.77
CA GLU D 165 45.26 49.48 54.63
C GLU D 165 45.99 49.65 53.29
N ASP D 166 45.58 48.84 52.31
CA ASP D 166 46.16 48.83 50.96
C ASP D 166 47.63 48.40 50.91
N ILE D 167 48.24 48.08 52.05
CA ILE D 167 49.65 47.72 52.07
C ILE D 167 49.97 46.36 52.70
N ILE D 168 49.60 46.17 53.97
CA ILE D 168 49.89 44.92 54.67
C ILE D 168 48.58 44.23 55.06
N TYR D 169 48.43 42.97 54.67
CA TYR D 169 47.21 42.22 54.93
C TYR D 169 47.48 41.00 55.78
N ASN D 170 46.90 40.96 56.97
CA ASN D 170 47.02 39.79 57.85
C ASN D 170 45.72 38.99 57.87
N GLY D 171 45.77 37.76 57.38
CA GLY D 171 44.61 36.86 57.44
C GLY D 171 43.51 37.17 56.45
N ILE D 172 43.74 38.15 55.58
CA ILE D 172 42.84 38.44 54.47
C ILE D 172 43.69 38.59 53.23
N THR D 173 43.06 38.38 52.08
CA THR D 173 43.77 38.41 50.81
C THR D 173 43.78 39.83 50.25
N ASP D 174 44.66 40.08 49.30
CA ASP D 174 44.64 41.36 48.60
C ASP D 174 43.85 41.13 47.31
N TRP D 175 43.72 42.14 46.46
CA TRP D 175 42.88 42.02 45.28
C TRP D 175 43.11 40.73 44.51
N VAL D 176 44.37 40.44 44.20
CA VAL D 176 44.68 39.37 43.25
C VAL D 176 44.56 37.98 43.85
N TYR D 177 44.92 37.85 45.13
CA TYR D 177 44.76 36.60 45.83
C TYR D 177 43.27 36.30 46.00
N GLU D 178 42.48 37.34 46.24
CA GLU D 178 41.03 37.19 46.36
C GLU D 178 40.40 36.67 45.07
N GLU D 179 40.75 37.28 43.94
CA GLU D 179 40.13 36.95 42.65
C GLU D 179 40.71 35.70 41.99
N GLU D 180 42.03 35.57 42.01
CA GLU D 180 42.68 34.57 41.19
C GLU D 180 43.30 33.39 41.90
N VAL D 181 43.60 33.54 43.19
CA VAL D 181 44.27 32.45 43.92
C VAL D 181 43.29 31.69 44.83
N PHE D 182 42.80 32.36 45.86
CA PHE D 182 41.98 31.66 46.85
C PHE D 182 40.48 31.68 46.60
N SER D 183 40.00 32.54 45.69
CA SER D 183 38.56 32.74 45.48
C SER D 183 37.87 32.92 46.83
N ALA D 184 38.53 33.67 47.70
CA ALA D 184 38.01 34.00 49.03
C ALA D 184 38.76 35.18 49.61
N TYR D 185 38.15 35.83 50.61
CA TYR D 185 38.77 36.95 51.30
C TYR D 185 39.72 36.45 52.41
N SER D 186 39.28 35.42 53.14
CA SER D 186 40.04 34.94 54.28
C SER D 186 41.33 34.24 53.90
N ALA D 187 42.35 34.50 54.70
CA ALA D 187 43.61 33.80 54.62
C ALA D 187 43.89 33.33 56.05
N LEU D 188 42.91 32.62 56.62
CA LEU D 188 42.97 32.06 57.97
C LEU D 188 42.55 30.60 57.93
N TRP D 189 43.36 29.72 58.50
CA TRP D 189 43.07 28.29 58.53
C TRP D 189 43.32 27.73 59.92
N TRP D 190 42.26 27.33 60.62
CA TRP D 190 42.41 26.73 61.94
C TRP D 190 42.90 25.30 61.80
N SER D 191 43.63 24.83 62.82
CA SER D 191 43.97 23.42 62.94
C SER D 191 42.68 22.69 63.33
N PRO D 192 42.53 21.43 62.87
CA PRO D 192 41.31 20.65 63.11
C PRO D 192 40.73 20.70 64.53
N ASN D 193 41.58 20.78 65.55
CA ASN D 193 41.07 20.90 66.92
C ASN D 193 40.94 22.34 67.41
N GLY D 194 41.36 23.30 66.59
CA GLY D 194 41.27 24.72 66.94
C GLY D 194 42.30 25.14 67.97
N THR D 195 43.49 24.56 67.90
CA THR D 195 44.61 24.92 68.76
C THR D 195 45.53 25.90 68.02
N PHE D 196 45.74 25.66 66.73
CA PHE D 196 46.60 26.51 65.93
C PHE D 196 45.79 27.30 64.94
N LEU D 197 46.10 28.59 64.83
CA LEU D 197 45.54 29.40 63.79
C LEU D 197 46.66 29.74 62.82
N ALA D 198 46.67 29.05 61.69
CA ALA D 198 47.59 29.35 60.61
C ALA D 198 46.98 30.49 59.79
N TYR D 199 47.83 31.39 59.31
CA TYR D 199 47.37 32.54 58.53
C TYR D 199 48.43 33.07 57.58
N ALA D 200 47.97 33.68 56.49
CA ALA D 200 48.86 34.28 55.52
C ALA D 200 48.95 35.80 55.68
N GLN D 201 50.02 36.37 55.12
CA GLN D 201 50.26 37.80 55.16
C GLN D 201 50.81 38.29 53.82
N PHE D 202 50.22 39.36 53.29
CA PHE D 202 50.54 39.86 51.97
C PHE D 202 51.04 41.30 52.03
N ASN D 203 52.08 41.59 51.25
CA ASN D 203 52.72 42.90 51.21
C ASN D 203 52.56 43.55 49.82
N ASP D 204 51.72 44.58 49.74
CA ASP D 204 51.41 45.29 48.48
C ASP D 204 52.19 46.60 48.26
N THR D 205 53.25 46.81 49.05
CA THR D 205 53.99 48.08 49.03
C THR D 205 54.41 48.55 47.63
N GLU D 206 54.99 47.66 46.85
CA GLU D 206 55.54 48.05 45.56
C GLU D 206 54.62 47.81 44.38
N VAL D 207 53.41 47.34 44.67
CA VAL D 207 52.39 47.07 43.65
C VAL D 207 51.71 48.39 43.18
N PRO D 208 51.71 48.62 41.86
CA PRO D 208 51.09 49.85 41.32
C PRO D 208 49.58 49.84 41.50
N LEU D 209 48.99 51.02 41.68
CA LEU D 209 47.54 51.14 41.85
C LEU D 209 46.82 51.40 40.52
N ILE D 210 45.66 50.77 40.35
CA ILE D 210 44.73 51.15 39.28
C ILE D 210 43.89 52.28 39.86
N GLU D 211 43.67 53.32 39.07
CA GLU D 211 42.88 54.43 39.54
C GLU D 211 41.70 54.67 38.64
N TYR D 212 40.52 54.83 39.23
CA TYR D 212 39.33 55.13 38.44
C TYR D 212 38.37 56.00 39.22
N SER D 213 37.59 56.80 38.49
CA SER D 213 36.55 57.63 39.07
C SER D 213 35.37 56.81 39.57
N PHE D 214 34.78 57.29 40.64
CA PHE D 214 33.56 56.76 41.15
C PHE D 214 32.69 57.98 41.36
N TYR D 215 31.56 58.03 40.66
CA TYR D 215 30.75 59.24 40.64
C TYR D 215 29.82 59.37 41.84
N SER D 216 29.34 58.23 42.34
CA SER D 216 28.49 58.17 43.54
C SER D 216 27.11 58.80 43.33
N ASP D 217 26.37 59.03 44.42
CA ASP D 217 25.05 59.66 44.37
C ASP D 217 25.20 61.03 43.72
N GLU D 218 24.17 61.42 42.97
CA GLU D 218 24.02 62.75 42.38
C GLU D 218 24.50 63.90 43.29
N SER D 219 24.43 63.71 44.60
CA SER D 219 24.79 64.77 45.55
C SER D 219 26.30 64.98 45.72
N LEU D 220 27.12 63.99 45.33
CA LEU D 220 28.57 64.13 45.40
C LEU D 220 29.03 65.11 44.31
N GLN D 221 29.58 66.24 44.75
CA GLN D 221 29.89 67.34 43.83
C GLN D 221 31.15 67.06 43.02
N TYR D 222 32.17 66.56 43.70
CA TYR D 222 33.39 66.15 43.04
C TYR D 222 33.49 64.61 43.06
N PRO D 223 33.68 63.99 41.88
CA PRO D 223 33.80 62.53 41.84
C PRO D 223 35.00 62.09 42.67
N LYS D 224 34.95 60.90 43.24
CA LYS D 224 36.06 60.43 44.04
C LYS D 224 36.92 59.44 43.24
N THR D 225 38.21 59.38 43.57
CA THR D 225 39.13 58.48 42.87
C THR D 225 39.39 57.25 43.73
N VAL D 226 38.98 56.08 43.23
CA VAL D 226 39.25 54.81 43.89
C VAL D 226 40.66 54.36 43.53
N ARG D 227 41.43 53.96 44.54
CA ARG D 227 42.79 53.47 44.32
C ARG D 227 42.97 52.04 44.84
N VAL D 228 43.17 51.10 43.92
CA VAL D 228 43.33 49.67 44.25
C VAL D 228 44.73 49.18 43.86
N PRO D 229 45.50 48.63 44.81
CA PRO D 229 46.75 47.96 44.41
C PRO D 229 46.44 46.71 43.57
N TYR D 230 46.88 46.72 42.32
CA TYR D 230 46.50 45.74 41.31
C TYR D 230 47.69 45.49 40.41
N PRO D 231 48.23 44.26 40.39
CA PRO D 231 49.34 43.94 39.51
C PRO D 231 48.89 43.51 38.11
N LYS D 232 49.17 44.34 37.11
CA LYS D 232 48.90 43.98 35.72
C LYS D 232 50.00 43.05 35.18
N ALA D 233 49.76 42.40 34.04
CA ALA D 233 50.75 41.47 33.47
C ALA D 233 52.12 42.11 33.37
N GLY D 234 53.09 41.57 34.11
CA GLY D 234 54.42 42.13 34.12
C GLY D 234 54.75 42.99 35.32
N ALA D 235 53.73 43.59 35.94
CA ALA D 235 53.92 44.51 37.08
C ALA D 235 54.54 43.82 38.30
N VAL D 236 54.84 44.60 39.32
CA VAL D 236 55.44 44.07 40.54
C VAL D 236 54.34 43.41 41.37
N ASN D 237 54.47 42.09 41.58
CA ASN D 237 53.50 41.32 42.33
C ASN D 237 53.58 41.55 43.83
N PRO D 238 52.56 41.09 44.59
CA PRO D 238 52.65 41.15 46.04
C PRO D 238 53.52 40.02 46.60
N THR D 239 54.17 40.25 47.73
CA THR D 239 54.99 39.21 48.37
C THR D 239 54.16 38.55 49.47
N VAL D 240 54.57 37.36 49.91
CA VAL D 240 53.76 36.61 50.88
C VAL D 240 54.55 35.88 51.97
N LYS D 241 54.06 35.94 53.20
CA LYS D 241 54.63 35.19 54.32
C LYS D 241 53.57 34.31 54.98
N PHE D 242 53.99 33.19 55.56
CA PHE D 242 53.08 32.27 56.23
C PHE D 242 53.45 32.03 57.70
N PHE D 243 52.44 32.14 58.57
CA PHE D 243 52.64 31.98 60.00
C PHE D 243 51.63 31.00 60.58
N VAL D 244 51.94 30.46 61.76
CA VAL D 244 50.99 29.66 62.55
C VAL D 244 51.14 30.13 64.00
N VAL D 245 50.10 29.96 64.82
CA VAL D 245 50.17 30.34 66.24
C VAL D 245 49.30 29.46 67.15
N ASN D 246 49.86 29.08 68.30
CA ASN D 246 49.13 28.31 69.31
C ASN D 246 48.14 29.22 70.03
N THR D 247 46.86 29.00 69.77
CA THR D 247 45.78 29.85 70.30
C THR D 247 45.40 29.55 71.75
N ASP D 248 45.64 28.31 72.20
CA ASP D 248 45.29 27.92 73.57
C ASP D 248 46.09 28.68 74.63
N SER D 249 47.36 28.93 74.33
CA SER D 249 48.23 29.69 75.23
C SER D 249 48.44 31.10 74.72
N LEU D 250 47.54 31.99 75.13
CA LEU D 250 47.63 33.42 74.83
C LEU D 250 47.57 34.15 76.16
N SER D 251 48.59 34.94 76.44
CA SER D 251 48.60 35.73 77.65
C SER D 251 48.09 37.12 77.37
N SER D 252 47.22 37.62 78.25
CA SER D 252 46.74 39.00 78.16
C SER D 252 47.73 39.94 78.86
N VAL D 253 48.98 39.49 78.97
CA VAL D 253 50.07 40.22 79.61
C VAL D 253 51.29 40.30 78.69
N THR D 254 51.38 39.35 77.75
CA THR D 254 52.48 39.30 76.79
C THR D 254 51.96 39.32 75.34
N ASN D 255 52.82 39.71 74.39
CA ASN D 255 52.45 39.69 72.96
C ASN D 255 52.57 38.33 72.32
N ALA D 256 51.46 37.83 71.80
CA ALA D 256 51.38 36.53 71.14
C ALA D 256 52.45 36.38 70.07
N THR D 257 53.25 35.32 70.17
CA THR D 257 54.34 35.09 69.23
C THR D 257 53.89 34.10 68.14
N SER D 258 54.04 34.50 66.89
CA SER D 258 53.64 33.68 65.75
C SER D 258 54.87 33.09 65.07
N ILE D 259 54.95 31.76 65.02
CA ILE D 259 56.04 31.08 64.32
C ILE D 259 55.84 31.10 62.80
N GLN D 260 56.89 31.48 62.08
CA GLN D 260 56.86 31.48 60.61
C GLN D 260 57.26 30.15 59.99
N ILE D 261 56.60 29.82 58.88
CA ILE D 261 57.00 28.74 58.00
C ILE D 261 57.40 29.37 56.67
N THR D 262 58.71 29.39 56.39
CA THR D 262 59.21 29.95 55.14
C THR D 262 58.91 29.02 53.97
N ALA D 263 58.87 29.60 52.77
CA ALA D 263 58.71 28.82 51.54
C ALA D 263 60.02 28.10 51.22
N PRO D 264 59.96 26.92 50.59
CA PRO D 264 61.19 26.21 50.18
C PRO D 264 62.10 27.06 49.29
N ALA D 265 63.36 26.65 49.19
CA ALA D 265 64.39 27.40 48.48
C ALA D 265 64.13 27.59 46.99
N SER D 266 63.65 26.54 46.33
CA SER D 266 63.39 26.56 44.89
C SER D 266 62.36 27.62 44.49
N MET D 267 61.70 28.18 45.49
CA MET D 267 60.69 29.20 45.30
C MET D 267 61.26 30.59 45.53
N LEU D 268 62.06 30.73 46.58
CA LEU D 268 62.64 32.02 46.95
C LEU D 268 63.61 32.57 45.90
N ILE D 269 64.06 31.72 44.98
CA ILE D 269 64.95 32.13 43.87
C ILE D 269 64.29 33.09 42.86
N GLY D 270 62.99 33.34 43.04
CA GLY D 270 62.25 34.26 42.17
C GLY D 270 60.90 34.65 42.74
N ASP D 271 60.04 35.18 41.89
CA ASP D 271 58.69 35.55 42.31
C ASP D 271 57.81 34.32 42.40
N HIS D 272 57.08 34.20 43.50
CA HIS D 272 56.29 33.00 43.79
C HIS D 272 54.97 33.35 44.46
N TYR D 273 54.06 32.38 44.56
CA TYR D 273 52.80 32.55 45.28
C TYR D 273 52.58 31.42 46.27
N LEU D 274 51.83 31.68 47.33
CA LEU D 274 51.25 30.62 48.15
C LEU D 274 49.92 30.32 47.49
N CYS D 275 49.67 29.06 47.13
CA CYS D 275 48.43 28.73 46.42
C CYS D 275 47.46 27.74 47.10
N ASP D 276 47.94 27.01 48.11
CA ASP D 276 47.08 26.10 48.87
C ASP D 276 47.64 25.86 50.27
N VAL D 277 46.73 25.75 51.24
CA VAL D 277 47.07 25.49 52.63
C VAL D 277 46.11 24.42 53.15
N THR D 278 46.64 23.28 53.59
CA THR D 278 45.76 22.19 54.06
C THR D 278 46.28 21.48 55.31
N TRP D 279 45.47 21.51 56.37
CA TRP D 279 45.79 20.80 57.61
C TRP D 279 45.65 19.30 57.42
N ALA D 280 46.57 18.56 58.03
CA ALA D 280 46.58 17.11 57.96
C ALA D 280 46.07 16.51 59.27
N THR D 281 46.72 16.88 60.37
CA THR D 281 46.31 16.46 61.70
C THR D 281 46.34 17.69 62.60
N GLN D 282 46.48 17.46 63.90
CA GLN D 282 46.52 18.55 64.88
C GLN D 282 47.86 19.29 64.81
N GLU D 283 48.88 18.59 64.32
CA GLU D 283 50.26 19.08 64.34
C GLU D 283 50.97 18.89 63.00
N ARG D 284 50.18 18.82 61.93
CA ARG D 284 50.72 18.65 60.59
C ARG D 284 49.92 19.50 59.61
N ILE D 285 50.64 20.27 58.79
CA ILE D 285 50.02 21.15 57.81
C ILE D 285 50.78 21.07 56.47
N SER D 286 50.05 21.22 55.37
CA SER D 286 50.67 21.19 54.03
C SER D 286 50.53 22.51 53.31
N LEU D 287 51.58 22.90 52.62
CA LEU D 287 51.62 24.15 51.85
C LEU D 287 51.99 23.83 50.42
N GLN D 288 51.43 24.58 49.48
CA GLN D 288 51.83 24.46 48.08
C GLN D 288 52.24 25.83 47.55
N TRP D 289 53.41 25.87 46.94
CA TRP D 289 53.96 27.09 46.42
C TRP D 289 54.02 27.02 44.91
N LEU D 290 53.83 28.15 44.25
CA LEU D 290 53.80 28.19 42.82
C LEU D 290 54.73 29.28 42.31
N ARG D 291 55.61 28.95 41.38
CA ARG D 291 56.45 29.95 40.71
C ARG D 291 55.58 30.96 39.96
N ARG D 292 56.12 32.17 39.73
CA ARG D 292 55.38 33.19 38.95
C ARG D 292 55.16 32.70 37.52
N ILE D 293 56.15 31.95 37.03
CA ILE D 293 56.04 31.18 35.80
C ILE D 293 55.36 29.88 36.24
N GLN D 294 54.04 29.84 36.08
CA GLN D 294 53.19 28.83 36.73
C GLN D 294 53.17 27.42 36.15
N ASN D 295 54.35 26.89 35.78
CA ASN D 295 54.46 25.52 35.27
C ASN D 295 55.27 24.64 36.21
N TYR D 296 55.53 25.16 37.41
CA TYR D 296 56.39 24.50 38.39
C TYR D 296 55.90 24.79 39.80
N SER D 297 55.64 23.76 40.59
CA SER D 297 55.10 23.95 41.94
C SER D 297 55.59 22.90 42.94
N VAL D 298 55.65 23.31 44.21
CA VAL D 298 56.18 22.48 45.28
C VAL D 298 55.23 22.41 46.47
N MET D 299 54.92 21.19 46.90
CA MET D 299 54.18 20.99 48.14
C MET D 299 55.16 20.71 49.28
N ASP D 300 54.87 21.25 50.46
CA ASP D 300 55.75 21.09 51.62
C ASP D 300 54.95 20.62 52.83
N ILE D 301 55.35 19.49 53.41
CA ILE D 301 54.67 18.97 54.61
C ILE D 301 55.48 19.32 55.86
N CYS D 302 54.79 19.89 56.85
CA CYS D 302 55.43 20.45 58.03
C CYS D 302 54.81 19.96 59.34
N ASP D 303 55.68 19.37 60.17
CA ASP D 303 55.31 18.86 61.50
C ASP D 303 55.61 19.91 62.57
N TYR D 304 54.82 19.88 63.65
CA TYR D 304 55.08 20.77 64.78
C TYR D 304 56.10 20.14 65.71
N ASP D 305 57.15 20.90 66.05
CA ASP D 305 58.25 20.37 66.88
C ASP D 305 57.94 20.63 68.36
N GLU D 306 57.26 19.65 68.98
CA GLU D 306 56.61 19.87 70.28
C GLU D 306 57.48 20.41 71.42
N SER D 307 58.76 20.01 71.47
CA SER D 307 59.66 20.58 72.48
C SER D 307 60.45 21.79 71.98
N SER D 308 60.41 22.04 70.68
CA SER D 308 61.07 23.20 70.07
C SER D 308 60.10 24.35 69.82
N GLY D 309 58.80 24.02 69.80
CA GLY D 309 57.74 24.99 69.55
C GLY D 309 57.73 25.51 68.12
N ARG D 310 58.50 24.86 67.25
CA ARG D 310 58.74 25.34 65.89
C ARG D 310 57.94 24.55 64.86
N TRP D 311 58.03 24.98 63.60
CA TRP D 311 57.46 24.22 62.48
C TRP D 311 58.56 23.85 61.48
N ASN D 312 58.85 22.56 61.40
CA ASN D 312 59.88 22.03 60.49
C ASN D 312 59.32 21.28 59.28
N CYS D 313 59.87 21.59 58.11
CA CYS D 313 59.45 20.96 56.86
C CYS D 313 60.62 20.23 56.19
N LEU D 314 60.53 18.89 56.18
CA LEU D 314 61.58 18.04 55.62
C LEU D 314 61.73 18.16 54.11
N VAL D 315 62.98 18.10 53.66
CA VAL D 315 63.33 18.15 52.24
C VAL D 315 62.87 16.88 51.51
N ALA D 316 63.00 15.73 52.19
CA ALA D 316 62.58 14.45 51.63
C ALA D 316 61.05 14.31 51.59
N ARG D 317 60.36 15.06 52.45
CA ARG D 317 58.90 15.05 52.48
C ARG D 317 58.28 15.92 51.38
N GLN D 318 59.10 16.62 50.62
CA GLN D 318 58.62 17.50 49.55
C GLN D 318 58.07 16.71 48.37
N HIS D 319 57.12 17.31 47.67
CA HIS D 319 56.55 16.74 46.46
C HIS D 319 56.44 17.76 45.34
N ILE D 320 57.28 17.61 44.32
CA ILE D 320 57.24 18.48 43.15
C ILE D 320 56.13 18.05 42.20
N GLU D 321 55.49 19.03 41.58
CA GLU D 321 54.52 18.80 40.53
C GLU D 321 54.68 19.91 39.50
N MET D 322 55.03 19.55 38.27
CA MET D 322 55.15 20.52 37.19
C MET D 322 54.50 20.04 35.89
N SER D 323 54.59 20.86 34.84
CA SER D 323 53.96 20.57 33.57
C SER D 323 54.80 21.12 32.43
N THR D 324 55.24 20.23 31.55
CA THR D 324 56.11 20.62 30.44
C THR D 324 55.33 21.21 29.26
N THR D 325 54.04 20.90 29.19
CA THR D 325 53.20 21.31 28.06
C THR D 325 52.33 22.55 28.33
N GLY D 326 52.14 22.87 29.60
CA GLY D 326 51.34 24.03 29.99
C GLY D 326 51.59 24.51 31.41
N TRP D 327 50.53 24.96 32.06
CA TRP D 327 50.58 25.41 33.45
C TRP D 327 50.25 24.24 34.36
N VAL D 328 50.25 24.48 35.67
CA VAL D 328 49.98 23.42 36.62
C VAL D 328 48.59 23.56 37.24
N GLY D 329 47.79 22.50 37.12
CA GLY D 329 46.41 22.47 37.61
C GLY D 329 45.39 22.90 36.56
N ARG D 330 44.14 23.01 36.97
CA ARG D 330 43.10 23.60 36.10
C ARG D 330 43.16 25.13 36.20
N PHE D 331 43.23 25.62 37.43
CA PHE D 331 43.44 27.04 37.67
C PHE D 331 44.55 27.17 38.68
N ARG D 332 44.47 26.37 39.74
CA ARG D 332 45.54 26.26 40.72
C ARG D 332 45.82 24.77 40.97
N PRO D 333 47.00 24.44 41.52
CA PRO D 333 47.25 23.03 41.85
C PRO D 333 46.16 22.44 42.75
N SER D 334 45.92 21.15 42.60
CA SER D 334 44.91 20.42 43.35
C SER D 334 45.22 20.31 44.85
N GLU D 335 44.18 20.39 45.68
CA GLU D 335 44.32 20.24 47.13
C GLU D 335 44.34 18.76 47.53
N PRO D 336 45.15 18.41 48.55
CA PRO D 336 45.22 17.04 49.03
C PRO D 336 44.25 16.73 50.18
N HIS D 337 43.78 15.48 50.24
CA HIS D 337 42.91 15.01 51.31
C HIS D 337 43.63 13.94 52.09
N PHE D 338 43.81 14.16 53.39
CA PHE D 338 44.62 13.29 54.21
C PHE D 338 43.85 12.19 54.88
N THR D 339 44.50 11.02 54.92
CA THR D 339 44.07 9.87 55.68
C THR D 339 43.99 10.33 57.13
N LEU D 340 43.21 9.62 57.94
CA LEU D 340 43.08 9.94 59.37
C LEU D 340 44.44 10.17 60.06
N ASP D 341 45.35 9.21 59.93
CA ASP D 341 46.67 9.27 60.59
C ASP D 341 47.57 10.41 60.09
N GLY D 342 47.48 10.74 58.80
CA GLY D 342 48.25 11.83 58.23
C GLY D 342 49.47 11.42 57.42
N ASN D 343 49.74 10.13 57.34
CA ASN D 343 50.90 9.63 56.59
C ASN D 343 50.67 9.41 55.10
N SER D 344 49.45 9.69 54.64
CA SER D 344 49.07 9.52 53.24
C SER D 344 47.96 10.49 52.82
N PHE D 345 47.96 10.84 51.53
CA PHE D 345 46.95 11.75 51.00
C PHE D 345 46.61 11.48 49.54
N TYR D 346 45.38 11.85 49.16
CA TYR D 346 44.91 11.71 47.79
C TYR D 346 44.81 13.08 47.12
N LYS D 347 45.35 13.18 45.91
CA LYS D 347 45.45 14.45 45.19
C LYS D 347 45.32 14.29 43.66
N ILE D 348 44.40 15.04 43.07
CA ILE D 348 44.13 15.00 41.62
C ILE D 348 45.23 15.66 40.81
N ILE D 349 45.81 14.92 39.86
CA ILE D 349 46.84 15.46 38.97
C ILE D 349 46.72 14.88 37.55
N SER D 350 47.37 15.56 36.61
CA SER D 350 47.42 15.13 35.22
C SER D 350 48.28 13.87 35.06
N ASN D 351 47.69 12.81 34.51
CA ASN D 351 48.44 11.57 34.30
C ASN D 351 49.42 11.68 33.12
N GLU D 352 50.24 10.65 32.92
CA GLU D 352 51.29 10.71 31.91
C GLU D 352 50.76 10.94 30.49
N GLU D 353 49.46 10.77 30.28
CA GLU D 353 48.86 10.99 28.97
C GLU D 353 47.78 12.07 28.94
N GLY D 354 47.89 13.04 29.85
CA GLY D 354 47.05 14.23 29.81
C GLY D 354 45.78 14.27 30.64
N TYR D 355 45.32 13.12 31.12
CA TYR D 355 44.06 13.08 31.86
C TYR D 355 44.22 13.26 33.37
N ARG D 356 43.24 13.90 34.00
CA ARG D 356 43.30 14.18 35.43
C ARG D 356 42.64 13.12 36.30
N HIS D 357 43.48 12.45 37.10
CA HIS D 357 43.05 11.34 37.94
C HIS D 357 43.61 11.44 39.36
N ILE D 358 43.17 10.50 40.20
CA ILE D 358 43.55 10.50 41.61
C ILE D 358 44.83 9.70 41.83
N CYS D 359 45.83 10.34 42.45
CA CYS D 359 47.10 9.68 42.80
C CYS D 359 47.18 9.47 44.31
N TYR D 360 47.52 8.25 44.73
CA TYR D 360 47.72 7.95 46.15
C TYR D 360 49.17 8.18 46.54
N PHE D 361 49.38 8.99 47.57
CA PHE D 361 50.72 9.42 47.95
C PHE D 361 51.21 8.88 49.28
N GLN D 362 52.50 8.56 49.30
CA GLN D 362 53.22 8.34 50.54
C GLN D 362 53.96 9.64 50.80
N ILE D 363 53.96 10.10 52.05
CA ILE D 363 54.70 11.30 52.43
C ILE D 363 56.19 11.09 52.17
N ASP D 364 56.63 9.84 52.34
CA ASP D 364 58.03 9.43 52.19
C ASP D 364 58.61 9.75 50.82
N LYS D 365 58.07 9.11 49.78
CA LYS D 365 58.69 9.19 48.44
C LYS D 365 57.88 9.92 47.38
N LYS D 366 58.60 10.43 46.37
CA LYS D 366 58.06 11.21 45.27
C LYS D 366 57.22 10.40 44.26
N ASP D 367 57.20 9.07 44.43
CA ASP D 367 56.53 8.16 43.50
C ASP D 367 55.11 7.82 43.95
N CYS D 368 54.13 8.21 43.15
CA CYS D 368 52.76 7.79 43.41
C CYS D 368 52.18 7.00 42.24
N THR D 369 51.20 6.15 42.53
CA THR D 369 50.43 5.46 41.50
C THR D 369 48.98 5.93 41.51
N PHE D 370 48.37 5.95 40.33
CA PHE D 370 46.99 6.39 40.16
C PHE D 370 46.01 5.32 40.61
N ILE D 371 44.87 5.76 41.12
CA ILE D 371 43.80 4.84 41.51
C ILE D 371 42.67 4.84 40.48
N THR D 372 42.77 5.74 39.50
CA THR D 372 41.85 5.81 38.37
C THR D 372 42.59 6.10 37.07
N LYS D 373 42.06 5.58 35.95
CA LYS D 373 42.59 5.87 34.61
C LYS D 373 41.48 5.94 33.56
N GLY D 374 41.83 6.36 32.35
CA GLY D 374 40.86 6.44 31.24
C GLY D 374 40.74 7.80 30.59
N THR D 375 40.08 7.82 29.43
CA THR D 375 39.94 9.06 28.65
C THR D 375 38.80 9.92 29.21
N TRP D 376 38.90 10.23 30.49
CA TRP D 376 37.95 11.10 31.18
C TRP D 376 38.63 11.71 32.41
N GLU D 377 37.95 12.64 33.08
CA GLU D 377 38.58 13.33 34.20
C GLU D 377 37.81 13.28 35.51
N VAL D 378 38.56 13.16 36.61
CA VAL D 378 38.01 13.34 37.93
C VAL D 378 37.88 14.85 38.13
N ILE D 379 36.73 15.30 38.61
CA ILE D 379 36.51 16.72 38.85
C ILE D 379 37.04 17.13 40.22
N GLY D 380 36.68 16.37 41.25
CA GLY D 380 37.08 16.69 42.63
C GLY D 380 36.82 15.59 43.65
N ILE D 381 37.66 15.53 44.68
CA ILE D 381 37.53 14.55 45.77
C ILE D 381 36.60 15.15 46.81
N GLU D 382 35.50 14.45 47.10
CA GLU D 382 34.45 15.04 47.93
C GLU D 382 34.46 14.55 49.37
N ALA D 383 34.83 13.29 49.60
CA ALA D 383 34.89 12.73 50.96
C ALA D 383 35.86 11.56 51.06
N LEU D 384 36.46 11.36 52.24
CA LEU D 384 37.22 10.14 52.49
C LEU D 384 37.00 9.54 53.87
N THR D 385 36.45 8.33 53.90
CA THR D 385 36.28 7.60 55.14
C THR D 385 37.44 6.62 55.27
N SER D 386 37.55 6.00 56.44
CA SER D 386 38.61 5.05 56.69
C SER D 386 38.50 3.78 55.82
N ASP D 387 37.56 3.77 54.88
CA ASP D 387 37.32 2.61 54.02
C ASP D 387 36.99 2.97 52.56
N TYR D 388 36.51 4.19 52.35
CA TYR D 388 36.13 4.62 51.00
C TYR D 388 36.58 6.04 50.65
N LEU D 389 36.59 6.32 49.35
CA LEU D 389 36.96 7.62 48.78
C LEU D 389 35.91 8.01 47.76
N TYR D 390 35.26 9.16 47.99
CA TYR D 390 34.18 9.64 47.15
C TYR D 390 34.66 10.78 46.25
N TYR D 391 34.28 10.71 44.97
CA TYR D 391 34.63 11.75 43.99
C TYR D 391 33.54 11.96 42.92
N ILE D 392 33.67 13.03 42.15
CA ILE D 392 32.79 13.28 41.02
C ILE D 392 33.63 13.24 39.74
N SER D 393 33.05 12.73 38.66
CA SER D 393 33.75 12.68 37.37
C SER D 393 32.82 12.81 36.16
N ASN D 394 33.39 12.74 34.96
CA ASN D 394 32.63 12.86 33.71
C ASN D 394 32.77 11.65 32.78
N GLU D 395 32.99 10.48 33.39
CA GLU D 395 33.15 9.23 32.65
C GLU D 395 31.85 8.74 32.02
N TYR D 396 30.74 8.88 32.74
CA TYR D 396 29.44 8.31 32.33
C TYR D 396 29.00 8.69 30.92
N LYS D 397 28.90 7.66 30.06
CA LYS D 397 28.54 7.82 28.64
C LYS D 397 29.58 8.65 27.87
N GLY D 398 30.73 8.87 28.49
CA GLY D 398 31.82 9.62 27.89
C GLY D 398 31.41 11.06 27.62
N MET D 399 30.70 11.67 28.56
CA MET D 399 30.22 13.04 28.42
C MET D 399 31.01 13.95 29.32
N PRO D 400 31.87 14.78 28.73
CA PRO D 400 32.66 15.76 29.46
C PRO D 400 31.79 16.70 30.24
N GLY D 401 30.57 16.95 29.74
CA GLY D 401 29.64 17.90 30.35
C GLY D 401 28.65 17.31 31.34
N GLY D 402 28.89 16.07 31.75
CA GLY D 402 28.07 15.44 32.78
C GLY D 402 28.87 15.32 34.05
N ARG D 403 28.19 15.20 35.18
CA ARG D 403 28.84 15.00 36.47
C ARG D 403 28.10 13.92 37.25
N ASN D 404 28.85 12.94 37.76
CA ASN D 404 28.29 11.87 38.59
C ASN D 404 29.15 11.53 39.80
N LEU D 405 28.52 10.97 40.83
CA LEU D 405 29.21 10.59 42.07
C LEU D 405 29.66 9.14 42.08
N TYR D 406 30.96 8.94 42.32
CA TYR D 406 31.54 7.61 42.35
C TYR D 406 32.12 7.30 43.72
N LYS D 407 32.07 6.01 44.06
CA LYS D 407 32.63 5.47 45.30
C LYS D 407 33.71 4.45 44.91
N ILE D 408 34.92 4.63 45.42
CA ILE D 408 36.02 3.70 45.13
C ILE D 408 36.58 3.09 46.43
N GLN D 409 36.77 1.77 46.44
CA GLN D 409 37.24 1.05 47.63
C GLN D 409 38.75 1.12 47.82
N LEU D 410 39.16 1.57 49.01
CA LEU D 410 40.58 1.71 49.36
C LEU D 410 41.39 0.42 49.26
N SER D 411 40.78 -0.71 49.64
CA SER D 411 41.46 -2.00 49.59
C SER D 411 41.61 -2.57 48.18
N ASP D 412 40.64 -2.29 47.31
CA ASP D 412 40.66 -2.78 45.94
C ASP D 412 40.10 -1.72 44.99
N TYR D 413 40.96 -1.29 44.07
CA TYR D 413 40.65 -0.20 43.14
C TYR D 413 39.76 -0.59 41.95
N THR D 414 39.61 -1.89 41.71
CA THR D 414 38.72 -2.37 40.65
C THR D 414 37.24 -2.19 41.03
N LYS D 415 36.96 -2.22 42.34
CA LYS D 415 35.61 -2.03 42.86
C LYS D 415 35.24 -0.54 42.95
N VAL D 416 34.56 -0.05 41.92
CA VAL D 416 34.11 1.34 41.86
C VAL D 416 32.60 1.40 41.64
N THR D 417 31.89 2.10 42.52
CA THR D 417 30.43 2.16 42.48
C THR D 417 29.90 3.56 42.19
N CYS D 418 29.17 3.72 41.09
CA CYS D 418 28.52 4.98 40.79
C CYS D 418 27.22 5.09 41.57
N LEU D 419 27.16 6.08 42.45
CA LEU D 419 26.02 6.29 43.32
C LEU D 419 24.90 7.13 42.71
N SER D 420 25.23 7.93 41.69
CA SER D 420 24.27 8.87 41.11
C SER D 420 23.87 8.60 39.66
N CYS D 421 24.63 7.75 38.99
CA CYS D 421 24.46 7.48 37.55
C CYS D 421 23.04 7.14 37.12
N GLU D 422 22.39 6.25 37.85
CA GLU D 422 21.11 5.69 37.41
C GLU D 422 19.96 5.90 38.39
N LEU D 423 20.00 7.00 39.14
CA LEU D 423 18.90 7.38 40.03
C LEU D 423 17.73 7.89 39.21
N ASN D 424 18.00 8.91 38.40
CA ASN D 424 17.11 9.26 37.31
C ASN D 424 17.99 9.67 36.13
N PRO D 425 18.25 8.72 35.20
CA PRO D 425 19.19 8.91 34.10
C PRO D 425 18.67 9.87 33.05
N GLU D 426 17.34 10.00 33.00
CA GLU D 426 16.67 10.80 32.00
C GLU D 426 16.70 12.28 32.36
N ARG D 427 16.42 12.61 33.63
CA ARG D 427 16.36 14.01 34.03
C ARG D 427 17.65 14.51 34.72
N CYS D 428 18.51 13.58 35.12
CA CYS D 428 19.71 13.84 35.92
C CYS D 428 21.02 13.33 35.33
N GLN D 429 21.89 14.26 34.94
CA GLN D 429 23.19 13.90 34.39
C GLN D 429 24.27 14.83 34.94
N TYR D 430 23.89 15.73 35.83
CA TYR D 430 24.85 16.68 36.38
C TYR D 430 24.62 16.80 37.88
N TYR D 431 25.54 16.22 38.65
CA TYR D 431 25.41 16.12 40.09
C TYR D 431 26.52 16.83 40.85
N SER D 432 26.17 17.34 42.03
CA SER D 432 27.13 17.81 43.02
C SER D 432 26.68 17.25 44.38
N VAL D 433 27.63 16.96 45.27
CA VAL D 433 27.29 16.29 46.52
C VAL D 433 27.63 17.14 47.76
N SER D 434 26.97 16.83 48.87
CA SER D 434 27.19 17.50 50.14
C SER D 434 27.10 16.48 51.28
N PHE D 435 28.24 16.15 51.87
CA PHE D 435 28.32 15.15 52.95
C PHE D 435 28.20 15.75 54.34
N SER D 436 27.84 14.93 55.32
CA SER D 436 27.83 15.33 56.73
C SER D 436 29.25 15.21 57.30
N LYS D 437 29.38 15.22 58.63
CA LYS D 437 30.69 15.27 59.30
C LYS D 437 31.62 14.09 58.99
N GLU D 438 31.24 12.88 59.40
CA GLU D 438 31.98 11.69 58.98
C GLU D 438 31.35 11.14 57.72
N ALA D 439 30.42 11.92 57.17
CA ALA D 439 29.75 11.61 55.91
C ALA D 439 28.82 10.38 55.97
N LYS D 440 27.99 10.31 57.01
CA LYS D 440 26.99 9.24 57.14
C LYS D 440 25.82 9.46 56.20
N TYR D 441 25.55 10.74 55.91
CA TYR D 441 24.46 11.14 55.04
C TYR D 441 24.92 12.18 54.01
N TYR D 442 24.78 11.86 52.72
CA TYR D 442 25.13 12.80 51.67
C TYR D 442 23.91 13.27 50.91
N GLN D 443 23.89 14.58 50.63
CA GLN D 443 22.83 15.20 49.83
C GLN D 443 23.27 15.27 48.37
N LEU D 444 22.39 14.84 47.47
CA LEU D 444 22.67 14.95 46.05
C LEU D 444 21.89 16.08 45.42
N ARG D 445 22.61 17.00 44.79
CA ARG D 445 22.03 18.05 43.97
C ARG D 445 22.12 17.65 42.49
N CYS D 446 20.96 17.63 41.83
CA CYS D 446 20.89 17.35 40.42
C CYS D 446 20.56 18.66 39.71
N SER D 447 21.48 19.17 38.89
CA SER D 447 21.33 20.46 38.21
C SER D 447 20.67 20.43 36.83
N GLY D 448 20.52 19.24 36.27
CA GLY D 448 19.93 19.09 34.94
C GLY D 448 20.23 17.71 34.39
N PRO D 449 19.80 17.43 33.14
CA PRO D 449 19.15 18.32 32.18
C PRO D 449 17.70 18.71 32.50
N GLY D 450 16.99 17.86 33.26
CA GLY D 450 15.63 18.18 33.67
C GLY D 450 15.63 19.26 34.75
N LEU D 451 14.48 19.49 35.37
CA LEU D 451 14.40 20.43 36.47
C LEU D 451 15.25 19.90 37.64
N PRO D 452 15.92 20.80 38.38
CA PRO D 452 16.78 20.37 39.49
C PRO D 452 16.06 19.53 40.54
N LEU D 453 16.79 18.57 41.12
CA LEU D 453 16.22 17.64 42.11
C LEU D 453 17.21 17.40 43.26
N TYR D 454 16.72 17.56 44.48
CA TYR D 454 17.53 17.45 45.69
C TYR D 454 17.09 16.24 46.52
N THR D 455 17.99 15.28 46.70
CA THR D 455 17.65 14.04 47.39
C THR D 455 18.68 13.69 48.47
N LEU D 456 18.20 13.03 49.54
CA LEU D 456 19.06 12.63 50.66
C LEU D 456 19.26 11.12 50.70
N HIS D 457 20.51 10.71 50.89
CA HIS D 457 20.89 9.30 50.95
C HIS D 457 21.76 9.02 52.16
N SER D 458 21.74 7.77 52.64
CA SER D 458 22.66 7.35 53.69
C SER D 458 23.82 6.59 53.05
N SER D 459 25.04 6.88 53.51
CA SER D 459 26.23 6.29 52.91
C SER D 459 26.44 4.84 53.33
N VAL D 460 25.90 4.47 54.50
CA VAL D 460 26.03 3.11 55.08
C VAL D 460 25.90 1.96 54.05
N ASN D 461 24.85 2.00 53.22
CA ASN D 461 24.75 1.10 52.06
C ASN D 461 23.92 1.69 50.91
N ASP D 462 23.80 3.02 50.93
CA ASP D 462 23.20 3.82 49.84
C ASP D 462 21.72 3.58 49.59
N LYS D 463 20.88 4.09 50.50
CA LYS D 463 19.44 4.02 50.33
C LYS D 463 18.89 5.44 50.20
N GLY D 464 17.89 5.62 49.34
CA GLY D 464 17.21 6.91 49.19
C GLY D 464 16.29 7.16 50.36
N LEU D 465 16.65 8.12 51.21
CA LEU D 465 15.84 8.48 52.39
C LEU D 465 14.56 9.23 51.99
N ARG D 466 14.71 10.33 51.25
CA ARG D 466 13.56 11.09 50.74
C ARG D 466 13.90 12.05 49.61
N VAL D 467 12.84 12.64 49.04
CA VAL D 467 12.94 13.69 48.05
C VAL D 467 12.79 15.01 48.81
N LEU D 468 13.87 15.79 48.89
CA LEU D 468 13.87 17.05 49.64
C LEU D 468 13.11 18.18 48.93
N GLU D 469 13.30 18.26 47.61
CA GLU D 469 12.70 19.28 46.75
C GLU D 469 12.82 18.78 45.30
N ASP D 470 11.70 18.72 44.59
CA ASP D 470 11.68 18.18 43.22
C ASP D 470 11.23 19.18 42.15
N ASN D 471 10.99 20.41 42.58
CA ASN D 471 10.57 21.51 41.69
C ASN D 471 9.29 21.24 40.88
N SER D 472 8.32 20.58 41.49
CA SER D 472 7.05 20.32 40.80
C SER D 472 6.21 21.59 40.65
N ALA D 473 6.33 22.50 41.62
CA ALA D 473 5.67 23.80 41.56
C ALA D 473 6.06 24.54 40.29
N LEU D 474 7.36 24.62 40.05
CA LEU D 474 7.90 25.22 38.83
C LEU D 474 7.50 24.40 37.60
N ASP D 475 7.53 23.07 37.71
CA ASP D 475 7.14 22.17 36.64
C ASP D 475 5.71 22.45 36.20
N LYS D 476 4.84 22.68 37.18
CA LYS D 476 3.42 22.95 36.92
C LYS D 476 3.27 24.25 36.16
N MET D 477 4.05 25.25 36.54
CA MET D 477 4.01 26.56 35.89
C MET D 477 4.47 26.49 34.43
N LEU D 478 5.57 25.77 34.22
CA LEU D 478 6.18 25.62 32.90
C LEU D 478 5.34 24.92 31.84
N GLN D 479 4.37 24.12 32.26
CA GLN D 479 3.51 23.39 31.33
C GLN D 479 2.66 24.33 30.47
N ASN D 480 2.43 25.53 31.00
CA ASN D 480 1.66 26.55 30.33
C ASN D 480 2.52 27.39 29.36
N VAL D 481 3.83 27.13 29.35
CA VAL D 481 4.78 27.92 28.58
C VAL D 481 5.45 27.11 27.45
N GLN D 482 5.58 27.74 26.28
CA GLN D 482 6.33 27.16 25.17
C GLN D 482 7.82 27.31 25.45
N MET D 483 8.42 26.29 26.07
CA MET D 483 9.84 26.31 26.47
C MET D 483 10.79 25.85 25.37
N PRO D 484 12.00 26.42 25.31
CA PRO D 484 12.98 25.90 24.35
C PRO D 484 13.51 24.55 24.81
N SER D 485 14.19 23.85 23.92
CA SER D 485 14.82 22.57 24.25
C SER D 485 16.33 22.70 24.18
N LYS D 486 17.04 21.72 24.71
CA LYS D 486 18.49 21.75 24.69
C LYS D 486 19.04 20.53 23.96
N LYS D 487 19.80 20.76 22.91
CA LYS D 487 20.56 19.71 22.25
C LYS D 487 21.99 19.75 22.73
N LEU D 488 22.54 18.58 23.10
CA LEU D 488 23.95 18.44 23.48
C LEU D 488 24.54 17.34 22.61
N ASP D 489 25.60 17.66 21.88
CA ASP D 489 26.24 16.70 20.99
C ASP D 489 27.68 17.13 20.73
N PHE D 490 28.33 16.47 19.78
CA PHE D 490 29.70 16.77 19.41
C PHE D 490 29.85 16.73 17.89
N ILE D 491 30.91 17.34 17.40
CA ILE D 491 31.31 17.22 16.00
C ILE D 491 32.77 16.79 16.00
N ILE D 492 33.16 16.02 14.99
CA ILE D 492 34.53 15.54 14.94
C ILE D 492 35.36 16.42 14.04
N LEU D 493 36.40 17.03 14.61
CA LEU D 493 37.32 17.89 13.88
C LEU D 493 38.75 17.39 14.04
N ASN D 494 39.35 16.98 12.92
CA ASN D 494 40.72 16.45 12.90
C ASN D 494 40.81 15.30 13.90
N GLU D 495 39.92 14.31 13.70
CA GLU D 495 39.81 13.09 14.53
C GLU D 495 39.62 13.31 16.04
N THR D 496 39.19 14.53 16.40
CA THR D 496 38.95 14.89 17.80
C THR D 496 37.49 15.33 18.00
N LYS D 497 36.92 14.97 19.15
CA LYS D 497 35.54 15.32 19.49
C LYS D 497 35.46 16.66 20.23
N PHE D 498 34.62 17.54 19.70
CA PHE D 498 34.38 18.85 20.29
C PHE D 498 32.89 19.05 20.55
N TRP D 499 32.54 19.09 21.83
CA TRP D 499 31.15 19.13 22.26
C TRP D 499 30.56 20.52 22.10
N TYR D 500 29.26 20.57 21.85
CA TYR D 500 28.54 21.82 21.72
C TYR D 500 27.16 21.65 22.33
N GLN D 501 26.55 22.78 22.70
CA GLN D 501 25.16 22.76 23.14
C GLN D 501 24.32 23.79 22.36
N MET D 502 23.01 23.54 22.29
CA MET D 502 22.16 24.38 21.46
C MET D 502 20.77 24.57 22.04
N ILE D 503 20.40 25.82 22.29
CA ILE D 503 19.07 26.15 22.79
C ILE D 503 18.16 26.35 21.59
N LEU D 504 17.20 25.45 21.41
CA LEU D 504 16.34 25.45 20.23
C LEU D 504 14.94 25.97 20.55
N PRO D 505 14.42 26.91 19.73
CA PRO D 505 13.06 27.41 19.85
C PRO D 505 11.99 26.32 19.97
N PRO D 506 10.88 26.59 20.67
CA PRO D 506 9.82 25.59 20.73
C PRO D 506 9.35 25.24 19.32
N HIS D 507 8.94 24.00 19.12
CA HIS D 507 8.50 23.50 17.79
C HIS D 507 9.60 23.61 16.73
N PHE D 508 10.85 23.36 17.13
CA PHE D 508 12.02 23.46 16.23
C PHE D 508 11.82 22.63 14.96
N ASP D 509 12.10 23.24 13.82
CA ASP D 509 11.88 22.61 12.54
C ASP D 509 13.16 22.66 11.71
N LYS D 510 13.65 21.49 11.31
CA LYS D 510 14.94 21.38 10.62
C LYS D 510 14.93 22.02 9.23
N SER D 511 13.76 22.17 8.63
CA SER D 511 13.65 22.76 7.31
C SER D 511 13.10 24.18 7.40
N LYS D 512 13.77 24.97 8.22
CA LYS D 512 13.53 26.40 8.38
C LYS D 512 14.88 26.99 8.67
N LYS D 513 15.11 28.23 8.27
CA LYS D 513 16.37 28.88 8.61
C LYS D 513 16.20 29.80 9.83
N TYR D 514 16.85 29.45 10.94
CA TYR D 514 16.82 30.27 12.14
C TYR D 514 18.09 31.12 12.28
N PRO D 515 17.94 32.38 12.76
CA PRO D 515 19.11 33.16 13.15
C PRO D 515 19.75 32.53 14.37
N LEU D 516 21.07 32.67 14.49
CA LEU D 516 21.79 32.00 15.54
C LEU D 516 22.75 32.92 16.22
N LEU D 517 22.75 32.85 17.55
CA LEU D 517 23.64 33.61 18.38
C LEU D 517 24.60 32.63 19.03
N LEU D 518 25.89 32.88 18.82
CA LEU D 518 26.94 32.11 19.44
C LEU D 518 27.24 32.76 20.79
N ASP D 519 26.99 31.98 21.84
CA ASP D 519 27.20 32.37 23.23
C ASP D 519 28.59 31.90 23.61
N VAL D 520 29.52 32.83 23.89
CA VAL D 520 30.90 32.41 24.10
C VAL D 520 31.58 32.79 25.41
N TYR D 521 32.36 31.83 25.91
CA TYR D 521 33.31 32.00 26.98
C TYR D 521 34.68 31.64 26.38
N ALA D 522 34.98 30.35 26.25
CA ALA D 522 36.19 29.85 25.53
C ALA D 522 37.55 30.07 26.20
N GLY D 523 37.53 30.60 27.42
CA GLY D 523 38.75 30.77 28.19
C GLY D 523 39.37 29.45 28.57
N PRO D 524 40.63 29.48 29.04
CA PRO D 524 41.29 28.25 29.41
C PRO D 524 40.48 27.49 30.45
N CYS D 525 40.07 26.28 30.08
CA CYS D 525 39.37 25.37 30.98
C CYS D 525 37.88 25.68 31.08
N SER D 526 37.38 26.46 30.14
CA SER D 526 35.94 26.72 30.08
C SER D 526 35.18 25.45 29.71
N GLN D 527 33.90 25.45 30.06
CA GLN D 527 32.96 24.46 29.57
C GLN D 527 31.58 25.11 29.42
N LYS D 528 31.19 25.36 28.18
CA LYS D 528 29.92 25.99 27.90
C LYS D 528 28.85 24.99 27.54
N ALA D 529 29.26 23.83 27.02
CA ALA D 529 28.35 22.76 26.62
C ALA D 529 28.28 21.71 27.72
N ASP D 530 27.21 21.74 28.49
CA ASP D 530 27.04 20.83 29.63
C ASP D 530 25.59 20.38 29.79
N THR D 531 25.29 19.67 30.87
CA THR D 531 23.94 19.12 31.05
C THR D 531 23.12 19.89 32.08
N VAL D 532 23.45 21.16 32.29
CA VAL D 532 22.77 22.01 33.30
C VAL D 532 21.48 22.68 32.77
N PHE D 533 20.41 22.60 33.57
CA PHE D 533 19.20 23.34 33.32
C PHE D 533 19.36 24.82 33.73
N ARG D 534 19.07 25.73 32.81
CA ARG D 534 19.22 27.16 33.08
C ARG D 534 18.02 27.95 32.59
N LEU D 535 17.58 28.92 33.39
CA LEU D 535 16.57 29.84 32.92
C LEU D 535 17.24 31.20 32.84
N ASN D 536 17.60 31.58 31.62
CA ASN D 536 18.39 32.78 31.42
C ASN D 536 17.96 33.57 30.19
N TRP D 537 18.76 34.58 29.84
CA TRP D 537 18.52 35.41 28.67
C TRP D 537 18.34 34.55 27.42
N ALA D 538 19.23 33.57 27.23
CA ALA D 538 19.15 32.63 26.09
C ALA D 538 17.80 31.93 26.02
N THR D 539 17.18 31.70 27.18
CA THR D 539 15.90 31.05 27.24
C THR D 539 14.88 31.97 26.58
N TYR D 540 14.91 33.26 26.95
CA TYR D 540 14.02 34.24 26.34
C TYR D 540 14.22 34.35 24.83
N LEU D 541 15.48 34.33 24.40
CA LEU D 541 15.84 34.48 23.00
C LEU D 541 15.27 33.35 22.16
N ALA D 542 15.37 32.11 22.65
CA ALA D 542 14.83 30.98 21.89
C ALA D 542 13.33 30.86 22.05
N SER D 543 12.84 31.13 23.27
CA SER D 543 11.41 30.99 23.55
C SER D 543 10.53 32.02 22.85
N THR D 544 10.93 33.28 22.86
CA THR D 544 10.12 34.37 22.32
C THR D 544 10.63 34.78 20.94
N GLU D 545 11.93 35.02 20.83
CA GLU D 545 12.49 35.61 19.61
C GLU D 545 12.86 34.59 18.53
N ASN D 546 12.68 33.30 18.84
CA ASN D 546 12.99 32.21 17.92
C ASN D 546 14.42 32.20 17.40
N ILE D 547 15.34 32.55 18.29
CA ILE D 547 16.76 32.49 17.96
C ILE D 547 17.37 31.22 18.54
N ILE D 548 18.32 30.63 17.81
CA ILE D 548 19.10 29.53 18.35
C ILE D 548 20.30 30.11 19.10
N VAL D 549 20.47 29.72 20.35
CA VAL D 549 21.65 30.13 21.10
C VAL D 549 22.57 28.93 21.22
N ALA D 550 23.80 29.08 20.73
CA ALA D 550 24.71 27.94 20.66
C ALA D 550 26.03 28.22 21.36
N SER D 551 26.61 27.17 21.94
CA SER D 551 27.93 27.26 22.55
C SER D 551 28.84 26.12 22.08
N PHE D 552 30.15 26.37 22.07
CA PHE D 552 31.08 25.40 21.55
C PHE D 552 32.37 25.35 22.33
N ASP D 553 32.70 24.16 22.87
CA ASP D 553 33.98 23.93 23.53
C ASP D 553 35.07 23.53 22.52
N GLY D 554 35.93 24.48 22.17
CA GLY D 554 37.05 24.22 21.29
C GLY D 554 38.34 24.07 22.08
N ARG D 555 39.48 24.21 21.39
CA ARG D 555 40.79 24.07 22.03
C ARG D 555 41.01 25.08 23.15
N GLY D 556 41.38 24.56 24.31
CA GLY D 556 41.56 25.37 25.51
C GLY D 556 40.50 25.05 26.53
N SER D 557 39.39 24.45 26.10
CA SER D 557 38.30 24.13 27.02
C SER D 557 38.72 22.97 27.93
N GLY D 558 37.99 22.78 29.02
CA GLY D 558 38.42 21.88 30.07
C GLY D 558 37.76 20.51 30.09
N TYR D 559 38.21 19.71 31.06
CA TYR D 559 37.66 18.38 31.39
C TYR D 559 37.71 17.35 30.25
N GLN D 560 38.70 17.49 29.36
CA GLN D 560 38.88 16.55 28.25
C GLN D 560 40.36 16.26 28.01
N GLY D 561 41.15 16.32 29.07
CA GLY D 561 42.60 16.10 28.97
C GLY D 561 43.42 17.33 28.60
N ASP D 562 44.67 17.34 29.04
CA ASP D 562 45.61 18.44 28.77
C ASP D 562 45.88 18.64 27.28
N LYS D 563 45.68 17.58 26.50
CA LYS D 563 45.80 17.60 25.05
C LYS D 563 44.98 18.77 24.49
N ILE D 564 43.73 18.86 24.93
CA ILE D 564 42.84 19.93 24.48
C ILE D 564 43.08 21.25 25.24
N MET D 565 43.14 21.17 26.56
CA MET D 565 43.25 22.35 27.42
C MET D 565 44.56 23.13 27.22
N HIS D 566 45.69 22.43 27.17
CA HIS D 566 47.00 23.06 27.00
C HIS D 566 47.32 23.51 25.57
N ALA D 567 46.35 23.38 24.66
CA ALA D 567 46.57 23.70 23.24
C ALA D 567 46.87 25.17 22.97
N ILE D 568 46.37 26.04 23.85
CA ILE D 568 46.56 27.48 23.70
C ILE D 568 47.63 28.08 24.63
N ASN D 569 48.46 27.22 25.21
CA ASN D 569 49.55 27.68 26.07
C ASN D 569 50.43 28.68 25.32
N ARG D 570 50.61 29.85 25.92
CA ARG D 570 51.42 30.95 25.37
C ARG D 570 50.76 31.57 24.14
N ARG D 571 49.62 31.02 23.75
CA ARG D 571 48.92 31.45 22.55
C ARG D 571 47.43 31.77 22.82
N LEU D 572 47.17 32.60 23.82
CA LEU D 572 45.82 33.11 24.04
C LEU D 572 45.38 33.95 22.85
N GLY D 573 44.12 33.81 22.47
CA GLY D 573 43.58 34.55 21.34
C GLY D 573 43.95 33.98 19.98
N THR D 574 44.13 32.68 19.89
CA THR D 574 44.39 32.07 18.59
C THR D 574 43.42 30.93 18.32
N PHE D 575 43.76 29.73 18.79
CA PHE D 575 42.96 28.53 18.54
C PHE D 575 41.53 28.57 19.06
N GLU D 576 41.30 29.18 20.23
CA GLU D 576 39.96 29.23 20.77
C GLU D 576 39.11 30.18 19.93
N VAL D 577 39.75 31.23 19.41
CA VAL D 577 39.12 32.19 18.51
C VAL D 577 38.79 31.53 17.16
N GLU D 578 39.79 30.90 16.55
CA GLU D 578 39.60 30.15 15.30
C GLU D 578 38.52 29.08 15.48
N ASP D 579 38.55 28.39 16.62
CA ASP D 579 37.56 27.35 16.90
C ASP D 579 36.11 27.86 17.03
N GLN D 580 35.91 29.10 17.47
CA GLN D 580 34.56 29.66 17.57
C GLN D 580 34.01 30.03 16.21
N ILE D 581 34.90 30.43 15.31
CA ILE D 581 34.54 30.73 13.92
C ILE D 581 34.11 29.44 13.23
N GLU D 582 34.91 28.39 13.38
CA GLU D 582 34.60 27.10 12.76
C GLU D 582 33.28 26.51 13.27
N ALA D 583 32.98 26.74 14.55
CA ALA D 583 31.73 26.30 15.15
C ALA D 583 30.52 26.81 14.33
N ALA D 584 30.49 28.12 14.06
CA ALA D 584 29.43 28.71 13.25
C ALA D 584 29.36 28.15 11.83
N ARG D 585 30.51 27.79 11.26
CA ARG D 585 30.52 27.18 9.92
C ARG D 585 29.96 25.76 9.96
N GLN D 586 30.22 25.08 11.06
CA GLN D 586 29.70 23.73 11.28
C GLN D 586 28.22 23.75 11.61
N PHE D 587 27.78 24.80 12.30
CA PHE D 587 26.36 24.95 12.59
C PHE D 587 25.58 25.24 11.31
N SER D 588 26.05 26.20 10.53
CA SER D 588 25.36 26.56 9.29
C SER D 588 25.34 25.44 8.26
N LYS D 589 26.38 24.60 8.23
CA LYS D 589 26.35 23.43 7.34
C LYS D 589 25.41 22.33 7.83
N MET D 590 24.67 22.59 8.91
CA MET D 590 23.61 21.65 9.33
C MET D 590 22.29 21.95 8.62
N GLY D 591 22.18 23.12 8.00
CA GLY D 591 21.07 23.44 7.11
C GLY D 591 19.80 24.03 7.72
N PHE D 592 19.86 24.40 8.99
CA PHE D 592 18.71 25.07 9.63
C PHE D 592 19.06 26.45 10.17
N VAL D 593 20.26 26.93 9.84
CA VAL D 593 20.72 28.24 10.28
C VAL D 593 20.69 29.22 9.10
N ASP D 594 20.03 30.36 9.28
CA ASP D 594 20.11 31.43 8.29
C ASP D 594 21.48 32.01 8.52
N ASN D 595 22.40 31.76 7.60
CA ASN D 595 23.76 32.20 7.84
C ASN D 595 24.06 33.66 7.43
N LYS D 596 23.03 34.36 6.96
CA LYS D 596 23.06 35.82 6.85
C LYS D 596 22.71 36.48 8.19
N ARG D 597 22.30 35.66 9.16
CA ARG D 597 21.96 36.15 10.49
C ARG D 597 22.63 35.35 11.61
N ILE D 598 23.95 35.45 11.67
CA ILE D 598 24.73 34.82 12.74
C ILE D 598 25.40 35.91 13.60
N ALA D 599 25.18 35.83 14.90
CA ALA D 599 25.74 36.81 15.83
C ALA D 599 26.58 36.12 16.89
N ILE D 600 27.39 36.90 17.60
CA ILE D 600 28.27 36.38 18.62
C ILE D 600 28.31 37.33 19.80
N TRP D 601 28.42 36.80 21.03
CA TRP D 601 28.48 37.64 22.22
C TRP D 601 29.13 36.93 23.40
N GLY D 602 29.62 37.72 24.36
CA GLY D 602 30.25 37.18 25.56
C GLY D 602 30.62 38.23 26.59
N TRP D 603 30.75 37.77 27.83
CA TRP D 603 31.19 38.59 28.94
C TRP D 603 32.64 38.20 29.30
N SER D 604 33.42 39.18 29.76
CA SER D 604 34.80 38.95 30.22
C SER D 604 35.66 38.36 29.12
N TYR D 605 36.26 37.19 29.37
CA TYR D 605 37.04 36.48 28.36
C TYR D 605 36.18 36.27 27.12
N GLY D 606 34.91 35.92 27.33
CA GLY D 606 33.92 35.82 26.26
C GLY D 606 33.82 37.08 25.44
N GLY D 607 33.92 38.23 26.11
CA GLY D 607 33.91 39.52 25.43
C GLY D 607 35.16 39.67 24.57
N TYR D 608 36.30 39.25 25.11
CA TYR D 608 37.56 39.31 24.39
C TYR D 608 37.48 38.49 23.09
N VAL D 609 37.04 37.22 23.22
CA VAL D 609 36.94 36.32 22.05
C VAL D 609 35.96 36.84 20.99
N THR D 610 34.81 37.35 21.44
CA THR D 610 33.80 37.94 20.56
C THR D 610 34.42 39.05 19.73
N SER D 611 35.20 39.89 20.40
CA SER D 611 35.87 40.99 19.75
C SER D 611 36.90 40.51 18.73
N MET D 612 37.74 39.57 19.15
CA MET D 612 38.76 38.99 18.28
C MET D 612 38.13 38.34 17.05
N VAL D 613 37.01 37.64 17.26
CA VAL D 613 36.25 37.02 16.17
C VAL D 613 35.64 38.07 15.24
N LEU D 614 34.97 39.06 15.81
CA LEU D 614 34.46 40.18 15.02
C LEU D 614 35.57 40.94 14.31
N GLY D 615 36.81 40.80 14.75
CA GLY D 615 37.93 41.50 14.13
C GLY D 615 38.77 40.65 13.18
N SER D 616 38.27 39.48 12.80
CA SER D 616 39.08 38.54 12.03
C SER D 616 38.87 38.58 10.52
N GLY D 617 37.85 39.29 10.06
CA GLY D 617 37.55 39.39 8.65
C GLY D 617 37.09 38.06 8.06
N SER D 618 36.55 37.20 8.93
CA SER D 618 36.08 35.88 8.50
C SER D 618 34.84 35.99 7.60
N GLY D 619 33.97 36.96 7.90
CA GLY D 619 32.76 37.20 7.11
C GLY D 619 31.56 36.39 7.55
N VAL D 620 31.73 35.59 8.59
CA VAL D 620 30.69 34.67 9.05
C VAL D 620 29.65 35.39 9.90
N PHE D 621 30.11 36.37 10.67
CA PHE D 621 29.29 37.04 11.65
C PHE D 621 28.85 38.43 11.19
N LYS D 622 27.57 38.75 11.43
CA LYS D 622 26.98 40.00 11.00
C LYS D 622 27.18 41.06 12.07
N CYS D 623 26.91 40.68 13.30
CA CYS D 623 27.04 41.58 14.44
C CYS D 623 27.45 40.85 15.72
N GLY D 624 27.78 41.62 16.75
CA GLY D 624 28.19 41.03 18.02
C GLY D 624 28.27 41.97 19.20
N ILE D 625 28.23 41.41 20.39
CA ILE D 625 28.23 42.18 21.62
C ILE D 625 29.34 41.70 22.54
N ALA D 626 30.26 42.60 22.88
CA ALA D 626 31.30 42.33 23.86
C ALA D 626 30.99 43.06 25.16
N VAL D 627 30.85 42.32 26.27
CA VAL D 627 30.62 42.94 27.58
C VAL D 627 31.86 42.84 28.48
N ALA D 628 32.41 44.00 28.80
CA ALA D 628 33.59 44.14 29.67
C ALA D 628 34.72 43.22 29.21
N PRO D 629 35.12 43.37 27.94
CA PRO D 629 36.09 42.47 27.36
C PRO D 629 37.51 42.84 27.77
N VAL D 630 38.40 41.87 27.73
CA VAL D 630 39.83 42.18 27.78
C VAL D 630 40.14 42.66 26.35
N SER D 631 41.00 43.67 26.23
CA SER D 631 41.36 44.21 24.92
C SER D 631 42.80 43.88 24.59
N ARG D 632 43.65 43.91 25.62
CA ARG D 632 45.00 43.42 25.48
C ARG D 632 45.53 42.95 26.80
N TRP D 633 46.32 41.88 26.76
CA TRP D 633 46.67 41.14 27.96
C TRP D 633 47.51 41.87 29.00
N GLU D 634 48.35 42.82 28.56
CA GLU D 634 49.16 43.64 29.46
C GLU D 634 48.30 44.35 30.47
N TYR D 635 47.03 44.57 30.13
CA TYR D 635 46.12 45.31 31.01
C TYR D 635 45.52 44.47 32.11
N TYR D 636 45.43 43.15 31.89
CA TYR D 636 44.80 42.27 32.86
C TYR D 636 45.78 41.76 33.93
N ASP D 637 45.24 41.24 35.04
CA ASP D 637 46.07 40.91 36.20
C ASP D 637 47.12 39.84 35.96
N SER D 638 48.26 39.99 36.62
CA SER D 638 49.40 39.10 36.47
C SER D 638 49.07 37.63 36.69
N VAL D 639 48.40 37.29 37.81
CA VAL D 639 48.18 35.89 38.16
C VAL D 639 47.48 35.11 37.04
N TYR D 640 46.29 35.55 36.64
CA TYR D 640 45.56 34.88 35.56
C TYR D 640 46.35 34.91 34.24
N THR D 641 46.69 36.11 33.78
CA THR D 641 47.33 36.31 32.48
C THR D 641 48.63 35.53 32.27
N GLU D 642 49.58 35.73 33.19
CA GLU D 642 50.90 35.11 33.07
C GLU D 642 50.86 33.59 33.08
N ARG D 643 49.91 33.02 33.82
CA ARG D 643 49.66 31.58 33.82
C ARG D 643 49.62 31.02 32.41
N TYR D 644 48.92 31.71 31.52
CA TYR D 644 48.74 31.20 30.15
C TYR D 644 49.71 31.83 29.14
N MET D 645 50.11 33.08 29.41
CA MET D 645 50.93 33.85 28.46
C MET D 645 52.43 33.96 28.80
N GLY D 646 52.79 33.80 30.06
CA GLY D 646 54.16 34.09 30.50
C GLY D 646 54.33 35.57 30.79
N LEU D 647 55.58 36.05 30.77
CA LEU D 647 55.86 37.47 30.96
C LEU D 647 55.94 38.24 29.64
N PRO D 648 55.40 39.47 29.63
CA PRO D 648 55.50 40.31 28.43
C PRO D 648 56.87 41.00 28.31
N THR D 649 57.94 40.21 28.22
CA THR D 649 59.28 40.75 28.05
C THR D 649 59.89 40.26 26.73
N PRO D 650 60.86 41.01 26.16
CA PRO D 650 61.43 40.63 24.86
C PRO D 650 62.05 39.23 24.88
N GLU D 651 62.49 38.79 26.06
CA GLU D 651 63.08 37.45 26.23
C GLU D 651 62.09 36.45 26.84
N ASP D 652 60.80 36.63 26.56
CA ASP D 652 59.77 35.66 26.97
C ASP D 652 58.61 35.52 25.97
N ASN D 653 57.60 36.38 26.10
CA ASN D 653 56.41 36.27 25.25
C ASN D 653 55.84 37.59 24.74
N LEU D 654 56.54 38.70 25.02
CA LEU D 654 56.13 40.04 24.59
C LEU D 654 55.54 40.09 23.19
N ASP D 655 56.19 39.42 22.24
CA ASP D 655 55.72 39.39 20.86
C ASP D 655 54.26 38.94 20.69
N HIS D 656 53.89 37.84 21.33
CA HIS D 656 52.53 37.37 21.24
C HIS D 656 51.54 38.28 21.97
N TYR D 657 52.01 38.93 23.04
CA TYR D 657 51.23 39.96 23.75
C TYR D 657 50.81 41.08 22.79
N ARG D 658 51.77 41.58 22.01
CA ARG D 658 51.53 42.59 20.99
C ARG D 658 50.59 42.07 19.88
N ASN D 659 50.76 40.80 19.50
CA ASN D 659 49.99 40.21 18.40
C ASN D 659 48.55 39.81 18.75
N SER D 660 48.21 39.81 20.03
CA SER D 660 46.89 39.32 20.45
C SER D 660 45.92 40.38 20.97
N THR D 661 46.09 41.63 20.56
CA THR D 661 45.20 42.70 21.00
C THR D 661 44.04 42.86 20.04
N VAL D 662 42.87 43.25 20.55
CA VAL D 662 41.72 43.55 19.71
C VAL D 662 41.91 44.87 18.94
N MET D 663 42.64 45.81 19.53
CA MET D 663 43.02 47.07 18.87
C MET D 663 43.68 46.85 17.49
N SER D 664 44.56 45.87 17.36
CA SER D 664 45.25 45.67 16.07
C SER D 664 44.33 45.18 14.96
N ARG D 665 43.17 44.67 15.34
CA ARG D 665 42.18 44.15 14.40
C ARG D 665 41.12 45.18 14.03
N ALA D 666 41.33 46.42 14.46
CA ALA D 666 40.34 47.49 14.32
C ALA D 666 39.77 47.64 12.91
N GLU D 667 40.65 47.72 11.91
CA GLU D 667 40.23 47.91 10.52
C GLU D 667 39.15 46.90 10.09
N ASN D 668 39.24 45.67 10.57
CA ASN D 668 38.30 44.60 10.23
C ASN D 668 36.86 44.75 10.73
N PHE D 669 36.66 45.67 11.68
CA PHE D 669 35.34 45.97 12.22
C PHE D 669 34.41 46.71 11.24
N LYS D 670 34.92 47.06 10.06
CA LYS D 670 34.11 47.72 9.03
C LYS D 670 33.04 46.81 8.43
N GLN D 671 33.15 45.50 8.66
CA GLN D 671 32.22 44.53 8.07
C GLN D 671 31.17 44.06 9.07
N VAL D 672 31.24 44.52 10.31
CA VAL D 672 30.34 44.00 11.36
C VAL D 672 29.61 45.11 12.11
N GLU D 673 28.57 44.74 12.86
CA GLU D 673 27.89 45.68 13.74
C GLU D 673 28.30 45.29 15.16
N TYR D 674 28.88 46.23 15.88
CA TYR D 674 29.49 45.91 17.16
C TYR D 674 28.90 46.76 18.26
N LEU D 675 28.63 46.13 19.40
CA LEU D 675 28.16 46.81 20.58
C LEU D 675 29.09 46.46 21.71
N LEU D 676 29.68 47.49 22.31
CA LEU D 676 30.68 47.37 23.35
C LEU D 676 30.12 48.03 24.59
N ILE D 677 30.10 47.27 25.70
CA ILE D 677 29.49 47.69 26.97
C ILE D 677 30.51 47.48 28.07
N HIS D 678 30.65 48.48 28.96
CA HIS D 678 31.55 48.35 30.08
C HIS D 678 31.12 49.22 31.27
N GLY D 679 31.26 48.66 32.49
CA GLY D 679 30.98 49.36 33.75
C GLY D 679 32.15 50.25 34.11
N THR D 680 31.88 51.47 34.59
CA THR D 680 32.96 52.42 34.81
C THR D 680 33.75 52.13 36.08
N ALA D 681 33.12 51.44 37.03
CA ALA D 681 33.74 51.13 38.32
C ALA D 681 34.24 49.68 38.40
N ASP D 682 34.57 49.14 37.23
CA ASP D 682 35.03 47.76 37.09
C ASP D 682 36.46 47.62 37.62
N ASP D 683 36.59 46.93 38.74
CA ASP D 683 37.87 46.73 39.39
C ASP D 683 38.63 45.56 38.78
N ASN D 684 37.90 44.68 38.11
CA ASN D 684 38.44 43.43 37.56
C ASN D 684 39.07 43.65 36.18
N VAL D 685 38.23 43.89 35.19
CA VAL D 685 38.61 44.28 33.83
C VAL D 685 38.33 45.78 33.77
N HIS D 686 39.40 46.59 33.79
CA HIS D 686 39.28 48.04 33.93
C HIS D 686 38.67 48.69 32.72
N PHE D 687 37.86 49.73 32.96
CA PHE D 687 37.17 50.44 31.88
C PHE D 687 38.16 50.73 30.73
N GLN D 688 39.40 51.02 31.14
CA GLN D 688 40.54 51.19 30.26
C GLN D 688 40.55 50.24 29.06
N GLN D 689 40.30 48.96 29.30
CA GLN D 689 40.33 47.97 28.24
C GLN D 689 39.36 48.32 27.12
N SER D 690 38.14 48.73 27.48
CA SER D 690 37.17 49.16 26.48
C SER D 690 37.48 50.55 25.91
N ALA D 691 38.01 51.43 26.76
CA ALA D 691 38.41 52.77 26.32
C ALA D 691 39.47 52.70 25.20
N GLN D 692 40.37 51.72 25.29
CA GLN D 692 41.36 51.53 24.24
C GLN D 692 40.73 50.89 22.99
N ILE D 693 39.71 50.06 23.17
CA ILE D 693 39.00 49.49 22.02
C ILE D 693 38.30 50.61 21.24
N SER D 694 37.52 51.44 21.94
CA SER D 694 36.79 52.52 21.27
C SER D 694 37.72 53.50 20.56
N LYS D 695 38.84 53.84 21.18
CA LYS D 695 39.79 54.75 20.54
C LYS D 695 40.40 54.15 19.25
N ALA D 696 40.73 52.85 19.29
CA ALA D 696 41.25 52.16 18.12
C ALA D 696 40.26 52.21 16.97
N LEU D 697 38.97 51.99 17.27
CA LEU D 697 37.92 52.04 16.24
C LEU D 697 37.71 53.45 15.71
N VAL D 698 37.81 54.44 16.59
CA VAL D 698 37.72 55.83 16.19
C VAL D 698 38.87 56.17 15.25
N ASP D 699 40.08 55.76 15.63
CA ASP D 699 41.27 56.06 14.82
C ASP D 699 41.26 55.48 13.40
N VAL D 700 40.59 54.34 13.19
CA VAL D 700 40.44 53.77 11.84
C VAL D 700 39.11 54.12 11.16
N GLY D 701 38.27 54.87 11.87
CA GLY D 701 36.97 55.32 11.34
C GLY D 701 35.83 54.32 11.31
N VAL D 702 35.86 53.32 12.20
CA VAL D 702 34.78 52.33 12.29
C VAL D 702 33.67 52.79 13.24
N ASP D 703 32.42 52.77 12.76
CA ASP D 703 31.29 53.14 13.60
C ASP D 703 30.78 51.94 14.38
N PHE D 704 30.35 52.15 15.62
CA PHE D 704 29.91 51.06 16.50
C PHE D 704 28.99 51.61 17.56
N GLN D 705 28.26 50.74 18.26
CA GLN D 705 27.42 51.16 19.37
C GLN D 705 28.19 50.98 20.68
N ALA D 706 27.86 51.80 21.66
CA ALA D 706 28.56 51.77 22.95
C ALA D 706 27.59 51.98 24.09
N MET D 707 27.94 51.46 25.26
CA MET D 707 27.21 51.75 26.48
C MET D 707 28.14 51.61 27.69
N TRP D 708 28.23 52.67 28.46
CA TRP D 708 28.94 52.64 29.71
C TRP D 708 27.89 52.52 30.80
N TYR D 709 28.27 51.92 31.93
CA TYR D 709 27.39 51.86 33.10
C TYR D 709 28.05 52.53 34.28
N THR D 710 27.53 53.72 34.59
CA THR D 710 28.09 54.53 35.65
C THR D 710 28.10 53.74 36.95
N ASP D 711 29.29 53.59 37.52
CA ASP D 711 29.51 53.02 38.86
C ASP D 711 29.24 51.50 38.97
N GLU D 712 29.14 50.81 37.83
CA GLU D 712 28.95 49.36 37.85
C GLU D 712 30.31 48.69 37.79
N ASP D 713 30.43 47.53 38.42
CA ASP D 713 31.65 46.77 38.31
C ASP D 713 31.49 45.62 37.29
N HIS D 714 32.36 44.60 37.36
CA HIS D 714 32.38 43.56 36.34
C HIS D 714 31.08 42.75 36.19
N GLY D 715 30.30 42.69 37.25
CA GLY D 715 29.05 41.97 37.22
C GLY D 715 27.91 42.74 36.58
N ILE D 716 28.05 44.06 36.45
CA ILE D 716 26.95 44.97 36.03
C ILE D 716 25.62 44.45 36.60
N ALA D 717 25.66 44.22 37.91
CA ALA D 717 24.68 43.39 38.58
C ALA D 717 23.65 44.12 39.43
N SER D 718 23.70 45.45 39.52
CA SER D 718 22.60 46.19 40.18
C SER D 718 21.28 45.76 39.58
N SER D 719 20.25 45.73 40.40
CA SER D 719 18.93 45.38 39.90
C SER D 719 18.63 46.16 38.61
N THR D 720 18.77 47.49 38.68
CA THR D 720 18.44 48.37 37.55
C THR D 720 19.37 48.24 36.33
N ALA D 721 20.66 48.11 36.55
CA ALA D 721 21.60 47.98 35.44
C ALA D 721 21.49 46.61 34.77
N HIS D 722 21.36 45.56 35.57
CA HIS D 722 21.15 44.21 35.05
C HIS D 722 19.93 44.22 34.12
N GLN D 723 18.83 44.85 34.55
CA GLN D 723 17.66 44.97 33.68
C GLN D 723 17.96 45.76 32.42
N HIS D 724 18.64 46.90 32.58
CA HIS D 724 18.93 47.82 31.50
C HIS D 724 19.86 47.23 30.42
N ILE D 725 20.91 46.55 30.86
CA ILE D 725 21.87 45.94 29.95
C ILE D 725 21.21 44.86 29.11
N TYR D 726 20.50 43.93 29.77
CA TYR D 726 19.83 42.86 29.06
C TYR D 726 18.77 43.40 28.12
N THR D 727 18.09 44.45 28.53
CA THR D 727 17.12 45.10 27.64
C THR D 727 17.85 45.74 26.44
N HIS D 728 18.93 46.47 26.71
CA HIS D 728 19.69 47.12 25.65
C HIS D 728 20.19 46.13 24.60
N MET D 729 20.74 45.01 25.06
CA MET D 729 21.30 43.99 24.18
C MET D 729 20.23 43.30 23.36
N SER D 730 19.05 43.14 23.96
CA SER D 730 17.92 42.52 23.29
C SER D 730 17.53 43.33 22.06
N HIS D 731 17.41 44.65 22.25
CA HIS D 731 17.11 45.57 21.15
C HIS D 731 18.15 45.41 20.05
N PHE D 732 19.42 45.36 20.45
CA PHE D 732 20.51 45.27 19.51
C PHE D 732 20.37 44.04 18.63
N ILE D 733 20.17 42.88 19.27
CA ILE D 733 20.01 41.62 18.57
C ILE D 733 18.76 41.62 17.70
N LYS D 734 17.67 42.20 18.19
CA LYS D 734 16.43 42.24 17.41
C LYS D 734 16.56 43.15 16.18
N GLN D 735 17.23 44.28 16.37
CA GLN D 735 17.55 45.20 15.30
C GLN D 735 18.41 44.48 14.25
N CYS D 736 19.50 43.90 14.71
CA CYS D 736 20.47 43.24 13.85
C CYS D 736 19.87 42.04 13.05
N PHE D 737 19.02 41.24 13.69
CA PHE D 737 18.39 40.11 13.03
C PHE D 737 17.10 40.48 12.31
N SER D 738 16.78 41.78 12.26
CA SER D 738 15.52 42.24 11.64
C SER D 738 14.26 41.65 12.26
N LEU D 739 14.27 41.45 13.57
CA LEU D 739 13.12 40.95 14.30
C LEU D 739 12.28 42.11 14.81
N PRO D 740 10.99 42.17 14.45
CA PRO D 740 10.10 43.25 14.90
C PRO D 740 9.84 43.25 16.42
C1 NAG E . 16.82 -56.58 -16.21
C2 NAG E . 18.17 -57.25 -16.47
C3 NAG E . 19.11 -56.41 -17.34
C4 NAG E . 18.42 -55.74 -18.53
C5 NAG E . 17.09 -55.17 -18.06
C6 NAG E . 16.31 -54.48 -19.17
C7 NAG E . 18.73 -58.76 -14.62
C8 NAG E . 19.54 -58.97 -13.38
N2 NAG E . 18.81 -57.55 -15.20
O3 NAG E . 20.14 -57.22 -17.82
O4 NAG E . 19.26 -54.71 -19.06
O5 NAG E . 16.30 -56.19 -17.47
O6 NAG E . 15.80 -55.46 -20.04
O7 NAG E . 18.04 -59.67 -15.08
C1 NAG E . 19.89 -55.12 -20.30
C2 NAG E . 20.33 -53.88 -21.09
C3 NAG E . 21.09 -54.27 -22.37
C4 NAG E . 22.21 -55.25 -22.05
C5 NAG E . 21.60 -56.44 -21.29
C6 NAG E . 22.65 -57.49 -20.95
C7 NAG E . 18.96 -51.92 -20.65
C8 NAG E . 17.94 -50.97 -21.19
N2 NAG E . 19.20 -53.02 -21.39
O3 NAG E . 21.65 -53.12 -22.96
O4 NAG E . 22.88 -55.67 -23.23
O5 NAG E . 21.01 -55.96 -20.10
O6 NAG E . 23.24 -57.18 -19.69
O7 NAG E . 19.52 -51.69 -19.58
C1 NAG F . 29.80 -65.77 -5.60
C2 NAG F . 31.33 -65.53 -5.60
C3 NAG F . 31.61 -64.08 -5.20
C4 NAG F . 30.96 -63.18 -6.26
C5 NAG F . 29.46 -63.49 -6.42
C6 NAG F . 28.85 -62.76 -7.61
C7 NAG F . 33.06 -67.23 -5.53
C8 NAG F . 34.50 -66.99 -5.19
N2 NAG F . 32.13 -66.51 -4.86
O3 NAG F . 33.00 -63.81 -5.09
O4 NAG F . 31.17 -61.81 -5.93
O5 NAG F . 29.22 -64.89 -6.56
O6 NAG F . 28.93 -63.55 -8.78
O7 NAG F . 32.77 -68.07 -6.40
C1 NAG F . 31.77 -61.14 -7.06
C2 NAG F . 31.85 -59.62 -6.86
C3 NAG F . 32.46 -58.96 -8.11
C4 NAG F . 33.69 -59.70 -8.64
C5 NAG F . 33.46 -61.21 -8.67
C6 NAG F . 34.68 -62.01 -9.10
C7 NAG F . 30.03 -58.94 -5.34
C8 NAG F . 30.91 -58.45 -4.21
N2 NAG F . 30.55 -59.06 -6.56
O3 NAG F . 32.79 -57.61 -7.81
O4 NAG F . 34.00 -59.23 -9.93
O5 NAG F . 33.05 -61.63 -7.38
O6 NAG F . 34.35 -63.39 -9.11
O7 NAG F . 28.85 -59.22 -5.11
C1 NAG G . 31.22 -22.53 -10.12
C2 NAG G . 32.47 -22.73 -11.00
C3 NAG G . 33.36 -23.92 -10.63
C4 NAG G . 33.38 -24.29 -9.16
C5 NAG G . 31.98 -24.16 -8.59
C6 NAG G . 31.89 -24.54 -7.11
C7 NAG G . 32.56 -22.01 -13.28
C8 NAG G . 32.94 -22.56 -14.62
N2 NAG G . 32.11 -22.88 -12.39
O3 NAG G . 34.67 -23.62 -11.08
O4 NAG G . 33.84 -25.63 -9.02
O5 NAG G . 31.54 -22.82 -8.77
O6 NAG G . 31.57 -23.42 -6.31
O7 NAG G . 32.66 -20.81 -13.03
C1 NAG G . 35.23 -25.69 -8.66
C2 NAG G . 35.37 -26.76 -7.57
C3 NAG G . 36.84 -27.12 -7.33
C4 NAG G . 37.45 -27.58 -8.64
C5 NAG G . 37.37 -26.42 -9.65
C6 NAG G . 37.92 -26.85 -11.02
C7 NAG G . 33.96 -27.05 -5.63
C8 NAG G . 34.26 -27.08 -4.15
N2 NAG G . 34.76 -26.28 -6.36
O3 NAG G . 36.96 -28.13 -6.34
O4 NAG G . 38.78 -28.05 -8.44
O5 NAG G . 36.03 -25.93 -9.81
O6 NAG G . 37.29 -26.15 -12.07
O7 NAG G . 33.03 -27.71 -6.11
C1 NAG H . -52.89 48.90 -16.41
C2 NAG H . -54.11 48.65 -15.53
C3 NAG H . -54.56 49.89 -14.77
C4 NAG H . -53.44 50.84 -14.34
C5 NAG H . -52.22 50.84 -15.29
C6 NAG H . -50.97 51.55 -14.75
C7 NAG H . -55.72 46.94 -16.17
C8 NAG H . -56.85 46.57 -17.09
N2 NAG H . -55.23 48.17 -16.30
O3 NAG H . -55.24 49.46 -13.61
O4 NAG H . -53.98 52.15 -14.27
O5 NAG H . -51.89 49.52 -15.65
O6 NAG H . -50.97 51.61 -13.33
O7 NAG H . -55.29 46.11 -15.36
C1 NAG H . -54.22 52.51 -12.89
C2 NAG H . -53.81 53.96 -12.63
C3 NAG H . -53.97 54.26 -11.14
C4 NAG H . -55.39 53.93 -10.67
C5 NAG H . -55.80 52.50 -11.09
C6 NAG H . -57.27 52.22 -10.77
C7 NAG H . -52.11 55.24 -13.85
C8 NAG H . -51.21 56.29 -13.26
N2 NAG H . -52.44 54.21 -13.06
O3 NAG H . -53.67 55.62 -10.86
O4 NAG H . -55.46 54.09 -9.27
O5 NAG H . -55.56 52.29 -12.48
O6 NAG H . -57.67 51.01 -11.36
O7 NAG H . -52.52 55.33 -15.01
C1 NAG I . 56.80 45.21 52.81
C2 NAG I . 57.38 45.31 54.21
C3 NAG I . 58.28 46.53 54.40
C4 NAG I . 59.32 46.70 53.30
C5 NAG I . 58.63 46.46 51.94
C6 NAG I . 59.62 46.43 50.78
C7 NAG I . 56.20 44.41 56.14
C8 NAG I . 55.59 44.83 57.45
N2 NAG I . 56.34 45.36 55.21
O3 NAG I . 58.92 46.39 55.63
O4 NAG I . 59.88 48.02 53.37
O5 NAG I . 57.89 45.24 51.91
O6 NAG I . 58.92 46.02 49.63
O7 NAG I . 56.53 43.24 55.96
C1 NAG I . 61.27 48.07 53.77
C2 NAG I . 61.92 49.34 53.20
C3 NAG I . 63.31 49.66 53.77
C4 NAG I . 63.38 49.46 55.29
C5 NAG I . 62.82 48.06 55.61
C6 NAG I . 62.87 47.73 57.11
C7 NAG I . 61.27 49.65 50.84
C8 NAG I . 61.76 49.46 49.42
N2 NAG I . 62.08 49.14 51.78
O3 NAG I . 63.71 50.97 53.46
O4 NAG I . 64.72 49.67 55.75
O5 NAG I . 61.47 48.00 55.18
O6 NAG I . 62.04 48.61 57.84
O7 NAG I . 60.19 50.22 51.07
C1 RUF J . -11.24 -53.94 -0.99
N2 RUF J . -11.45 -52.80 -1.90
C3 RUF J . -10.74 -52.75 -3.11
N4 RUF J . -9.84 -53.52 -3.69
C5 RUF J . -9.45 -53.03 -4.86
N6 RUF J . -8.50 -53.62 -5.70
C7 RUF J . -7.89 -54.87 -5.16
C8 RUF J . -6.68 -54.53 -4.26
N9 RUF J . -5.71 -53.65 -4.94
C10 RUF J . -6.30 -52.41 -5.48
C11 RUF J . -7.50 -52.73 -6.36
N12 RUF J . -10.14 -51.85 -5.06
C13 RUF J . -10.03 -50.89 -6.17
C14 RUF J . -9.06 -49.81 -5.72
C15 RUF J . -8.45 -49.83 -4.45
C16 RUF J . -7.56 -48.85 -4.04
C17 RUF J . -7.27 -47.79 -4.90
C18 RUF J . -7.86 -47.76 -6.17
C19 RUF J . -8.75 -48.75 -6.55
CL20 RUF J . -9.49 -48.68 -8.11
C21 RUF J . -10.95 -51.66 -3.95
C22 RUF J . -11.87 -50.64 -3.58
O23 RUF J . -12.04 -49.69 -4.32
N24 RUF J . -12.52 -50.73 -2.38
C25 RUF J . -13.47 -49.67 -1.98
C26 RUF J . -12.31 -51.80 -1.57
O27 RUF J . -12.92 -51.84 -0.52
C1 NAG K . -3.38 -79.09 29.27
C2 NAG K . -1.88 -78.78 29.07
C3 NAG K . -1.07 -80.03 28.67
C4 NAG K . -1.40 -81.23 29.56
C5 NAG K . -2.91 -81.45 29.60
C6 NAG K . -3.25 -82.61 30.54
C7 NAG K . -1.36 -76.47 28.32
C8 NAG K . -0.78 -75.70 27.18
N2 NAG K . -1.70 -77.74 28.06
O3 NAG K . 0.32 -79.78 28.72
O4 NAG K . -0.73 -82.39 29.10
O5 NAG K . -3.57 -80.27 30.03
O6 NAG K . -3.93 -82.14 31.69
O7 NAG K . -1.47 -75.94 29.43
C1 NAG L . 21.25 -52.21 14.26
C2 NAG L . 22.46 -53.06 14.74
C3 NAG L . 22.95 -52.68 16.14
C4 NAG L . 23.17 -51.16 16.23
C5 NAG L . 21.83 -50.49 15.89
C6 NAG L . 21.82 -48.96 16.10
C7 NAG L . 22.79 -55.33 13.91
C8 NAG L . 22.85 -56.76 14.39
N2 NAG L . 22.12 -54.46 14.67
O3 NAG L . 24.13 -53.38 16.50
O4 NAG L . 23.67 -50.81 17.50
O5 NAG L . 21.43 -50.83 14.55
O6 NAG L . 22.32 -48.24 15.00
O7 NAG L . 23.35 -55.02 12.86
C1 NAG M . 12.02 -83.86 2.76
C2 NAG M . 13.10 -84.64 3.57
C3 NAG M . 13.88 -85.76 2.84
C4 NAG M . 13.70 -85.85 1.32
C5 NAG M . 13.14 -84.53 0.77
C6 NAG M . 12.89 -84.54 -0.74
C7 NAG M . 14.60 -83.81 5.33
C8 NAG M . 16.11 -83.97 5.37
N2 NAG M . 14.04 -83.68 4.11
O3 NAG M . 13.57 -87.02 3.42
O4 NAG M . 14.92 -86.24 0.69
O5 NAG M . 11.90 -84.30 1.42
O6 NAG M . 11.98 -85.58 -1.06
O7 NAG M . 13.95 -83.81 6.38
C1 NAG N . -8.91 -62.11 -24.79
C2 NAG N . -9.68 -63.03 -25.75
C3 NAG N . -9.56 -62.60 -27.22
C4 NAG N . -9.77 -61.11 -27.40
C5 NAG N . -8.98 -60.31 -26.35
C6 NAG N . -9.29 -58.82 -26.38
C7 NAG N . -10.13 -65.39 -25.36
C8 NAG N . -9.55 -66.73 -25.03
N2 NAG N . -9.26 -64.41 -25.62
O3 NAG N . -10.51 -63.29 -27.99
O4 NAG N . -9.36 -60.78 -28.71
O5 NAG N . -9.31 -60.77 -25.05
O6 NAG N . -10.66 -58.60 -26.06
O7 NAG N . -11.36 -65.22 -25.38
C1 RUF O . 4.62 -6.03 -3.82
N2 RUF O . 4.38 -7.02 -2.78
C3 RUF O . 5.44 -7.75 -2.25
N4 RUF O . 6.76 -7.77 -2.48
C5 RUF O . 7.37 -8.68 -1.73
N6 RUF O . 8.74 -8.94 -1.75
C7 RUF O . 9.53 -7.98 -2.58
C8 RUF O . 9.44 -8.31 -4.08
N9 RUF O . 9.77 -9.74 -4.32
C10 RUF O . 9.02 -10.70 -3.47
C11 RUF O . 9.14 -10.35 -2.00
N12 RUF O . 6.42 -9.28 -0.94
C13 RUF O . 6.59 -10.36 0.02
C14 RUF O . 6.33 -11.63 -0.77
C15 RUF O . 5.90 -11.56 -2.10
C16 RUF O . 5.66 -12.70 -2.86
C17 RUF O . 5.86 -13.94 -2.26
C18 RUF O . 6.28 -14.02 -0.94
C19 RUF O . 6.51 -12.87 -0.21
CL20 RUF O . 7.05 -13.01 1.42
C21 RUF O . 5.19 -8.70 -1.27
C22 RUF O . 3.87 -8.91 -0.83
O23 RUF O . 3.66 -9.75 0.03
N24 RUF O . 2.86 -8.18 -1.36
C25 RUF O . 1.48 -8.40 -0.88
C26 RUF O . 3.11 -7.25 -2.32
O27 RUF O . 2.19 -6.60 -2.80
C1 NAG P . 3.99 16.85 -37.87
C2 NAG P . 4.80 16.43 -39.11
C3 NAG P . 5.63 17.58 -39.77
C4 NAG P . 5.00 18.97 -39.70
C5 NAG P . 4.39 19.20 -38.31
C6 NAG P . 3.75 20.60 -38.14
C7 NAG P . 6.60 14.73 -39.63
C8 NAG P . 8.05 15.01 -39.28
N2 NAG P . 5.66 15.27 -38.82
O3 NAG P . 5.86 17.30 -41.13
O4 NAG P . 5.97 19.94 -40.00
O5 NAG P . 3.45 18.16 -38.01
O6 NAG P . 3.07 21.06 -39.29
O7 NAG P . 6.37 14.02 -40.60
C1 NAG Q . 12.65 -22.14 -34.95
C2 NAG Q . 13.58 -22.08 -36.19
C3 NAG Q . 12.82 -22.27 -37.51
C4 NAG Q . 11.82 -23.43 -37.44
C5 NAG Q . 10.92 -23.27 -36.21
C6 NAG Q . 9.85 -24.36 -36.07
C7 NAG Q . 15.61 -20.68 -36.07
C8 NAG Q . 16.13 -19.27 -36.06
N2 NAG Q . 14.29 -20.80 -36.21
O3 NAG Q . 13.72 -22.46 -38.59
O4 NAG Q . 11.08 -23.51 -38.64
O5 NAG Q . 11.72 -23.21 -35.02
O6 NAG Q . 10.41 -25.62 -35.77
O7 NAG Q . 16.39 -21.62 -35.95
C1 NAG R . 31.67 6.10 -27.52
C2 NAG R . 32.28 6.73 -28.79
C3 NAG R . 33.72 6.22 -29.02
C4 NAG R . 34.55 6.57 -27.79
C5 NAG R . 33.92 5.85 -26.60
C6 NAG R . 34.67 6.13 -25.32
C7 NAG R . 30.94 7.53 -30.69
C8 NAG R . 31.34 7.56 -32.15
N2 NAG R . 31.41 6.52 -29.95
O3 NAG R . 34.29 6.80 -30.16
O4 NAG R . 35.93 6.29 -27.97
O5 NAG R . 32.57 6.31 -26.43
O6 NAG R . 34.43 7.48 -24.95
O7 NAG R . 30.20 8.41 -30.24
C1 NAG S . 36.86 -20.19 -28.09
C2 NAG S . 37.72 -21.02 -29.07
C3 NAG S . 37.17 -22.42 -29.27
C4 NAG S . 37.03 -23.12 -27.92
C5 NAG S . 36.11 -22.25 -27.03
C6 NAG S . 35.85 -22.89 -25.66
C7 NAG S . 39.06 -20.01 -30.84
C8 NAG S . 39.40 -20.59 -32.19
N2 NAG S . 37.87 -20.34 -30.36
O3 NAG S . 37.99 -23.18 -30.14
O4 NAG S . 36.55 -24.45 -28.08
O5 NAG S . 36.64 -20.93 -26.89
O6 NAG S . 36.92 -22.61 -24.76
O7 NAG S . 39.86 -19.27 -30.26
C1 RUF T . -30.46 35.38 -34.56
N2 RUF T . -29.75 36.66 -34.40
C3 RUF T . -30.06 37.46 -33.29
N4 RUF T . -30.89 37.33 -32.28
C5 RUF T . -30.85 38.37 -31.46
N6 RUF T . -31.63 38.47 -30.33
C7 RUF T . -32.67 37.41 -30.23
C8 RUF T . -33.97 37.76 -30.97
N9 RUF T . -34.47 39.09 -30.58
C10 RUF T . -33.47 40.15 -30.82
C11 RUF T . -32.19 39.82 -30.04
N12 RUF T . -29.90 39.23 -31.96
C13 RUF T . -29.47 40.54 -31.44
C14 RUF T . -30.24 41.62 -32.16
C15 RUF T . -31.16 41.28 -33.16
C16 RUF T . -31.88 42.25 -33.83
C17 RUF T . -31.68 43.58 -33.51
C18 RUF T . -30.76 43.93 -32.53
C19 RUF T . -30.06 42.96 -31.86
CL20 RUF T . -28.92 43.44 -30.64
C21 RUF T . -29.39 38.67 -33.13
C22 RUF T . -28.43 39.07 -34.10
O23 RUF T . -27.83 40.13 -34.01
N24 RUF T . -28.17 38.27 -35.17
C25 RUF T . -27.17 38.71 -36.14
C26 RUF T . -28.82 37.09 -35.31
O27 RUF T . -28.55 36.39 -36.28
C1 NAG U . -64.61 41.44 -44.00
C2 NAG U . -66.06 41.00 -43.72
C3 NAG U . -66.89 40.87 -45.01
C4 NAG U . -66.80 42.18 -45.78
C5 NAG U . -65.33 42.46 -46.11
C6 NAG U . -65.12 43.72 -46.97
C7 NAG U . -66.76 39.65 -41.80
C8 NAG U . -66.56 38.37 -41.03
N2 NAG U . -66.08 39.77 -42.94
O3 NAG U . -68.23 40.56 -44.74
O4 NAG U . -67.62 42.12 -46.94
O5 NAG U . -64.54 42.54 -44.92
O6 NAG U . -65.40 44.92 -46.26
O7 NAG U . -67.53 40.51 -41.33
C1 NAG V . -60.46 16.58 -20.11
C2 NAG V . -61.53 15.48 -20.01
C3 NAG V . -62.40 15.49 -18.73
C4 NAG V . -61.78 16.18 -17.50
C5 NAG V . -61.00 17.40 -17.98
C6 NAG V . -60.42 18.24 -16.83
C7 NAG V . -62.14 15.03 -22.39
C8 NAG V . -62.44 15.90 -23.58
N2 NAG V . -62.40 15.55 -21.18
O3 NAG V . -62.73 14.18 -18.34
O4 NAG V . -62.78 16.49 -16.53
O5 NAG V . -59.97 16.92 -18.83
O6 NAG V . -59.33 17.58 -16.23
O7 NAG V . -61.69 13.89 -22.57
C1 RUF W . 33.66 31.48 35.58
N2 RUF W . 34.18 32.31 34.47
C3 RUF W . 35.48 32.79 34.56
N4 RUF W . 36.47 32.66 35.45
C5 RUF W . 37.54 33.34 35.07
N6 RUF W . 38.73 33.40 35.79
C7 RUF W . 38.76 32.56 37.01
C8 RUF W . 38.21 33.31 38.23
N9 RUF W . 38.95 34.57 38.37
C10 RUF W . 38.73 35.45 37.19
C11 RUF W . 39.31 34.76 35.97
N12 RUF W . 37.27 33.93 33.86
C13 RUF W . 38.14 34.79 33.04
C14 RUF W . 37.81 36.23 33.35
C15 RUF W . 36.84 36.53 34.31
C16 RUF W . 36.53 37.84 34.63
C17 RUF W . 37.20 38.85 33.98
C18 RUF W . 38.17 38.57 33.03
C19 RUF W . 38.48 37.26 32.72
CL20 RUF W . 39.70 36.94 31.53
C21 RUF W . 35.95 33.60 33.52
C22 RUF W . 35.12 33.91 32.43
O23 RUF W . 35.53 34.62 31.51
N24 RUF W . 33.85 33.42 32.41
C25 RUF W . 32.97 33.77 31.26
C26 RUF W . 33.40 32.65 33.41
O27 RUF W . 32.25 32.23 33.36
C1 NAG X . 28.97 50.44 65.67
C2 NAG X . 29.01 50.38 67.21
C3 NAG X . 27.86 51.13 67.92
C4 NAG X . 27.57 52.49 67.29
C5 NAG X . 27.46 52.35 65.76
C6 NAG X . 27.17 53.67 65.04
C7 NAG X . 30.16 48.41 68.09
C8 NAG X . 30.12 46.92 68.21
N2 NAG X . 29.05 48.99 67.63
O3 NAG X . 28.14 51.29 69.30
O4 NAG X . 26.40 53.04 67.88
O5 NAG X . 28.65 51.76 65.24
O6 NAG X . 28.28 54.54 65.01
O7 NAG X . 31.18 49.04 68.41
C1 NAG Y . 53.41 44.13 71.84
C2 NAG Y . 53.53 45.29 70.81
C3 NAG Y . 53.53 46.67 71.49
C4 NAG Y . 52.52 46.81 72.63
C5 NAG Y . 52.56 45.61 73.59
C6 NAG Y . 51.40 45.65 74.59
C7 NAG Y . 55.04 45.62 68.81
C8 NAG Y . 55.74 44.71 67.85
N2 NAG Y . 54.73 45.08 70.01
O3 NAG Y . 53.27 47.69 70.54
O4 NAG Y . 52.80 47.99 73.36
O5 NAG Y . 52.44 44.39 72.86
O6 NAG Y . 51.85 46.26 75.77
O7 NAG Y . 54.80 46.79 68.48
#